data_4RUI
#
_entry.id   4RUI
#
_cell.length_a   62.740
_cell.length_b   132.970
_cell.length_c   133.030
_cell.angle_alpha   62.40
_cell.angle_beta   99.06
_cell.angle_gamma   80.93
#
_symmetry.space_group_name_H-M   'P 1'
#
loop_
_entity.id
_entity.type
_entity.pdbx_description
1 polymer 'Cytochrome P450 2A6'
2 non-polymer 'PROTOPORPHYRIN IX CONTAINING FE'
3 non-polymer Sabinene
4 water water
#
_entity_poly.entity_id   1
_entity_poly.type   'polypeptide(L)'
_entity_poly.pdbx_seq_one_letter_code
;MAKKTSSKGKLPPGPTPLPFIGNYLQLNTEQMYNSLMKISERYGPVFTIHLGPRRVVVLCGHDAVREALVDQAEEFSGRG
EQATFDWVFKGYGVVFSNGERAKQLRRFSIATLRDFGVGKRGIEERIQEEAGFLIDALRGTGGANIDPTFFLSRTVSNVI
SSIVFGDRFDYKDKEFLSLLRMMLGIFQFTSTSTGQLYEMFSSVMKHLPGPQQQAFQLLQGLEDFIAKKVEHNQRTLDPN
SPRDFIDSFLIRMQEEEKNPNTEFYLKNLVMTTLNLFIGGTETVSTTLRYGFLLLMKHPEVEAKVHEEIDRVIGKNRQPK
FEDRAKMPYMEAVIHEIQRFGDVIPMSLARRVKKDTKFRDFFLPKGTEVYPMLGSVLRDPSFFSNPQDFNPQHFLNEKGQ
FKKSDAFVPFSIGKRNCFGEGLARMELFLFFTTVMQNFRLKSSQSPKDIDVSPKHVGFATIPRNYTMSFLPRHHHH
;
_entity_poly.pdbx_strand_id   D,A,B,C,E,F
#
# COMPACT_ATOMS: atom_id res chain seq x y z
N GLY A 9 -49.22 -0.41 20.11
CA GLY A 9 -50.59 0.19 19.98
C GLY A 9 -51.56 -0.52 19.04
N LYS A 10 -52.42 0.28 18.41
CA LYS A 10 -53.36 -0.20 17.37
C LYS A 10 -53.26 0.67 16.10
N LEU A 11 -54.06 0.34 15.10
CA LEU A 11 -53.93 0.96 13.79
C LEU A 11 -54.45 2.41 13.78
N PRO A 12 -54.02 3.23 12.80
CA PRO A 12 -54.73 4.45 12.51
C PRO A 12 -56.23 4.22 12.46
N PRO A 13 -57.01 5.10 13.10
CA PRO A 13 -58.46 5.01 13.00
C PRO A 13 -58.89 5.25 11.58
N GLY A 14 -60.17 5.15 11.31
CA GLY A 14 -60.67 5.37 9.96
C GLY A 14 -62.06 4.79 9.94
N PRO A 15 -62.81 5.03 8.85
CA PRO A 15 -64.17 4.51 8.81
C PRO A 15 -64.22 2.99 8.88
N THR A 16 -65.34 2.43 9.31
CA THR A 16 -65.45 0.98 9.47
C THR A 16 -65.82 0.30 8.16
N PRO A 17 -65.01 -0.68 7.76
CA PRO A 17 -65.13 -1.36 6.48
C PRO A 17 -66.18 -2.46 6.45
N LEU A 18 -67.00 -2.50 5.42
CA LEU A 18 -67.82 -3.68 5.18
C LEU A 18 -66.95 -4.79 4.55
N PRO A 19 -67.38 -6.04 4.63
CA PRO A 19 -66.64 -7.15 4.04
C PRO A 19 -66.43 -7.04 2.52
N PHE A 20 -65.26 -7.48 2.06
CA PHE A 20 -64.91 -7.50 0.65
C PHE A 20 -64.78 -6.12 0.08
N ILE A 21 -65.82 -5.31 0.19
CA ILE A 21 -65.82 -4.01 -0.46
C ILE A 21 -65.19 -2.91 0.35
N GLY A 22 -64.75 -3.23 1.54
CA GLY A 22 -63.99 -2.27 2.35
C GLY A 22 -64.72 -0.96 2.61
N ASN A 23 -64.12 0.17 2.20
CA ASN A 23 -64.73 1.45 2.50
C ASN A 23 -65.37 2.11 1.30
N TYR A 24 -65.66 1.31 0.28
CA TYR A 24 -66.32 1.78 -0.94
C TYR A 24 -67.29 2.95 -0.73
N LEU A 25 -68.21 2.79 0.22
CA LEU A 25 -69.33 3.72 0.45
C LEU A 25 -68.88 5.07 1.02
N GLN A 26 -67.71 5.10 1.63
CA GLN A 26 -67.16 6.33 2.14
C GLN A 26 -66.17 6.91 1.13
N LEU A 27 -66.12 6.32 -0.06
CA LEU A 27 -65.23 6.78 -1.13
C LEU A 27 -66.02 7.11 -2.38
N ASN A 28 -65.44 7.96 -3.22
CA ASN A 28 -65.97 8.23 -4.55
C ASN A 28 -64.85 8.05 -5.53
N THR A 29 -64.96 7.04 -6.40
CA THR A 29 -63.82 6.59 -7.21
C THR A 29 -63.36 7.63 -8.22
N GLU A 30 -64.25 8.53 -8.56
CA GLU A 30 -63.93 9.60 -9.48
C GLU A 30 -63.05 10.65 -8.81
N GLN A 31 -63.20 10.80 -7.50
CA GLN A 31 -62.47 11.81 -6.73
C GLN A 31 -61.86 11.14 -5.50
N MET A 32 -60.91 10.26 -5.75
CA MET A 32 -60.23 9.60 -4.68
C MET A 32 -59.59 10.65 -3.82
N TYR A 33 -58.89 11.60 -4.44
CA TYR A 33 -58.16 12.60 -3.65
C TYR A 33 -59.12 13.28 -2.71
N ASN A 34 -60.16 13.91 -3.27
CA ASN A 34 -61.15 14.60 -2.44
C ASN A 34 -61.73 13.70 -1.40
N SER A 35 -62.09 12.47 -1.78
CA SER A 35 -62.75 11.53 -0.86
C SER A 35 -61.91 11.25 0.36
N LEU A 36 -60.61 11.12 0.17
CA LEU A 36 -59.73 10.90 1.31
C LEU A 36 -59.45 12.19 2.07
N MET A 37 -59.41 13.32 1.38
CA MET A 37 -59.32 14.60 2.07
C MET A 37 -60.55 14.84 2.90
N LYS A 38 -61.71 14.43 2.39
CA LYS A 38 -62.98 14.57 3.09
C LYS A 38 -62.96 13.76 4.36
N ILE A 39 -62.48 12.53 4.27
CA ILE A 39 -62.39 11.66 5.44
C ILE A 39 -61.36 12.16 6.46
N SER A 40 -60.26 12.73 6.00
CA SER A 40 -59.24 13.26 6.94
C SER A 40 -59.83 14.35 7.85
N GLU A 41 -60.87 15.03 7.37
CA GLU A 41 -61.60 16.01 8.17
C GLU A 41 -62.30 15.33 9.33
N ARG A 42 -62.56 14.03 9.15
CA ARG A 42 -63.25 13.23 10.15
C ARG A 42 -62.28 12.45 11.02
N TYR A 43 -61.12 12.04 10.49
CA TYR A 43 -60.24 11.19 11.29
C TYR A 43 -58.83 11.67 11.51
N GLY A 44 -58.47 12.84 11.00
CA GLY A 44 -57.14 13.34 11.30
C GLY A 44 -56.25 13.07 10.12
N PRO A 45 -54.99 13.50 10.19
CA PRO A 45 -54.14 13.37 9.03
C PRO A 45 -53.55 11.96 8.84
N VAL A 46 -53.79 11.04 9.78
CA VAL A 46 -53.23 9.71 9.66
C VAL A 46 -54.28 8.63 9.86
N PHE A 47 -54.86 8.15 8.78
CA PHE A 47 -55.94 7.17 8.91
C PHE A 47 -55.79 5.93 8.08
N THR A 48 -56.69 4.99 8.33
CA THR A 48 -56.69 3.71 7.67
C THR A 48 -57.91 3.68 6.80
N ILE A 49 -57.73 3.15 5.60
CA ILE A 49 -58.85 2.95 4.70
C ILE A 49 -58.78 1.53 4.15
N HIS A 50 -59.86 1.05 3.55
CA HIS A 50 -59.90 -0.29 2.98
C HIS A 50 -60.31 -0.24 1.52
N LEU A 51 -59.38 -0.52 0.63
CA LEU A 51 -59.63 -0.47 -0.81
C LEU A 51 -59.87 -1.87 -1.24
N GLY A 52 -61.14 -2.23 -1.25
CA GLY A 52 -61.53 -3.62 -1.24
C GLY A 52 -60.81 -4.27 -0.05
N PRO A 53 -59.96 -5.26 -0.35
CA PRO A 53 -59.26 -5.99 0.72
C PRO A 53 -57.93 -5.36 1.10
N ARG A 54 -57.46 -4.40 0.33
CA ARG A 54 -56.19 -3.78 0.68
C ARG A 54 -56.46 -2.81 1.80
N ARG A 55 -55.88 -3.10 2.96
CA ARG A 55 -55.94 -2.20 4.09
C ARG A 55 -54.85 -1.18 3.91
N VAL A 56 -55.25 0.09 3.78
CA VAL A 56 -54.28 1.19 3.52
C VAL A 56 -54.20 2.29 4.61
N VAL A 57 -52.98 2.67 4.96
CA VAL A 57 -52.76 3.84 5.81
C VAL A 57 -52.56 5.10 4.98
N VAL A 58 -53.53 6.00 5.04
CA VAL A 58 -53.43 7.28 4.34
C VAL A 58 -52.67 8.31 5.19
N LEU A 59 -51.65 8.91 4.58
CA LEU A 59 -50.90 9.99 5.18
C LEU A 59 -51.25 11.31 4.49
N CYS A 60 -51.54 12.35 5.28
CA CYS A 60 -51.93 13.64 4.74
C CYS A 60 -51.16 14.80 5.33
N GLY A 61 -50.79 15.74 4.48
CA GLY A 61 -50.23 17.01 4.94
C GLY A 61 -48.74 16.89 5.15
N HIS A 62 -48.06 18.03 5.12
CA HIS A 62 -46.62 18.04 5.13
C HIS A 62 -46.03 17.22 6.25
N ASP A 63 -46.56 17.37 7.45
CA ASP A 63 -45.89 16.76 8.58
C ASP A 63 -45.99 15.25 8.59
N ALA A 64 -47.20 14.74 8.50
CA ALA A 64 -47.41 13.30 8.51
C ALA A 64 -46.61 12.61 7.41
N VAL A 65 -46.59 13.21 6.22
CA VAL A 65 -45.95 12.56 5.09
C VAL A 65 -44.45 12.53 5.33
N ARG A 66 -43.88 13.67 5.74
CA ARG A 66 -42.44 13.73 6.02
C ARG A 66 -42.01 12.78 7.12
N GLU A 67 -42.72 12.83 8.23
CA GLU A 67 -42.33 12.06 9.40
C GLU A 67 -42.24 10.59 9.05
N ALA A 68 -43.11 10.13 8.16
CA ALA A 68 -43.06 8.74 7.72
C ALA A 68 -41.96 8.50 6.70
N LEU A 69 -42.13 9.11 5.53
CA LEU A 69 -41.23 8.89 4.42
C LEU A 69 -39.80 9.30 4.62
N VAL A 70 -39.53 10.15 5.61
CA VAL A 70 -38.17 10.68 5.81
C VAL A 70 -37.60 10.30 7.17
N ASP A 71 -38.31 10.67 8.23
CA ASP A 71 -37.80 10.42 9.56
C ASP A 71 -37.82 8.92 9.82
N GLN A 72 -38.79 8.21 9.26
CA GLN A 72 -38.77 6.74 9.32
C GLN A 72 -38.64 6.14 7.94
N ALA A 73 -37.69 6.71 7.20
CA ALA A 73 -37.43 6.38 5.81
C ALA A 73 -37.31 4.87 5.56
N GLU A 74 -36.48 4.21 6.36
CA GLU A 74 -36.27 2.77 6.23
C GLU A 74 -37.55 1.94 6.41
N GLU A 75 -38.31 2.21 7.46
CA GLU A 75 -39.54 1.43 7.71
C GLU A 75 -40.53 1.54 6.55
N PHE A 76 -40.54 2.73 5.91
CA PHE A 76 -41.49 3.12 4.86
C PHE A 76 -40.96 2.94 3.43
N SER A 77 -39.80 2.31 3.30
CA SER A 77 -39.13 2.16 2.02
C SER A 77 -39.70 1.05 1.19
N GLY A 78 -40.65 0.30 1.74
CA GLY A 78 -41.34 -0.70 0.95
C GLY A 78 -42.01 -0.11 -0.27
N ARG A 79 -42.37 -0.95 -1.23
CA ARG A 79 -43.21 -0.52 -2.32
C ARG A 79 -44.58 -1.17 -2.22
N GLY A 80 -45.62 -0.36 -2.07
CA GLY A 80 -46.96 -0.87 -2.11
C GLY A 80 -47.33 -1.21 -3.53
N GLU A 81 -48.59 -1.00 -3.89
CA GLU A 81 -49.09 -1.44 -5.19
C GLU A 81 -49.82 -0.36 -6.00
N GLN A 82 -49.91 -0.63 -7.29
CA GLN A 82 -50.75 0.13 -8.19
C GLN A 82 -51.28 -0.91 -9.13
N ALA A 83 -52.52 -1.32 -8.90
CA ALA A 83 -53.06 -2.54 -9.51
C ALA A 83 -52.98 -2.58 -11.03
N THR A 84 -53.38 -1.50 -11.70
CA THR A 84 -53.34 -1.43 -13.16
C THR A 84 -51.96 -1.78 -13.67
N PHE A 85 -50.95 -0.97 -13.34
CA PHE A 85 -49.56 -1.24 -13.73
C PHE A 85 -49.08 -2.65 -13.35
N ASP A 86 -49.18 -2.98 -12.07
CA ASP A 86 -48.71 -4.25 -11.54
C ASP A 86 -49.32 -5.46 -12.25
N TRP A 87 -50.39 -5.24 -13.00
CA TRP A 87 -50.99 -6.30 -13.81
C TRP A 87 -49.99 -6.81 -14.83
N VAL A 88 -49.08 -5.94 -15.25
CA VAL A 88 -48.15 -6.27 -16.31
C VAL A 88 -46.78 -6.54 -15.75
N PHE A 89 -46.38 -5.82 -14.70
CA PHE A 89 -45.02 -5.93 -14.16
C PHE A 89 -44.91 -7.08 -13.17
N LYS A 90 -46.04 -7.48 -12.63
CA LYS A 90 -46.10 -8.53 -11.61
C LYS A 90 -44.90 -8.51 -10.63
N GLY A 91 -44.59 -7.34 -10.09
CA GLY A 91 -43.52 -7.25 -9.10
C GLY A 91 -42.12 -7.24 -9.65
N TYR A 92 -41.97 -7.34 -10.97
CA TYR A 92 -40.66 -7.30 -11.62
C TYR A 92 -40.39 -5.89 -12.12
N GLY A 93 -39.13 -5.59 -12.34
CA GLY A 93 -38.74 -4.23 -12.72
C GLY A 93 -38.51 -3.36 -11.51
N VAL A 94 -37.81 -2.25 -11.72
CA VAL A 94 -37.28 -1.41 -10.64
C VAL A 94 -38.40 -0.80 -9.81
N VAL A 95 -39.49 -0.39 -10.45
CA VAL A 95 -40.55 0.30 -9.75
C VAL A 95 -41.32 -0.64 -8.85
N PHE A 96 -42.09 -1.54 -9.43
CA PHE A 96 -43.00 -2.35 -8.62
C PHE A 96 -42.35 -3.54 -7.89
N SER A 97 -41.02 -3.52 -7.82
CA SER A 97 -40.26 -4.55 -7.14
C SER A 97 -40.01 -4.21 -5.68
N ASN A 98 -39.71 -5.26 -4.91
CA ASN A 98 -39.31 -5.08 -3.52
C ASN A 98 -37.99 -5.74 -3.09
N GLY A 99 -37.50 -5.27 -1.95
CA GLY A 99 -36.39 -5.89 -1.24
C GLY A 99 -35.08 -5.92 -1.99
N GLU A 100 -34.52 -7.13 -2.13
CA GLU A 100 -33.24 -7.29 -2.78
C GLU A 100 -33.37 -6.86 -4.23
N ARG A 101 -34.40 -7.36 -4.93
CA ARG A 101 -34.68 -6.96 -6.30
C ARG A 101 -34.72 -5.44 -6.50
N ALA A 102 -35.36 -4.75 -5.56
CA ALA A 102 -35.57 -3.32 -5.68
C ALA A 102 -34.28 -2.56 -5.45
N LYS A 103 -33.52 -2.98 -4.45
CA LYS A 103 -32.28 -2.28 -4.11
C LYS A 103 -31.27 -2.46 -5.22
N GLN A 104 -31.33 -3.61 -5.88
CA GLN A 104 -30.38 -3.98 -6.91
C GLN A 104 -30.59 -3.17 -8.16
N LEU A 105 -31.82 -3.19 -8.67
CA LEU A 105 -32.19 -2.48 -9.87
C LEU A 105 -32.08 -0.96 -9.70
N ARG A 106 -32.61 -0.42 -8.60
CA ARG A 106 -32.52 1.01 -8.36
C ARG A 106 -31.07 1.48 -8.41
N ARG A 107 -30.18 0.64 -7.88
CA ARG A 107 -28.76 1.01 -7.88
C ARG A 107 -28.29 1.05 -9.31
N PHE A 108 -28.30 -0.11 -9.96
CA PHE A 108 -27.94 -0.20 -11.36
C PHE A 108 -28.47 0.96 -12.20
N SER A 109 -29.77 1.25 -12.07
CA SER A 109 -30.45 2.21 -12.91
C SER A 109 -29.93 3.62 -12.68
N ILE A 110 -29.83 4.03 -11.43
CA ILE A 110 -29.33 5.38 -11.14
C ILE A 110 -27.95 5.52 -11.75
N ALA A 111 -27.13 4.51 -11.51
CA ALA A 111 -25.75 4.49 -11.93
C ALA A 111 -25.63 4.51 -13.44
N THR A 112 -26.35 3.61 -14.09
CA THR A 112 -26.36 3.51 -15.54
C THR A 112 -26.88 4.79 -16.18
N LEU A 113 -28.00 5.31 -15.70
CA LEU A 113 -28.55 6.55 -16.22
C LEU A 113 -27.47 7.62 -16.25
N ARG A 114 -26.66 7.63 -15.20
CA ARG A 114 -25.66 8.64 -15.01
C ARG A 114 -24.55 8.40 -16.01
N ASP A 115 -24.27 7.12 -16.26
CA ASP A 115 -23.22 6.72 -17.19
C ASP A 115 -23.55 7.16 -18.61
N PHE A 116 -24.84 7.23 -18.92
CA PHE A 116 -25.29 7.69 -20.23
C PHE A 116 -25.65 9.17 -20.26
N GLY A 117 -25.18 9.93 -19.26
CA GLY A 117 -25.16 11.38 -19.33
C GLY A 117 -26.13 12.14 -18.44
N VAL A 118 -26.90 11.42 -17.63
CA VAL A 118 -27.90 12.03 -16.74
C VAL A 118 -27.26 12.88 -15.63
N GLY A 119 -27.77 14.09 -15.46
CA GLY A 119 -27.22 15.06 -14.49
C GLY A 119 -26.03 15.86 -15.01
N LYS A 120 -25.57 15.51 -16.22
CA LYS A 120 -24.35 16.04 -16.79
C LYS A 120 -24.63 16.79 -18.09
N ARG A 121 -23.57 17.29 -18.71
CA ARG A 121 -23.62 17.92 -20.03
C ARG A 121 -24.14 16.98 -21.12
N GLY A 122 -23.78 15.69 -20.97
CA GLY A 122 -24.11 14.65 -21.94
C GLY A 122 -25.59 14.61 -22.32
N ILE A 123 -26.46 14.75 -21.33
CA ILE A 123 -27.89 14.75 -21.61
C ILE A 123 -28.45 16.15 -21.74
N GLU A 124 -27.81 17.14 -21.13
CA GLU A 124 -28.23 18.52 -21.35
C GLU A 124 -28.27 18.86 -22.85
N GLU A 125 -27.25 18.43 -23.60
CA GLU A 125 -27.24 18.66 -25.05
C GLU A 125 -28.38 17.94 -25.73
N ARG A 126 -28.42 16.62 -25.57
CA ARG A 126 -29.52 15.79 -26.04
C ARG A 126 -30.86 16.47 -25.82
N ILE A 127 -31.02 17.13 -24.68
CA ILE A 127 -32.23 17.90 -24.37
C ILE A 127 -32.32 19.17 -25.21
N GLN A 128 -31.25 19.97 -25.22
CA GLN A 128 -31.18 21.20 -26.04
C GLN A 128 -31.46 20.95 -27.53
N GLU A 129 -31.12 19.76 -27.99
CA GLU A 129 -31.27 19.35 -29.39
C GLU A 129 -32.72 19.07 -29.66
N GLU A 130 -33.28 18.17 -28.85
CA GLU A 130 -34.66 17.77 -28.97
C GLU A 130 -35.57 18.97 -28.80
N ALA A 131 -35.17 19.92 -27.95
CA ALA A 131 -35.91 21.18 -27.81
C ALA A 131 -35.83 21.93 -29.12
N GLY A 132 -34.67 21.88 -29.75
CA GLY A 132 -34.51 22.42 -31.09
C GLY A 132 -35.57 21.88 -32.02
N PHE A 133 -35.61 20.55 -32.12
CA PHE A 133 -36.53 19.83 -33.00
C PHE A 133 -37.99 20.17 -32.80
N LEU A 134 -38.33 20.51 -31.55
CA LEU A 134 -39.68 20.89 -31.20
C LEU A 134 -39.98 22.24 -31.83
N ILE A 135 -39.16 23.26 -31.54
CA ILE A 135 -39.40 24.60 -32.05
C ILE A 135 -39.66 24.55 -33.55
N ASP A 136 -38.78 23.86 -34.26
CA ASP A 136 -38.98 23.56 -35.67
C ASP A 136 -40.38 23.03 -35.90
N ALA A 137 -40.73 21.91 -35.29
CA ALA A 137 -42.02 21.27 -35.52
C ALA A 137 -43.20 22.19 -35.17
N LEU A 138 -42.95 23.23 -34.38
CA LEU A 138 -43.99 24.16 -33.96
C LEU A 138 -44.10 25.35 -34.88
N ARG A 139 -42.96 25.77 -35.40
CA ARG A 139 -42.97 26.80 -36.40
C ARG A 139 -43.58 26.21 -37.62
N GLY A 140 -43.39 24.92 -37.76
CA GLY A 140 -43.96 24.14 -38.84
C GLY A 140 -45.47 24.18 -38.91
N THR A 141 -46.12 24.50 -37.80
CA THR A 141 -47.59 24.68 -37.74
C THR A 141 -47.96 26.09 -38.15
N GLY A 142 -46.98 26.99 -38.08
CA GLY A 142 -47.11 28.35 -38.55
C GLY A 142 -48.39 28.96 -38.05
N GLY A 143 -48.49 29.08 -36.73
CA GLY A 143 -49.62 29.77 -36.08
C GLY A 143 -50.96 29.05 -35.98
N ALA A 144 -51.08 27.93 -36.71
CA ALA A 144 -52.25 27.06 -36.66
C ALA A 144 -52.62 26.61 -35.25
N ASN A 145 -53.90 26.30 -35.08
CA ASN A 145 -54.45 25.94 -33.81
C ASN A 145 -54.33 24.46 -33.61
N ILE A 146 -53.63 24.02 -32.57
CA ILE A 146 -53.29 22.59 -32.41
C ILE A 146 -53.36 22.08 -31.00
N ASP A 147 -53.58 20.77 -30.87
CA ASP A 147 -53.49 20.06 -29.58
C ASP A 147 -52.02 19.66 -29.30
N PRO A 148 -51.37 20.31 -28.32
CA PRO A 148 -49.93 20.11 -28.18
C PRO A 148 -49.56 18.77 -27.61
N THR A 149 -50.55 18.01 -27.17
CA THR A 149 -50.32 16.75 -26.48
C THR A 149 -49.21 15.93 -27.09
N PHE A 150 -49.31 15.61 -28.37
CA PHE A 150 -48.31 14.74 -28.96
C PHE A 150 -46.99 15.42 -29.33
N PHE A 151 -47.06 16.68 -29.75
CA PHE A 151 -45.83 17.45 -29.99
C PHE A 151 -44.95 17.39 -28.78
N LEU A 152 -45.55 17.71 -27.65
CA LEU A 152 -44.89 17.63 -26.37
C LEU A 152 -44.42 16.22 -26.07
N SER A 153 -45.30 15.27 -25.91
CA SER A 153 -44.84 13.95 -25.55
C SER A 153 -43.91 13.29 -26.53
N ARG A 154 -44.01 13.63 -27.81
CA ARG A 154 -42.99 13.15 -28.75
C ARG A 154 -41.62 13.62 -28.36
N THR A 155 -41.50 14.93 -28.09
CA THR A 155 -40.25 15.58 -27.73
C THR A 155 -39.69 15.01 -26.43
N VAL A 156 -40.50 14.96 -25.39
CA VAL A 156 -40.09 14.35 -24.12
C VAL A 156 -39.61 12.91 -24.32
N SER A 157 -40.50 12.05 -24.78
CA SER A 157 -40.15 10.65 -24.89
C SER A 157 -38.84 10.44 -25.59
N ASN A 158 -38.47 11.37 -26.44
CA ASN A 158 -37.22 11.23 -27.19
C ASN A 158 -35.97 11.29 -26.34
N VAL A 159 -35.99 12.13 -25.31
CA VAL A 159 -34.87 12.24 -24.35
C VAL A 159 -34.63 10.94 -23.58
N ILE A 160 -35.67 10.40 -22.95
CA ILE A 160 -35.55 9.08 -22.30
C ILE A 160 -35.24 7.97 -23.29
N SER A 161 -35.83 8.00 -24.49
CA SER A 161 -35.64 6.92 -25.50
C SER A 161 -34.22 6.92 -26.07
N SER A 162 -33.71 8.12 -26.30
CA SER A 162 -32.32 8.37 -26.58
C SER A 162 -31.40 7.58 -25.64
N ILE A 163 -31.73 7.54 -24.36
CA ILE A 163 -30.93 6.84 -23.33
C ILE A 163 -31.14 5.33 -23.37
N VAL A 164 -32.39 4.89 -23.32
CA VAL A 164 -32.68 3.47 -23.14
C VAL A 164 -32.59 2.65 -24.44
N PHE A 165 -32.73 3.32 -25.58
CA PHE A 165 -32.63 2.62 -26.87
C PHE A 165 -31.41 3.11 -27.64
N GLY A 166 -30.84 4.21 -27.15
CA GLY A 166 -29.61 4.75 -27.70
C GLY A 166 -29.83 5.48 -29.00
N ASP A 167 -31.08 5.83 -29.29
CA ASP A 167 -31.42 6.54 -30.52
C ASP A 167 -32.84 7.13 -30.47
N ARG A 168 -32.95 8.43 -30.73
CA ARG A 168 -34.25 9.09 -30.82
C ARG A 168 -35.18 8.49 -31.87
N PHE A 169 -36.48 8.70 -31.69
CA PHE A 169 -37.45 8.36 -32.72
C PHE A 169 -37.67 9.59 -33.60
N ASP A 170 -37.84 9.35 -34.89
CA ASP A 170 -38.19 10.37 -35.83
C ASP A 170 -39.67 10.72 -35.59
N TYR A 171 -40.00 12.02 -35.52
CA TYR A 171 -41.39 12.46 -35.21
C TYR A 171 -42.45 11.80 -36.12
N LYS A 172 -42.05 11.47 -37.34
CA LYS A 172 -42.96 10.88 -38.33
C LYS A 172 -43.29 9.42 -38.03
N ASP A 173 -42.46 8.76 -37.20
CA ASP A 173 -42.60 7.32 -36.90
C ASP A 173 -44.01 7.00 -36.44
N LYS A 174 -44.68 6.15 -37.22
CA LYS A 174 -46.09 5.77 -37.00
C LYS A 174 -46.23 4.91 -35.76
N GLU A 175 -45.16 4.21 -35.44
CA GLU A 175 -45.04 3.44 -34.21
C GLU A 175 -44.85 4.34 -33.01
N PHE A 176 -43.81 5.17 -33.04
CA PHE A 176 -43.59 6.16 -31.98
C PHE A 176 -44.91 6.76 -31.47
N LEU A 177 -45.75 7.20 -32.40
CA LEU A 177 -47.09 7.72 -32.09
C LEU A 177 -47.91 6.67 -31.39
N SER A 178 -47.99 5.49 -31.99
CA SER A 178 -48.72 4.37 -31.42
C SER A 178 -48.43 4.17 -29.93
N LEU A 179 -47.15 4.22 -29.58
CA LEU A 179 -46.68 3.99 -28.22
C LEU A 179 -47.06 5.13 -27.31
N LEU A 180 -46.75 6.35 -27.74
CA LEU A 180 -47.18 7.57 -27.05
C LEU A 180 -48.67 7.51 -26.70
N ARG A 181 -49.47 7.11 -27.69
CA ARG A 181 -50.89 6.90 -27.51
C ARG A 181 -51.16 5.97 -26.36
N MET A 182 -50.42 4.87 -26.28
CA MET A 182 -50.67 3.91 -25.23
C MET A 182 -50.42 4.48 -23.84
N MET A 183 -49.28 5.13 -23.63
CA MET A 183 -48.98 5.69 -22.31
C MET A 183 -50.04 6.68 -21.87
N LEU A 184 -50.44 7.55 -22.78
CA LEU A 184 -51.54 8.45 -22.53
C LEU A 184 -52.72 7.67 -21.96
N GLY A 185 -53.17 6.67 -22.70
CA GLY A 185 -54.36 5.90 -22.32
C GLY A 185 -54.26 5.18 -20.99
N ILE A 186 -53.05 4.77 -20.65
CA ILE A 186 -52.85 4.02 -19.43
C ILE A 186 -53.04 4.98 -18.29
N PHE A 187 -52.18 6.00 -18.26
CA PHE A 187 -52.35 7.15 -17.37
C PHE A 187 -53.78 7.67 -17.32
N GLN A 188 -54.36 7.90 -18.51
CA GLN A 188 -55.73 8.36 -18.59
C GLN A 188 -56.61 7.36 -17.87
N PHE A 189 -56.51 6.09 -18.26
CA PHE A 189 -57.34 5.08 -17.61
C PHE A 189 -57.23 5.05 -16.09
N THR A 190 -56.02 5.10 -15.56
CA THR A 190 -55.80 4.95 -14.13
C THR A 190 -56.24 6.15 -13.31
N SER A 191 -56.79 7.16 -13.98
CA SER A 191 -57.18 8.41 -13.35
C SER A 191 -58.69 8.61 -13.50
N THR A 192 -59.30 7.65 -14.21
CA THR A 192 -60.73 7.55 -14.34
C THR A 192 -61.35 6.87 -13.12
N SER A 193 -62.66 6.92 -13.06
CA SER A 193 -63.40 6.35 -11.98
C SER A 193 -63.14 4.85 -11.92
N THR A 194 -63.38 4.17 -13.05
CA THR A 194 -63.16 2.75 -13.22
C THR A 194 -61.73 2.35 -12.90
N GLY A 195 -60.79 3.21 -13.27
CA GLY A 195 -59.38 2.98 -12.98
C GLY A 195 -59.13 2.89 -11.50
N GLN A 196 -59.86 3.67 -10.71
CA GLN A 196 -59.68 3.63 -9.28
C GLN A 196 -60.53 2.53 -8.66
N LEU A 197 -61.67 2.23 -9.29
CA LEU A 197 -62.50 1.08 -8.95
C LEU A 197 -61.67 -0.20 -9.07
N TYR A 198 -60.80 -0.24 -10.09
CA TYR A 198 -59.92 -1.36 -10.30
C TYR A 198 -58.87 -1.56 -9.19
N GLU A 199 -58.42 -0.46 -8.60
CA GLU A 199 -57.50 -0.55 -7.46
C GLU A 199 -58.11 -1.34 -6.31
N MET A 200 -59.41 -1.19 -6.11
CA MET A 200 -60.11 -1.88 -5.04
C MET A 200 -60.51 -3.29 -5.46
N PHE A 201 -61.17 -3.40 -6.61
CA PHE A 201 -61.61 -4.69 -7.13
C PHE A 201 -60.85 -5.08 -8.39
N SER A 202 -59.63 -5.61 -8.20
CA SER A 202 -58.80 -6.03 -9.31
C SER A 202 -58.87 -7.54 -9.51
N SER A 203 -58.87 -8.27 -8.40
CA SER A 203 -58.94 -9.73 -8.44
C SER A 203 -60.26 -10.24 -9.00
N VAL A 204 -61.19 -9.34 -9.26
CA VAL A 204 -62.46 -9.72 -9.83
C VAL A 204 -62.51 -9.10 -11.22
N MET A 205 -62.32 -7.78 -11.27
CA MET A 205 -62.44 -6.99 -12.50
C MET A 205 -61.45 -7.43 -13.59
N LYS A 206 -60.37 -8.12 -13.20
CA LYS A 206 -59.43 -8.64 -14.19
C LYS A 206 -60.04 -9.69 -15.11
N HIS A 207 -60.99 -10.45 -14.55
CA HIS A 207 -61.70 -11.46 -15.31
C HIS A 207 -63.04 -10.94 -15.85
N LEU A 208 -63.25 -9.63 -15.83
CA LEU A 208 -64.49 -9.10 -16.37
C LEU A 208 -64.23 -8.26 -17.63
N PRO A 209 -65.25 -8.05 -18.49
CA PRO A 209 -65.06 -7.11 -19.61
C PRO A 209 -65.21 -5.67 -19.13
N GLY A 210 -64.56 -4.73 -19.80
CA GLY A 210 -64.67 -3.32 -19.42
C GLY A 210 -63.43 -2.53 -19.76
N PRO A 211 -63.38 -1.24 -19.40
CA PRO A 211 -62.27 -0.38 -19.81
C PRO A 211 -60.89 -0.93 -19.44
N GLN A 212 -60.81 -1.67 -18.33
CA GLN A 212 -59.52 -2.20 -17.88
C GLN A 212 -58.91 -3.16 -18.90
N GLN A 213 -59.76 -3.84 -19.67
CA GLN A 213 -59.28 -4.73 -20.74
C GLN A 213 -58.53 -3.96 -21.81
N GLN A 214 -59.15 -2.91 -22.34
CA GLN A 214 -58.45 -2.00 -23.23
C GLN A 214 -57.16 -1.51 -22.57
N ALA A 215 -57.22 -1.30 -21.26
CA ALA A 215 -56.07 -0.80 -20.52
C ALA A 215 -54.97 -1.83 -20.49
N PHE A 216 -55.34 -3.08 -20.19
CA PHE A 216 -54.36 -4.17 -20.20
C PHE A 216 -53.63 -4.30 -21.53
N GLN A 217 -54.38 -4.32 -22.63
CA GLN A 217 -53.77 -4.43 -23.97
C GLN A 217 -52.77 -3.33 -24.23
N LEU A 218 -53.04 -2.13 -23.70
CA LEU A 218 -52.11 -1.00 -23.88
C LEU A 218 -50.73 -1.25 -23.26
N LEU A 219 -50.73 -1.83 -22.06
CA LEU A 219 -49.49 -2.23 -21.40
C LEU A 219 -48.78 -3.39 -22.08
N GLN A 220 -49.56 -4.38 -22.51
CA GLN A 220 -49.05 -5.57 -23.20
C GLN A 220 -48.39 -5.10 -24.47
N GLY A 221 -49.04 -4.16 -25.15
CA GLY A 221 -48.50 -3.43 -26.32
C GLY A 221 -47.16 -2.77 -26.08
N LEU A 222 -46.98 -2.21 -24.89
CA LEU A 222 -45.71 -1.59 -24.58
C LEU A 222 -44.66 -2.64 -24.23
N GLU A 223 -45.02 -3.64 -23.44
CA GLU A 223 -44.11 -4.77 -23.12
C GLU A 223 -43.67 -5.48 -24.38
N ASP A 224 -44.60 -5.68 -25.32
CA ASP A 224 -44.27 -6.27 -26.61
C ASP A 224 -43.21 -5.45 -27.33
N PHE A 225 -43.45 -4.14 -27.44
CA PHE A 225 -42.49 -3.24 -28.10
C PHE A 225 -41.13 -3.35 -27.47
N ILE A 226 -41.09 -3.28 -26.14
CA ILE A 226 -39.86 -3.31 -25.39
C ILE A 226 -39.19 -4.63 -25.66
N ALA A 227 -39.92 -5.73 -25.48
CA ALA A 227 -39.37 -7.08 -25.68
C ALA A 227 -38.75 -7.25 -27.08
N LYS A 228 -39.49 -6.85 -28.11
CA LYS A 228 -38.93 -6.83 -29.46
C LYS A 228 -37.69 -5.91 -29.53
N LYS A 229 -37.70 -4.76 -28.86
CA LYS A 229 -36.52 -3.88 -28.83
C LYS A 229 -35.32 -4.56 -28.22
N VAL A 230 -35.54 -5.31 -27.15
CA VAL A 230 -34.45 -5.91 -26.38
C VAL A 230 -33.79 -6.97 -27.19
N GLU A 231 -34.58 -7.87 -27.78
CA GLU A 231 -34.05 -8.97 -28.55
C GLU A 231 -33.14 -8.52 -29.70
N HIS A 232 -33.47 -7.40 -30.35
CA HIS A 232 -32.60 -6.80 -31.36
C HIS A 232 -31.25 -6.38 -30.77
N ASN A 233 -31.25 -5.90 -29.53
CA ASN A 233 -29.99 -5.53 -28.83
C ASN A 233 -29.11 -6.72 -28.48
N GLN A 234 -29.72 -7.81 -28.01
CA GLN A 234 -29.01 -9.07 -27.80
C GLN A 234 -28.33 -9.41 -29.12
N ARG A 235 -29.13 -9.69 -30.14
CA ARG A 235 -28.64 -10.13 -31.46
C ARG A 235 -27.56 -9.24 -32.13
N THR A 236 -27.26 -8.07 -31.56
CA THR A 236 -26.32 -7.15 -32.18
C THR A 236 -25.42 -6.55 -31.13
N LEU A 237 -25.34 -7.23 -29.99
CA LEU A 237 -24.60 -6.74 -28.84
C LEU A 237 -23.09 -6.79 -29.01
N ASP A 238 -22.44 -5.66 -28.78
CA ASP A 238 -21.00 -5.57 -28.60
C ASP A 238 -20.67 -5.47 -27.11
N PRO A 239 -20.41 -6.63 -26.44
CA PRO A 239 -20.24 -6.62 -24.99
C PRO A 239 -19.12 -5.70 -24.55
N ASN A 240 -18.47 -5.02 -25.49
CA ASN A 240 -17.37 -4.13 -25.15
C ASN A 240 -17.78 -2.67 -25.24
N SER A 241 -18.79 -2.41 -26.05
CA SER A 241 -19.35 -1.06 -26.22
C SER A 241 -20.88 -1.04 -26.16
N PRO A 242 -21.44 -0.57 -25.04
CA PRO A 242 -22.88 -0.47 -24.90
C PRO A 242 -23.35 0.81 -25.58
N ARG A 243 -24.39 0.69 -26.41
CA ARG A 243 -24.96 1.84 -27.09
C ARG A 243 -25.97 2.52 -26.18
N ASP A 244 -26.68 1.72 -25.40
CA ASP A 244 -27.83 2.16 -24.63
C ASP A 244 -27.95 1.46 -23.29
N PHE A 245 -28.88 1.95 -22.48
CA PHE A 245 -29.20 1.37 -21.19
C PHE A 245 -29.40 -0.15 -21.26
N ILE A 246 -30.16 -0.61 -22.25
CA ILE A 246 -30.44 -2.03 -22.37
C ILE A 246 -29.16 -2.86 -22.48
N ASP A 247 -28.16 -2.32 -23.17
CA ASP A 247 -26.88 -3.00 -23.31
C ASP A 247 -26.22 -3.19 -21.96
N SER A 248 -26.08 -2.10 -21.21
CA SER A 248 -25.47 -2.15 -19.90
C SER A 248 -26.06 -3.27 -19.06
N PHE A 249 -27.37 -3.38 -19.08
CA PHE A 249 -28.06 -4.38 -18.29
C PHE A 249 -27.81 -5.78 -18.86
N LEU A 250 -27.75 -5.88 -20.18
CA LEU A 250 -27.40 -7.13 -20.84
C LEU A 250 -25.98 -7.55 -20.50
N ILE A 251 -25.04 -6.63 -20.71
CA ILE A 251 -23.65 -6.83 -20.35
C ILE A 251 -23.59 -7.41 -18.94
N ARG A 252 -24.32 -6.77 -18.02
CA ARG A 252 -24.40 -7.21 -16.63
C ARG A 252 -25.09 -8.55 -16.47
N MET A 253 -26.14 -8.79 -17.23
CA MET A 253 -26.81 -10.09 -17.22
C MET A 253 -25.84 -11.23 -17.50
N GLN A 254 -24.93 -11.03 -18.46
CA GLN A 254 -23.94 -12.05 -18.85
C GLN A 254 -23.00 -12.37 -17.69
N GLU A 255 -22.57 -11.32 -16.99
CA GLU A 255 -21.63 -11.40 -15.88
C GLU A 255 -22.19 -12.17 -14.69
N GLU A 256 -23.48 -12.05 -14.47
CA GLU A 256 -24.13 -12.61 -13.31
C GLU A 256 -24.74 -13.97 -13.61
N GLU A 257 -24.37 -14.58 -14.74
CA GLU A 257 -25.08 -15.76 -15.21
C GLU A 257 -24.88 -17.00 -14.34
N LYS A 258 -23.73 -17.07 -13.67
CA LYS A 258 -23.43 -18.19 -12.77
C LYS A 258 -23.98 -17.99 -11.36
N ASN A 259 -24.14 -16.72 -10.96
CA ASN A 259 -24.73 -16.32 -9.67
C ASN A 259 -26.25 -16.52 -9.61
N PRO A 260 -26.71 -17.55 -8.87
CA PRO A 260 -28.16 -17.87 -8.86
C PRO A 260 -29.05 -16.89 -8.05
N ASN A 261 -28.42 -16.03 -7.23
CA ASN A 261 -29.13 -15.00 -6.46
C ASN A 261 -29.18 -13.63 -7.16
N THR A 262 -28.95 -13.65 -8.47
CA THR A 262 -28.83 -12.41 -9.23
C THR A 262 -30.15 -11.79 -9.57
N GLU A 263 -30.19 -10.46 -9.56
CA GLU A 263 -31.42 -9.74 -9.84
C GLU A 263 -31.42 -9.22 -11.27
N PHE A 264 -30.43 -9.66 -12.04
CA PHE A 264 -30.33 -9.23 -13.42
C PHE A 264 -30.65 -10.33 -14.41
N TYR A 265 -31.91 -10.60 -14.65
CA TYR A 265 -32.35 -11.56 -15.66
C TYR A 265 -33.21 -10.83 -16.67
N LEU A 266 -33.85 -11.57 -17.57
CA LEU A 266 -34.53 -10.93 -18.68
C LEU A 266 -35.75 -10.15 -18.22
N LYS A 267 -36.64 -10.80 -17.48
CA LYS A 267 -37.87 -10.16 -17.01
C LYS A 267 -37.55 -8.82 -16.37
N ASN A 268 -36.59 -8.79 -15.45
CA ASN A 268 -36.20 -7.53 -14.83
C ASN A 268 -35.65 -6.54 -15.82
N LEU A 269 -35.02 -7.01 -16.90
CA LEU A 269 -34.56 -6.10 -17.96
C LEU A 269 -35.69 -5.39 -18.70
N VAL A 270 -36.70 -6.19 -19.05
CA VAL A 270 -37.79 -5.73 -19.85
C VAL A 270 -38.54 -4.69 -19.03
N MET A 271 -38.95 -5.10 -17.83
CA MET A 271 -39.77 -4.28 -16.95
C MET A 271 -39.10 -2.99 -16.50
N THR A 272 -37.79 -3.02 -16.25
CA THR A 272 -37.10 -1.82 -15.87
C THR A 272 -37.02 -0.85 -17.02
N THR A 273 -37.00 -1.36 -18.25
CA THR A 273 -36.87 -0.49 -19.40
C THR A 273 -38.24 0.12 -19.66
N LEU A 274 -39.26 -0.69 -19.45
CA LEU A 274 -40.62 -0.25 -19.60
C LEU A 274 -40.90 0.86 -18.59
N ASN A 275 -40.58 0.59 -17.33
CA ASN A 275 -40.64 1.56 -16.26
C ASN A 275 -40.02 2.87 -16.63
N LEU A 276 -38.79 2.78 -17.13
CA LEU A 276 -38.02 3.95 -17.46
C LEU A 276 -38.69 4.65 -18.62
N PHE A 277 -39.33 3.87 -19.49
CA PHE A 277 -39.92 4.46 -20.70
C PHE A 277 -41.16 5.26 -20.32
N ILE A 278 -42.10 4.59 -19.65
CA ILE A 278 -43.37 5.17 -19.28
C ILE A 278 -43.15 6.28 -18.27
N GLY A 279 -42.50 5.94 -17.16
CA GLY A 279 -42.17 6.90 -16.12
C GLY A 279 -41.43 8.13 -16.63
N GLY A 280 -40.56 7.94 -17.62
CA GLY A 280 -39.74 9.05 -18.10
C GLY A 280 -40.44 10.01 -19.03
N THR A 281 -41.61 9.62 -19.54
CA THR A 281 -42.28 10.28 -20.67
C THR A 281 -43.60 10.96 -20.26
N GLU A 282 -44.51 10.16 -19.72
CA GLU A 282 -45.89 10.59 -19.53
C GLU A 282 -46.03 11.61 -18.39
N THR A 283 -45.10 11.58 -17.46
CA THR A 283 -45.12 12.47 -16.30
C THR A 283 -44.62 13.85 -16.69
N VAL A 284 -43.55 13.90 -17.48
CA VAL A 284 -43.06 15.18 -17.90
C VAL A 284 -43.97 15.74 -18.97
N SER A 285 -44.37 14.90 -19.94
CA SER A 285 -45.30 15.28 -21.00
C SER A 285 -46.51 15.99 -20.44
N THR A 286 -47.10 15.40 -19.42
CA THR A 286 -48.30 15.94 -18.80
C THR A 286 -48.03 17.26 -18.06
N THR A 287 -46.83 17.37 -17.48
CA THR A 287 -46.50 18.58 -16.71
C THR A 287 -46.43 19.78 -17.61
N LEU A 288 -45.64 19.66 -18.67
CA LEU A 288 -45.54 20.68 -19.71
C LEU A 288 -46.91 21.06 -20.26
N ARG A 289 -47.69 20.02 -20.57
CA ARG A 289 -49.00 20.20 -21.15
C ARG A 289 -49.90 21.00 -20.24
N TYR A 290 -49.77 20.82 -18.93
CA TYR A 290 -50.60 21.57 -18.01
C TYR A 290 -50.07 23.01 -17.88
N GLY A 291 -48.74 23.12 -17.90
CA GLY A 291 -48.10 24.38 -17.67
C GLY A 291 -48.52 25.35 -18.75
N PHE A 292 -48.57 24.85 -19.98
CA PHE A 292 -48.88 25.76 -21.05
C PHE A 292 -50.29 26.23 -20.85
N LEU A 293 -51.16 25.33 -20.41
CA LEU A 293 -52.56 25.70 -20.21
C LEU A 293 -52.68 26.75 -19.13
N LEU A 294 -51.82 26.69 -18.13
CA LEU A 294 -51.89 27.65 -17.06
C LEU A 294 -51.31 28.98 -17.48
N LEU A 295 -50.13 28.96 -18.09
CA LEU A 295 -49.51 30.16 -18.60
C LEU A 295 -50.48 30.97 -19.45
N MET A 296 -51.22 30.27 -20.31
CA MET A 296 -52.25 30.92 -21.13
C MET A 296 -53.35 31.55 -20.27
N LYS A 297 -53.64 30.95 -19.13
CA LYS A 297 -54.72 31.42 -18.28
C LYS A 297 -54.26 32.63 -17.47
N HIS A 298 -52.96 32.79 -17.30
CA HIS A 298 -52.43 33.98 -16.62
C HIS A 298 -51.43 34.77 -17.50
N PRO A 299 -51.95 35.54 -18.48
CA PRO A 299 -51.03 36.31 -19.32
C PRO A 299 -50.13 37.19 -18.45
N GLU A 300 -50.64 37.73 -17.36
CA GLU A 300 -49.79 38.38 -16.37
C GLU A 300 -48.53 37.57 -16.13
N VAL A 301 -48.69 36.28 -15.85
CA VAL A 301 -47.54 35.40 -15.57
C VAL A 301 -46.75 35.10 -16.85
N GLU A 302 -47.46 34.97 -17.97
CA GLU A 302 -46.80 34.77 -19.27
C GLU A 302 -45.76 35.87 -19.52
N ALA A 303 -46.21 37.12 -19.57
CA ALA A 303 -45.36 38.30 -19.80
C ALA A 303 -44.11 38.31 -18.92
N LYS A 304 -44.31 38.25 -17.61
CA LYS A 304 -43.22 38.27 -16.65
C LYS A 304 -42.17 37.22 -16.99
N VAL A 305 -42.64 36.07 -17.46
CA VAL A 305 -41.77 34.96 -17.91
C VAL A 305 -40.92 35.38 -19.09
N HIS A 306 -41.57 35.98 -20.10
CA HIS A 306 -40.88 36.48 -21.28
C HIS A 306 -39.81 37.47 -20.83
N GLU A 307 -40.24 38.51 -20.11
CA GLU A 307 -39.33 39.52 -19.59
C GLU A 307 -38.06 38.86 -19.02
N GLU A 308 -38.22 37.98 -18.04
CA GLU A 308 -37.04 37.37 -17.44
C GLU A 308 -36.24 36.50 -18.40
N ILE A 309 -36.84 36.07 -19.51
CA ILE A 309 -36.10 35.31 -20.51
C ILE A 309 -35.28 36.26 -21.38
N ASP A 310 -35.96 37.24 -21.97
CA ASP A 310 -35.29 38.28 -22.76
C ASP A 310 -34.12 38.90 -22.02
N ARG A 311 -34.38 39.33 -20.79
CA ARG A 311 -33.39 39.99 -19.99
C ARG A 311 -32.19 39.10 -19.60
N VAL A 312 -32.35 37.79 -19.60
CA VAL A 312 -31.26 36.92 -19.11
C VAL A 312 -30.63 36.01 -20.17
N ILE A 313 -31.37 35.65 -21.21
CA ILE A 313 -30.78 34.86 -22.29
C ILE A 313 -30.88 35.62 -23.62
N GLY A 314 -31.95 36.39 -23.79
CA GLY A 314 -32.26 37.03 -25.06
C GLY A 314 -32.80 36.05 -26.08
N LYS A 315 -33.36 36.59 -27.17
CA LYS A 315 -33.79 35.79 -28.34
C LYS A 315 -32.57 35.33 -29.20
N ASN A 316 -31.39 35.63 -28.69
CA ASN A 316 -30.14 35.26 -29.36
C ASN A 316 -29.57 33.84 -29.30
N ARG A 317 -29.00 33.48 -28.16
CA ARG A 317 -28.55 32.09 -27.94
C ARG A 317 -29.63 31.19 -27.31
N GLN A 318 -29.45 29.89 -27.43
CA GLN A 318 -30.36 28.93 -26.82
C GLN A 318 -30.02 28.69 -25.35
N PRO A 319 -31.04 28.37 -24.52
CA PRO A 319 -30.89 28.28 -23.07
C PRO A 319 -30.01 27.13 -22.59
N LYS A 320 -29.26 27.40 -21.51
CA LYS A 320 -28.43 26.39 -20.80
C LYS A 320 -28.91 26.23 -19.36
N PHE A 321 -28.69 25.06 -18.79
CA PHE A 321 -29.35 24.71 -17.56
C PHE A 321 -29.00 25.55 -16.38
N GLU A 322 -27.84 26.18 -16.46
CA GLU A 322 -27.30 26.94 -15.35
C GLU A 322 -27.95 28.29 -15.47
N ASP A 323 -28.58 28.47 -16.63
CA ASP A 323 -29.34 29.66 -16.90
C ASP A 323 -30.56 29.70 -15.99
N ARG A 324 -30.79 28.65 -15.22
CA ARG A 324 -31.95 28.60 -14.33
C ARG A 324 -31.70 29.31 -13.01
N ALA A 325 -30.43 29.40 -12.62
CA ALA A 325 -30.01 30.03 -11.39
C ALA A 325 -30.01 31.55 -11.46
N LYS A 326 -30.11 32.12 -12.66
CA LYS A 326 -30.23 33.59 -12.83
C LYS A 326 -31.65 34.00 -13.12
N MET A 327 -32.43 32.96 -13.09
CA MET A 327 -33.83 33.22 -13.45
C MET A 327 -34.77 32.64 -12.39
N PRO A 328 -34.88 33.31 -11.22
CA PRO A 328 -35.79 32.77 -10.21
C PRO A 328 -37.23 32.67 -10.72
N TYR A 329 -37.75 33.75 -11.31
CA TYR A 329 -39.14 33.77 -11.72
C TYR A 329 -39.60 32.57 -12.56
N MET A 330 -38.73 32.03 -13.41
CA MET A 330 -39.10 30.84 -14.17
C MET A 330 -39.02 29.60 -13.29
N GLU A 331 -38.03 29.53 -12.40
CA GLU A 331 -37.98 28.45 -11.42
C GLU A 331 -39.29 28.43 -10.65
N ALA A 332 -39.72 29.63 -10.24
CA ALA A 332 -40.93 29.81 -9.44
C ALA A 332 -42.14 29.35 -10.20
N VAL A 333 -42.10 29.49 -11.52
CA VAL A 333 -43.25 29.17 -12.33
C VAL A 333 -43.26 27.68 -12.59
N ILE A 334 -42.10 27.12 -12.92
CA ILE A 334 -42.06 25.69 -13.07
C ILE A 334 -42.47 25.02 -11.77
N HIS A 335 -41.99 25.50 -10.63
CA HIS A 335 -42.41 24.90 -9.36
C HIS A 335 -43.92 24.95 -9.20
N GLU A 336 -44.49 26.11 -9.53
CA GLU A 336 -45.87 26.40 -9.20
C GLU A 336 -46.79 25.59 -10.05
N ILE A 337 -46.36 25.30 -11.27
CA ILE A 337 -47.02 24.35 -12.19
C ILE A 337 -46.92 22.96 -11.60
N GLN A 338 -45.70 22.55 -11.23
CA GLN A 338 -45.50 21.22 -10.67
C GLN A 338 -46.38 21.03 -9.44
N ARG A 339 -46.57 22.11 -8.68
CA ARG A 339 -47.40 22.12 -7.47
C ARG A 339 -48.87 22.16 -7.79
N PHE A 340 -49.27 23.02 -8.72
CA PHE A 340 -50.68 23.18 -9.03
C PHE A 340 -51.16 21.93 -9.75
N GLY A 341 -50.39 21.57 -10.78
CA GLY A 341 -50.62 20.40 -11.61
C GLY A 341 -50.77 19.19 -10.75
N ASP A 342 -49.86 18.95 -9.81
CA ASP A 342 -50.01 17.80 -8.91
C ASP A 342 -50.19 16.47 -9.68
N VAL A 343 -49.24 16.16 -10.55
CA VAL A 343 -49.38 15.11 -11.51
C VAL A 343 -49.64 13.70 -10.91
N ILE A 344 -48.90 13.32 -9.87
CA ILE A 344 -49.14 12.09 -9.14
C ILE A 344 -49.64 12.40 -7.74
N PRO A 345 -50.94 12.72 -7.59
CA PRO A 345 -51.42 13.35 -6.33
C PRO A 345 -51.28 12.45 -5.10
N MET A 346 -51.42 11.14 -5.29
CA MET A 346 -51.34 10.17 -4.20
C MET A 346 -50.03 9.38 -4.17
N SER A 347 -49.09 9.83 -5.00
CA SER A 347 -47.77 9.21 -5.14
C SER A 347 -47.97 7.84 -5.71
N LEU A 348 -46.94 7.04 -5.60
CA LEU A 348 -47.06 5.63 -5.80
C LEU A 348 -47.05 5.00 -4.41
N ALA A 349 -47.94 4.05 -4.18
CA ALA A 349 -48.09 3.37 -2.89
C ALA A 349 -46.77 2.86 -2.36
N ARG A 350 -46.57 3.09 -1.07
CA ARG A 350 -45.45 2.51 -0.34
C ARG A 350 -45.98 1.42 0.56
N ARG A 351 -45.05 0.81 1.31
CA ARG A 351 -45.32 -0.36 2.12
C ARG A 351 -44.37 -0.35 3.32
N VAL A 352 -44.80 -0.89 4.45
CA VAL A 352 -43.92 -0.97 5.63
C VAL A 352 -43.10 -2.26 5.65
N LYS A 353 -41.78 -2.11 5.75
CA LYS A 353 -40.84 -3.24 5.66
C LYS A 353 -40.91 -4.20 6.86
N LYS A 354 -41.24 -3.66 8.03
CA LYS A 354 -41.44 -4.44 9.25
C LYS A 354 -42.53 -3.77 10.08
N ASP A 355 -42.93 -4.42 11.18
CA ASP A 355 -43.81 -3.81 12.18
C ASP A 355 -43.27 -2.42 12.59
N THR A 356 -44.11 -1.40 12.53
CA THR A 356 -43.65 -0.05 12.83
C THR A 356 -44.58 0.74 13.72
N LYS A 357 -43.98 1.36 14.74
CA LYS A 357 -44.63 2.32 15.61
C LYS A 357 -44.46 3.73 15.04
N PHE A 358 -45.56 4.29 14.56
CA PHE A 358 -45.56 5.61 13.93
C PHE A 358 -46.47 6.57 14.69
N ARG A 359 -45.85 7.62 15.26
CA ARG A 359 -46.52 8.52 16.21
C ARG A 359 -46.96 7.69 17.41
N ASP A 360 -48.24 7.37 17.50
CA ASP A 360 -48.65 6.34 18.46
C ASP A 360 -49.59 5.34 17.79
N PHE A 361 -49.21 4.94 16.58
CA PHE A 361 -49.94 3.92 15.86
C PHE A 361 -49.05 2.73 15.65
N PHE A 362 -49.68 1.59 15.38
CA PHE A 362 -48.94 0.40 15.07
C PHE A 362 -49.33 -0.04 13.68
N LEU A 363 -48.31 -0.20 12.84
CA LEU A 363 -48.49 -0.61 11.47
C LEU A 363 -47.75 -1.92 11.26
N PRO A 364 -48.49 -3.00 10.96
CA PRO A 364 -47.99 -4.33 10.70
C PRO A 364 -46.91 -4.34 9.61
N LYS A 365 -46.15 -5.44 9.52
CA LYS A 365 -45.25 -5.67 8.38
C LYS A 365 -46.13 -5.82 7.14
N GLY A 366 -45.79 -5.10 6.09
CA GLY A 366 -46.46 -5.20 4.79
C GLY A 366 -47.73 -4.40 4.54
N THR A 367 -48.04 -3.41 5.38
CA THR A 367 -49.25 -2.62 5.16
C THR A 367 -48.97 -1.47 4.20
N GLU A 368 -49.91 -1.22 3.31
CA GLU A 368 -49.77 -0.18 2.31
C GLU A 368 -49.93 1.24 2.87
N VAL A 369 -49.08 2.15 2.39
CA VAL A 369 -49.15 3.55 2.74
C VAL A 369 -49.39 4.36 1.47
N TYR A 370 -50.49 5.09 1.45
CA TYR A 370 -50.76 6.08 0.43
C TYR A 370 -50.37 7.40 0.98
N PRO A 371 -49.26 7.91 0.50
CA PRO A 371 -48.74 9.21 0.87
C PRO A 371 -49.28 10.30 -0.01
N MET A 372 -50.26 11.02 0.48
CA MET A 372 -50.99 12.00 -0.30
C MET A 372 -50.11 13.20 -0.57
N LEU A 373 -49.30 13.09 -1.62
CA LEU A 373 -48.40 14.17 -1.95
C LEU A 373 -49.18 15.47 -2.23
N GLY A 374 -50.34 15.33 -2.86
CA GLY A 374 -51.17 16.46 -3.22
C GLY A 374 -51.45 17.28 -1.98
N SER A 375 -51.69 16.59 -0.87
CA SER A 375 -52.12 17.25 0.34
C SER A 375 -50.98 18.05 0.95
N VAL A 376 -49.75 17.70 0.55
CA VAL A 376 -48.55 18.41 0.95
C VAL A 376 -48.40 19.61 0.06
N LEU A 377 -48.59 19.40 -1.24
CA LEU A 377 -48.39 20.41 -2.23
C LEU A 377 -49.39 21.50 -2.02
N ARG A 378 -50.51 21.13 -1.39
CA ARG A 378 -51.61 22.05 -1.11
C ARG A 378 -51.77 22.35 0.36
N ASP A 379 -50.77 22.04 1.16
CA ASP A 379 -50.81 22.32 2.59
C ASP A 379 -50.76 23.87 2.86
N PRO A 380 -51.85 24.46 3.40
CA PRO A 380 -51.93 25.91 3.47
C PRO A 380 -50.99 26.46 4.51
N SER A 381 -50.38 25.59 5.32
CA SER A 381 -49.29 26.02 6.22
C SER A 381 -48.03 26.45 5.46
N PHE A 382 -47.91 26.06 4.18
CA PHE A 382 -46.69 26.30 3.40
C PHE A 382 -47.06 27.00 2.10
N PHE A 383 -48.33 27.20 1.84
CA PHE A 383 -48.75 27.88 0.63
C PHE A 383 -50.06 28.52 0.93
N SER A 384 -50.13 29.82 0.99
CA SER A 384 -51.38 30.41 1.34
C SER A 384 -52.25 30.36 0.13
N ASN A 385 -53.49 30.03 0.28
CA ASN A 385 -54.28 29.95 -0.92
C ASN A 385 -53.73 28.94 -1.87
N PRO A 386 -53.63 27.74 -1.39
CA PRO A 386 -52.94 26.67 -2.04
C PRO A 386 -53.67 26.29 -3.26
N GLN A 387 -54.88 26.75 -3.30
CA GLN A 387 -55.82 26.39 -4.38
C GLN A 387 -55.66 27.14 -5.69
N ASP A 388 -55.05 28.30 -5.57
CA ASP A 388 -54.71 29.23 -6.65
C ASP A 388 -53.43 28.85 -7.34
N PHE A 389 -53.43 28.97 -8.65
CA PHE A 389 -52.16 28.96 -9.35
C PHE A 389 -51.54 30.34 -9.22
N ASN A 390 -50.45 30.46 -8.47
CA ASN A 390 -49.77 31.75 -8.34
C ASN A 390 -48.32 31.65 -7.87
N PRO A 391 -47.39 31.88 -8.81
CA PRO A 391 -45.95 31.67 -8.64
C PRO A 391 -45.35 32.39 -7.43
N GLN A 392 -46.06 33.39 -6.89
CA GLN A 392 -45.68 34.06 -5.65
C GLN A 392 -45.54 33.07 -4.50
N HIS A 393 -46.13 31.89 -4.66
CA HIS A 393 -45.91 30.78 -3.74
C HIS A 393 -44.45 30.45 -3.61
N PHE A 394 -43.70 30.61 -4.71
CA PHE A 394 -42.27 30.32 -4.73
C PHE A 394 -41.40 31.56 -4.99
N LEU A 395 -41.80 32.69 -4.40
CA LEU A 395 -41.13 33.98 -4.56
C LEU A 395 -41.21 34.82 -3.30
N ASN A 396 -40.08 35.20 -2.73
CA ASN A 396 -40.11 36.12 -1.58
C ASN A 396 -40.39 37.57 -1.97
N GLU A 397 -40.36 38.42 -0.97
CA GLU A 397 -40.73 39.80 -1.09
C GLU A 397 -39.86 40.53 -2.08
N LYS A 398 -38.61 40.11 -2.17
CA LYS A 398 -37.66 40.75 -3.03
C LYS A 398 -37.52 40.05 -4.35
N GLY A 399 -38.57 39.37 -4.77
CA GLY A 399 -38.55 38.69 -6.03
C GLY A 399 -37.54 37.58 -6.23
N GLN A 400 -37.04 36.99 -5.16
CA GLN A 400 -36.12 35.84 -5.23
C GLN A 400 -36.79 34.46 -5.15
N PHE A 401 -36.09 33.41 -5.59
CA PHE A 401 -36.63 32.06 -5.42
C PHE A 401 -36.55 31.57 -3.96
N LYS A 402 -37.69 31.17 -3.43
CA LYS A 402 -37.82 30.69 -2.07
C LYS A 402 -38.21 29.24 -2.12
N LYS A 403 -37.31 28.39 -1.62
CA LYS A 403 -37.54 26.96 -1.50
C LYS A 403 -38.77 26.72 -0.62
N SER A 404 -39.21 25.47 -0.59
CA SER A 404 -40.27 25.06 0.29
C SER A 404 -40.15 23.58 0.53
N ASP A 405 -40.27 23.21 1.80
CA ASP A 405 -40.09 21.83 2.25
C ASP A 405 -41.27 20.96 1.86
N ALA A 406 -42.32 21.62 1.39
CA ALA A 406 -43.57 21.00 0.98
C ALA A 406 -43.65 20.73 -0.54
N PHE A 407 -42.69 21.28 -1.29
CA PHE A 407 -42.64 21.02 -2.71
C PHE A 407 -42.16 19.58 -2.94
N VAL A 408 -43.09 18.65 -2.97
CA VAL A 408 -42.73 17.24 -3.00
C VAL A 408 -43.29 16.47 -4.23
N PRO A 409 -43.19 17.06 -5.43
CA PRO A 409 -43.90 16.41 -6.50
C PRO A 409 -43.24 15.10 -6.92
N PHE A 410 -41.99 14.91 -6.48
CA PHE A 410 -41.20 13.72 -6.82
C PHE A 410 -41.14 12.76 -5.65
N SER A 411 -41.91 13.10 -4.60
CA SER A 411 -42.01 12.30 -3.39
C SER A 411 -40.72 12.49 -2.63
N ILE A 412 -40.57 11.82 -1.50
CA ILE A 412 -39.35 11.95 -0.70
C ILE A 412 -38.98 10.61 -0.07
N GLY A 413 -37.75 10.45 0.37
CA GLY A 413 -37.39 9.21 1.04
C GLY A 413 -36.73 8.16 0.17
N LYS A 414 -36.71 6.93 0.65
CA LYS A 414 -35.85 5.88 0.08
C LYS A 414 -36.20 5.36 -1.31
N ARG A 415 -37.44 5.53 -1.73
CA ARG A 415 -37.81 5.13 -3.07
C ARG A 415 -38.37 6.31 -3.83
N ASN A 416 -37.87 7.52 -3.60
CA ASN A 416 -38.42 8.67 -4.28
C ASN A 416 -37.99 8.68 -5.74
N CYS A 417 -38.58 9.56 -6.54
CA CYS A 417 -38.32 9.57 -7.97
C CYS A 417 -36.85 9.83 -8.32
N PHE A 418 -36.12 8.78 -8.64
CA PHE A 418 -34.75 8.94 -9.10
C PHE A 418 -34.62 9.48 -10.53
N GLY A 419 -35.73 9.92 -11.11
CA GLY A 419 -35.68 10.64 -12.36
C GLY A 419 -35.71 12.16 -12.19
N GLU A 420 -35.93 12.63 -10.96
CA GLU A 420 -36.04 14.07 -10.64
C GLU A 420 -34.95 14.87 -11.32
N GLY A 421 -33.73 14.33 -11.28
CA GLY A 421 -32.57 14.93 -11.94
C GLY A 421 -32.95 15.25 -13.37
N LEU A 422 -33.01 14.20 -14.20
CA LEU A 422 -33.41 14.30 -15.60
C LEU A 422 -34.65 15.17 -15.78
N ALA A 423 -35.64 14.95 -14.92
CA ALA A 423 -36.92 15.63 -15.05
C ALA A 423 -36.76 17.14 -14.92
N ARG A 424 -36.09 17.61 -13.86
CA ARG A 424 -35.86 19.04 -13.63
C ARG A 424 -35.27 19.73 -14.86
N MET A 425 -34.30 19.06 -15.46
CA MET A 425 -33.60 19.55 -16.64
C MET A 425 -34.53 19.63 -17.82
N GLU A 426 -35.17 18.49 -18.17
CA GLU A 426 -36.17 18.45 -19.24
C GLU A 426 -37.17 19.58 -19.04
N LEU A 427 -37.69 19.70 -17.83
CA LEU A 427 -38.66 20.75 -17.51
C LEU A 427 -38.16 22.17 -17.70
N PHE A 428 -37.02 22.52 -17.12
CA PHE A 428 -36.56 23.89 -17.27
C PHE A 428 -36.34 24.24 -18.75
N LEU A 429 -35.63 23.36 -19.45
CA LEU A 429 -35.21 23.64 -20.82
C LEU A 429 -36.38 23.79 -21.79
N PHE A 430 -37.24 22.78 -21.86
CA PHE A 430 -38.37 22.86 -22.74
C PHE A 430 -39.25 24.09 -22.45
N PHE A 431 -39.60 24.34 -21.19
CA PHE A 431 -40.41 25.51 -20.88
C PHE A 431 -39.73 26.78 -21.32
N THR A 432 -38.49 26.96 -20.89
CA THR A 432 -37.75 28.16 -21.26
C THR A 432 -37.65 28.35 -22.78
N THR A 433 -37.15 27.33 -23.47
CA THR A 433 -37.00 27.35 -24.92
C THR A 433 -38.27 27.72 -25.68
N VAL A 434 -39.35 27.01 -25.42
CA VAL A 434 -40.61 27.26 -26.12
C VAL A 434 -41.06 28.71 -25.90
N MET A 435 -40.83 29.22 -24.70
CA MET A 435 -41.23 30.59 -24.32
C MET A 435 -40.44 31.69 -25.03
N GLN A 436 -39.14 31.47 -25.13
CA GLN A 436 -38.24 32.30 -25.91
C GLN A 436 -38.73 32.44 -27.35
N ASN A 437 -39.24 31.36 -27.90
CA ASN A 437 -39.49 31.30 -29.32
C ASN A 437 -40.90 31.60 -29.72
N PHE A 438 -41.83 31.58 -28.77
CA PHE A 438 -43.22 31.81 -29.11
C PHE A 438 -43.93 32.60 -28.05
N ARG A 439 -45.04 33.19 -28.44
CA ARG A 439 -46.04 33.68 -27.52
C ARG A 439 -47.24 32.73 -27.69
N LEU A 440 -48.10 32.66 -26.68
CA LEU A 440 -49.17 31.67 -26.68
C LEU A 440 -50.54 32.32 -26.74
N LYS A 441 -51.32 32.00 -27.76
CA LYS A 441 -52.68 32.49 -27.88
C LYS A 441 -53.60 31.27 -27.86
N SER A 442 -54.61 31.30 -26.99
CA SER A 442 -55.48 30.15 -26.81
C SER A 442 -56.63 30.18 -27.81
N SER A 443 -57.21 29.02 -28.08
CA SER A 443 -58.36 28.94 -28.95
C SER A 443 -59.57 29.66 -28.34
N GLN A 444 -59.50 29.98 -27.05
CA GLN A 444 -60.53 30.74 -26.35
C GLN A 444 -59.93 31.91 -25.57
N SER A 445 -60.75 32.67 -24.86
CA SER A 445 -60.28 33.80 -24.08
C SER A 445 -59.87 33.38 -22.68
N PRO A 446 -58.79 33.96 -22.19
CA PRO A 446 -58.28 33.65 -20.85
C PRO A 446 -59.40 33.63 -19.82
N LYS A 447 -60.49 34.32 -20.03
CA LYS A 447 -61.54 34.31 -19.03
C LYS A 447 -62.32 33.00 -18.97
N ASP A 448 -62.29 32.27 -20.06
CA ASP A 448 -63.01 31.02 -20.24
C ASP A 448 -62.15 29.79 -19.91
N ILE A 449 -60.86 29.82 -20.25
CA ILE A 449 -60.05 28.63 -20.00
C ILE A 449 -60.42 28.01 -18.66
N ASP A 450 -60.69 26.70 -18.66
CA ASP A 450 -60.92 25.96 -17.43
C ASP A 450 -59.73 25.09 -17.13
N VAL A 451 -58.99 25.44 -16.09
CA VAL A 451 -57.77 24.73 -15.75
C VAL A 451 -57.97 23.51 -14.86
N SER A 452 -59.17 23.33 -14.32
CA SER A 452 -59.34 22.17 -13.43
C SER A 452 -59.33 20.86 -14.23
N PRO A 453 -58.72 19.82 -13.66
CA PRO A 453 -58.35 18.61 -14.38
C PRO A 453 -59.54 17.87 -15.01
N LYS A 454 -59.34 17.21 -16.16
CA LYS A 454 -60.38 16.32 -16.70
C LYS A 454 -60.58 15.10 -15.82
N HIS A 455 -59.48 14.56 -15.30
CA HIS A 455 -59.53 13.44 -14.38
C HIS A 455 -58.50 13.60 -13.30
N VAL A 456 -58.74 12.93 -12.19
CA VAL A 456 -57.79 12.81 -11.09
C VAL A 456 -58.05 11.47 -10.49
N GLY A 457 -57.05 10.62 -10.56
CA GLY A 457 -57.10 9.30 -9.92
C GLY A 457 -55.72 9.10 -9.41
N PHE A 458 -54.94 8.36 -10.18
CA PHE A 458 -53.59 8.01 -9.82
C PHE A 458 -52.67 9.13 -10.26
N ALA A 459 -53.11 9.81 -11.31
CA ALA A 459 -52.44 10.95 -11.85
C ALA A 459 -53.49 12.06 -12.02
N THR A 460 -53.03 13.27 -12.31
CA THR A 460 -53.92 14.41 -12.52
C THR A 460 -53.90 14.68 -14.01
N ILE A 461 -55.04 14.66 -14.67
CA ILE A 461 -55.03 14.81 -16.13
C ILE A 461 -55.66 16.12 -16.54
N PRO A 462 -54.87 17.02 -17.17
CA PRO A 462 -55.46 18.27 -17.62
C PRO A 462 -56.44 18.02 -18.74
N ARG A 463 -57.40 18.93 -18.85
CA ARG A 463 -58.43 18.83 -19.85
C ARG A 463 -57.82 18.96 -21.23
N ASN A 464 -58.61 18.62 -22.22
CA ASN A 464 -58.14 18.69 -23.55
C ASN A 464 -58.29 20.08 -24.12
N TYR A 465 -57.29 20.56 -24.84
CA TYR A 465 -57.36 21.91 -25.39
C TYR A 465 -56.56 22.10 -26.65
N THR A 466 -56.86 23.19 -27.35
CA THR A 466 -56.06 23.55 -28.51
C THR A 466 -55.48 24.95 -28.32
N MET A 467 -54.39 25.22 -29.02
CA MET A 467 -53.65 26.46 -28.83
C MET A 467 -52.83 26.76 -30.04
N SER A 468 -52.48 28.02 -30.20
CA SER A 468 -51.55 28.37 -31.25
C SER A 468 -50.30 29.00 -30.67
N PHE A 469 -49.17 28.64 -31.28
CA PHE A 469 -47.89 29.21 -30.95
C PHE A 469 -47.61 30.27 -31.99
N LEU A 470 -47.53 31.52 -31.57
CA LEU A 470 -47.26 32.60 -32.51
C LEU A 470 -45.90 33.20 -32.20
N PRO A 471 -45.17 33.67 -33.24
CA PRO A 471 -43.93 34.42 -32.99
C PRO A 471 -44.15 35.69 -32.17
N ARG A 472 -43.07 36.31 -31.73
CA ARG A 472 -43.15 37.28 -30.65
C ARG A 472 -43.18 38.75 -31.09
N HIS A 473 -44.35 39.37 -31.02
CA HIS A 473 -44.50 40.77 -31.40
C HIS A 473 -45.95 41.23 -31.25
N GLY B 9 20.71 -28.55 -1.49
CA GLY B 9 21.57 -29.55 -0.77
C GLY B 9 20.99 -30.07 0.55
N LYS B 10 21.12 -29.28 1.62
CA LYS B 10 20.59 -29.68 2.93
C LYS B 10 19.50 -28.72 3.50
N LEU B 11 19.03 -29.04 4.69
CA LEU B 11 17.94 -28.33 5.27
C LEU B 11 18.40 -27.05 5.98
N PRO B 12 17.46 -26.24 6.41
CA PRO B 12 17.80 -25.16 7.29
C PRO B 12 18.41 -25.72 8.52
N PRO B 13 19.45 -25.07 9.02
CA PRO B 13 20.13 -25.54 10.24
C PRO B 13 19.57 -24.91 11.51
N GLY B 14 19.01 -25.74 12.39
CA GLY B 14 18.49 -25.29 13.67
C GLY B 14 19.10 -26.11 14.79
N PRO B 15 18.55 -25.98 16.00
CA PRO B 15 19.06 -26.76 17.12
C PRO B 15 18.94 -28.27 16.93
N THR B 16 19.81 -29.01 17.60
CA THR B 16 19.77 -30.45 17.54
C THR B 16 18.64 -31.00 18.39
N PRO B 17 17.83 -31.87 17.79
CA PRO B 17 16.65 -32.47 18.42
C PRO B 17 16.89 -33.79 19.14
N LEU B 18 16.38 -33.88 20.35
CA LEU B 18 16.32 -35.17 21.02
C LEU B 18 15.20 -36.00 20.40
N PRO B 19 15.15 -37.29 20.64
CA PRO B 19 14.19 -38.06 19.87
C PRO B 19 12.77 -38.02 20.39
N PHE B 20 11.86 -38.01 19.43
CA PHE B 20 10.44 -37.91 19.69
C PHE B 20 10.07 -36.57 20.26
N ILE B 21 10.73 -36.13 21.32
CA ILE B 21 10.36 -34.86 21.91
C ILE B 21 10.95 -33.66 21.22
N GLY B 22 11.75 -33.89 20.20
CA GLY B 22 12.19 -32.83 19.33
C GLY B 22 12.86 -31.73 20.08
N ASN B 23 12.58 -30.50 19.72
CA ASN B 23 13.36 -29.42 20.31
C ASN B 23 12.74 -28.84 21.54
N TYR B 24 11.79 -29.56 22.13
CA TYR B 24 11.12 -29.11 23.35
C TYR B 24 11.96 -28.22 24.28
N LEU B 25 13.08 -28.75 24.75
CA LEU B 25 13.96 -28.03 25.69
C LEU B 25 14.37 -26.62 25.23
N GLN B 26 14.53 -26.45 23.93
CA GLN B 26 14.87 -25.17 23.35
C GLN B 26 13.64 -24.29 23.02
N LEU B 27 12.45 -24.69 23.50
CA LEU B 27 11.22 -23.96 23.26
C LEU B 27 10.52 -23.82 24.57
N ASN B 28 9.71 -22.78 24.71
CA ASN B 28 8.82 -22.61 25.83
C ASN B 28 7.43 -22.59 25.21
N THR B 29 6.54 -23.44 25.71
CA THR B 29 5.25 -23.65 25.10
C THR B 29 4.32 -22.47 25.34
N GLU B 30 4.51 -21.82 26.46
CA GLU B 30 3.69 -20.67 26.78
C GLU B 30 4.06 -19.47 25.90
N GLN B 31 5.30 -19.44 25.41
CA GLN B 31 5.72 -18.38 24.50
C GLN B 31 6.38 -18.96 23.25
N MET B 32 5.56 -19.48 22.35
CA MET B 32 6.11 -20.05 21.15
C MET B 32 6.73 -18.99 20.28
N TYR B 33 6.02 -17.88 20.06
CA TYR B 33 6.58 -16.81 19.25
C TYR B 33 7.93 -16.34 19.79
N ASN B 34 8.01 -16.08 21.08
CA ASN B 34 9.29 -15.59 21.61
C ASN B 34 10.37 -16.61 21.51
N SER B 35 10.02 -17.89 21.73
CA SER B 35 11.01 -18.97 21.69
C SER B 35 11.57 -19.12 20.30
N LEU B 36 10.70 -19.07 19.31
CA LEU B 36 11.15 -19.15 17.94
C LEU B 36 11.97 -17.94 17.55
N MET B 37 11.45 -16.73 17.82
CA MET B 37 12.27 -15.52 17.65
C MET B 37 13.62 -15.60 18.36
N LYS B 38 13.64 -16.09 19.60
CA LYS B 38 14.89 -16.23 20.31
C LYS B 38 15.89 -17.05 19.49
N ILE B 39 15.41 -18.19 18.98
CA ILE B 39 16.22 -19.14 18.22
C ILE B 39 16.71 -18.53 16.92
N SER B 40 15.87 -17.72 16.29
CA SER B 40 16.28 -17.01 15.09
C SER B 40 17.44 -16.05 15.32
N GLU B 41 17.68 -15.61 16.56
CA GLU B 41 18.89 -14.81 16.81
C GLU B 41 20.06 -15.70 16.65
N ARG B 42 19.75 -16.99 16.60
CA ARG B 42 20.73 -18.01 16.75
C ARG B 42 21.02 -18.69 15.40
N TYR B 43 20.03 -18.89 14.55
CA TYR B 43 20.26 -19.53 13.25
C TYR B 43 19.75 -18.71 12.07
N GLY B 44 19.38 -17.45 12.31
CA GLY B 44 19.01 -16.58 11.23
C GLY B 44 17.54 -16.72 10.95
N PRO B 45 17.05 -16.10 9.86
CA PRO B 45 15.65 -16.05 9.55
C PRO B 45 15.02 -17.31 8.98
N VAL B 46 15.81 -18.33 8.65
CA VAL B 46 15.24 -19.52 8.06
C VAL B 46 15.77 -20.76 8.76
N PHE B 47 14.96 -21.42 9.57
CA PHE B 47 15.46 -22.56 10.31
C PHE B 47 14.44 -23.65 10.47
N THR B 48 14.92 -24.79 10.93
CA THR B 48 14.18 -26.02 11.03
C THR B 48 14.01 -26.31 12.50
N ILE B 49 12.83 -26.75 12.88
CA ILE B 49 12.64 -27.09 14.26
C ILE B 49 11.83 -28.36 14.30
N HIS B 50 11.73 -28.98 15.48
CA HIS B 50 10.96 -30.22 15.69
C HIS B 50 9.91 -30.13 16.79
N LEU B 51 8.66 -29.97 16.38
CA LEU B 51 7.54 -29.94 17.33
C LEU B 51 7.07 -31.37 17.54
N GLY B 52 7.42 -31.93 18.70
CA GLY B 52 7.37 -33.37 18.88
C GLY B 52 8.02 -33.93 17.63
N PRO B 53 7.35 -34.88 16.94
CA PRO B 53 7.94 -35.49 15.74
C PRO B 53 7.85 -34.62 14.46
N ARG B 54 6.99 -33.60 14.48
CA ARG B 54 6.83 -32.70 13.31
C ARG B 54 8.08 -31.83 13.02
N ARG B 55 8.65 -32.01 11.83
CA ARG B 55 9.80 -31.24 11.43
C ARG B 55 9.39 -30.06 10.55
N VAL B 56 9.69 -28.85 11.02
CA VAL B 56 9.10 -27.59 10.52
C VAL B 56 10.11 -26.50 10.12
N VAL B 57 10.02 -25.99 8.89
CA VAL B 57 10.87 -24.87 8.48
C VAL B 57 10.28 -23.54 8.97
N VAL B 58 10.90 -22.91 9.95
CA VAL B 58 10.36 -21.64 10.44
C VAL B 58 10.87 -20.45 9.63
N LEU B 59 9.93 -19.67 9.12
CA LEU B 59 10.24 -18.46 8.38
C LEU B 59 9.97 -17.25 9.26
N CYS B 60 10.95 -16.34 9.34
CA CYS B 60 10.85 -15.08 10.11
C CYS B 60 11.21 -13.81 9.35
N GLY B 61 10.47 -12.74 9.60
CA GLY B 61 10.89 -11.43 9.14
C GLY B 61 10.47 -11.26 7.71
N HIS B 62 10.37 -10.02 7.27
CA HIS B 62 9.60 -9.73 6.06
C HIS B 62 10.00 -10.58 4.86
N ASP B 63 11.30 -10.74 4.68
CA ASP B 63 11.74 -11.23 3.41
C ASP B 63 11.53 -12.71 3.25
N ALA B 64 11.99 -13.48 4.22
CA ALA B 64 11.90 -14.90 4.10
C ALA B 64 10.44 -15.28 3.93
N VAL B 65 9.57 -14.62 4.70
CA VAL B 65 8.14 -14.94 4.67
C VAL B 65 7.57 -14.66 3.28
N ARG B 66 8.00 -13.57 2.64
CA ARG B 66 7.50 -13.27 1.31
C ARG B 66 8.10 -14.16 0.21
N GLU B 67 9.41 -14.19 0.18
CA GLU B 67 10.15 -14.97 -0.77
C GLU B 67 9.57 -16.34 -0.91
N ALA B 68 9.12 -16.90 0.20
CA ALA B 68 8.63 -18.28 0.19
C ALA B 68 7.16 -18.37 -0.24
N LEU B 69 6.31 -17.64 0.48
CA LEU B 69 4.89 -17.65 0.23
C LEU B 69 4.42 -16.85 -0.94
N VAL B 70 5.28 -16.12 -1.61
CA VAL B 70 4.82 -15.25 -2.68
C VAL B 70 5.68 -15.36 -3.92
N ASP B 71 6.97 -15.46 -3.70
CA ASP B 71 7.92 -15.55 -4.77
C ASP B 71 8.01 -16.99 -5.13
N GLN B 72 7.70 -17.85 -4.19
CA GLN B 72 7.58 -19.30 -4.46
C GLN B 72 6.24 -19.86 -4.00
N ALA B 73 5.22 -19.09 -4.34
CA ALA B 73 3.84 -19.30 -3.91
C ALA B 73 3.32 -20.71 -4.04
N GLU B 74 3.59 -21.33 -5.19
CA GLU B 74 3.00 -22.62 -5.52
C GLU B 74 3.66 -23.75 -4.72
N GLU B 75 4.97 -23.68 -4.58
CA GLU B 75 5.66 -24.70 -3.82
C GLU B 75 5.22 -24.68 -2.37
N PHE B 76 4.88 -23.50 -1.88
CA PHE B 76 4.46 -23.30 -0.49
C PHE B 76 2.93 -23.32 -0.26
N SER B 77 2.18 -23.63 -1.31
CA SER B 77 0.73 -23.63 -1.23
C SER B 77 0.13 -24.90 -0.65
N GLY B 78 0.98 -25.79 -0.15
CA GLY B 78 0.46 -26.92 0.61
C GLY B 78 -0.15 -26.35 1.87
N ARG B 79 -0.83 -27.18 2.63
CA ARG B 79 -1.30 -26.77 3.92
C ARG B 79 -0.73 -27.67 5.00
N GLY B 80 -0.06 -27.08 5.97
CA GLY B 80 0.38 -27.84 7.13
C GLY B 80 -0.76 -28.13 8.08
N GLU B 81 -0.41 -28.40 9.34
CA GLU B 81 -1.39 -28.74 10.35
C GLU B 81 -1.46 -27.72 11.49
N GLN B 82 -2.64 -27.71 12.10
CA GLN B 82 -2.92 -27.03 13.36
C GLN B 82 -3.68 -28.09 14.17
N ALA B 83 -2.94 -28.84 14.96
CA ALA B 83 -3.36 -30.18 15.44
C ALA B 83 -4.68 -30.15 16.17
N THR B 84 -4.82 -29.25 17.13
CA THR B 84 -6.05 -29.14 17.89
C THR B 84 -7.23 -29.16 16.95
N PHE B 85 -7.33 -28.15 16.09
CA PHE B 85 -8.41 -28.09 15.09
C PHE B 85 -8.55 -29.32 14.22
N ASP B 86 -7.43 -29.84 13.70
CA ASP B 86 -7.44 -30.99 12.80
C ASP B 86 -7.92 -32.27 13.47
N TRP B 87 -8.00 -32.25 14.80
CA TRP B 87 -8.58 -33.34 15.60
C TRP B 87 -10.00 -33.64 15.15
N VAL B 88 -10.64 -32.60 14.62
CA VAL B 88 -12.05 -32.65 14.37
C VAL B 88 -12.28 -32.58 12.87
N PHE B 89 -11.53 -31.69 12.21
CA PHE B 89 -11.64 -31.56 10.77
C PHE B 89 -11.04 -32.76 10.03
N LYS B 90 -10.01 -33.38 10.61
CA LYS B 90 -9.35 -34.52 9.98
C LYS B 90 -9.13 -34.31 8.48
N GLY B 91 -8.50 -33.20 8.11
CA GLY B 91 -8.14 -32.91 6.73
C GLY B 91 -9.27 -32.76 5.73
N TYR B 92 -10.52 -32.79 6.21
CA TYR B 92 -11.69 -32.49 5.39
C TYR B 92 -12.11 -31.00 5.56
N GLY B 93 -12.86 -30.45 4.62
CA GLY B 93 -13.18 -29.04 4.72
C GLY B 93 -12.09 -28.18 4.10
N VAL B 94 -12.40 -26.91 3.85
CA VAL B 94 -11.56 -26.10 2.99
C VAL B 94 -10.23 -25.78 3.64
N VAL B 95 -10.27 -25.46 4.92
CA VAL B 95 -9.08 -25.00 5.65
C VAL B 95 -7.99 -26.06 5.67
N PHE B 96 -8.20 -27.12 6.45
CA PHE B 96 -7.20 -28.17 6.59
C PHE B 96 -7.18 -29.17 5.45
N SER B 97 -8.05 -28.96 4.47
CA SER B 97 -7.97 -29.67 3.20
C SER B 97 -6.70 -29.38 2.44
N ASN B 98 -6.37 -30.26 1.51
CA ASN B 98 -5.18 -30.13 0.68
C ASN B 98 -5.43 -30.62 -0.76
N GLY B 99 -4.63 -30.08 -1.69
CA GLY B 99 -4.52 -30.52 -3.06
C GLY B 99 -5.82 -30.37 -3.80
N GLU B 100 -6.30 -31.49 -4.36
CA GLU B 100 -7.51 -31.50 -5.21
C GLU B 100 -8.73 -31.06 -4.41
N ARG B 101 -8.81 -31.52 -3.17
CA ARG B 101 -9.84 -31.06 -2.22
C ARG B 101 -9.81 -29.52 -1.98
N ALA B 102 -8.64 -29.00 -1.64
CA ALA B 102 -8.47 -27.59 -1.33
C ALA B 102 -8.84 -26.69 -2.48
N LYS B 103 -8.35 -27.04 -3.66
CA LYS B 103 -8.57 -26.19 -4.83
C LYS B 103 -10.04 -26.09 -5.10
N GLN B 104 -10.73 -27.20 -4.94
CA GLN B 104 -12.14 -27.21 -5.21
C GLN B 104 -12.89 -26.39 -4.21
N LEU B 105 -12.71 -26.70 -2.96
CA LEU B 105 -13.51 -26.10 -1.90
C LEU B 105 -13.28 -24.60 -1.79
N ARG B 106 -12.02 -24.17 -1.93
CA ARG B 106 -11.67 -22.76 -1.83
C ARG B 106 -12.31 -21.96 -2.94
N ARG B 107 -12.37 -22.57 -4.12
CA ARG B 107 -12.90 -21.90 -5.32
C ARG B 107 -14.37 -21.73 -5.16
N PHE B 108 -15.03 -22.83 -4.81
CA PHE B 108 -16.45 -22.82 -4.56
C PHE B 108 -16.87 -21.82 -3.48
N SER B 109 -16.07 -21.73 -2.43
CA SER B 109 -16.36 -20.87 -1.30
C SER B 109 -16.23 -19.39 -1.68
N ILE B 110 -15.06 -19.03 -2.22
CA ILE B 110 -14.76 -17.65 -2.54
C ILE B 110 -15.88 -17.15 -3.38
N ALA B 111 -16.31 -18.03 -4.30
CA ALA B 111 -17.34 -17.70 -5.29
C ALA B 111 -18.66 -17.50 -4.61
N THR B 112 -19.04 -18.48 -3.80
CA THR B 112 -20.32 -18.44 -3.13
C THR B 112 -20.40 -17.23 -2.22
N LEU B 113 -19.41 -17.02 -1.35
CA LEU B 113 -19.39 -15.82 -0.49
C LEU B 113 -19.73 -14.58 -1.31
N ARG B 114 -19.14 -14.50 -2.49
CA ARG B 114 -19.35 -13.43 -3.41
C ARG B 114 -20.84 -13.40 -3.75
N ASP B 115 -21.39 -14.56 -4.05
CA ASP B 115 -22.77 -14.67 -4.49
C ASP B 115 -23.71 -14.16 -3.43
N PHE B 116 -23.32 -14.29 -2.17
CA PHE B 116 -24.22 -13.91 -1.09
C PHE B 116 -23.86 -12.57 -0.49
N GLY B 117 -23.31 -11.69 -1.31
CA GLY B 117 -23.21 -10.28 -0.95
C GLY B 117 -21.80 -9.84 -0.69
N VAL B 118 -20.97 -10.77 -0.25
CA VAL B 118 -19.57 -10.54 0.09
C VAL B 118 -18.74 -9.79 -0.97
N GLY B 119 -18.19 -8.65 -0.54
CA GLY B 119 -17.36 -7.77 -1.40
C GLY B 119 -18.14 -6.63 -2.03
N LYS B 120 -19.47 -6.76 -2.05
CA LYS B 120 -20.36 -5.77 -2.64
C LYS B 120 -21.30 -5.23 -1.60
N ARG B 121 -22.16 -4.33 -2.06
CA ARG B 121 -23.14 -3.65 -1.24
C ARG B 121 -24.04 -4.63 -0.50
N GLY B 122 -24.39 -5.72 -1.18
CA GLY B 122 -25.14 -6.82 -0.56
C GLY B 122 -24.79 -7.05 0.90
N ILE B 123 -23.54 -7.37 1.18
CA ILE B 123 -23.15 -7.57 2.57
C ILE B 123 -22.77 -6.28 3.30
N GLU B 124 -22.29 -5.26 2.60
CA GLU B 124 -22.01 -3.98 3.28
C GLU B 124 -23.23 -3.48 4.04
N GLU B 125 -24.41 -3.64 3.46
CA GLU B 125 -25.59 -3.13 4.10
C GLU B 125 -25.94 -3.98 5.31
N ARG B 126 -25.82 -5.29 5.14
CA ARG B 126 -26.00 -6.27 6.19
C ARG B 126 -25.15 -5.88 7.39
N ILE B 127 -23.86 -5.64 7.15
CA ILE B 127 -22.99 -5.24 8.22
C ILE B 127 -23.55 -4.02 8.95
N GLN B 128 -23.88 -2.96 8.20
CA GLN B 128 -24.42 -1.74 8.82
C GLN B 128 -25.62 -2.06 9.70
N GLU B 129 -26.52 -2.90 9.19
CA GLU B 129 -27.70 -3.28 9.96
C GLU B 129 -27.26 -3.89 11.27
N GLU B 130 -26.36 -4.87 11.19
CA GLU B 130 -25.90 -5.60 12.36
C GLU B 130 -25.09 -4.68 13.23
N ALA B 131 -24.45 -3.67 12.64
CA ALA B 131 -23.72 -2.68 13.41
C ALA B 131 -24.74 -1.87 14.13
N GLY B 132 -25.88 -1.66 13.49
CA GLY B 132 -26.98 -0.93 14.10
C GLY B 132 -27.34 -1.60 15.41
N PHE B 133 -27.75 -2.87 15.30
CA PHE B 133 -28.19 -3.67 16.44
C PHE B 133 -27.22 -3.74 17.61
N LEU B 134 -25.94 -3.61 17.31
CA LEU B 134 -24.91 -3.47 18.34
C LEU B 134 -25.04 -2.13 19.08
N ILE B 135 -25.07 -1.01 18.34
CA ILE B 135 -25.17 0.32 18.98
C ILE B 135 -26.34 0.34 19.94
N ASP B 136 -27.48 -0.12 19.43
CA ASP B 136 -28.66 -0.29 20.24
C ASP B 136 -28.21 -1.06 21.46
N ALA B 137 -27.80 -2.32 21.26
CA ALA B 137 -27.49 -3.18 22.39
C ALA B 137 -26.53 -2.51 23.40
N LEU B 138 -25.76 -1.53 22.94
CA LEU B 138 -24.81 -0.88 23.82
C LEU B 138 -25.38 0.29 24.62
N ARG B 139 -26.36 0.98 24.06
CA ARG B 139 -27.17 1.92 24.86
C ARG B 139 -27.99 1.23 25.96
N GLY B 140 -28.46 0.01 25.66
CA GLY B 140 -29.21 -0.82 26.60
C GLY B 140 -28.43 -1.09 27.88
N THR B 141 -27.10 -1.03 27.79
CA THR B 141 -26.21 -1.04 28.96
C THR B 141 -26.25 0.33 29.63
N GLY B 142 -26.56 1.36 28.84
CA GLY B 142 -26.73 2.70 29.34
C GLY B 142 -25.64 3.09 30.32
N GLY B 143 -24.40 3.07 29.84
CA GLY B 143 -23.26 3.58 30.63
C GLY B 143 -22.56 2.64 31.60
N ALA B 144 -23.17 1.47 31.88
CA ALA B 144 -22.62 0.51 32.83
C ALA B 144 -21.37 -0.21 32.35
N ASN B 145 -20.57 -0.54 33.31
CA ASN B 145 -19.34 -1.26 33.13
C ASN B 145 -19.62 -2.67 32.70
N ILE B 146 -19.01 -3.07 31.60
CA ILE B 146 -19.31 -4.37 30.95
C ILE B 146 -18.11 -5.03 30.27
N ASP B 147 -18.13 -6.36 30.19
CA ASP B 147 -17.14 -7.13 29.40
C ASP B 147 -17.62 -7.28 27.95
N PRO B 148 -16.98 -6.55 27.01
CA PRO B 148 -17.59 -6.45 25.68
C PRO B 148 -17.44 -7.72 24.89
N THR B 149 -16.58 -8.62 25.37
CA THR B 149 -16.28 -9.85 24.66
C THR B 149 -17.43 -10.39 23.81
N PHE B 150 -18.56 -10.68 24.45
CA PHE B 150 -19.69 -11.25 23.75
C PHE B 150 -20.51 -10.24 22.94
N PHE B 151 -20.54 -8.98 23.34
CA PHE B 151 -21.31 -8.00 22.58
C PHE B 151 -20.72 -7.84 21.19
N LEU B 152 -19.39 -7.87 21.15
CA LEU B 152 -18.67 -7.81 19.90
C LEU B 152 -18.84 -9.15 19.21
N SER B 153 -18.27 -10.21 19.77
CA SER B 153 -18.37 -11.53 19.11
C SER B 153 -19.79 -11.91 18.66
N ARG B 154 -20.82 -11.54 19.42
CA ARG B 154 -22.19 -11.79 19.00
C ARG B 154 -22.55 -11.06 17.68
N THR B 155 -22.08 -9.83 17.54
CA THR B 155 -22.36 -8.98 16.40
C THR B 155 -21.63 -9.43 15.18
N VAL B 156 -20.37 -9.80 15.35
CA VAL B 156 -19.54 -10.29 14.24
C VAL B 156 -20.04 -11.63 13.69
N SER B 157 -20.27 -12.57 14.61
CA SER B 157 -20.75 -13.89 14.27
C SER B 157 -22.09 -13.78 13.55
N ASN B 158 -22.71 -12.61 13.60
CA ASN B 158 -23.98 -12.47 12.91
C ASN B 158 -23.87 -12.21 11.41
N VAL B 159 -22.90 -11.39 11.03
CA VAL B 159 -22.56 -11.22 9.62
C VAL B 159 -22.35 -12.58 8.94
N ILE B 160 -21.28 -13.27 9.28
CA ILE B 160 -20.99 -14.60 8.71
C ILE B 160 -22.16 -15.62 8.79
N SER B 161 -22.95 -15.57 9.86
CA SER B 161 -24.13 -16.43 10.00
C SER B 161 -25.30 -16.05 9.06
N SER B 162 -25.52 -14.75 8.89
CA SER B 162 -26.29 -14.22 7.76
C SER B 162 -26.12 -15.09 6.53
N ILE B 163 -24.87 -15.15 6.07
CA ILE B 163 -24.47 -15.85 4.85
C ILE B 163 -24.55 -17.39 4.95
N VAL B 164 -24.01 -17.98 6.00
CA VAL B 164 -23.84 -19.42 5.95
C VAL B 164 -25.09 -20.21 6.32
N PHE B 165 -25.99 -19.53 7.07
CA PHE B 165 -27.25 -20.09 7.56
C PHE B 165 -28.44 -19.28 7.03
N GLY B 166 -28.14 -18.12 6.45
CA GLY B 166 -29.16 -17.33 5.77
C GLY B 166 -30.07 -16.61 6.72
N ASP B 167 -29.69 -16.56 8.00
CA ASP B 167 -30.44 -15.82 9.02
C ASP B 167 -29.56 -15.47 10.22
N ARG B 168 -29.52 -14.20 10.60
CA ARG B 168 -28.85 -13.78 11.86
C ARG B 168 -29.41 -14.47 13.13
N PHE B 169 -28.61 -14.56 14.18
CA PHE B 169 -29.09 -15.04 15.48
C PHE B 169 -29.57 -13.89 16.37
N ASP B 170 -30.58 -14.14 17.20
CA ASP B 170 -31.02 -13.11 18.13
C ASP B 170 -30.06 -12.99 19.28
N TYR B 171 -29.71 -11.75 19.63
CA TYR B 171 -28.77 -11.51 20.75
C TYR B 171 -29.22 -12.25 22.02
N LYS B 172 -30.48 -12.67 22.03
CA LYS B 172 -31.08 -13.31 23.20
C LYS B 172 -31.11 -14.84 23.12
N ASP B 173 -30.46 -15.41 22.08
CA ASP B 173 -30.47 -16.86 21.83
C ASP B 173 -29.42 -17.59 22.70
N LYS B 174 -29.91 -18.47 23.58
CA LYS B 174 -29.05 -19.20 24.53
C LYS B 174 -28.04 -20.10 23.82
N GLU B 175 -28.47 -20.74 22.74
CA GLU B 175 -27.58 -21.52 21.87
C GLU B 175 -26.53 -20.58 21.29
N PHE B 176 -26.97 -19.55 20.57
CA PHE B 176 -26.01 -18.58 20.07
C PHE B 176 -24.94 -18.25 21.14
N LEU B 177 -25.38 -17.89 22.35
CA LEU B 177 -24.43 -17.62 23.44
C LEU B 177 -23.47 -18.77 23.63
N SER B 178 -24.04 -19.95 23.82
CA SER B 178 -23.29 -21.17 23.97
C SER B 178 -22.22 -21.39 22.89
N LEU B 179 -22.58 -21.07 21.64
CA LEU B 179 -21.72 -21.32 20.46
C LEU B 179 -20.51 -20.41 20.45
N LEU B 180 -20.73 -19.12 20.67
CA LEU B 180 -19.66 -18.16 20.84
C LEU B 180 -18.67 -18.62 21.91
N ARG B 181 -19.18 -18.91 23.10
CA ARG B 181 -18.39 -19.47 24.21
C ARG B 181 -17.47 -20.59 23.76
N MET B 182 -17.98 -21.49 22.95
CA MET B 182 -17.14 -22.55 22.43
C MET B 182 -16.00 -22.02 21.57
N MET B 183 -16.29 -21.11 20.65
CA MET B 183 -15.23 -20.60 19.81
C MET B 183 -14.14 -19.93 20.63
N LEU B 184 -14.53 -19.05 21.54
CA LEU B 184 -13.61 -18.50 22.53
C LEU B 184 -12.76 -19.61 23.14
N GLY B 185 -13.42 -20.67 23.62
CA GLY B 185 -12.74 -21.76 24.32
C GLY B 185 -11.63 -22.39 23.52
N ILE B 186 -11.89 -22.57 22.23
CA ILE B 186 -10.92 -23.19 21.35
C ILE B 186 -9.73 -22.26 21.10
N PHE B 187 -10.02 -21.05 20.63
CA PHE B 187 -9.00 -20.02 20.54
C PHE B 187 -8.22 -19.86 21.84
N GLN B 188 -8.93 -19.71 22.92
CA GLN B 188 -8.26 -19.60 24.17
C GLN B 188 -7.40 -20.82 24.35
N PHE B 189 -7.99 -21.99 24.29
CA PHE B 189 -7.21 -23.21 24.43
C PHE B 189 -6.00 -23.35 23.53
N THR B 190 -6.10 -23.00 22.25
CA THR B 190 -4.94 -23.21 21.35
C THR B 190 -3.83 -22.21 21.57
N SER B 191 -4.04 -21.27 22.49
CA SER B 191 -3.11 -20.15 22.68
C SER B 191 -2.46 -20.21 24.06
N THR B 192 -2.84 -21.28 24.77
CA THR B 192 -2.29 -21.57 26.06
C THR B 192 -1.06 -22.42 25.87
N SER B 193 -0.44 -22.75 27.00
CA SER B 193 0.75 -23.54 27.04
C SER B 193 0.49 -24.96 26.52
N THR B 194 -0.51 -25.60 27.11
CA THR B 194 -0.88 -26.97 26.78
C THR B 194 -1.29 -27.09 25.32
N GLY B 195 -1.96 -26.01 24.87
CA GLY B 195 -2.41 -25.83 23.50
C GLY B 195 -1.25 -26.05 22.55
N GLN B 196 -0.11 -25.47 22.91
CA GLN B 196 1.06 -25.64 22.09
C GLN B 196 1.84 -26.90 22.43
N LEU B 197 1.72 -27.36 23.68
CA LEU B 197 2.24 -28.68 24.05
C LEU B 197 1.52 -29.69 23.18
N TYR B 198 0.21 -29.50 23.04
CA TYR B 198 -0.57 -30.40 22.21
C TYR B 198 -0.03 -30.54 20.78
N GLU B 199 0.30 -29.43 20.12
CA GLU B 199 0.89 -29.50 18.79
C GLU B 199 2.11 -30.43 18.70
N MET B 200 2.94 -30.40 19.77
CA MET B 200 4.15 -31.23 19.88
C MET B 200 3.79 -32.71 20.07
N PHE B 201 2.82 -32.96 20.96
CA PHE B 201 2.53 -34.31 21.44
C PHE B 201 1.08 -34.77 21.28
N SER B 202 0.42 -34.30 20.22
CA SER B 202 -1.00 -34.59 20.02
C SER B 202 -1.31 -36.08 19.94
N SER B 203 -0.37 -36.84 19.38
CA SER B 203 -0.53 -38.27 19.16
C SER B 203 -0.39 -39.10 20.42
N VAL B 204 -0.10 -38.44 21.54
CA VAL B 204 -0.10 -39.10 22.82
C VAL B 204 -1.17 -38.39 23.61
N MET B 205 -1.16 -37.06 23.53
CA MET B 205 -1.95 -36.22 24.44
C MET B 205 -3.46 -36.44 24.27
N LYS B 206 -3.88 -36.81 23.06
CA LYS B 206 -5.30 -37.03 22.76
C LYS B 206 -5.86 -38.25 23.47
N HIS B 207 -4.98 -39.18 23.84
CA HIS B 207 -5.36 -40.34 24.66
C HIS B 207 -5.11 -40.15 26.16
N LEU B 208 -4.68 -38.95 26.55
CA LEU B 208 -4.58 -38.61 27.97
C LEU B 208 -5.62 -37.53 28.23
N PRO B 209 -5.85 -37.18 29.52
CA PRO B 209 -6.79 -36.11 29.86
C PRO B 209 -6.11 -34.77 30.19
N GLY B 210 -6.89 -33.75 30.49
CA GLY B 210 -6.37 -32.39 30.66
C GLY B 210 -7.25 -31.45 29.87
N PRO B 211 -6.83 -30.18 29.71
CA PRO B 211 -7.54 -29.17 28.93
C PRO B 211 -7.91 -29.64 27.53
N GLN B 212 -6.99 -30.37 26.88
CA GLN B 212 -7.21 -30.77 25.52
C GLN B 212 -8.42 -31.66 25.33
N GLN B 213 -9.02 -32.13 26.42
CA GLN B 213 -10.24 -32.91 26.26
C GLN B 213 -11.39 -31.96 26.16
N GLN B 214 -11.60 -31.15 27.19
CA GLN B 214 -12.52 -30.03 27.14
C GLN B 214 -12.49 -29.39 25.75
N ALA B 215 -11.30 -29.09 25.25
CA ALA B 215 -11.15 -28.60 23.89
C ALA B 215 -11.95 -29.44 22.90
N PHE B 216 -11.63 -30.74 22.82
CA PHE B 216 -12.26 -31.61 21.82
C PHE B 216 -13.78 -31.62 21.88
N GLN B 217 -14.31 -31.43 23.07
CA GLN B 217 -15.75 -31.31 23.25
C GLN B 217 -16.30 -30.02 22.67
N LEU B 218 -15.54 -28.94 22.74
CA LEU B 218 -16.10 -27.71 22.20
C LEU B 218 -16.20 -27.80 20.68
N LEU B 219 -15.24 -28.48 20.08
CA LEU B 219 -15.28 -28.69 18.65
C LEU B 219 -16.37 -29.69 18.25
N GLN B 220 -16.56 -30.74 19.06
CA GLN B 220 -17.63 -31.72 18.83
C GLN B 220 -18.99 -31.03 18.81
N GLY B 221 -19.22 -30.20 19.81
CA GLY B 221 -20.44 -29.38 19.89
C GLY B 221 -20.58 -28.33 18.80
N LEU B 222 -19.47 -27.87 18.24
CA LEU B 222 -19.60 -26.98 17.11
C LEU B 222 -20.01 -27.77 15.87
N GLU B 223 -19.37 -28.91 15.62
CA GLU B 223 -19.75 -29.74 14.48
C GLU B 223 -21.14 -30.33 14.65
N ASP B 224 -21.49 -30.72 15.89
CA ASP B 224 -22.82 -31.31 16.09
C ASP B 224 -23.86 -30.28 15.77
N PHE B 225 -23.57 -29.01 16.10
CA PHE B 225 -24.44 -27.90 15.77
C PHE B 225 -24.55 -27.73 14.28
N ILE B 226 -23.40 -27.53 13.63
CA ILE B 226 -23.37 -27.31 12.19
C ILE B 226 -24.15 -28.41 11.48
N ALA B 227 -23.84 -29.66 11.82
CA ALA B 227 -24.50 -30.79 11.15
C ALA B 227 -26.00 -30.79 11.38
N LYS B 228 -26.45 -30.46 12.60
CA LYS B 228 -27.88 -30.31 12.86
C LYS B 228 -28.46 -29.21 11.92
N LYS B 229 -27.84 -28.02 11.92
CA LYS B 229 -28.23 -26.95 11.02
C LYS B 229 -28.09 -27.28 9.54
N VAL B 230 -27.23 -28.24 9.19
CA VAL B 230 -27.08 -28.60 7.79
C VAL B 230 -28.24 -29.45 7.39
N GLU B 231 -28.55 -30.42 8.24
CA GLU B 231 -29.57 -31.40 7.99
C GLU B 231 -30.97 -30.79 7.93
N HIS B 232 -31.17 -29.63 8.56
CA HIS B 232 -32.44 -28.90 8.44
C HIS B 232 -32.62 -28.32 7.04
N ASN B 233 -31.53 -27.88 6.43
CA ASN B 233 -31.56 -27.36 5.07
C ASN B 233 -31.82 -28.47 4.06
N GLN B 234 -31.09 -29.58 4.21
CA GLN B 234 -31.38 -30.85 3.51
C GLN B 234 -32.87 -31.09 3.47
N ARG B 235 -33.47 -31.21 4.66
CA ARG B 235 -34.88 -31.56 4.78
C ARG B 235 -35.84 -30.51 4.17
N THR B 236 -35.40 -29.26 4.01
CA THR B 236 -36.30 -28.21 3.52
C THR B 236 -35.76 -27.49 2.30
N LEU B 237 -35.08 -28.19 1.41
CA LEU B 237 -34.30 -27.49 0.38
C LEU B 237 -35.08 -27.15 -0.90
N ASP B 238 -34.91 -25.92 -1.40
CA ASP B 238 -35.46 -25.61 -2.72
C ASP B 238 -34.30 -25.61 -3.72
N PRO B 239 -34.08 -26.72 -4.40
CA PRO B 239 -33.00 -26.82 -5.40
C PRO B 239 -32.99 -25.67 -6.41
N ASN B 240 -34.05 -24.85 -6.40
CA ASN B 240 -34.15 -23.73 -7.36
C ASN B 240 -33.85 -22.33 -6.77
N SER B 241 -33.79 -22.27 -5.44
CA SER B 241 -33.54 -21.06 -4.65
C SER B 241 -32.80 -21.40 -3.35
N PRO B 242 -31.48 -21.20 -3.34
CA PRO B 242 -30.69 -21.40 -2.15
C PRO B 242 -30.91 -20.21 -1.22
N ARG B 243 -31.00 -20.46 0.08
CA ARG B 243 -31.20 -19.38 1.07
C ARG B 243 -29.85 -18.96 1.65
N ASP B 244 -28.92 -19.89 1.62
CA ASP B 244 -27.69 -19.78 2.35
C ASP B 244 -26.58 -20.53 1.65
N PHE B 245 -25.35 -20.29 2.11
CA PHE B 245 -24.18 -20.99 1.63
C PHE B 245 -24.41 -22.52 1.64
N ILE B 246 -24.89 -23.06 2.76
CA ILE B 246 -25.06 -24.51 2.90
C ILE B 246 -25.93 -25.06 1.76
N ASP B 247 -26.92 -24.28 1.37
CA ASP B 247 -27.80 -24.61 0.26
C ASP B 247 -27.01 -24.70 -1.02
N SER B 248 -26.37 -23.58 -1.38
CA SER B 248 -25.59 -23.51 -2.59
C SER B 248 -24.74 -24.76 -2.70
N PHE B 249 -24.09 -25.14 -1.60
CA PHE B 249 -23.29 -26.36 -1.57
C PHE B 249 -24.17 -27.59 -1.86
N LEU B 250 -25.27 -27.72 -1.13
CA LEU B 250 -26.13 -28.89 -1.20
C LEU B 250 -26.63 -29.19 -2.60
N ILE B 251 -26.82 -28.10 -3.35
CA ILE B 251 -27.22 -28.13 -4.76
C ILE B 251 -26.10 -28.75 -5.61
N ARG B 252 -24.88 -28.28 -5.37
CA ARG B 252 -23.72 -28.76 -6.08
C ARG B 252 -23.53 -30.23 -5.75
N MET B 253 -23.60 -30.54 -4.47
CA MET B 253 -23.50 -31.91 -4.01
C MET B 253 -24.31 -32.86 -4.89
N GLN B 254 -25.47 -32.40 -5.32
CA GLN B 254 -26.44 -33.28 -5.98
C GLN B 254 -26.11 -33.52 -7.44
N GLU B 255 -25.51 -32.51 -8.06
CA GLU B 255 -25.14 -32.56 -9.47
C GLU B 255 -23.92 -33.45 -9.66
N GLU B 256 -23.00 -33.35 -8.70
CA GLU B 256 -21.77 -34.11 -8.68
C GLU B 256 -22.01 -35.55 -8.24
N GLU B 257 -23.21 -35.79 -7.69
CA GLU B 257 -23.60 -37.09 -7.13
C GLU B 257 -23.08 -38.27 -7.98
N LYS B 258 -23.22 -38.15 -9.30
CA LYS B 258 -22.71 -39.16 -10.25
C LYS B 258 -21.19 -39.34 -10.20
N ASN B 259 -20.46 -38.26 -10.48
CA ASN B 259 -18.98 -38.17 -10.46
C ASN B 259 -18.29 -38.60 -9.16
N PRO B 260 -17.45 -39.65 -9.20
CA PRO B 260 -16.84 -40.18 -7.95
C PRO B 260 -15.53 -39.48 -7.51
N ASN B 261 -15.05 -38.55 -8.34
CA ASN B 261 -13.93 -37.66 -8.02
C ASN B 261 -14.44 -36.31 -7.48
N THR B 262 -15.68 -36.30 -6.99
CA THR B 262 -16.23 -35.05 -6.47
C THR B 262 -15.69 -34.76 -5.10
N GLU B 263 -15.49 -33.47 -4.86
CA GLU B 263 -15.04 -33.00 -3.57
C GLU B 263 -16.18 -32.33 -2.82
N PHE B 264 -17.40 -32.50 -3.34
CA PHE B 264 -18.57 -31.89 -2.72
C PHE B 264 -19.53 -32.92 -2.11
N TYR B 265 -19.05 -33.68 -1.13
CA TYR B 265 -19.89 -34.60 -0.39
C TYR B 265 -20.26 -33.95 0.94
N LEU B 266 -20.81 -34.73 1.84
CA LEU B 266 -21.37 -34.17 3.07
C LEU B 266 -20.33 -33.71 4.07
N LYS B 267 -19.28 -34.51 4.26
CA LYS B 267 -18.26 -34.21 5.26
C LYS B 267 -17.63 -32.88 4.92
N ASN B 268 -17.24 -32.72 3.65
CA ASN B 268 -16.70 -31.44 3.22
C ASN B 268 -17.70 -30.32 3.45
N LEU B 269 -18.99 -30.61 3.44
CA LEU B 269 -19.99 -29.57 3.67
C LEU B 269 -20.07 -29.06 5.11
N VAL B 270 -20.13 -29.99 6.06
CA VAL B 270 -20.12 -29.65 7.48
C VAL B 270 -18.90 -28.77 7.77
N MET B 271 -17.74 -29.29 7.39
CA MET B 271 -16.43 -28.76 7.71
C MET B 271 -16.09 -27.43 7.07
N THR B 272 -16.48 -27.23 5.81
CA THR B 272 -16.28 -25.95 5.17
C THR B 272 -17.07 -24.87 5.93
N THR B 273 -18.23 -25.27 6.45
CA THR B 273 -19.12 -24.32 7.08
C THR B 273 -18.62 -24.02 8.47
N LEU B 274 -18.03 -25.01 9.11
CA LEU B 274 -17.47 -24.83 10.43
C LEU B 274 -16.32 -23.86 10.28
N ASN B 275 -15.37 -24.19 9.41
CA ASN B 275 -14.28 -23.29 9.02
C ASN B 275 -14.75 -21.86 8.94
N LEU B 276 -15.80 -21.66 8.16
CA LEU B 276 -16.33 -20.35 7.91
C LEU B 276 -16.97 -19.82 9.15
N PHE B 277 -17.65 -20.69 9.91
CA PHE B 277 -18.33 -20.22 11.11
C PHE B 277 -17.35 -19.68 12.14
N ILE B 278 -16.32 -20.49 12.43
CA ILE B 278 -15.32 -20.16 13.40
C ILE B 278 -14.42 -19.03 12.89
N GLY B 279 -13.95 -19.18 11.66
CA GLY B 279 -13.01 -18.24 11.07
C GLY B 279 -13.61 -16.88 10.82
N GLY B 280 -14.93 -16.83 10.65
CA GLY B 280 -15.57 -15.57 10.40
C GLY B 280 -15.82 -14.77 11.65
N THR B 281 -15.81 -15.43 12.80
CA THR B 281 -16.21 -14.77 14.04
C THR B 281 -15.05 -14.46 14.97
N GLU B 282 -14.32 -15.50 15.36
CA GLU B 282 -13.27 -15.36 16.37
C GLU B 282 -12.20 -14.35 15.98
N THR B 283 -11.63 -14.52 14.80
CA THR B 283 -10.52 -13.70 14.36
C THR B 283 -10.91 -12.25 14.43
N VAL B 284 -12.10 -11.91 13.95
CA VAL B 284 -12.48 -10.50 13.90
C VAL B 284 -12.90 -10.00 15.26
N SER B 285 -13.81 -10.73 15.87
CA SER B 285 -14.25 -10.44 17.21
C SER B 285 -13.07 -10.15 18.17
N THR B 286 -11.99 -10.89 17.98
CA THR B 286 -10.80 -10.76 18.81
C THR B 286 -10.05 -9.47 18.50
N THR B 287 -10.04 -9.08 17.23
CA THR B 287 -9.34 -7.87 16.83
C THR B 287 -10.05 -6.66 17.42
N LEU B 288 -11.37 -6.63 17.23
CA LEU B 288 -12.20 -5.59 17.77
C LEU B 288 -11.89 -5.50 19.23
N ARG B 289 -12.08 -6.63 19.91
CA ARG B 289 -11.93 -6.70 21.35
C ARG B 289 -10.58 -6.17 21.86
N TYR B 290 -9.54 -6.35 21.08
CA TYR B 290 -8.26 -5.76 21.38
C TYR B 290 -8.28 -4.25 21.12
N GLY B 291 -8.90 -3.82 20.01
CA GLY B 291 -8.79 -2.42 19.59
C GLY B 291 -9.33 -1.42 20.62
N PHE B 292 -10.48 -1.74 21.19
CA PHE B 292 -11.09 -0.83 22.11
C PHE B 292 -10.20 -0.80 23.30
N LEU B 293 -9.73 -1.98 23.72
CA LEU B 293 -8.73 -2.03 24.77
C LEU B 293 -7.58 -1.11 24.41
N LEU B 294 -7.15 -1.18 23.18
CA LEU B 294 -6.01 -0.36 22.82
C LEU B 294 -6.37 1.13 22.82
N LEU B 295 -7.54 1.48 22.28
CA LEU B 295 -7.90 2.89 22.12
C LEU B 295 -8.04 3.58 23.46
N MET B 296 -8.53 2.86 24.47
CA MET B 296 -8.64 3.40 25.82
C MET B 296 -7.26 3.73 26.38
N LYS B 297 -6.25 2.96 25.98
CA LYS B 297 -4.89 3.17 26.45
C LYS B 297 -4.29 4.42 25.80
N HIS B 298 -4.81 4.82 24.64
CA HIS B 298 -4.29 6.01 23.97
C HIS B 298 -5.39 7.00 23.62
N PRO B 299 -5.82 7.81 24.61
CA PRO B 299 -6.78 8.86 24.29
C PRO B 299 -6.24 9.79 23.19
N GLU B 300 -4.95 10.14 23.24
CA GLU B 300 -4.31 10.82 22.10
C GLU B 300 -4.87 10.26 20.81
N VAL B 301 -4.98 8.93 20.71
CA VAL B 301 -5.47 8.32 19.49
C VAL B 301 -7.00 8.30 19.47
N GLU B 302 -7.62 7.97 20.60
CA GLU B 302 -9.08 7.99 20.68
C GLU B 302 -9.68 9.31 20.17
N ALA B 303 -9.18 10.44 20.68
CA ALA B 303 -9.57 11.79 20.24
C ALA B 303 -9.55 12.04 18.72
N LYS B 304 -8.35 11.94 18.12
CA LYS B 304 -8.16 12.13 16.69
C LYS B 304 -9.12 11.29 15.84
N VAL B 305 -9.42 10.08 16.30
CA VAL B 305 -10.31 9.16 15.59
C VAL B 305 -11.67 9.78 15.52
N HIS B 306 -12.12 10.26 16.69
CA HIS B 306 -13.40 10.96 16.85
C HIS B 306 -13.48 12.14 15.90
N GLU B 307 -12.51 13.06 16.04
CA GLU B 307 -12.33 14.17 15.10
C GLU B 307 -12.55 13.72 13.66
N GLU B 308 -11.75 12.80 13.16
CA GLU B 308 -11.88 12.39 11.78
C GLU B 308 -13.26 11.87 11.44
N ILE B 309 -13.97 11.28 12.41
CA ILE B 309 -15.34 10.84 12.16
C ILE B 309 -16.31 12.02 12.11
N ASP B 310 -16.34 12.80 13.20
CA ASP B 310 -17.14 14.03 13.28
C ASP B 310 -17.06 14.82 11.98
N ARG B 311 -15.84 15.20 11.59
CA ARG B 311 -15.64 15.94 10.35
C ARG B 311 -16.14 15.20 9.12
N VAL B 312 -15.69 13.97 8.90
CA VAL B 312 -15.98 13.27 7.64
C VAL B 312 -17.38 12.67 7.54
N ILE B 313 -17.98 12.26 8.65
CA ILE B 313 -19.31 11.64 8.64
C ILE B 313 -20.35 12.41 9.45
N GLY B 314 -19.94 12.92 10.61
CA GLY B 314 -20.84 13.56 11.54
C GLY B 314 -21.69 12.54 12.29
N LYS B 315 -22.37 12.99 13.34
CA LYS B 315 -23.22 12.11 14.14
C LYS B 315 -24.57 11.90 13.47
N ASN B 316 -24.69 12.29 12.20
CA ASN B 316 -25.95 12.18 11.48
C ASN B 316 -26.21 10.79 10.91
N ARG B 317 -25.55 10.50 9.79
CA ARG B 317 -25.73 9.24 9.09
C ARG B 317 -24.79 8.16 9.56
N GLN B 318 -25.25 6.92 9.50
CA GLN B 318 -24.38 5.79 9.82
C GLN B 318 -23.34 5.68 8.70
N PRO B 319 -22.12 5.23 9.04
CA PRO B 319 -20.98 5.22 8.12
C PRO B 319 -21.02 4.10 7.09
N LYS B 320 -20.32 4.31 5.98
CA LYS B 320 -20.28 3.37 4.85
C LYS B 320 -18.85 3.19 4.37
N PHE B 321 -18.58 2.02 3.77
CA PHE B 321 -17.20 1.66 3.43
C PHE B 321 -16.46 2.72 2.62
N GLU B 322 -17.20 3.41 1.76
CA GLU B 322 -16.67 4.49 0.91
C GLU B 322 -15.93 5.54 1.73
N ASP B 323 -16.40 5.76 2.96
CA ASP B 323 -15.81 6.72 3.88
C ASP B 323 -14.32 6.46 4.15
N ARG B 324 -13.95 5.19 4.29
CA ARG B 324 -12.58 4.82 4.58
C ARG B 324 -11.59 5.56 3.68
N ALA B 325 -11.91 5.64 2.39
CA ALA B 325 -11.05 6.29 1.41
C ALA B 325 -10.92 7.80 1.64
N LYS B 326 -11.79 8.35 2.50
CA LYS B 326 -11.72 9.77 2.89
C LYS B 326 -11.22 9.94 4.32
N MET B 327 -10.72 8.85 4.90
CA MET B 327 -10.28 8.80 6.31
C MET B 327 -8.94 8.07 6.50
N PRO B 328 -7.83 8.75 6.22
CA PRO B 328 -6.55 8.06 6.40
C PRO B 328 -6.35 7.63 7.86
N TYR B 329 -6.64 8.51 8.80
CA TYR B 329 -6.36 8.24 10.20
C TYR B 329 -7.01 6.96 10.73
N MET B 330 -8.26 6.73 10.39
CA MET B 330 -8.98 5.54 10.83
C MET B 330 -8.46 4.24 10.17
N GLU B 331 -8.35 4.20 8.85
CA GLU B 331 -7.58 3.15 8.19
C GLU B 331 -6.30 2.80 8.94
N ALA B 332 -5.52 3.82 9.27
CA ALA B 332 -4.26 3.65 9.97
C ALA B 332 -4.42 3.11 11.39
N VAL B 333 -5.50 3.48 12.09
CA VAL B 333 -5.67 3.02 13.48
C VAL B 333 -6.07 1.56 13.43
N ILE B 334 -7.01 1.24 12.55
CA ILE B 334 -7.39 -0.14 12.30
C ILE B 334 -6.22 -0.98 11.83
N HIS B 335 -5.38 -0.41 10.98
CA HIS B 335 -4.27 -1.20 10.50
C HIS B 335 -3.38 -1.51 11.66
N GLU B 336 -3.05 -0.45 12.42
CA GLU B 336 -2.12 -0.51 13.52
C GLU B 336 -2.59 -1.46 14.60
N ILE B 337 -3.89 -1.52 14.81
CA ILE B 337 -4.50 -2.56 15.66
C ILE B 337 -4.26 -3.96 15.11
N GLN B 338 -4.51 -4.16 13.83
CA GLN B 338 -4.24 -5.48 13.22
C GLN B 338 -2.77 -5.83 13.26
N ARG B 339 -1.90 -4.82 13.20
CA ARG B 339 -0.46 -5.05 13.30
C ARG B 339 -0.08 -5.30 14.71
N PHE B 340 -0.37 -4.36 15.60
CA PHE B 340 0.04 -4.54 16.98
C PHE B 340 -0.64 -5.79 17.57
N GLY B 341 -1.94 -5.96 17.30
CA GLY B 341 -2.73 -7.11 17.74
C GLY B 341 -2.11 -8.45 17.40
N ASP B 342 -1.73 -8.62 16.14
CA ASP B 342 -1.11 -9.85 15.68
C ASP B 342 -1.88 -11.15 16.01
N VAL B 343 -3.16 -11.17 15.65
CA VAL B 343 -4.07 -12.18 16.12
C VAL B 343 -3.67 -13.66 15.86
N ILE B 344 -3.30 -13.98 14.63
CA ILE B 344 -2.72 -15.27 14.29
C ILE B 344 -1.23 -15.10 14.11
N PRO B 345 -0.46 -15.09 15.19
CA PRO B 345 0.98 -14.69 15.06
C PRO B 345 1.92 -15.61 14.21
N MET B 346 1.54 -16.89 14.05
CA MET B 346 2.37 -17.86 13.33
C MET B 346 1.69 -18.37 12.11
N SER B 347 0.59 -17.69 11.74
CA SER B 347 -0.22 -18.05 10.58
C SER B 347 -0.81 -19.43 10.81
N LEU B 348 -1.53 -19.94 9.83
CA LEU B 348 -1.81 -21.37 9.76
C LEU B 348 -0.68 -22.02 8.94
N ALA B 349 -0.16 -23.12 9.51
CA ALA B 349 0.90 -23.90 8.91
C ALA B 349 0.64 -24.22 7.44
N ARG B 350 1.69 -24.01 6.65
CA ARG B 350 1.71 -24.33 5.24
C ARG B 350 2.61 -25.53 5.07
N ARG B 351 2.62 -26.05 3.85
CA ARG B 351 3.35 -27.27 3.56
C ARG B 351 3.90 -27.14 2.16
N VAL B 352 5.13 -27.64 1.97
CA VAL B 352 5.78 -27.59 0.65
C VAL B 352 5.30 -28.74 -0.21
N LYS B 353 4.76 -28.42 -1.38
CA LYS B 353 4.01 -29.40 -2.16
C LYS B 353 4.88 -30.49 -2.81
N LYS B 354 6.14 -30.15 -3.03
CA LYS B 354 7.10 -31.03 -3.68
C LYS B 354 8.48 -30.61 -3.20
N ASP B 355 9.47 -31.47 -3.41
CA ASP B 355 10.87 -31.15 -3.18
C ASP B 355 11.18 -29.70 -3.65
N THR B 356 11.66 -28.86 -2.73
CA THR B 356 11.81 -27.44 -3.05
C THR B 356 13.18 -26.89 -2.67
N LYS B 357 13.73 -26.06 -3.56
CA LYS B 357 15.01 -25.39 -3.35
C LYS B 357 14.77 -23.92 -2.94
N PHE B 358 14.89 -23.67 -1.64
CA PHE B 358 14.66 -22.34 -1.11
C PHE B 358 15.97 -21.65 -0.72
N ARG B 359 16.25 -20.54 -1.38
CA ARG B 359 17.47 -19.78 -1.14
C ARG B 359 18.69 -20.66 -1.38
N ASP B 360 19.21 -21.21 -0.30
CA ASP B 360 20.32 -22.16 -0.38
C ASP B 360 19.97 -23.47 0.35
N PHE B 361 18.69 -23.77 0.46
CA PHE B 361 18.24 -24.92 1.23
C PHE B 361 17.44 -25.86 0.38
N PHE B 362 17.25 -27.07 0.90
CA PHE B 362 16.39 -28.00 0.23
C PHE B 362 15.35 -28.36 1.23
N LEU B 363 14.09 -28.31 0.81
CA LEU B 363 12.94 -28.72 1.63
C LEU B 363 12.25 -29.85 0.92
N PRO B 364 12.12 -31.01 1.56
CA PRO B 364 11.52 -32.19 0.92
C PRO B 364 10.03 -32.02 0.65
N LYS B 365 9.42 -33.03 0.03
CA LYS B 365 8.00 -32.98 -0.29
C LYS B 365 7.31 -33.10 1.05
N GLY B 366 6.24 -32.33 1.25
CA GLY B 366 5.40 -32.41 2.44
C GLY B 366 5.93 -31.85 3.75
N THR B 367 7.03 -31.15 3.76
CA THR B 367 7.53 -30.68 5.03
C THR B 367 6.88 -29.36 5.46
N GLU B 368 6.65 -29.20 6.75
CA GLU B 368 5.82 -28.11 7.32
C GLU B 368 6.51 -26.72 7.42
N VAL B 369 5.73 -25.66 7.23
CA VAL B 369 6.28 -24.31 7.24
C VAL B 369 5.45 -23.45 8.18
N TYR B 370 6.09 -22.97 9.24
CA TYR B 370 5.51 -21.90 10.06
C TYR B 370 5.96 -20.55 9.49
N PRO B 371 5.05 -19.81 8.82
CA PRO B 371 5.37 -18.41 8.44
C PRO B 371 5.08 -17.41 9.58
N MET B 372 6.10 -17.02 10.32
CA MET B 372 5.88 -16.11 11.47
C MET B 372 5.39 -14.79 10.94
N LEU B 373 4.10 -14.54 11.02
CA LEU B 373 3.61 -13.34 10.41
C LEU B 373 3.87 -12.23 11.41
N GLY B 374 3.78 -12.59 12.68
CA GLY B 374 3.93 -11.64 13.72
C GLY B 374 5.23 -10.90 13.58
N SER B 375 6.19 -11.59 12.95
CA SER B 375 7.57 -11.13 12.89
C SER B 375 7.76 -10.21 11.70
N VAL B 376 6.83 -10.26 10.76
CA VAL B 376 6.77 -9.32 9.66
C VAL B 376 6.14 -8.04 10.19
N LEU B 377 4.94 -8.19 10.72
CA LEU B 377 4.22 -7.14 11.34
C LEU B 377 5.13 -6.41 12.30
N ARG B 378 6.12 -7.11 12.83
CA ARG B 378 7.08 -6.47 13.72
C ARG B 378 8.49 -6.38 13.15
N ASP B 379 8.64 -6.46 11.84
CA ASP B 379 9.93 -6.25 11.20
C ASP B 379 10.33 -4.74 11.30
N PRO B 380 11.38 -4.40 12.08
CA PRO B 380 11.71 -2.98 12.27
C PRO B 380 12.14 -2.30 10.99
N SER B 381 12.64 -3.06 10.03
CA SER B 381 12.91 -2.52 8.70
C SER B 381 11.64 -1.96 8.01
N PHE B 382 10.48 -2.11 8.65
CA PHE B 382 9.22 -1.63 8.10
C PHE B 382 8.40 -0.82 9.10
N PHE B 383 8.70 -0.98 10.38
CA PHE B 383 7.96 -0.32 11.44
C PHE B 383 8.89 0.07 12.53
N SER B 384 9.37 1.30 12.47
CA SER B 384 10.22 1.78 13.49
C SER B 384 9.45 1.58 14.71
N ASN B 385 10.04 0.93 15.65
CA ASN B 385 9.38 0.74 16.90
C ASN B 385 8.16 -0.16 16.85
N PRO B 386 8.40 -1.37 16.42
CA PRO B 386 7.41 -2.39 16.17
C PRO B 386 6.63 -2.65 17.42
N GLN B 387 7.29 -2.54 18.57
CA GLN B 387 6.70 -2.90 19.86
C GLN B 387 5.68 -1.90 20.35
N ASP B 388 5.77 -0.69 19.81
CA ASP B 388 4.86 0.37 20.14
C ASP B 388 3.61 0.28 19.32
N PHE B 389 2.48 0.51 19.95
CA PHE B 389 1.26 0.74 19.21
C PHE B 389 1.23 2.22 18.86
N ASN B 390 1.39 2.52 17.57
CA ASN B 390 1.31 3.90 17.11
C ASN B 390 0.96 4.01 15.61
N PRO B 391 -0.27 4.50 15.33
CA PRO B 391 -0.86 4.66 13.99
C PRO B 391 0.07 5.34 13.00
N GLN B 392 1.04 6.13 13.47
CA GLN B 392 2.05 6.68 12.57
C GLN B 392 2.62 5.60 11.67
N HIS B 393 2.83 4.40 12.21
CA HIS B 393 3.38 3.30 11.41
C HIS B 393 2.72 3.21 10.04
N PHE B 394 1.45 3.62 9.97
CA PHE B 394 0.66 3.59 8.75
C PHE B 394 0.17 4.95 8.29
N LEU B 395 1.03 5.95 8.46
CA LEU B 395 0.74 7.35 8.16
C LEU B 395 2.01 8.01 7.67
N ASN B 396 1.90 9.06 6.88
CA ASN B 396 3.07 9.90 6.61
C ASN B 396 3.03 11.27 7.29
N GLU B 397 4.10 12.04 7.07
CA GLU B 397 4.24 13.44 7.49
C GLU B 397 3.03 14.32 7.22
N LYS B 398 2.51 14.27 5.99
CA LYS B 398 1.36 15.07 5.60
C LYS B 398 0.07 14.39 6.05
N GLY B 399 0.20 13.54 7.06
CA GLY B 399 -0.90 12.77 7.60
C GLY B 399 -1.82 11.98 6.72
N GLN B 400 -1.32 11.28 5.72
CA GLN B 400 -2.20 10.44 4.93
C GLN B 400 -1.81 8.96 4.94
N PHE B 401 -2.62 8.11 4.35
CA PHE B 401 -2.41 6.66 4.56
C PHE B 401 -1.30 6.03 3.73
N LYS B 402 -0.34 5.44 4.43
CA LYS B 402 0.85 4.83 3.88
C LYS B 402 0.78 3.30 3.96
N LYS B 403 0.83 2.64 2.80
CA LYS B 403 0.83 1.16 2.73
C LYS B 403 2.03 0.56 3.44
N SER B 404 1.99 -0.75 3.64
CA SER B 404 3.17 -1.46 4.07
C SER B 404 3.16 -2.84 3.48
N ASP B 405 4.30 -3.24 2.92
CA ASP B 405 4.41 -4.56 2.34
C ASP B 405 4.51 -5.60 3.44
N ALA B 406 4.77 -5.11 4.65
CA ALA B 406 4.84 -5.95 5.85
C ALA B 406 3.49 -6.05 6.56
N PHE B 407 2.47 -5.43 5.99
CA PHE B 407 1.14 -5.53 6.59
C PHE B 407 0.49 -6.83 6.18
N VAL B 408 0.80 -7.90 6.90
CA VAL B 408 0.32 -9.23 6.48
C VAL B 408 -0.56 -9.96 7.53
N PRO B 409 -1.55 -9.27 8.14
CA PRO B 409 -2.24 -9.95 9.20
C PRO B 409 -3.07 -11.07 8.64
N PHE B 410 -3.42 -11.00 7.36
CA PHE B 410 -4.20 -12.02 6.66
C PHE B 410 -3.31 -12.98 5.85
N SER B 411 -2.01 -12.90 6.09
CA SER B 411 -1.04 -13.73 5.41
C SER B 411 -0.90 -13.28 3.96
N ILE B 412 -0.29 -14.13 3.14
CA ILE B 412 -0.10 -13.84 1.74
C ILE B 412 0.05 -15.12 0.94
N GLY B 413 -0.15 -15.04 -0.36
CA GLY B 413 0.12 -16.20 -1.20
C GLY B 413 -1.12 -16.99 -1.55
N LYS B 414 -0.91 -18.25 -1.93
CA LYS B 414 -1.99 -19.01 -2.57
C LYS B 414 -3.10 -19.48 -1.66
N ARG B 415 -2.86 -19.58 -0.37
CA ARG B 415 -3.92 -20.00 0.52
C ARG B 415 -4.01 -18.93 1.58
N ASN B 416 -4.06 -17.66 1.17
CA ASN B 416 -4.17 -16.59 2.12
C ASN B 416 -5.62 -16.45 2.44
N CYS B 417 -5.90 -15.93 3.63
CA CYS B 417 -7.27 -15.84 4.13
C CYS B 417 -8.19 -15.11 3.13
N PHE B 418 -9.00 -15.88 2.42
CA PHE B 418 -10.03 -15.32 1.53
C PHE B 418 -11.23 -14.62 2.22
N GLY B 419 -11.21 -14.50 3.54
CA GLY B 419 -12.26 -13.77 4.23
C GLY B 419 -11.88 -12.32 4.51
N GLU B 420 -10.72 -11.94 3.97
CA GLU B 420 -10.10 -10.65 4.19
C GLU B 420 -11.03 -9.52 3.77
N GLY B 421 -11.71 -9.73 2.63
CA GLY B 421 -12.67 -8.78 2.08
C GLY B 421 -13.66 -8.48 3.19
N LEU B 422 -14.53 -9.45 3.46
CA LEU B 422 -15.46 -9.41 4.59
C LEU B 422 -14.88 -8.77 5.85
N ALA B 423 -13.68 -9.18 6.22
CA ALA B 423 -13.10 -8.77 7.48
C ALA B 423 -12.88 -7.26 7.47
N ARG B 424 -12.17 -6.77 6.46
CA ARG B 424 -11.91 -5.34 6.29
C ARG B 424 -13.20 -4.52 6.46
N MET B 425 -14.28 -4.97 5.81
CA MET B 425 -15.53 -4.23 5.85
C MET B 425 -15.98 -4.29 7.25
N GLU B 426 -16.03 -5.50 7.83
CA GLU B 426 -16.54 -5.69 9.20
C GLU B 426 -15.82 -4.75 10.13
N LEU B 427 -14.50 -4.68 9.97
CA LEU B 427 -13.68 -3.89 10.86
C LEU B 427 -13.94 -2.41 10.70
N PHE B 428 -13.80 -1.89 9.48
CA PHE B 428 -14.00 -0.45 9.30
C PHE B 428 -15.35 0.02 9.80
N LEU B 429 -16.36 -0.81 9.56
CA LEU B 429 -17.72 -0.42 9.87
C LEU B 429 -17.95 -0.37 11.38
N PHE B 430 -17.78 -1.51 12.04
CA PHE B 430 -17.97 -1.62 13.48
C PHE B 430 -17.08 -0.67 14.27
N PHE B 431 -15.81 -0.57 13.89
CA PHE B 431 -14.91 0.29 14.62
C PHE B 431 -15.43 1.68 14.48
N THR B 432 -15.56 2.18 13.25
CA THR B 432 -16.04 3.55 13.04
C THR B 432 -17.41 3.84 13.65
N THR B 433 -18.33 2.87 13.57
CA THR B 433 -19.69 3.12 14.03
C THR B 433 -19.74 3.27 15.52
N VAL B 434 -19.09 2.36 16.23
CA VAL B 434 -19.09 2.36 17.70
C VAL B 434 -18.38 3.61 18.24
N MET B 435 -17.43 4.11 17.47
CA MET B 435 -16.66 5.31 17.83
C MET B 435 -17.48 6.58 17.70
N GLN B 436 -18.32 6.61 16.66
CA GLN B 436 -19.17 7.73 16.38
C GLN B 436 -20.34 7.81 17.38
N ASN B 437 -20.64 6.71 18.05
CA ASN B 437 -21.73 6.75 18.98
C ASN B 437 -21.34 6.84 20.43
N PHE B 438 -20.08 6.57 20.72
CA PHE B 438 -19.65 6.59 22.10
C PHE B 438 -18.28 7.22 22.30
N ARG B 439 -18.07 7.71 23.52
CA ARG B 439 -16.73 7.87 24.06
C ARG B 439 -16.47 6.57 24.82
N LEU B 440 -15.20 6.19 24.95
CA LEU B 440 -14.86 5.01 25.71
C LEU B 440 -14.08 5.44 26.96
N LYS B 441 -14.62 5.09 28.12
CA LYS B 441 -13.89 5.25 29.37
C LYS B 441 -13.77 3.90 30.06
N SER B 442 -12.58 3.64 30.57
CA SER B 442 -12.20 2.36 31.11
C SER B 442 -12.51 2.21 32.58
N SER B 443 -12.63 0.97 33.01
CA SER B 443 -12.81 0.69 34.41
C SER B 443 -11.63 1.26 35.19
N GLN B 444 -10.40 0.93 34.79
CA GLN B 444 -9.20 1.54 35.39
C GLN B 444 -8.80 2.77 34.56
N SER B 445 -7.60 3.29 34.81
CA SER B 445 -7.11 4.45 34.08
C SER B 445 -6.09 4.02 33.02
N PRO B 446 -5.91 4.87 32.01
CA PRO B 446 -4.97 4.57 30.92
C PRO B 446 -3.60 4.15 31.45
N LYS B 447 -3.02 4.95 32.33
CA LYS B 447 -1.71 4.66 32.91
C LYS B 447 -1.59 3.27 33.57
N ASP B 448 -2.71 2.59 33.77
CA ASP B 448 -2.71 1.31 34.45
C ASP B 448 -3.10 0.13 33.57
N ILE B 449 -3.72 0.43 32.43
CA ILE B 449 -4.21 -0.60 31.51
C ILE B 449 -3.05 -1.40 30.94
N ASP B 450 -3.14 -2.73 31.03
CA ASP B 450 -2.12 -3.61 30.47
C ASP B 450 -2.63 -4.17 29.16
N VAL B 451 -1.98 -3.79 28.06
CA VAL B 451 -2.42 -4.24 26.75
C VAL B 451 -1.74 -5.53 26.33
N SER B 452 -0.57 -5.83 26.87
CA SER B 452 0.13 -7.06 26.50
C SER B 452 -0.75 -8.31 26.74
N PRO B 453 -0.73 -9.27 25.80
CA PRO B 453 -1.78 -10.26 25.69
C PRO B 453 -1.84 -11.25 26.86
N LYS B 454 -3.01 -11.80 27.19
CA LYS B 454 -3.11 -12.81 28.23
C LYS B 454 -2.45 -14.12 27.82
N HIS B 455 -2.52 -14.46 26.55
CA HIS B 455 -1.86 -15.62 26.02
C HIS B 455 -1.44 -15.37 24.64
N VAL B 456 -0.41 -16.05 24.22
CA VAL B 456 -0.02 -16.00 22.82
C VAL B 456 0.46 -17.37 22.43
N GLY B 457 -0.20 -17.93 21.43
CA GLY B 457 0.17 -19.24 20.94
C GLY B 457 -0.14 -19.24 19.48
N PHE B 458 -1.23 -19.90 19.13
CA PHE B 458 -1.68 -19.94 17.76
C PHE B 458 -2.35 -18.61 17.41
N ALA B 459 -3.08 -18.11 18.40
CA ALA B 459 -3.64 -16.78 18.42
C ALA B 459 -3.12 -15.96 19.58
N THR B 460 -3.11 -14.65 19.37
CA THR B 460 -2.84 -13.67 20.41
C THR B 460 -4.14 -13.41 21.12
N ILE B 461 -4.19 -13.49 22.44
CA ILE B 461 -5.45 -13.22 23.12
C ILE B 461 -5.28 -12.10 24.11
N PRO B 462 -6.07 -11.03 23.98
CA PRO B 462 -5.93 -9.90 24.87
C PRO B 462 -6.54 -10.23 26.19
N ARG B 463 -5.94 -9.73 27.25
CA ARG B 463 -6.43 -9.96 28.59
C ARG B 463 -7.90 -9.58 28.71
N ASN B 464 -8.51 -10.03 29.80
CA ASN B 464 -9.91 -9.77 30.07
C ASN B 464 -10.04 -8.41 30.67
N TYR B 465 -11.00 -7.62 30.19
CA TYR B 465 -11.22 -6.29 30.71
C TYR B 465 -12.66 -5.90 30.64
N THR B 466 -12.98 -4.78 31.26
CA THR B 466 -14.28 -4.18 31.14
C THR B 466 -14.05 -2.77 30.74
N MET B 467 -15.11 -2.00 30.65
CA MET B 467 -15.04 -0.68 30.10
C MET B 467 -16.45 -0.25 30.04
N SER B 468 -16.68 1.00 29.70
CA SER B 468 -18.05 1.48 29.59
C SER B 468 -18.22 2.30 28.34
N PHE B 469 -19.45 2.37 27.84
CA PHE B 469 -19.75 3.18 26.66
C PHE B 469 -20.52 4.42 27.11
N LEU B 470 -19.94 5.60 26.89
CA LEU B 470 -20.55 6.81 27.40
C LEU B 470 -20.75 7.89 26.33
N PRO B 471 -21.99 8.09 25.92
CA PRO B 471 -22.35 9.03 24.89
C PRO B 471 -21.56 10.31 24.99
N ARG B 472 -21.37 10.96 23.86
CA ARG B 472 -20.41 12.02 23.72
C ARG B 472 -21.02 13.40 23.86
N GLY C 9 -27.66 21.16 -53.79
CA GLY C 9 -27.93 19.88 -54.53
C GLY C 9 -26.65 19.15 -54.91
N LYS C 10 -25.65 19.92 -55.38
CA LYS C 10 -24.29 19.42 -55.65
C LYS C 10 -23.23 20.11 -54.74
N LEU C 11 -22.04 19.52 -54.71
CA LEU C 11 -20.91 20.07 -53.98
C LEU C 11 -20.46 21.44 -54.52
N PRO C 12 -19.51 22.10 -53.83
CA PRO C 12 -18.80 23.16 -54.51
C PRO C 12 -18.14 22.65 -55.76
N PRO C 13 -18.25 23.40 -56.86
CA PRO C 13 -17.48 23.09 -58.06
C PRO C 13 -16.02 23.06 -57.71
N GLY C 14 -15.19 22.63 -58.65
CA GLY C 14 -13.76 22.53 -58.41
C GLY C 14 -13.12 21.81 -59.59
N PRO C 15 -11.79 21.80 -59.65
CA PRO C 15 -11.11 21.16 -60.77
C PRO C 15 -11.37 19.68 -60.83
N THR C 16 -11.20 19.08 -62.02
CA THR C 16 -11.50 17.67 -62.22
C THR C 16 -10.38 16.79 -61.70
N PRO C 17 -10.73 15.87 -60.80
CA PRO C 17 -9.74 14.99 -60.22
C PRO C 17 -9.48 13.72 -61.00
N LEU C 18 -8.22 13.37 -61.07
CA LEU C 18 -7.84 12.07 -61.60
C LEU C 18 -8.08 10.97 -60.55
N PRO C 19 -8.04 9.68 -60.96
CA PRO C 19 -8.18 8.63 -59.95
C PRO C 19 -6.91 8.46 -59.10
N PHE C 20 -7.14 8.20 -57.81
CA PHE C 20 -6.11 8.11 -56.75
C PHE C 20 -5.41 9.41 -56.38
N ILE C 21 -4.73 10.03 -57.34
CA ILE C 21 -3.99 11.28 -57.12
C ILE C 21 -4.85 12.55 -56.97
N GLY C 22 -6.15 12.44 -57.16
CA GLY C 22 -7.06 13.59 -57.01
C GLY C 22 -6.71 14.81 -57.87
N ASN C 23 -6.37 15.93 -57.23
CA ASN C 23 -6.10 17.16 -57.98
C ASN C 23 -4.63 17.55 -58.00
N TYR C 24 -3.76 16.59 -57.72
CA TYR C 24 -2.32 16.82 -57.68
C TYR C 24 -1.76 17.82 -58.71
N LEU C 25 -2.13 17.66 -59.97
CA LEU C 25 -1.50 18.41 -61.07
C LEU C 25 -1.90 19.88 -61.06
N GLN C 26 -3.03 20.19 -60.42
CA GLN C 26 -3.46 21.55 -60.26
C GLN C 26 -3.00 22.04 -58.91
N LEU C 27 -1.93 21.41 -58.39
CA LEU C 27 -1.46 21.75 -57.05
C LEU C 27 0.03 21.77 -56.96
N ASN C 28 0.55 22.54 -56.00
CA ASN C 28 1.98 22.57 -55.70
C ASN C 28 2.16 22.35 -54.20
N THR C 29 2.80 21.24 -53.84
CA THR C 29 2.87 20.85 -52.45
C THR C 29 3.81 21.74 -51.64
N GLU C 30 4.55 22.58 -52.34
CA GLU C 30 5.41 23.53 -51.67
C GLU C 30 4.64 24.80 -51.39
N GLN C 31 3.60 25.04 -52.19
CA GLN C 31 2.83 26.24 -52.02
C GLN C 31 1.38 25.86 -52.08
N MET C 32 0.90 25.19 -51.04
CA MET C 32 -0.50 24.89 -50.98
C MET C 32 -1.30 26.19 -50.92
N TYR C 33 -0.86 27.11 -50.07
CA TYR C 33 -1.64 28.32 -49.91
C TYR C 33 -1.81 29.00 -51.26
N ASN C 34 -0.71 29.28 -51.94
CA ASN C 34 -0.78 29.90 -53.26
C ASN C 34 -1.57 29.06 -54.28
N SER C 35 -1.36 27.76 -54.26
CA SER C 35 -2.02 26.82 -55.19
C SER C 35 -3.50 26.90 -55.01
N LEU C 36 -3.94 26.97 -53.76
CA LEU C 36 -5.37 27.03 -53.54
C LEU C 36 -5.94 28.42 -53.89
N MET C 37 -5.24 29.48 -53.48
CA MET C 37 -5.65 30.83 -53.90
C MET C 37 -5.74 30.96 -55.43
N LYS C 38 -4.78 30.36 -56.13
CA LYS C 38 -4.75 30.40 -57.59
C LYS C 38 -6.04 29.82 -58.15
N ILE C 39 -6.49 28.72 -57.54
CA ILE C 39 -7.75 28.07 -57.91
C ILE C 39 -8.99 28.93 -57.59
N SER C 40 -9.10 29.49 -56.39
CA SER C 40 -10.25 30.42 -56.10
C SER C 40 -10.52 31.47 -57.17
N GLU C 41 -9.45 31.97 -57.79
CA GLU C 41 -9.52 32.86 -58.96
C GLU C 41 -10.23 32.21 -60.10
N ARG C 42 -10.38 30.91 -59.99
CA ARG C 42 -11.02 30.12 -61.01
C ARG C 42 -12.37 29.66 -60.54
N TYR C 43 -12.54 29.26 -59.29
CA TYR C 43 -13.84 28.69 -58.93
C TYR C 43 -14.63 29.39 -57.82
N GLY C 44 -14.29 30.63 -57.52
CA GLY C 44 -15.02 31.34 -56.49
C GLY C 44 -14.38 31.00 -55.18
N PRO C 45 -14.94 31.50 -54.07
CA PRO C 45 -14.38 31.23 -52.75
C PRO C 45 -14.87 29.93 -52.10
N VAL C 46 -15.75 29.18 -52.74
CA VAL C 46 -16.17 27.94 -52.09
C VAL C 46 -16.00 26.80 -53.07
N PHE C 47 -14.85 26.13 -53.01
CA PHE C 47 -14.59 25.05 -53.94
C PHE C 47 -14.14 23.76 -53.30
N THR C 48 -14.13 22.71 -54.11
CA THR C 48 -13.84 21.36 -53.66
C THR C 48 -12.58 20.92 -54.34
N ILE C 49 -11.67 20.33 -53.58
CA ILE C 49 -10.41 19.86 -54.14
C ILE C 49 -10.22 18.38 -53.72
N HIS C 50 -9.21 17.67 -54.25
CA HIS C 50 -8.97 16.27 -53.86
C HIS C 50 -7.54 15.96 -53.48
N LEU C 51 -7.24 15.89 -52.19
CA LEU C 51 -5.89 15.63 -51.73
C LEU C 51 -5.74 14.14 -51.61
N GLY C 52 -5.12 13.54 -52.62
CA GLY C 52 -5.20 12.10 -52.78
C GLY C 52 -6.67 11.76 -52.73
N PRO C 53 -7.04 10.83 -51.84
CA PRO C 53 -8.45 10.42 -51.65
C PRO C 53 -9.30 11.43 -50.87
N ARG C 54 -8.66 12.30 -50.10
CA ARG C 54 -9.38 13.30 -49.28
C ARG C 54 -10.10 14.32 -50.14
N ARG C 55 -11.42 14.35 -50.04
CA ARG C 55 -12.24 15.29 -50.79
C ARG C 55 -12.55 16.45 -49.85
N VAL C 56 -12.10 17.63 -50.24
CA VAL C 56 -12.08 18.78 -49.31
C VAL C 56 -12.73 20.03 -49.86
N VAL C 57 -13.67 20.60 -49.11
CA VAL C 57 -14.20 21.93 -49.42
C VAL C 57 -13.28 23.05 -48.93
N VAL C 58 -12.67 23.77 -49.85
CA VAL C 58 -11.84 24.89 -49.43
C VAL C 58 -12.68 26.14 -49.28
N LEU C 59 -12.54 26.78 -48.15
CA LEU C 59 -13.25 28.03 -47.90
C LEU C 59 -12.24 29.15 -47.84
N CYS C 60 -12.58 30.28 -48.44
CA CYS C 60 -11.64 31.38 -48.66
C CYS C 60 -12.27 32.72 -48.41
N GLY C 61 -11.58 33.56 -47.66
CA GLY C 61 -11.96 34.98 -47.60
C GLY C 61 -12.82 35.20 -46.42
N HIS C 62 -13.03 36.44 -46.05
CA HIS C 62 -13.57 36.68 -44.74
C HIS C 62 -14.99 36.14 -44.67
N ASP C 63 -15.75 36.38 -45.71
CA ASP C 63 -17.15 36.02 -45.64
C ASP C 63 -17.40 34.52 -45.61
N ALA C 64 -16.80 33.77 -46.54
CA ALA C 64 -16.99 32.31 -46.61
C ALA C 64 -16.70 31.64 -45.27
N VAL C 65 -15.54 31.95 -44.69
CA VAL C 65 -15.09 31.34 -43.45
C VAL C 65 -16.05 31.66 -42.32
N ARG C 66 -16.38 32.93 -42.13
CA ARG C 66 -17.38 33.30 -41.13
C ARG C 66 -18.64 32.46 -41.32
N GLU C 67 -19.26 32.63 -42.49
CA GLU C 67 -20.55 32.02 -42.75
C GLU C 67 -20.64 30.54 -42.36
N ALA C 68 -19.61 29.78 -42.69
CA ALA C 68 -19.55 28.37 -42.34
C ALA C 68 -19.22 28.20 -40.87
N LEU C 69 -18.05 28.68 -40.48
CA LEU C 69 -17.53 28.37 -39.16
C LEU C 69 -18.26 29.00 -38.01
N VAL C 70 -19.10 29.97 -38.30
CA VAL C 70 -19.84 30.66 -37.26
C VAL C 70 -21.31 30.58 -37.48
N ASP C 71 -21.79 31.15 -38.57
CA ASP C 71 -23.21 31.17 -38.84
C ASP C 71 -23.78 29.74 -38.95
N GLN C 72 -22.93 28.78 -39.29
CA GLN C 72 -23.31 27.37 -39.27
C GLN C 72 -22.28 26.56 -38.48
N ALA C 73 -22.06 26.96 -37.24
CA ALA C 73 -20.97 26.39 -36.46
C ALA C 73 -21.16 24.92 -36.05
N GLU C 74 -22.38 24.52 -35.76
CA GLU C 74 -22.62 23.12 -35.37
C GLU C 74 -22.37 22.17 -36.54
N GLU C 75 -22.71 22.61 -37.75
CA GLU C 75 -22.56 21.72 -38.90
C GLU C 75 -21.08 21.56 -39.22
N PHE C 76 -20.33 22.61 -38.89
CA PHE C 76 -18.90 22.75 -39.22
C PHE C 76 -17.90 22.43 -38.08
N SER C 77 -18.43 21.98 -36.95
CA SER C 77 -17.63 21.73 -35.76
C SER C 77 -16.90 20.40 -35.79
N GLY C 78 -17.05 19.62 -36.84
CA GLY C 78 -16.30 18.37 -36.94
C GLY C 78 -14.83 18.69 -36.87
N ARG C 79 -14.01 17.69 -36.61
CA ARG C 79 -12.58 17.84 -36.85
C ARG C 79 -12.16 17.06 -38.09
N GLY C 80 -11.55 17.77 -39.03
CA GLY C 80 -10.90 17.13 -40.15
C GLY C 80 -9.59 16.51 -39.70
N GLU C 81 -8.77 16.15 -40.67
CA GLU C 81 -7.51 15.47 -40.40
C GLU C 81 -6.27 16.34 -40.69
N GLN C 82 -5.17 15.99 -40.04
CA GLN C 82 -3.86 16.53 -40.34
C GLN C 82 -2.99 15.30 -40.26
N ALA C 83 -2.62 14.80 -41.44
CA ALA C 83 -2.14 13.42 -41.56
C ALA C 83 -0.89 13.13 -40.78
N THR C 84 0.05 14.08 -40.78
CA THR C 84 1.31 13.88 -40.08
C THR C 84 1.02 13.71 -38.61
N PHE C 85 0.43 14.73 -38.00
CA PHE C 85 0.00 14.67 -36.59
C PHE C 85 -0.88 13.46 -36.24
N ASP C 86 -1.91 13.17 -37.06
CA ASP C 86 -2.87 12.07 -36.79
C ASP C 86 -2.20 10.72 -36.77
N TRP C 87 -1.12 10.62 -37.49
CA TRP C 87 -0.28 9.42 -37.49
C TRP C 87 -0.09 8.88 -36.10
N VAL C 88 0.03 9.81 -35.14
CA VAL C 88 0.48 9.43 -33.83
C VAL C 88 -0.60 9.56 -32.79
N PHE C 89 -1.50 10.52 -32.95
CA PHE C 89 -2.64 10.64 -32.06
C PHE C 89 -3.77 9.65 -32.44
N LYS C 90 -3.74 9.18 -33.69
CA LYS C 90 -4.81 8.33 -34.23
C LYS C 90 -6.20 8.65 -33.64
N GLY C 91 -6.56 9.92 -33.64
CA GLY C 91 -7.90 10.32 -33.27
C GLY C 91 -8.20 10.45 -31.79
N TYR C 92 -7.30 9.97 -30.93
CA TYR C 92 -7.40 10.21 -29.48
C TYR C 92 -6.78 11.55 -29.15
N GLY C 93 -7.12 12.10 -27.99
CA GLY C 93 -6.68 13.45 -27.64
C GLY C 93 -7.65 14.54 -28.05
N VAL C 94 -7.58 15.66 -27.35
CA VAL C 94 -8.57 16.74 -27.50
C VAL C 94 -8.55 17.34 -28.90
N VAL C 95 -7.36 17.49 -29.49
CA VAL C 95 -7.24 18.13 -30.78
C VAL C 95 -7.80 17.21 -31.81
N PHE C 96 -7.19 16.10 -32.11
CA PHE C 96 -7.71 15.37 -33.25
C PHE C 96 -8.94 14.53 -32.98
N SER C 97 -9.65 14.90 -31.94
CA SER C 97 -10.76 14.16 -31.43
C SER C 97 -12.08 14.54 -32.06
N ASN C 98 -13.04 13.62 -32.08
CA ASN C 98 -14.36 13.95 -32.58
C ASN C 98 -15.54 13.50 -31.73
N GLY C 99 -16.64 14.13 -32.00
CA GLY C 99 -17.87 13.86 -31.29
C GLY C 99 -17.74 13.93 -29.78
N GLU C 100 -18.32 12.91 -29.13
CA GLU C 100 -18.42 12.81 -27.68
C GLU C 100 -17.04 12.90 -27.04
N ARG C 101 -16.05 12.22 -27.63
CA ARG C 101 -14.65 12.34 -27.19
C ARG C 101 -14.21 13.82 -27.15
N ALA C 102 -14.27 14.48 -28.28
CA ALA C 102 -13.86 15.86 -28.36
C ALA C 102 -14.56 16.77 -27.33
N LYS C 103 -15.83 16.52 -27.04
CA LYS C 103 -16.61 17.44 -26.21
C LYS C 103 -16.16 17.42 -24.76
N GLN C 104 -15.80 16.22 -24.32
CA GLN C 104 -15.42 15.96 -22.96
C GLN C 104 -14.06 16.58 -22.68
N LEU C 105 -13.12 16.23 -23.56
CA LEU C 105 -11.73 16.64 -23.43
C LEU C 105 -11.59 18.15 -23.59
N ARG C 106 -12.31 18.73 -24.54
CA ARG C 106 -12.31 20.18 -24.67
C ARG C 106 -12.88 20.84 -23.43
N ARG C 107 -13.96 20.28 -22.88
CA ARG C 107 -14.59 20.83 -21.70
C ARG C 107 -13.65 20.74 -20.50
N PHE C 108 -13.19 19.51 -20.23
CA PHE C 108 -12.24 19.26 -19.17
C PHE C 108 -10.98 20.12 -19.30
N SER C 109 -10.42 20.18 -20.51
CA SER C 109 -9.14 20.84 -20.73
C SER C 109 -9.23 22.31 -20.43
N ILE C 110 -10.24 22.97 -21.01
CA ILE C 110 -10.40 24.40 -20.89
C ILE C 110 -10.54 24.72 -19.44
N ALA C 111 -11.37 23.93 -18.75
CA ALA C 111 -11.75 24.18 -17.38
C ALA C 111 -10.56 24.03 -16.45
N THR C 112 -9.76 22.99 -16.68
CA THR C 112 -8.54 22.73 -15.91
C THR C 112 -7.51 23.81 -16.18
N LEU C 113 -7.23 24.11 -17.43
CA LEU C 113 -6.30 25.18 -17.74
C LEU C 113 -6.60 26.39 -16.86
N ARG C 114 -7.89 26.68 -16.77
CA ARG C 114 -8.47 27.72 -15.94
C ARG C 114 -8.09 27.48 -14.48
N ASP C 115 -8.24 26.25 -14.03
CA ASP C 115 -7.97 25.88 -12.66
C ASP C 115 -6.51 26.10 -12.31
N PHE C 116 -5.63 26.07 -13.32
CA PHE C 116 -4.19 26.16 -13.04
C PHE C 116 -3.56 27.46 -13.47
N GLY C 117 -4.38 28.50 -13.63
CA GLY C 117 -3.89 29.85 -13.82
C GLY C 117 -4.45 30.58 -15.02
N VAL C 118 -4.60 29.84 -16.11
CA VAL C 118 -5.03 30.37 -17.40
C VAL C 118 -6.14 31.43 -17.30
N GLY C 119 -5.81 32.65 -17.74
CA GLY C 119 -6.78 33.77 -17.79
C GLY C 119 -6.75 34.75 -16.62
N LYS C 120 -6.14 34.34 -15.51
CA LYS C 120 -6.09 35.13 -14.28
C LYS C 120 -4.65 35.43 -13.90
N ARG C 121 -4.52 36.21 -12.82
CA ARG C 121 -3.23 36.69 -12.30
C ARG C 121 -2.27 35.55 -11.94
N GLY C 122 -2.84 34.37 -11.74
CA GLY C 122 -2.08 33.13 -11.56
C GLY C 122 -1.08 32.90 -12.69
N ILE C 123 -1.57 32.67 -13.89
CA ILE C 123 -0.66 32.40 -15.00
C ILE C 123 0.08 33.64 -15.45
N GLU C 124 -0.50 34.82 -15.20
CA GLU C 124 0.16 36.11 -15.46
C GLU C 124 1.51 36.20 -14.76
N GLU C 125 1.56 35.89 -13.46
CA GLU C 125 2.84 35.96 -12.73
C GLU C 125 3.85 34.99 -13.31
N ARG C 126 3.42 33.74 -13.52
CA ARG C 126 4.22 32.73 -14.19
C ARG C 126 4.87 33.31 -15.44
N ILE C 127 4.06 33.80 -16.37
CA ILE C 127 4.58 34.37 -17.60
C ILE C 127 5.63 35.46 -17.28
N GLN C 128 5.21 36.48 -16.53
CA GLN C 128 6.14 37.53 -16.09
C GLN C 128 7.45 36.97 -15.56
N GLU C 129 7.36 35.96 -14.70
CA GLU C 129 8.53 35.38 -14.10
C GLU C 129 9.37 34.82 -15.20
N GLU C 130 8.78 33.90 -15.94
CA GLU C 130 9.46 33.27 -17.05
C GLU C 130 10.08 34.29 -18.00
N ALA C 131 9.39 35.40 -18.23
CA ALA C 131 9.96 36.50 -19.04
C ALA C 131 11.22 37.04 -18.37
N GLY C 132 11.18 37.13 -17.05
CA GLY C 132 12.33 37.60 -16.30
C GLY C 132 13.55 36.73 -16.55
N PHE C 133 13.34 35.42 -16.56
CA PHE C 133 14.38 34.44 -16.82
C PHE C 133 14.96 34.54 -18.21
N LEU C 134 14.14 35.00 -19.15
CA LEU C 134 14.55 35.20 -20.53
C LEU C 134 15.48 36.41 -20.64
N ILE C 135 15.04 37.57 -20.16
CA ILE C 135 15.90 38.77 -20.20
C ILE C 135 17.25 38.45 -19.63
N ASP C 136 17.28 37.73 -18.51
CA ASP C 136 18.54 37.28 -17.92
C ASP C 136 19.37 36.54 -18.95
N ALA C 137 18.85 35.43 -19.45
CA ALA C 137 19.54 34.66 -20.49
C ALA C 137 20.12 35.48 -21.65
N LEU C 138 19.49 36.61 -21.97
CA LEU C 138 19.89 37.39 -23.15
C LEU C 138 20.92 38.48 -22.85
N ARG C 139 20.94 38.94 -21.60
CA ARG C 139 22.06 39.72 -21.11
C ARG C 139 23.24 38.78 -21.02
N GLY C 140 22.94 37.53 -20.67
CA GLY C 140 23.90 36.44 -20.61
C GLY C 140 24.64 36.22 -21.92
N THR C 141 24.08 36.69 -23.03
CA THR C 141 24.74 36.67 -24.34
C THR C 141 25.46 38.00 -24.61
N GLY C 142 25.14 39.01 -23.80
CA GLY C 142 25.77 40.32 -23.84
C GLY C 142 26.18 40.77 -25.22
N GLY C 143 25.18 40.95 -26.09
CA GLY C 143 25.39 41.57 -27.40
C GLY C 143 25.93 40.68 -28.51
N ALA C 144 26.30 39.45 -28.15
CA ALA C 144 26.66 38.41 -29.11
C ALA C 144 25.54 38.10 -30.10
N ASN C 145 25.92 37.93 -31.36
CA ASN C 145 25.01 37.59 -32.45
C ASN C 145 24.46 36.17 -32.31
N ILE C 146 23.17 36.01 -31.97
CA ILE C 146 22.61 34.68 -31.69
C ILE C 146 21.41 34.30 -32.55
N ASP C 147 21.11 33.01 -32.61
CA ASP C 147 19.86 32.55 -33.23
C ASP C 147 18.78 32.31 -32.15
N PRO C 148 17.74 33.17 -32.14
CA PRO C 148 16.90 33.27 -30.96
C PRO C 148 15.93 32.12 -30.86
N THR C 149 15.93 31.30 -31.92
CA THR C 149 14.96 30.23 -32.10
C THR C 149 14.69 29.53 -30.78
N PHE C 150 15.73 29.02 -30.12
CA PHE C 150 15.50 28.22 -28.95
C PHE C 150 15.27 29.05 -27.71
N PHE C 151 16.11 30.04 -27.47
CA PHE C 151 15.89 30.96 -26.37
C PHE C 151 14.42 31.24 -26.18
N LEU C 152 13.76 31.60 -27.27
CA LEU C 152 12.34 31.85 -27.28
C LEU C 152 11.57 30.60 -26.99
N SER C 153 11.63 29.62 -27.88
CA SER C 153 10.83 28.40 -27.66
C SER C 153 11.01 27.77 -26.27
N ARG C 154 12.24 27.69 -25.77
CA ARG C 154 12.48 27.33 -24.36
C ARG C 154 11.63 28.10 -23.36
N THR C 155 11.46 29.41 -23.60
CA THR C 155 10.70 30.26 -22.68
C THR C 155 9.20 30.00 -22.72
N VAL C 156 8.60 30.15 -23.89
CA VAL C 156 7.21 29.75 -24.10
C VAL C 156 6.93 28.35 -23.53
N SER C 157 7.59 27.33 -24.06
CA SER C 157 7.37 25.96 -23.63
C SER C 157 7.30 25.83 -22.12
N ASN C 158 8.09 26.64 -21.45
CA ASN C 158 8.09 26.63 -19.98
C ASN C 158 6.79 27.10 -19.34
N VAL C 159 6.04 27.94 -20.04
CA VAL C 159 4.74 28.35 -19.49
C VAL C 159 3.72 27.20 -19.54
N ILE C 160 3.40 26.71 -20.73
CA ILE C 160 2.61 25.50 -20.84
C ILE C 160 3.15 24.32 -20.03
N SER C 161 4.48 24.17 -19.95
CA SER C 161 5.07 23.06 -19.17
C SER C 161 4.86 23.22 -17.66
N SER C 162 5.09 24.44 -17.15
CA SER C 162 4.74 24.85 -15.79
C SER C 162 3.32 24.44 -15.39
N ILE C 163 2.38 24.44 -16.37
CA ILE C 163 0.96 24.04 -16.19
C ILE C 163 0.69 22.53 -16.33
N VAL C 164 1.12 21.89 -17.40
CA VAL C 164 0.82 20.48 -17.56
C VAL C 164 1.69 19.54 -16.75
N PHE C 165 2.91 19.95 -16.44
CA PHE C 165 3.85 19.13 -15.66
C PHE C 165 4.07 19.69 -14.25
N GLY C 166 3.59 20.92 -14.02
CA GLY C 166 3.55 21.50 -12.70
C GLY C 166 4.91 21.95 -12.26
N ASP C 167 5.81 22.09 -13.24
CA ASP C 167 7.17 22.61 -12.99
C ASP C 167 7.92 22.95 -14.28
N ARG C 168 8.46 24.15 -14.36
CA ARG C 168 9.28 24.54 -15.52
C ARG C 168 10.55 23.71 -15.69
N PHE C 169 11.10 23.74 -16.89
CA PHE C 169 12.40 23.14 -17.14
C PHE C 169 13.53 24.18 -17.05
N ASP C 170 14.74 23.75 -16.64
CA ASP C 170 15.91 24.62 -16.69
C ASP C 170 16.33 24.78 -18.12
N TYR C 171 16.55 26.02 -18.56
CA TYR C 171 17.11 26.27 -19.89
C TYR C 171 18.28 25.30 -20.14
N LYS C 172 18.94 24.90 -19.04
CA LYS C 172 20.13 24.07 -19.09
C LYS C 172 19.85 22.62 -19.48
N ASP C 173 18.60 22.20 -19.37
CA ASP C 173 18.19 20.79 -19.61
C ASP C 173 18.51 20.27 -21.03
N LYS C 174 19.26 19.18 -21.10
CA LYS C 174 19.61 18.55 -22.37
C LYS C 174 18.43 17.81 -22.99
N GLU C 175 17.44 17.45 -22.16
CA GLU C 175 16.21 16.86 -22.68
C GLU C 175 15.28 17.95 -23.18
N PHE C 176 15.07 18.98 -22.37
CA PHE C 176 14.21 20.10 -22.75
C PHE C 176 14.52 20.56 -24.18
N LEU C 177 15.81 20.72 -24.48
CA LEU C 177 16.29 21.07 -25.82
C LEU C 177 15.91 20.01 -26.85
N SER C 178 16.20 18.76 -26.52
CA SER C 178 15.88 17.61 -27.35
C SER C 178 14.41 17.70 -27.79
N LEU C 179 13.55 17.95 -26.80
CA LEU C 179 12.11 18.01 -26.99
C LEU C 179 11.73 19.15 -27.93
N LEU C 180 12.13 20.37 -27.58
CA LEU C 180 11.89 21.52 -28.45
C LEU C 180 12.26 21.18 -29.88
N ARG C 181 13.53 20.85 -30.10
CA ARG C 181 14.03 20.43 -31.40
C ARG C 181 13.06 19.54 -32.13
N MET C 182 12.47 18.58 -31.43
CA MET C 182 11.46 17.75 -32.08
C MET C 182 10.30 18.57 -32.62
N MET C 183 9.63 19.31 -31.74
CA MET C 183 8.49 20.12 -32.19
C MET C 183 8.86 20.90 -33.46
N LEU C 184 9.85 21.78 -33.36
CA LEU C 184 10.42 22.46 -34.51
C LEU C 184 10.43 21.58 -35.75
N GLY C 185 11.12 20.44 -35.69
CA GLY C 185 11.19 19.51 -36.83
C GLY C 185 9.89 18.94 -37.37
N ILE C 186 8.91 18.75 -36.50
CA ILE C 186 7.58 18.33 -36.94
C ILE C 186 6.95 19.46 -37.74
N PHE C 187 6.63 20.56 -37.07
CA PHE C 187 6.22 21.80 -37.72
C PHE C 187 6.98 22.07 -39.01
N GLN C 188 8.31 22.07 -38.92
CA GLN C 188 9.16 22.24 -40.08
C GLN C 188 8.82 21.22 -41.17
N PHE C 189 8.66 19.96 -40.78
CA PHE C 189 8.33 18.92 -41.72
C PHE C 189 6.96 19.08 -42.35
N THR C 190 5.94 19.30 -41.53
CA THR C 190 4.59 19.53 -42.05
C THR C 190 4.51 20.76 -42.96
N SER C 191 5.53 21.63 -42.91
CA SER C 191 5.49 22.88 -43.68
C SER C 191 6.34 22.82 -44.95
N THR C 192 6.99 21.66 -45.12
CA THR C 192 7.74 21.39 -46.33
C THR C 192 6.86 20.83 -47.41
N SER C 193 7.42 20.71 -48.61
CA SER C 193 6.70 20.20 -49.75
C SER C 193 6.25 18.74 -49.54
N THR C 194 7.15 17.95 -48.99
CA THR C 194 6.91 16.57 -48.67
C THR C 194 5.88 16.37 -47.53
N GLY C 195 5.90 17.30 -46.57
CA GLY C 195 4.86 17.36 -45.53
C GLY C 195 3.48 17.42 -46.15
N GLN C 196 3.32 18.23 -47.21
CA GLN C 196 2.03 18.38 -47.88
C GLN C 196 1.76 17.35 -48.95
N LEU C 197 2.81 16.81 -49.55
CA LEU C 197 2.66 15.63 -50.40
C LEU C 197 2.11 14.47 -49.58
N TYR C 198 2.54 14.43 -48.32
CA TYR C 198 2.10 13.41 -47.39
C TYR C 198 0.60 13.48 -47.05
N GLU C 199 0.09 14.69 -46.83
CA GLU C 199 -1.34 14.90 -46.61
C GLU C 199 -2.18 14.29 -47.72
N MET C 200 -1.62 14.27 -48.94
CA MET C 200 -2.31 13.72 -50.12
C MET C 200 -2.18 12.20 -50.13
N PHE C 201 -0.95 11.74 -49.92
CA PHE C 201 -0.55 10.38 -50.17
C PHE C 201 -0.02 9.66 -48.94
N SER C 202 -0.69 9.86 -47.79
CA SER C 202 -0.18 9.37 -46.50
C SER C 202 -0.14 7.85 -46.49
N SER C 203 -1.28 7.25 -46.83
CA SER C 203 -1.47 5.81 -46.72
C SER C 203 -0.42 4.98 -47.46
N VAL C 204 0.38 5.62 -48.29
CA VAL C 204 1.36 4.88 -49.04
C VAL C 204 2.68 5.38 -48.52
N MET C 205 2.79 6.69 -48.36
CA MET C 205 4.04 7.31 -47.95
C MET C 205 4.51 6.85 -46.59
N LYS C 206 3.58 6.31 -45.79
CA LYS C 206 3.96 5.80 -44.46
C LYS C 206 4.75 4.50 -44.54
N HIS C 207 4.58 3.79 -45.65
CA HIS C 207 5.32 2.55 -45.92
C HIS C 207 6.51 2.75 -46.85
N LEU C 208 6.89 3.99 -47.10
CA LEU C 208 8.10 4.25 -47.87
C LEU C 208 9.10 4.98 -46.98
N PRO C 209 10.41 4.92 -47.33
CA PRO C 209 11.33 5.76 -46.57
C PRO C 209 11.24 7.22 -47.04
N GLY C 210 11.83 8.14 -46.27
CA GLY C 210 11.78 9.56 -46.59
C GLY C 210 11.61 10.39 -45.33
N PRO C 211 11.55 11.72 -45.49
CA PRO C 211 11.48 12.66 -44.36
C PRO C 211 10.30 12.41 -43.42
N GLN C 212 9.26 11.77 -43.94
CA GLN C 212 8.07 11.47 -43.16
C GLN C 212 8.40 10.54 -42.03
N GLN C 213 9.32 9.63 -42.28
CA GLN C 213 9.78 8.70 -41.26
C GLN C 213 10.53 9.42 -40.13
N GLN C 214 11.44 10.31 -40.50
CA GLN C 214 12.10 11.17 -39.52
C GLN C 214 11.01 11.78 -38.66
N ALA C 215 10.07 12.44 -39.32
CA ALA C 215 8.98 13.06 -38.62
C ALA C 215 8.33 12.07 -37.66
N PHE C 216 7.96 10.90 -38.17
CA PHE C 216 7.20 9.95 -37.34
C PHE C 216 7.88 9.67 -36.01
N GLN C 217 9.20 9.55 -36.02
CA GLN C 217 9.93 9.19 -34.79
C GLN C 217 10.16 10.43 -33.96
N LEU C 218 9.99 11.58 -34.58
CA LEU C 218 10.08 12.83 -33.84
C LEU C 218 8.85 13.00 -32.94
N LEU C 219 7.69 12.62 -33.47
CA LEU C 219 6.46 12.50 -32.66
C LEU C 219 6.51 11.37 -31.65
N GLN C 220 6.94 10.18 -32.08
CA GLN C 220 7.11 9.05 -31.18
C GLN C 220 7.91 9.47 -29.96
N GLY C 221 9.03 10.15 -30.21
CA GLY C 221 9.86 10.76 -29.17
C GLY C 221 9.13 11.68 -28.21
N LEU C 222 8.06 12.31 -28.65
CA LEU C 222 7.35 13.18 -27.76
C LEU C 222 6.36 12.44 -26.87
N GLU C 223 5.65 11.49 -27.46
CA GLU C 223 4.70 10.66 -26.73
C GLU C 223 5.43 9.76 -25.74
N ASP C 224 6.63 9.32 -26.12
CA ASP C 224 7.45 8.53 -25.21
C ASP C 224 7.78 9.38 -24.01
N PHE C 225 8.26 10.60 -24.26
CA PHE C 225 8.50 11.56 -23.21
C PHE C 225 7.30 11.69 -22.30
N ILE C 226 6.17 12.02 -22.91
CA ILE C 226 4.97 12.32 -22.14
C ILE C 226 4.63 11.09 -21.36
N ALA C 227 4.48 9.97 -22.05
CA ALA C 227 4.09 8.73 -21.40
C ALA C 227 4.97 8.45 -20.17
N LYS C 228 6.28 8.71 -20.28
CA LYS C 228 7.19 8.60 -19.15
C LYS C 228 6.86 9.63 -18.04
N LYS C 229 6.69 10.90 -18.38
CA LYS C 229 6.26 11.88 -17.37
C LYS C 229 4.94 11.49 -16.74
N VAL C 230 4.03 10.89 -17.52
CA VAL C 230 2.68 10.62 -17.04
C VAL C 230 2.66 9.53 -16.02
N GLU C 231 3.54 8.55 -16.22
CA GLU C 231 3.59 7.39 -15.37
C GLU C 231 4.25 7.69 -14.03
N HIS C 232 5.16 8.67 -14.02
CA HIS C 232 5.75 9.16 -12.79
C HIS C 232 4.69 9.80 -11.90
N ASN C 233 3.79 10.56 -12.51
CA ASN C 233 2.70 11.19 -11.77
C ASN C 233 1.81 10.13 -11.14
N GLN C 234 1.46 9.09 -11.90
CA GLN C 234 0.66 8.00 -11.36
C GLN C 234 1.38 7.56 -10.11
N ARG C 235 2.61 7.07 -10.28
CA ARG C 235 3.37 6.50 -9.18
C ARG C 235 3.46 7.37 -7.91
N THR C 236 3.20 8.66 -8.05
CA THR C 236 3.30 9.55 -6.91
C THR C 236 2.15 10.54 -6.91
N LEU C 237 0.93 10.06 -7.03
CA LEU C 237 -0.17 10.98 -7.11
C LEU C 237 -0.72 11.27 -5.75
N ASP C 238 -1.12 12.56 -5.53
CA ASP C 238 -1.92 12.90 -4.34
C ASP C 238 -3.36 13.09 -4.77
N PRO C 239 -4.17 12.02 -4.69
CA PRO C 239 -5.52 12.20 -5.23
C PRO C 239 -6.25 13.36 -4.55
N ASN C 240 -5.65 13.97 -3.54
CA ASN C 240 -6.31 15.10 -2.92
C ASN C 240 -5.71 16.49 -3.21
N SER C 241 -4.45 16.52 -3.65
CA SER C 241 -3.87 17.70 -4.33
C SER C 241 -3.21 17.36 -5.67
N PRO C 242 -3.70 17.96 -6.75
CA PRO C 242 -3.06 17.76 -8.04
C PRO C 242 -1.91 18.77 -8.18
N ARG C 243 -0.78 18.36 -8.73
CA ARG C 243 0.33 19.30 -8.89
C ARG C 243 0.18 20.01 -10.23
N ASP C 244 -0.32 19.24 -11.20
CA ASP C 244 -0.33 19.64 -12.58
C ASP C 244 -1.61 19.16 -13.28
N PHE C 245 -1.78 19.62 -14.51
CA PHE C 245 -2.85 19.18 -15.42
C PHE C 245 -3.01 17.65 -15.49
N ILE C 246 -1.89 16.96 -15.71
CA ILE C 246 -1.90 15.50 -15.83
C ILE C 246 -2.61 14.89 -14.62
N ASP C 247 -2.29 15.39 -13.43
CA ASP C 247 -2.93 15.00 -12.16
C ASP C 247 -4.45 15.15 -12.17
N SER C 248 -4.90 16.37 -12.37
CA SER C 248 -6.31 16.61 -12.50
C SER C 248 -6.95 15.51 -13.33
N PHE C 249 -6.44 15.28 -14.53
CA PHE C 249 -6.97 14.26 -15.41
C PHE C 249 -6.92 12.91 -14.71
N LEU C 250 -5.77 12.59 -14.14
CA LEU C 250 -5.61 11.30 -13.50
C LEU C 250 -6.74 11.11 -12.51
N ILE C 251 -6.92 12.13 -11.67
CA ILE C 251 -7.95 12.12 -10.64
C ILE C 251 -9.29 11.74 -11.28
N ARG C 252 -9.68 12.46 -12.33
CA ARG C 252 -10.90 12.17 -13.05
C ARG C 252 -10.91 10.73 -13.57
N MET C 253 -9.78 10.28 -14.11
CA MET C 253 -9.68 8.93 -14.65
C MET C 253 -10.14 7.87 -13.63
N GLN C 254 -9.73 8.08 -12.36
CA GLN C 254 -10.01 7.16 -11.26
C GLN C 254 -11.51 7.09 -10.98
N GLU C 255 -12.16 8.26 -11.05
CA GLU C 255 -13.60 8.43 -10.78
C GLU C 255 -14.45 7.75 -11.85
N GLU C 256 -13.96 7.81 -13.08
CA GLU C 256 -14.67 7.28 -14.23
C GLU C 256 -14.36 5.79 -14.48
N GLU C 257 -13.49 5.21 -13.67
CA GLU C 257 -12.98 3.89 -13.93
C GLU C 257 -14.08 2.89 -14.18
N LYS C 258 -15.24 3.07 -13.57
CA LYS C 258 -16.43 2.19 -13.63
C LYS C 258 -17.41 2.57 -14.74
N ASN C 259 -17.50 3.86 -15.06
CA ASN C 259 -18.32 4.35 -16.18
C ASN C 259 -17.74 3.93 -17.54
N PRO C 260 -18.27 2.85 -18.15
CA PRO C 260 -17.56 2.30 -19.32
C PRO C 260 -17.86 3.05 -20.62
N ASN C 261 -18.45 4.25 -20.48
CA ASN C 261 -18.67 5.21 -21.55
C ASN C 261 -17.79 6.45 -21.38
N THR C 262 -16.81 6.37 -20.48
CA THR C 262 -15.99 7.56 -20.20
C THR C 262 -14.98 7.80 -21.28
N GLU C 263 -14.52 9.04 -21.37
CA GLU C 263 -13.52 9.36 -22.33
C GLU C 263 -12.24 9.68 -21.62
N PHE C 264 -12.25 9.48 -20.30
CA PHE C 264 -11.06 9.77 -19.48
C PHE C 264 -10.22 8.56 -19.18
N TYR C 265 -9.55 8.02 -20.18
CA TYR C 265 -8.60 6.93 -19.98
C TYR C 265 -7.16 7.36 -20.28
N LEU C 266 -6.24 6.41 -20.24
CA LEU C 266 -4.84 6.74 -20.32
C LEU C 266 -4.46 7.26 -21.69
N LYS C 267 -4.88 6.54 -22.74
CA LYS C 267 -4.56 6.95 -24.10
C LYS C 267 -4.97 8.40 -24.36
N ASN C 268 -6.17 8.77 -23.95
CA ASN C 268 -6.64 10.17 -24.03
C ASN C 268 -5.83 11.12 -23.18
N LEU C 269 -5.27 10.66 -22.06
CA LEU C 269 -4.42 11.53 -21.25
C LEU C 269 -3.09 11.89 -21.92
N VAL C 270 -2.43 10.89 -22.51
CA VAL C 270 -1.20 11.16 -23.20
C VAL C 270 -1.47 12.24 -24.27
N MET C 271 -2.42 11.95 -25.14
CA MET C 271 -2.66 12.73 -26.34
C MET C 271 -3.09 14.16 -26.04
N THR C 272 -3.91 14.35 -25.02
CA THR C 272 -4.29 15.70 -24.65
C THR C 272 -3.15 16.51 -24.10
N THR C 273 -2.18 15.85 -23.50
CA THR C 273 -1.07 16.54 -22.89
C THR C 273 -0.10 16.89 -24.01
N LEU C 274 0.18 15.92 -24.88
CA LEU C 274 1.07 16.15 -26.00
C LEU C 274 0.55 17.34 -26.75
N ASN C 275 -0.72 17.29 -27.13
CA ASN C 275 -1.41 18.42 -27.76
C ASN C 275 -1.13 19.75 -27.16
N LEU C 276 -1.22 19.80 -25.84
CA LEU C 276 -1.10 21.04 -25.11
C LEU C 276 0.37 21.41 -25.09
N PHE C 277 1.21 20.40 -25.05
CA PHE C 277 2.64 20.67 -25.03
C PHE C 277 3.03 21.26 -26.40
N ILE C 278 2.79 20.49 -27.46
CA ILE C 278 3.18 20.91 -28.81
C ILE C 278 2.39 22.16 -29.17
N GLY C 279 1.11 22.14 -28.88
CA GLY C 279 0.20 23.24 -29.21
C GLY C 279 0.50 24.57 -28.56
N GLY C 280 0.95 24.52 -27.32
CA GLY C 280 1.12 25.74 -26.59
C GLY C 280 2.50 26.32 -26.66
N THR C 281 3.35 25.68 -27.48
CA THR C 281 4.79 25.97 -27.53
C THR C 281 5.22 26.44 -28.89
N GLU C 282 4.92 25.66 -29.92
CA GLU C 282 5.54 25.91 -31.22
C GLU C 282 4.89 27.07 -31.98
N THR C 283 3.58 27.16 -31.90
CA THR C 283 2.82 28.26 -32.42
C THR C 283 3.27 29.60 -31.83
N VAL C 284 3.44 29.66 -30.51
CA VAL C 284 3.62 30.95 -29.88
C VAL C 284 5.07 31.36 -30.04
N SER C 285 5.92 30.36 -30.11
CA SER C 285 7.34 30.59 -30.30
C SER C 285 7.67 30.95 -31.75
N THR C 286 6.88 30.42 -32.67
CA THR C 286 7.02 30.79 -34.06
C THR C 286 6.68 32.26 -34.19
N THR C 287 5.61 32.69 -33.54
CA THR C 287 5.11 34.06 -33.72
C THR C 287 6.11 35.06 -33.21
N LEU C 288 6.55 34.84 -31.96
CA LEU C 288 7.56 35.66 -31.34
C LEU C 288 8.74 35.79 -32.31
N ARG C 289 9.34 34.63 -32.63
CA ARG C 289 10.41 34.56 -33.61
C ARG C 289 10.16 35.39 -34.87
N TYR C 290 8.98 35.33 -35.45
CA TYR C 290 8.71 36.14 -36.63
C TYR C 290 8.67 37.63 -36.29
N GLY C 291 8.00 37.98 -35.20
CA GLY C 291 7.87 39.39 -34.88
C GLY C 291 9.21 40.11 -34.76
N PHE C 292 10.17 39.43 -34.17
CA PHE C 292 11.45 40.03 -33.97
C PHE C 292 12.09 40.20 -35.30
N LEU C 293 11.81 39.29 -36.22
CA LEU C 293 12.37 39.45 -37.53
C LEU C 293 11.75 40.66 -38.17
N LEU C 294 10.45 40.82 -37.99
CA LEU C 294 9.74 41.92 -38.66
C LEU C 294 10.14 43.27 -38.06
N LEU C 295 10.31 43.31 -36.74
CA LEU C 295 10.67 44.55 -36.11
C LEU C 295 12.03 45.09 -36.57
N MET C 296 12.96 44.18 -36.84
CA MET C 296 14.27 44.60 -37.31
C MET C 296 14.17 45.08 -38.75
N LYS C 297 13.22 44.51 -39.49
CA LYS C 297 12.96 44.93 -40.86
C LYS C 297 12.28 46.29 -40.87
N HIS C 298 11.66 46.67 -39.75
CA HIS C 298 10.98 47.97 -39.66
C HIS C 298 11.37 48.74 -38.40
N PRO C 299 12.58 49.33 -38.39
CA PRO C 299 13.00 49.99 -37.18
C PRO C 299 12.06 51.16 -36.91
N GLU C 300 11.62 51.84 -37.98
CA GLU C 300 10.60 52.86 -37.85
C GLU C 300 9.56 52.37 -36.84
N VAL C 301 8.97 51.20 -37.08
CA VAL C 301 7.97 50.64 -36.16
C VAL C 301 8.53 50.47 -34.73
N GLU C 302 9.72 49.88 -34.65
CA GLU C 302 10.39 49.56 -33.41
C GLU C 302 10.54 50.80 -32.48
N ALA C 303 11.06 51.89 -33.02
CA ALA C 303 11.18 53.15 -32.27
C ALA C 303 9.86 53.52 -31.59
N LYS C 304 8.84 53.71 -32.42
CA LYS C 304 7.47 53.97 -32.01
C LYS C 304 6.98 52.99 -30.94
N VAL C 305 7.50 51.76 -30.98
CA VAL C 305 7.16 50.72 -30.00
C VAL C 305 7.86 51.05 -28.72
N HIS C 306 9.16 51.35 -28.81
CA HIS C 306 9.98 51.68 -27.62
C HIS C 306 9.37 52.88 -26.90
N GLU C 307 9.15 53.97 -27.65
CA GLU C 307 8.39 55.14 -27.18
C GLU C 307 7.17 54.79 -26.31
N GLU C 308 6.21 54.07 -26.88
CA GLU C 308 5.00 53.77 -26.13
C GLU C 308 5.25 52.91 -24.89
N ILE C 309 6.33 52.11 -24.88
CA ILE C 309 6.70 51.40 -23.66
C ILE C 309 7.38 52.34 -22.65
N ASP C 310 8.38 53.10 -23.14
CA ASP C 310 9.06 54.14 -22.36
C ASP C 310 8.12 55.08 -21.63
N ARG C 311 7.06 55.49 -22.33
CA ARG C 311 6.09 56.46 -21.81
C ARG C 311 5.07 55.85 -20.84
N VAL C 312 4.92 54.53 -20.83
CA VAL C 312 3.75 53.94 -20.19
C VAL C 312 4.07 52.92 -19.12
N ILE C 313 5.31 52.48 -19.08
CA ILE C 313 5.78 51.62 -17.99
C ILE C 313 7.13 52.15 -17.51
N GLY C 314 7.93 52.66 -18.44
CA GLY C 314 9.29 53.09 -18.18
C GLY C 314 10.22 51.90 -18.06
N LYS C 315 11.52 52.17 -17.91
CA LYS C 315 12.51 51.09 -17.73
C LYS C 315 12.71 50.76 -16.23
N ASN C 316 11.60 50.72 -15.50
CA ASN C 316 11.61 50.35 -14.08
C ASN C 316 10.93 49.00 -13.81
N ARG C 317 9.61 49.04 -13.62
CA ARG C 317 8.84 47.85 -13.29
C ARG C 317 8.58 46.99 -14.52
N GLN C 318 8.69 45.67 -14.32
CA GLN C 318 8.27 44.69 -15.33
C GLN C 318 6.79 44.92 -15.65
N PRO C 319 6.39 44.71 -16.94
CA PRO C 319 5.05 45.00 -17.42
C PRO C 319 4.01 44.00 -16.95
N LYS C 320 2.74 44.44 -16.95
CA LYS C 320 1.62 43.57 -16.60
C LYS C 320 0.53 43.69 -17.66
N PHE C 321 -0.27 42.64 -17.81
CA PHE C 321 -1.19 42.54 -18.92
C PHE C 321 -2.08 43.77 -19.01
N GLU C 322 -2.59 44.22 -17.86
CA GLU C 322 -3.40 45.43 -17.76
C GLU C 322 -2.85 46.62 -18.58
N ASP C 323 -1.53 46.67 -18.76
CA ASP C 323 -0.85 47.68 -19.59
C ASP C 323 -1.25 47.67 -21.05
N ARG C 324 -1.60 46.49 -21.57
CA ARG C 324 -2.01 46.38 -22.96
C ARG C 324 -2.95 47.51 -23.28
N ALA C 325 -3.97 47.64 -22.45
CA ALA C 325 -5.10 48.51 -22.72
C ALA C 325 -4.73 50.00 -22.78
N LYS C 326 -3.52 50.35 -22.37
CA LYS C 326 -3.04 51.73 -22.48
C LYS C 326 -2.02 51.92 -23.60
N MET C 327 -1.56 50.80 -24.15
CA MET C 327 -0.67 50.81 -25.31
C MET C 327 -1.38 50.20 -26.53
N PRO C 328 -2.12 51.04 -27.29
CA PRO C 328 -2.70 50.54 -28.52
C PRO C 328 -1.59 50.06 -29.45
N TYR C 329 -0.72 50.98 -29.88
CA TYR C 329 0.36 50.65 -30.78
C TYR C 329 0.99 49.28 -30.63
N MET C 330 1.25 48.84 -29.41
CA MET C 330 1.87 47.53 -29.20
C MET C 330 0.91 46.37 -29.49
N GLU C 331 -0.33 46.43 -29.00
CA GLU C 331 -1.36 45.48 -29.43
C GLU C 331 -1.49 45.45 -30.95
N ALA C 332 -1.39 46.64 -31.54
CA ALA C 332 -1.45 46.80 -32.99
C ALA C 332 -0.27 46.12 -33.66
N VAL C 333 0.90 46.23 -33.06
CA VAL C 333 2.08 45.61 -33.61
C VAL C 333 1.90 44.11 -33.44
N ILE C 334 1.48 43.69 -32.26
CA ILE C 334 1.29 42.29 -32.00
C ILE C 334 0.24 41.68 -32.94
N HIS C 335 -0.85 42.39 -33.20
CA HIS C 335 -1.86 41.87 -34.13
C HIS C 335 -1.29 41.72 -35.52
N GLU C 336 -0.55 42.75 -35.96
CA GLU C 336 -0.09 42.87 -37.34
C GLU C 336 0.98 41.82 -37.63
N ILE C 337 1.68 41.41 -36.58
CA ILE C 337 2.62 40.29 -36.68
C ILE C 337 1.82 39.01 -36.83
N GLN C 338 0.99 38.73 -35.84
CA GLN C 338 0.06 37.62 -35.97
C GLN C 338 -0.58 37.57 -37.35
N ARG C 339 -0.86 38.74 -37.93
CA ARG C 339 -1.62 38.79 -39.16
C ARG C 339 -0.71 38.53 -40.29
N PHE C 340 0.43 39.17 -40.26
CA PHE C 340 1.36 39.03 -41.35
C PHE C 340 2.03 37.66 -41.36
N GLY C 341 2.47 37.23 -40.18
CA GLY C 341 3.10 35.95 -39.98
C GLY C 341 2.18 34.82 -40.37
N ASP C 342 0.91 34.92 -40.02
CA ASP C 342 -0.04 33.88 -40.44
C ASP C 342 0.43 32.44 -40.15
N VAL C 343 0.69 32.14 -38.88
CA VAL C 343 1.40 30.94 -38.48
C VAL C 343 0.76 29.62 -38.95
N ILE C 344 -0.56 29.48 -38.75
CA ILE C 344 -1.33 28.36 -39.25
C ILE C 344 -2.19 28.83 -40.41
N PRO C 345 -1.67 28.73 -41.64
CA PRO C 345 -2.33 29.47 -42.74
C PRO C 345 -3.62 28.82 -43.25
N MET C 346 -3.76 27.51 -43.03
CA MET C 346 -4.88 26.75 -43.57
C MET C 346 -5.73 26.20 -42.45
N SER C 347 -5.42 26.66 -41.24
CA SER C 347 -6.07 26.20 -40.03
C SER C 347 -5.86 24.71 -39.83
N LEU C 348 -6.51 24.18 -38.83
CA LEU C 348 -6.60 22.76 -38.70
C LEU C 348 -7.92 22.40 -39.32
N ALA C 349 -7.89 21.46 -40.23
CA ALA C 349 -9.06 21.00 -40.93
C ALA C 349 -10.21 20.74 -40.04
N ARG C 350 -11.36 21.17 -40.51
CA ARG C 350 -12.63 20.85 -39.89
C ARG C 350 -13.36 19.79 -40.72
N ARG C 351 -14.62 19.56 -40.35
CA ARG C 351 -15.44 18.49 -40.89
C ARG C 351 -16.90 18.85 -40.62
N VAL C 352 -17.76 18.49 -41.56
CA VAL C 352 -19.19 18.66 -41.38
C VAL C 352 -19.84 17.47 -40.65
N LYS C 353 -20.63 17.77 -39.62
CA LYS C 353 -21.12 16.73 -38.72
C LYS C 353 -22.26 15.90 -39.31
N LYS C 354 -23.20 16.58 -39.96
CA LYS C 354 -24.27 15.94 -40.72
C LYS C 354 -24.20 16.43 -42.16
N ASP C 355 -25.09 15.94 -43.03
CA ASP C 355 -25.21 16.47 -44.39
C ASP C 355 -25.57 17.96 -44.27
N THR C 356 -24.91 18.81 -45.06
CA THR C 356 -25.07 20.26 -44.87
C THR C 356 -25.23 21.09 -46.15
N LYS C 357 -26.31 21.89 -46.19
CA LYS C 357 -26.53 22.91 -47.21
C LYS C 357 -25.79 24.23 -46.87
N PHE C 358 -24.70 24.50 -47.60
CA PHE C 358 -23.96 25.73 -47.44
C PHE C 358 -24.14 26.66 -48.63
N ARG C 359 -24.73 27.81 -48.37
CA ARG C 359 -25.07 28.76 -49.40
C ARG C 359 -26.01 28.12 -50.34
N ASP C 360 -25.50 27.67 -51.46
CA ASP C 360 -26.30 26.89 -52.39
C ASP C 360 -25.54 25.63 -52.77
N PHE C 361 -24.77 25.12 -51.82
CA PHE C 361 -23.98 23.92 -52.05
C PHE C 361 -24.40 22.84 -51.07
N PHE C 362 -24.03 21.59 -51.36
CA PHE C 362 -24.41 20.50 -50.50
C PHE C 362 -23.17 19.73 -50.14
N LEU C 363 -22.89 19.67 -48.84
CA LEU C 363 -21.74 18.95 -48.31
C LEU C 363 -22.26 17.81 -47.45
N PRO C 364 -21.87 16.56 -47.79
CA PRO C 364 -22.22 15.31 -47.11
C PRO C 364 -21.74 15.26 -45.66
N LYS C 365 -22.40 14.46 -44.81
CA LYS C 365 -21.90 14.17 -43.46
C LYS C 365 -20.45 13.72 -43.58
N GLY C 366 -19.57 14.44 -42.89
CA GLY C 366 -18.18 14.08 -42.78
C GLY C 366 -17.24 14.50 -43.90
N THR C 367 -17.60 15.49 -44.73
CA THR C 367 -16.60 16.05 -45.66
C THR C 367 -15.65 17.02 -44.99
N GLU C 368 -14.38 17.00 -45.42
CA GLU C 368 -13.34 17.84 -44.82
C GLU C 368 -13.45 19.30 -45.29
N VAL C 369 -13.26 20.24 -44.36
CA VAL C 369 -13.23 21.64 -44.70
C VAL C 369 -11.83 22.13 -44.44
N TYR C 370 -11.27 22.81 -45.42
CA TYR C 370 -10.05 23.58 -45.24
C TYR C 370 -10.47 25.05 -45.11
N PRO C 371 -10.52 25.58 -43.89
CA PRO C 371 -10.81 27.00 -43.66
C PRO C 371 -9.53 27.84 -43.85
N MET C 372 -9.40 28.47 -45.03
CA MET C 372 -8.19 29.20 -45.33
C MET C 372 -8.12 30.46 -44.49
N LEU C 373 -7.44 30.40 -43.36
CA LEU C 373 -7.42 31.55 -42.49
C LEU C 373 -6.56 32.66 -43.06
N GLY C 374 -5.42 32.28 -43.65
CA GLY C 374 -4.50 33.24 -44.19
C GLY C 374 -5.19 34.14 -45.18
N SER C 375 -6.30 33.65 -45.73
CA SER C 375 -6.96 34.43 -46.76
C SER C 375 -7.88 35.47 -46.10
N VAL C 376 -8.30 35.20 -44.86
CA VAL C 376 -9.16 36.10 -44.10
C VAL C 376 -8.24 37.15 -43.56
N LEU C 377 -7.11 36.69 -43.08
CA LEU C 377 -6.10 37.53 -42.58
C LEU C 377 -5.58 38.47 -43.67
N ARG C 378 -5.76 38.05 -44.94
CA ARG C 378 -5.38 38.86 -46.14
C ARG C 378 -6.56 39.33 -46.98
N ASP C 379 -7.76 39.32 -46.43
CA ASP C 379 -8.93 39.82 -47.17
C ASP C 379 -8.70 41.34 -47.34
N PRO C 380 -8.54 41.81 -48.59
CA PRO C 380 -8.13 43.20 -48.67
C PRO C 380 -9.30 44.09 -48.41
N SER C 381 -10.51 43.52 -48.41
CA SER C 381 -11.68 44.28 -47.97
C SER C 381 -11.58 44.71 -46.50
N PHE C 382 -10.54 44.28 -45.80
CA PHE C 382 -10.39 44.45 -44.35
C PHE C 382 -9.01 44.88 -43.98
N PHE C 383 -8.07 44.77 -44.91
CA PHE C 383 -6.68 45.18 -44.72
C PHE C 383 -6.25 45.61 -46.09
N SER C 384 -6.08 46.92 -46.23
CA SER C 384 -5.93 47.50 -47.53
C SER C 384 -4.61 47.15 -48.16
N ASN C 385 -3.56 46.90 -47.39
CA ASN C 385 -2.40 46.35 -48.07
C ASN C 385 -1.90 45.06 -47.42
N PRO C 386 -2.66 43.97 -47.64
CA PRO C 386 -2.59 42.76 -46.86
C PRO C 386 -1.20 42.20 -46.88
N GLN C 387 -0.56 42.26 -48.04
CA GLN C 387 0.78 41.73 -48.28
C GLN C 387 1.90 42.56 -47.63
N ASP C 388 1.52 43.69 -47.02
CA ASP C 388 2.46 44.53 -46.29
C ASP C 388 2.39 44.28 -44.82
N PHE C 389 3.54 44.39 -44.19
CA PHE C 389 3.62 44.54 -42.74
C PHE C 389 3.43 46.01 -42.41
N ASN C 390 2.34 46.35 -41.73
CA ASN C 390 2.08 47.75 -41.44
C ASN C 390 1.02 47.80 -40.40
N PRO C 391 1.39 48.18 -39.17
CA PRO C 391 0.50 48.22 -38.00
C PRO C 391 -0.67 49.18 -38.16
N GLN C 392 -0.61 50.05 -39.16
CA GLN C 392 -1.74 50.90 -39.47
C GLN C 392 -2.96 50.08 -39.70
N HIS C 393 -2.76 48.83 -40.12
CA HIS C 393 -3.88 47.89 -40.25
C HIS C 393 -4.77 47.82 -39.02
N PHE C 394 -4.17 47.98 -37.83
CA PHE C 394 -4.93 47.84 -36.58
C PHE C 394 -5.20 49.11 -35.78
N LEU C 395 -5.15 50.24 -36.47
CA LEU C 395 -5.11 51.58 -35.89
C LEU C 395 -6.05 52.57 -36.60
N ASN C 396 -6.72 53.42 -35.86
CA ASN C 396 -7.41 54.53 -36.50
C ASN C 396 -6.56 55.78 -36.74
N GLU C 397 -7.14 56.76 -37.44
CA GLU C 397 -6.45 58.01 -37.73
C GLU C 397 -5.94 58.69 -36.46
N LYS C 398 -6.71 58.55 -35.37
CA LYS C 398 -6.33 59.18 -34.10
C LYS C 398 -5.49 58.24 -33.22
N GLY C 399 -4.78 57.34 -33.86
CA GLY C 399 -3.92 56.45 -33.14
C GLY C 399 -4.54 55.46 -32.21
N GLN C 400 -5.84 55.40 -32.03
CA GLN C 400 -6.30 54.33 -31.11
C GLN C 400 -6.23 52.91 -31.72
N PHE C 401 -6.33 51.87 -30.88
CA PHE C 401 -6.38 50.50 -31.43
C PHE C 401 -7.74 50.19 -32.02
N LYS C 402 -7.71 49.55 -33.20
CA LYS C 402 -8.87 49.34 -34.04
C LYS C 402 -9.03 47.89 -34.43
N LYS C 403 -10.05 47.26 -33.86
CA LYS C 403 -10.43 45.86 -34.16
C LYS C 403 -10.63 45.53 -35.65
N SER C 404 -10.61 44.23 -35.96
CA SER C 404 -10.98 43.73 -37.27
C SER C 404 -11.65 42.40 -37.07
N ASP C 405 -12.83 42.25 -37.65
CA ASP C 405 -13.55 40.96 -37.62
C ASP C 405 -12.92 39.93 -38.57
N ALA C 406 -11.85 40.36 -39.25
CA ALA C 406 -11.03 39.49 -40.06
C ALA C 406 -9.74 39.05 -39.36
N PHE C 407 -9.62 39.36 -38.06
CA PHE C 407 -8.44 38.98 -37.30
C PHE C 407 -8.67 37.60 -36.73
N VAL C 408 -8.38 36.58 -37.53
CA VAL C 408 -8.70 35.22 -37.15
C VAL C 408 -7.49 34.26 -37.06
N PRO C 409 -6.36 34.73 -36.48
CA PRO C 409 -5.25 33.79 -36.48
C PRO C 409 -5.56 32.60 -35.62
N PHE C 410 -6.48 32.73 -34.65
CA PHE C 410 -6.85 31.63 -33.74
C PHE C 410 -8.07 30.83 -34.22
N SER C 411 -8.57 31.18 -35.41
CA SER C 411 -9.76 30.60 -35.97
C SER C 411 -11.00 31.13 -35.25
N ILE C 412 -12.16 30.58 -35.58
CA ILE C 412 -13.46 30.92 -34.98
C ILE C 412 -14.40 29.67 -34.91
N GLY C 413 -15.49 29.75 -34.16
CA GLY C 413 -16.44 28.64 -34.16
C GLY C 413 -16.20 27.66 -33.03
N LYS C 414 -16.87 26.52 -33.08
CA LYS C 414 -16.98 25.68 -31.90
C LYS C 414 -15.71 24.96 -31.50
N ARG C 415 -14.82 24.69 -32.45
CA ARG C 415 -13.49 24.11 -32.16
C ARG C 415 -12.34 25.09 -32.38
N ASN C 416 -12.51 26.35 -32.00
CA ASN C 416 -11.42 27.28 -32.17
C ASN C 416 -10.38 27.07 -31.09
N CYS C 417 -9.23 27.70 -31.29
CA CYS C 417 -8.11 27.53 -30.36
C CYS C 417 -8.42 28.05 -28.96
N PHE C 418 -8.73 27.14 -28.03
CA PHE C 418 -8.93 27.51 -26.63
C PHE C 418 -7.64 27.90 -25.87
N GLY C 419 -6.48 27.71 -26.50
CA GLY C 419 -5.25 28.25 -25.95
C GLY C 419 -5.08 29.76 -26.16
N GLU C 420 -6.07 30.38 -26.82
CA GLU C 420 -5.99 31.77 -27.26
C GLU C 420 -5.76 32.74 -26.10
N GLY C 421 -6.52 32.49 -25.03
CA GLY C 421 -6.41 33.26 -23.78
C GLY C 421 -4.95 33.34 -23.38
N LEU C 422 -4.40 32.19 -22.99
CA LEU C 422 -2.97 32.03 -22.68
C LEU C 422 -2.05 32.72 -23.69
N ALA C 423 -2.24 32.36 -24.97
CA ALA C 423 -1.44 32.81 -26.08
C ALA C 423 -1.38 34.33 -26.16
N ARG C 424 -2.54 34.98 -26.00
CA ARG C 424 -2.60 36.44 -25.96
C ARG C 424 -1.78 36.99 -24.80
N MET C 425 -1.91 36.37 -23.62
CA MET C 425 -1.15 36.80 -22.46
C MET C 425 0.33 36.66 -22.71
N GLU C 426 0.79 35.47 -23.11
CA GLU C 426 2.22 35.20 -23.43
C GLU C 426 2.78 36.16 -24.45
N LEU C 427 2.04 36.35 -25.54
CA LEU C 427 2.51 37.23 -26.59
C LEU C 427 2.74 38.63 -26.09
N PHE C 428 1.73 39.26 -25.51
CA PHE C 428 1.91 40.64 -25.07
C PHE C 428 3.08 40.77 -24.10
N LEU C 429 3.15 39.87 -23.14
CA LEU C 429 4.15 40.02 -22.09
C LEU C 429 5.57 39.87 -22.62
N PHE C 430 5.85 38.74 -23.26
CA PHE C 430 7.18 38.50 -23.82
C PHE C 430 7.63 39.60 -24.82
N PHE C 431 6.72 40.02 -25.70
CA PHE C 431 7.05 41.05 -26.69
C PHE C 431 7.40 42.37 -26.01
N THR C 432 6.55 42.82 -25.10
CA THR C 432 6.79 44.06 -24.39
C THR C 432 8.11 44.04 -23.63
N THR C 433 8.27 43.00 -22.82
CA THR C 433 9.39 42.84 -21.91
C THR C 433 10.73 42.79 -22.60
N VAL C 434 10.82 42.04 -23.70
CA VAL C 434 12.07 41.95 -24.47
C VAL C 434 12.36 43.31 -25.10
N MET C 435 11.30 44.01 -25.48
CA MET C 435 11.43 45.35 -26.08
C MET C 435 11.90 46.38 -25.05
N GLN C 436 11.37 46.27 -23.84
CA GLN C 436 11.70 47.16 -22.76
C GLN C 436 13.19 47.13 -22.41
N ASN C 437 13.85 46.01 -22.71
CA ASN C 437 15.18 45.81 -22.18
C ASN C 437 16.30 45.68 -23.16
N PHE C 438 15.96 45.72 -24.44
CA PHE C 438 16.95 45.65 -25.48
C PHE C 438 16.46 46.42 -26.66
N ARG C 439 17.41 46.79 -27.51
CA ARG C 439 17.12 47.25 -28.83
C ARG C 439 17.59 46.09 -29.66
N LEU C 440 17.02 45.94 -30.84
CA LEU C 440 17.40 44.85 -31.69
C LEU C 440 18.26 45.39 -32.84
N LYS C 441 19.39 44.75 -33.07
CA LYS C 441 20.23 45.00 -34.23
C LYS C 441 20.42 43.67 -34.95
N SER C 442 20.10 43.64 -36.24
CA SER C 442 20.26 42.40 -37.03
C SER C 442 21.71 42.21 -37.50
N SER C 443 22.00 40.97 -37.90
CA SER C 443 23.32 40.63 -38.39
C SER C 443 23.60 41.38 -39.68
N GLN C 444 22.53 41.65 -40.44
CA GLN C 444 22.62 42.43 -41.67
C GLN C 444 21.76 43.68 -41.53
N SER C 445 21.71 44.48 -42.59
CA SER C 445 20.97 45.73 -42.58
C SER C 445 19.57 45.55 -43.16
N PRO C 446 18.59 46.14 -42.51
CA PRO C 446 17.19 45.97 -42.90
C PRO C 446 16.83 45.99 -44.36
N LYS C 447 17.42 46.88 -45.11
CA LYS C 447 17.18 46.89 -46.51
C LYS C 447 17.45 45.51 -47.04
N ASP C 448 18.16 44.72 -46.28
CA ASP C 448 18.65 43.49 -46.82
C ASP C 448 18.00 42.27 -46.25
N ILE C 449 17.13 42.45 -45.29
CA ILE C 449 16.51 41.30 -44.65
C ILE C 449 15.41 40.77 -45.48
N ASP C 450 15.32 39.47 -45.57
CA ASP C 450 14.23 38.87 -46.32
C ASP C 450 13.18 38.30 -45.36
N VAL C 451 11.94 38.78 -45.44
CA VAL C 451 10.90 38.28 -44.52
C VAL C 451 9.89 37.30 -45.12
N SER C 452 10.01 37.00 -46.40
CA SER C 452 9.21 35.91 -46.95
C SER C 452 9.58 34.61 -46.20
N PRO C 453 8.59 33.78 -45.91
CA PRO C 453 8.82 32.63 -45.05
C PRO C 453 9.72 31.55 -45.69
N LYS C 454 10.40 30.78 -44.88
CA LYS C 454 11.30 29.75 -45.39
C LYS C 454 10.48 28.61 -45.99
N HIS C 455 9.33 28.33 -45.39
CA HIS C 455 8.36 27.33 -45.84
C HIS C 455 6.99 27.83 -45.48
N VAL C 456 6.03 27.48 -46.30
CA VAL C 456 4.64 27.63 -45.96
C VAL C 456 3.92 26.35 -46.36
N GLY C 457 3.41 25.66 -45.35
CA GLY C 457 2.56 24.51 -45.56
C GLY C 457 1.41 24.53 -44.58
N PHE C 458 1.55 23.79 -43.49
CA PHE C 458 0.50 23.68 -42.52
C PHE C 458 0.72 24.80 -41.54
N ALA C 459 1.99 25.16 -41.39
CA ALA C 459 2.41 26.33 -40.70
C ALA C 459 3.13 27.24 -41.67
N THR C 460 3.25 28.50 -41.27
CA THR C 460 4.15 29.45 -41.95
C THR C 460 5.47 29.39 -41.19
N ILE C 461 6.61 29.28 -41.87
CA ILE C 461 7.88 29.17 -41.15
C ILE C 461 8.86 30.27 -41.54
N PRO C 462 9.19 31.18 -40.61
CA PRO C 462 10.08 32.29 -41.01
C PRO C 462 11.48 31.74 -41.27
N ARG C 463 12.21 32.35 -42.20
CA ARG C 463 13.60 31.99 -42.42
C ARG C 463 14.45 32.04 -41.16
N ASN C 464 15.63 31.45 -41.22
CA ASN C 464 16.56 31.49 -40.11
C ASN C 464 17.31 32.78 -40.16
N TYR C 465 17.58 33.33 -39.00
CA TYR C 465 18.41 34.51 -38.90
C TYR C 465 19.11 34.49 -37.60
N THR C 466 20.04 35.42 -37.47
CA THR C 466 20.68 35.69 -36.20
C THR C 466 20.46 37.17 -35.87
N MET C 467 20.78 37.58 -34.64
CA MET C 467 20.46 38.93 -34.17
C MET C 467 21.10 39.16 -32.84
N SER C 468 21.25 40.43 -32.47
CA SER C 468 21.84 40.76 -31.19
C SER C 468 20.89 41.59 -30.37
N PHE C 469 20.78 41.26 -29.10
CA PHE C 469 20.04 42.09 -28.18
C PHE C 469 21.05 43.03 -27.51
N LEU C 470 20.84 44.33 -27.62
CA LEU C 470 21.79 45.29 -27.05
C LEU C 470 21.04 46.29 -26.20
N PRO C 471 21.53 46.56 -24.97
CA PRO C 471 20.90 47.54 -24.06
C PRO C 471 20.62 48.89 -24.72
N ARG C 472 19.71 49.67 -24.14
CA ARG C 472 19.05 50.73 -24.91
C ARG C 472 19.46 52.20 -24.68
N HIS C 473 19.73 52.89 -25.77
CA HIS C 473 19.85 54.34 -25.81
C HIS C 473 20.27 54.75 -27.20
N GLY D 9 -29.01 13.44 87.10
CA GLY D 9 -27.65 13.98 87.40
C GLY D 9 -26.82 14.32 86.16
N LYS D 10 -26.01 13.36 85.71
CA LYS D 10 -25.02 13.60 84.64
C LYS D 10 -25.16 12.69 83.39
N LEU D 11 -24.24 12.93 82.46
CA LEU D 11 -24.27 12.38 81.11
C LEU D 11 -23.75 10.95 81.04
N PRO D 12 -24.02 10.27 79.90
CA PRO D 12 -23.31 9.09 79.44
C PRO D 12 -21.82 9.29 79.50
N PRO D 13 -21.10 8.30 80.06
CA PRO D 13 -19.66 8.36 80.07
C PRO D 13 -19.15 8.31 78.63
N GLY D 14 -17.85 8.55 78.48
CA GLY D 14 -17.20 8.48 77.20
C GLY D 14 -15.87 9.10 77.47
N PRO D 15 -14.90 8.96 76.54
CA PRO D 15 -13.56 9.53 76.66
C PRO D 15 -13.55 11.07 76.70
N THR D 16 -12.49 11.64 77.26
CA THR D 16 -12.34 13.12 77.33
C THR D 16 -11.82 13.71 76.02
N PRO D 17 -12.44 14.79 75.59
CA PRO D 17 -12.12 15.39 74.31
C PRO D 17 -11.22 16.57 74.44
N LEU D 18 -10.37 16.77 73.47
CA LEU D 18 -9.50 17.90 73.47
C LEU D 18 -10.17 19.12 72.91
N PRO D 19 -9.37 20.15 72.70
CA PRO D 19 -9.87 21.52 72.55
C PRO D 19 -10.59 21.72 71.23
N PHE D 20 -11.80 21.19 71.22
CA PHE D 20 -12.73 21.19 70.11
C PHE D 20 -12.26 20.58 68.81
N ILE D 21 -11.59 19.46 68.96
CA ILE D 21 -11.31 18.52 67.90
C ILE D 21 -11.95 17.27 68.45
N GLY D 22 -12.41 17.40 69.69
CA GLY D 22 -13.11 16.34 70.38
C GLY D 22 -12.41 15.00 70.45
N ASN D 23 -13.14 13.94 70.07
CA ASN D 23 -12.64 12.60 70.25
C ASN D 23 -11.91 12.06 69.03
N TYR D 24 -11.49 12.96 68.14
CA TYR D 24 -10.74 12.58 66.94
C TYR D 24 -9.66 11.57 67.28
N LEU D 25 -8.98 11.80 68.40
CA LEU D 25 -7.86 10.94 68.80
C LEU D 25 -8.27 9.52 69.17
N GLN D 26 -9.56 9.30 69.44
CA GLN D 26 -10.05 7.98 69.83
C GLN D 26 -10.87 7.34 68.70
N LEU D 27 -11.11 8.10 67.64
CA LEU D 27 -11.95 7.66 66.52
C LEU D 27 -11.18 7.34 65.24
N ASN D 28 -11.68 6.41 64.44
CA ASN D 28 -11.11 6.17 63.12
C ASN D 28 -12.10 6.53 62.03
N THR D 29 -11.80 7.61 61.34
CA THR D 29 -12.68 8.20 60.31
C THR D 29 -13.07 7.21 59.21
N GLU D 30 -12.19 6.25 58.94
CA GLU D 30 -12.45 5.22 57.94
C GLU D 30 -13.52 4.25 58.40
N GLN D 31 -13.46 3.93 59.69
CA GLN D 31 -14.25 2.88 60.29
C GLN D 31 -14.97 3.48 61.49
N MET D 32 -15.82 4.47 61.26
CA MET D 32 -16.63 5.01 62.35
C MET D 32 -17.30 3.88 63.14
N TYR D 33 -18.03 3.01 62.47
CA TYR D 33 -18.70 1.94 63.19
C TYR D 33 -17.72 1.12 64.00
N ASN D 34 -16.64 0.64 63.39
CA ASN D 34 -15.73 -0.12 64.21
C ASN D 34 -15.30 0.65 65.45
N SER D 35 -15.06 1.96 65.29
CA SER D 35 -14.54 2.81 66.38
C SER D 35 -15.48 2.98 67.56
N LEU D 36 -16.72 3.35 67.26
CA LEU D 36 -17.74 3.44 68.28
C LEU D 36 -17.99 2.08 68.99
N MET D 37 -17.97 0.96 68.25
CA MET D 37 -17.98 -0.36 68.90
C MET D 37 -16.77 -0.60 69.79
N LYS D 38 -15.58 -0.28 69.30
CA LYS D 38 -14.37 -0.41 70.13
C LYS D 38 -14.52 0.37 71.45
N ILE D 39 -15.14 1.54 71.37
CA ILE D 39 -15.27 2.39 72.53
C ILE D 39 -16.41 1.90 73.46
N SER D 40 -17.41 1.25 72.89
CA SER D 40 -18.48 0.70 73.72
C SER D 40 -17.98 -0.46 74.58
N GLU D 41 -16.81 -1.00 74.27
CA GLU D 41 -16.23 -2.06 75.09
C GLU D 41 -15.54 -1.42 76.26
N ARG D 42 -15.47 -0.10 76.21
CA ARG D 42 -14.86 0.65 77.28
C ARG D 42 -15.89 1.41 78.08
N TYR D 43 -16.99 1.87 77.49
CA TYR D 43 -17.94 2.64 78.27
C TYR D 43 -19.35 2.08 78.25
N GLY D 44 -19.49 0.84 77.79
CA GLY D 44 -20.79 0.19 77.75
C GLY D 44 -21.55 0.62 76.53
N PRO D 45 -22.83 0.25 76.44
CA PRO D 45 -23.62 0.43 75.25
C PRO D 45 -24.20 1.83 75.06
N VAL D 46 -24.03 2.69 76.06
CA VAL D 46 -24.59 4.03 76.00
C VAL D 46 -23.53 5.03 76.42
N PHE D 47 -23.00 5.79 75.47
CA PHE D 47 -21.88 6.67 75.78
C PHE D 47 -21.88 8.01 75.04
N THR D 48 -20.88 8.83 75.33
CA THR D 48 -20.80 10.21 74.79
C THR D 48 -19.58 10.34 73.95
N ILE D 49 -19.79 10.68 72.68
CA ILE D 49 -18.70 11.03 71.81
C ILE D 49 -18.70 12.56 71.43
N HIS D 50 -17.54 13.08 71.04
CA HIS D 50 -17.45 14.44 70.55
C HIS D 50 -16.89 14.47 69.13
N LEU D 51 -17.79 14.66 68.17
CA LEU D 51 -17.42 14.82 66.77
C LEU D 51 -17.17 16.31 66.49
N GLY D 52 -15.88 16.68 66.49
CA GLY D 52 -15.50 18.09 66.57
C GLY D 52 -16.16 18.67 67.81
N PRO D 53 -17.09 19.62 67.62
CA PRO D 53 -17.89 20.18 68.69
C PRO D 53 -19.25 19.48 68.86
N ARG D 54 -19.54 18.46 68.05
CA ARG D 54 -20.85 17.75 68.14
C ARG D 54 -20.82 16.69 69.26
N ARG D 55 -21.45 17.03 70.36
CA ARG D 55 -21.51 16.16 71.49
C ARG D 55 -22.61 15.16 71.20
N VAL D 56 -22.23 13.93 70.83
CA VAL D 56 -23.20 12.90 70.41
C VAL D 56 -23.34 11.74 71.42
N VAL D 57 -24.56 11.36 71.75
CA VAL D 57 -24.78 10.17 72.58
C VAL D 57 -24.93 9.01 71.64
N VAL D 58 -24.06 8.02 71.82
CA VAL D 58 -24.12 6.80 71.01
C VAL D 58 -24.88 5.69 71.71
N LEU D 59 -25.90 5.19 71.05
CA LEU D 59 -26.65 4.05 71.55
C LEU D 59 -26.26 2.82 70.75
N CYS D 60 -25.76 1.79 71.43
CA CYS D 60 -25.41 0.51 70.77
C CYS D 60 -26.16 -0.66 71.37
N GLY D 61 -26.39 -1.70 70.58
CA GLY D 61 -26.96 -2.91 71.13
C GLY D 61 -28.45 -2.80 71.12
N HIS D 62 -29.09 -3.94 71.01
CA HIS D 62 -30.52 -3.97 70.76
C HIS D 62 -31.36 -3.16 71.75
N ASP D 63 -31.09 -3.37 73.03
CA ASP D 63 -31.90 -2.81 74.08
C ASP D 63 -31.70 -1.32 74.19
N ALA D 64 -30.46 -0.86 74.09
CA ALA D 64 -30.20 0.58 74.20
C ALA D 64 -30.82 1.35 73.05
N VAL D 65 -30.88 0.75 71.87
CA VAL D 65 -31.55 1.36 70.73
C VAL D 65 -33.06 1.37 70.99
N ARG D 66 -33.62 0.19 71.28
CA ARG D 66 -35.05 0.11 71.49
C ARG D 66 -35.58 1.05 72.57
N GLU D 67 -35.02 0.99 73.76
CA GLU D 67 -35.53 1.77 74.89
C GLU D 67 -35.64 3.28 74.61
N ALA D 68 -34.64 3.84 73.96
CA ALA D 68 -34.67 5.24 73.55
C ALA D 68 -35.70 5.46 72.45
N LEU D 69 -35.52 4.76 71.35
CA LEU D 69 -36.25 5.06 70.11
C LEU D 69 -37.69 4.61 70.10
N VAL D 70 -38.08 3.84 71.11
CA VAL D 70 -39.45 3.36 71.20
C VAL D 70 -40.08 3.84 72.52
N ASP D 71 -39.45 3.48 73.63
CA ASP D 71 -40.03 3.68 74.95
C ASP D 71 -39.91 5.11 75.42
N GLN D 72 -39.00 5.85 74.80
CA GLN D 72 -38.96 7.29 74.96
C GLN D 72 -38.91 7.94 73.58
N ALA D 73 -39.79 7.42 72.71
CA ALA D 73 -39.96 7.86 71.33
C ALA D 73 -40.09 9.38 71.21
N GLU D 74 -41.08 9.94 71.90
CA GLU D 74 -41.33 11.39 71.82
C GLU D 74 -40.14 12.24 72.28
N GLU D 75 -39.39 11.77 73.28
CA GLU D 75 -38.19 12.50 73.67
C GLU D 75 -37.07 12.32 72.64
N PHE D 76 -37.22 11.28 71.82
CA PHE D 76 -36.16 10.88 70.90
C PHE D 76 -36.44 11.16 69.42
N SER D 77 -37.56 11.85 69.19
CA SER D 77 -38.09 12.14 67.85
C SER D 77 -37.34 13.23 67.07
N GLY D 78 -36.58 14.09 67.75
CA GLY D 78 -35.84 15.13 67.05
C GLY D 78 -34.89 14.55 66.00
N ARG D 79 -34.73 15.23 64.87
CA ARG D 79 -33.72 14.86 63.90
C ARG D 79 -32.42 15.59 64.23
N GLY D 80 -31.30 14.88 64.16
CA GLY D 80 -29.99 15.49 64.36
C GLY D 80 -29.39 15.84 63.02
N GLU D 81 -28.07 15.69 62.88
CA GLU D 81 -27.38 16.08 61.65
C GLU D 81 -26.64 14.98 60.87
N GLN D 82 -26.24 15.35 59.66
CA GLN D 82 -25.50 14.50 58.72
C GLN D 82 -24.90 15.47 57.70
N ALA D 83 -23.99 16.30 58.19
CA ALA D 83 -23.50 17.50 57.51
C ALA D 83 -23.52 17.44 55.97
N THR D 84 -22.97 16.40 55.36
CA THR D 84 -22.89 16.35 53.90
C THR D 84 -24.22 16.74 53.28
N PHE D 85 -25.27 15.95 53.54
CA PHE D 85 -26.60 16.25 53.03
C PHE D 85 -27.06 17.64 53.43
N ASP D 86 -26.97 17.94 54.74
CA ASP D 86 -27.54 19.16 55.36
C ASP D 86 -26.88 20.46 54.84
N TRP D 87 -25.76 20.31 54.14
CA TRP D 87 -25.09 21.41 53.45
C TRP D 87 -26.01 21.94 52.35
N VAL D 88 -26.95 21.12 51.95
CA VAL D 88 -27.80 21.45 50.86
C VAL D 88 -29.20 21.65 51.32
N PHE D 89 -29.83 20.78 52.03
CA PHE D 89 -31.18 20.97 52.46
C PHE D 89 -31.19 22.07 53.46
N LYS D 90 -30.02 22.45 53.96
CA LYS D 90 -29.97 23.43 55.04
C LYS D 90 -30.81 22.85 56.16
N GLY D 91 -31.85 23.56 56.59
CA GLY D 91 -32.86 22.89 57.37
C GLY D 91 -34.09 22.27 56.75
N TYR D 92 -34.29 22.36 55.45
CA TYR D 92 -35.63 22.13 54.95
C TYR D 92 -35.93 20.74 54.47
N GLY D 93 -37.12 20.53 53.96
CA GLY D 93 -37.46 19.20 53.51
C GLY D 93 -37.79 18.31 54.67
N VAL D 94 -38.41 17.19 54.39
CA VAL D 94 -38.95 16.36 55.43
C VAL D 94 -37.92 15.60 56.21
N VAL D 95 -36.83 15.23 55.58
CA VAL D 95 -35.88 14.42 56.27
C VAL D 95 -35.17 15.21 57.32
N PHE D 96 -34.32 16.10 56.91
CA PHE D 96 -33.51 16.83 57.86
C PHE D 96 -34.18 18.03 58.47
N SER D 97 -35.49 17.95 58.60
CA SER D 97 -36.26 18.98 59.27
C SER D 97 -36.63 18.61 60.69
N ASN D 98 -36.95 19.66 61.45
CA ASN D 98 -37.37 19.53 62.83
C ASN D 98 -38.66 20.27 63.14
N GLY D 99 -39.26 19.87 64.27
CA GLY D 99 -40.41 20.54 64.84
C GLY D 99 -41.69 20.43 64.06
N GLU D 100 -42.35 21.60 63.97
CA GLU D 100 -43.64 21.79 63.30
C GLU D 100 -43.49 21.49 61.79
N ARG D 101 -42.37 21.96 61.22
CA ARG D 101 -41.96 21.69 59.85
C ARG D 101 -41.94 20.18 59.58
N ALA D 102 -41.11 19.45 60.30
CA ALA D 102 -41.01 17.99 60.17
C ALA D 102 -42.39 17.31 60.31
N LYS D 103 -43.18 17.77 61.28
CA LYS D 103 -44.47 17.18 61.62
C LYS D 103 -45.41 17.23 60.44
N GLN D 104 -45.49 18.41 59.83
CA GLN D 104 -46.33 18.72 58.68
C GLN D 104 -46.01 17.92 57.43
N LEU D 105 -44.72 17.96 57.04
CA LEU D 105 -44.22 17.32 55.82
C LEU D 105 -44.33 15.80 55.89
N ARG D 106 -43.94 15.22 57.04
CA ARG D 106 -43.99 13.78 57.24
C ARG D 106 -45.42 13.27 57.12
N ARG D 107 -46.36 14.06 57.68
CA ARG D 107 -47.80 13.80 57.56
C ARG D 107 -48.15 13.80 56.08
N PHE D 108 -47.92 14.93 55.42
CA PHE D 108 -48.29 15.10 54.02
C PHE D 108 -47.75 14.03 53.10
N SER D 109 -46.49 13.68 53.31
CA SER D 109 -45.79 12.75 52.45
C SER D 109 -46.35 11.35 52.57
N ILE D 110 -46.57 10.88 53.80
CA ILE D 110 -47.07 9.51 53.99
C ILE D 110 -48.46 9.40 53.38
N ALA D 111 -49.22 10.49 53.48
CA ALA D 111 -50.54 10.54 52.90
C ALA D 111 -50.41 10.34 51.39
N THR D 112 -49.80 11.32 50.74
CA THR D 112 -49.60 11.35 49.30
C THR D 112 -49.03 10.05 48.74
N LEU D 113 -47.87 9.64 49.22
CA LEU D 113 -47.31 8.34 48.86
C LEU D 113 -48.40 7.28 48.67
N ARG D 114 -49.24 7.11 49.70
CA ARG D 114 -50.35 6.15 49.69
C ARG D 114 -51.44 6.47 48.63
N ASP D 115 -51.67 7.78 48.39
CA ASP D 115 -52.56 8.27 47.33
C ASP D 115 -52.12 7.76 45.97
N PHE D 116 -50.85 8.02 45.64
CA PHE D 116 -50.31 7.65 44.34
C PHE D 116 -50.01 6.17 44.19
N GLY D 117 -50.18 5.42 45.27
CA GLY D 117 -50.18 3.97 45.18
C GLY D 117 -49.50 3.17 46.25
N VAL D 118 -48.64 3.82 47.04
CA VAL D 118 -47.87 3.14 48.10
C VAL D 118 -48.80 2.33 49.03
N GLY D 119 -48.52 1.03 49.12
CA GLY D 119 -49.28 0.09 49.98
C GLY D 119 -50.40 -0.70 49.32
N LYS D 120 -50.72 -0.40 48.05
CA LYS D 120 -51.89 -0.95 47.37
C LYS D 120 -51.50 -1.66 46.07
N ARG D 121 -52.52 -2.08 45.31
CA ARG D 121 -52.33 -2.75 44.01
C ARG D 121 -51.78 -1.82 42.91
N GLY D 122 -52.13 -0.54 42.99
CA GLY D 122 -51.75 0.47 41.98
C GLY D 122 -50.26 0.49 41.72
N ILE D 123 -49.51 0.88 42.74
CA ILE D 123 -48.05 0.94 42.65
C ILE D 123 -47.44 -0.42 42.32
N GLU D 124 -47.97 -1.48 42.92
CA GLU D 124 -47.40 -2.81 42.71
C GLU D 124 -47.24 -3.17 41.22
N GLU D 125 -48.21 -2.80 40.39
CA GLU D 125 -48.10 -3.07 38.96
C GLU D 125 -46.84 -2.42 38.43
N ARG D 126 -46.66 -1.14 38.74
CA ARG D 126 -45.44 -0.41 38.37
C ARG D 126 -44.22 -1.27 38.62
N ILE D 127 -43.98 -1.61 39.87
CA ILE D 127 -42.83 -2.43 40.25
C ILE D 127 -42.68 -3.69 39.37
N GLN D 128 -43.78 -4.42 39.20
CA GLN D 128 -43.85 -5.65 38.39
C GLN D 128 -43.53 -5.38 36.93
N GLU D 129 -43.94 -4.19 36.49
CA GLU D 129 -43.67 -3.72 35.17
C GLU D 129 -42.19 -3.43 35.09
N GLU D 130 -41.74 -2.50 35.93
CA GLU D 130 -40.36 -2.01 35.91
C GLU D 130 -39.38 -3.14 36.03
N ALA D 131 -39.71 -4.14 36.85
CA ALA D 131 -38.94 -5.38 36.91
C ALA D 131 -38.97 -6.16 35.60
N GLY D 132 -40.10 -6.14 34.91
CA GLY D 132 -40.16 -6.75 33.59
C GLY D 132 -39.09 -6.12 32.72
N PHE D 133 -39.02 -4.79 32.75
CA PHE D 133 -38.09 -4.02 31.94
C PHE D 133 -36.65 -4.38 32.20
N LEU D 134 -36.34 -4.56 33.49
CA LEU D 134 -35.03 -5.02 33.93
C LEU D 134 -34.71 -6.38 33.33
N ILE D 135 -35.61 -7.36 33.54
CA ILE D 135 -35.41 -8.71 33.05
C ILE D 135 -35.08 -8.63 31.59
N ASP D 136 -35.82 -7.79 30.88
CA ASP D 136 -35.54 -7.54 29.46
C ASP D 136 -34.10 -7.11 29.29
N ALA D 137 -33.75 -5.97 29.87
CA ALA D 137 -32.41 -5.40 29.69
C ALA D 137 -31.28 -6.31 30.19
N LEU D 138 -31.64 -7.38 30.90
CA LEU D 138 -30.65 -8.31 31.43
C LEU D 138 -30.38 -9.46 30.47
N ARG D 139 -31.46 -10.03 29.92
CA ARG D 139 -31.38 -10.91 28.77
C ARG D 139 -30.64 -10.24 27.63
N GLY D 140 -30.91 -8.94 27.48
CA GLY D 140 -30.33 -8.08 26.46
C GLY D 140 -28.82 -8.08 26.38
N THR D 141 -28.18 -8.44 27.50
CA THR D 141 -26.73 -8.66 27.58
C THR D 141 -26.35 -10.10 27.23
N GLY D 142 -27.36 -10.96 27.17
CA GLY D 142 -27.15 -12.37 26.88
C GLY D 142 -25.92 -12.92 27.54
N GLY D 143 -25.93 -12.90 28.88
CA GLY D 143 -24.87 -13.50 29.70
C GLY D 143 -23.49 -12.90 29.57
N ALA D 144 -23.41 -11.68 29.06
CA ALA D 144 -22.16 -10.96 29.11
C ALA D 144 -21.88 -10.58 30.54
N ASN D 145 -20.61 -10.43 30.87
CA ASN D 145 -20.18 -10.01 32.19
C ASN D 145 -20.45 -8.51 32.36
N ILE D 146 -21.22 -8.17 33.40
CA ILE D 146 -21.63 -6.77 33.64
C ILE D 146 -21.64 -6.35 35.12
N ASP D 147 -21.49 -5.04 35.37
CA ASP D 147 -21.53 -4.48 36.71
C ASP D 147 -22.93 -3.96 36.93
N PRO D 148 -23.72 -4.65 37.75
CA PRO D 148 -25.16 -4.37 37.79
C PRO D 148 -25.55 -3.02 38.43
N THR D 149 -24.59 -2.30 39.00
CA THR D 149 -24.86 -1.04 39.72
C THR D 149 -25.95 -0.16 39.10
N PHE D 150 -25.76 0.25 37.86
CA PHE D 150 -26.69 1.14 37.23
C PHE D 150 -27.95 0.46 36.68
N PHE D 151 -27.81 -0.72 36.06
CA PHE D 151 -28.97 -1.50 35.63
C PHE D 151 -29.89 -1.55 36.79
N LEU D 152 -29.32 -1.90 37.95
CA LEU D 152 -30.10 -1.97 39.17
C LEU D 152 -30.61 -0.61 39.62
N SER D 153 -29.73 0.38 39.77
CA SER D 153 -30.21 1.63 40.30
C SER D 153 -31.24 2.30 39.39
N ARG D 154 -31.12 2.07 38.08
CA ARG D 154 -32.10 2.55 37.09
C ARG D 154 -33.55 2.00 37.30
N THR D 155 -33.66 0.68 37.39
CA THR D 155 -34.92 0.02 37.69
C THR D 155 -35.48 0.45 39.02
N VAL D 156 -34.61 0.61 40.00
CA VAL D 156 -35.02 1.04 41.32
C VAL D 156 -35.53 2.48 41.25
N SER D 157 -34.63 3.39 40.88
CA SER D 157 -34.92 4.80 40.86
C SER D 157 -36.18 5.10 40.09
N ASN D 158 -36.46 4.27 39.09
CA ASN D 158 -37.66 4.48 38.27
C ASN D 158 -38.91 4.51 39.11
N VAL D 159 -39.03 3.59 40.05
CA VAL D 159 -40.24 3.51 40.88
C VAL D 159 -40.51 4.78 41.68
N ILE D 160 -39.56 5.28 42.47
CA ILE D 160 -39.77 6.60 43.10
C ILE D 160 -40.05 7.67 42.04
N SER D 161 -39.46 7.51 40.86
CA SER D 161 -39.63 8.48 39.79
C SER D 161 -41.04 8.46 39.18
N SER D 162 -41.65 7.27 39.14
CA SER D 162 -43.02 7.14 38.68
C SER D 162 -44.04 7.75 39.66
N ILE D 163 -43.60 8.03 40.89
CA ILE D 163 -44.47 8.59 41.91
C ILE D 163 -44.32 10.10 42.03
N VAL D 164 -43.08 10.59 42.10
CA VAL D 164 -42.86 12.03 42.30
C VAL D 164 -42.57 12.81 40.99
N PHE D 165 -42.62 12.10 39.85
CA PHE D 165 -42.48 12.72 38.53
C PHE D 165 -43.65 12.41 37.61
N GLY D 166 -44.49 11.47 38.01
CA GLY D 166 -45.63 11.09 37.18
C GLY D 166 -45.28 10.17 36.02
N ASP D 167 -44.01 10.12 35.59
CA ASP D 167 -43.55 9.13 34.61
C ASP D 167 -42.11 8.64 34.85
N ARG D 168 -41.85 7.38 34.50
CA ARG D 168 -40.49 6.80 34.58
C ARG D 168 -39.48 7.52 33.67
N PHE D 169 -38.20 7.26 33.85
CA PHE D 169 -37.19 7.63 32.87
C PHE D 169 -36.97 6.43 31.99
N ASP D 170 -36.65 6.66 30.72
CA ASP D 170 -36.34 5.52 29.89
C ASP D 170 -34.88 5.18 30.04
N TYR D 171 -34.60 3.88 30.21
CA TYR D 171 -33.24 3.40 30.53
C TYR D 171 -32.13 4.07 29.72
N LYS D 172 -32.42 4.52 28.51
CA LYS D 172 -31.34 5.05 27.66
C LYS D 172 -31.07 6.55 27.89
N ASP D 173 -31.95 7.16 28.66
CA ASP D 173 -31.86 8.57 28.94
C ASP D 173 -30.58 9.01 29.64
N LYS D 174 -29.73 9.71 28.90
CA LYS D 174 -28.41 10.18 29.35
C LYS D 174 -28.41 11.07 30.61
N GLU D 175 -29.53 11.70 30.89
CA GLU D 175 -29.63 12.56 32.07
C GLU D 175 -29.91 11.72 33.28
N PHE D 176 -30.87 10.81 33.15
CA PHE D 176 -31.21 9.79 34.17
C PHE D 176 -29.97 9.08 34.73
N LEU D 177 -29.10 8.65 33.82
CA LEU D 177 -27.82 8.05 34.16
C LEU D 177 -27.05 9.01 35.04
N SER D 178 -26.93 10.23 34.53
CA SER D 178 -26.12 11.28 35.13
C SER D 178 -26.42 11.52 36.61
N LEU D 179 -27.71 11.39 36.97
CA LEU D 179 -28.20 11.58 38.34
C LEU D 179 -27.85 10.38 39.20
N LEU D 180 -28.19 9.18 38.73
CA LEU D 180 -27.77 7.98 39.42
C LEU D 180 -26.30 8.13 39.80
N ARG D 181 -25.47 8.54 38.85
CA ARG D 181 -24.06 8.75 39.12
C ARG D 181 -23.86 9.70 40.29
N MET D 182 -24.67 10.74 40.39
CA MET D 182 -24.58 11.69 41.50
C MET D 182 -24.93 10.98 42.82
N MET D 183 -26.12 10.39 42.88
CA MET D 183 -26.55 9.67 44.07
C MET D 183 -25.50 8.71 44.63
N LEU D 184 -24.97 7.85 43.76
CA LEU D 184 -23.95 6.89 44.15
C LEU D 184 -22.68 7.62 44.58
N GLY D 185 -22.42 8.77 43.98
CA GLY D 185 -21.23 9.56 44.33
C GLY D 185 -21.32 10.25 45.67
N ILE D 186 -22.54 10.63 46.05
CA ILE D 186 -22.82 11.21 47.37
C ILE D 186 -22.73 10.13 48.42
N PHE D 187 -23.53 9.07 48.26
CA PHE D 187 -23.49 7.92 49.13
C PHE D 187 -22.10 7.34 49.31
N GLN D 188 -21.38 7.19 48.23
CA GLN D 188 -20.06 6.72 48.37
C GLN D 188 -19.35 7.69 49.24
N PHE D 189 -19.37 8.96 48.87
CA PHE D 189 -18.55 9.93 49.59
C PHE D 189 -18.81 9.98 51.09
N THR D 190 -20.05 9.78 51.49
CA THR D 190 -20.36 9.89 52.91
C THR D 190 -20.05 8.61 53.63
N SER D 191 -19.36 7.71 52.93
CA SER D 191 -18.86 6.45 53.50
C SER D 191 -17.34 6.37 53.48
N THR D 192 -16.69 7.45 53.04
CA THR D 192 -15.24 7.56 53.03
C THR D 192 -14.71 8.16 54.34
N SER D 193 -13.40 8.06 54.50
CA SER D 193 -12.70 8.66 55.61
C SER D 193 -13.00 10.18 55.64
N THR D 194 -12.55 10.89 54.59
CA THR D 194 -12.84 12.32 54.40
C THR D 194 -14.29 12.63 54.71
N GLY D 195 -15.21 11.92 54.06
CA GLY D 195 -16.64 12.10 54.29
C GLY D 195 -17.05 12.10 55.74
N GLN D 196 -16.43 11.25 56.52
CA GLN D 196 -16.77 11.16 57.93
C GLN D 196 -16.04 12.23 58.73
N LEU D 197 -14.79 12.47 58.34
CA LEU D 197 -13.98 13.57 58.84
C LEU D 197 -14.79 14.87 58.77
N TYR D 198 -15.53 15.02 57.67
CA TYR D 198 -16.36 16.17 57.45
C TYR D 198 -17.44 16.31 58.52
N GLU D 199 -18.03 15.19 58.92
CA GLU D 199 -19.05 15.25 59.96
C GLU D 199 -18.59 15.98 61.21
N MET D 200 -17.33 15.77 61.58
CA MET D 200 -16.79 16.34 62.80
C MET D 200 -16.47 17.81 62.56
N PHE D 201 -15.90 18.06 61.38
CA PHE D 201 -15.26 19.31 61.06
C PHE D 201 -15.87 19.99 59.83
N SER D 202 -17.19 20.12 59.81
CA SER D 202 -17.88 20.77 58.71
C SER D 202 -17.81 22.29 58.83
N SER D 203 -17.70 22.81 60.04
CA SER D 203 -17.77 24.24 60.18
C SER D 203 -16.54 24.82 59.58
N VAL D 204 -15.78 24.00 58.89
CA VAL D 204 -14.48 24.43 58.47
C VAL D 204 -14.15 23.89 57.11
N MET D 205 -14.17 22.58 57.03
CA MET D 205 -13.84 21.88 55.80
C MET D 205 -14.62 22.38 54.59
N LYS D 206 -15.84 22.88 54.82
CA LYS D 206 -16.67 23.36 53.72
C LYS D 206 -16.00 24.46 52.89
N HIS D 207 -15.08 25.19 53.53
CA HIS D 207 -14.34 26.27 52.87
C HIS D 207 -13.04 25.80 52.19
N LEU D 208 -12.60 24.58 52.46
CA LEU D 208 -11.36 24.08 51.86
C LEU D 208 -11.60 23.19 50.63
N PRO D 209 -10.58 23.04 49.76
CA PRO D 209 -10.76 22.30 48.51
C PRO D 209 -10.52 20.80 48.69
N GLY D 210 -10.58 20.04 47.60
CA GLY D 210 -10.47 18.58 47.68
C GLY D 210 -11.84 17.91 47.56
N PRO D 211 -12.03 16.76 48.23
CA PRO D 211 -13.19 15.85 48.04
C PRO D 211 -14.58 16.44 48.28
N GLN D 212 -14.78 17.02 49.46
CA GLN D 212 -16.08 17.54 49.87
C GLN D 212 -16.65 18.54 48.86
N GLN D 213 -15.76 19.26 48.17
CA GLN D 213 -16.18 20.13 47.07
C GLN D 213 -16.86 19.33 45.96
N GLN D 214 -16.18 18.31 45.44
CA GLN D 214 -16.80 17.38 44.48
C GLN D 214 -18.17 16.94 44.99
N ALA D 215 -18.19 16.44 46.22
CA ALA D 215 -19.42 15.93 46.82
C ALA D 215 -20.51 17.00 46.92
N PHE D 216 -20.13 18.25 47.12
CA PHE D 216 -21.09 19.36 47.22
C PHE D 216 -21.85 19.61 45.91
N GLN D 217 -21.16 19.39 44.79
CA GLN D 217 -21.69 19.74 43.49
C GLN D 217 -22.52 18.61 42.89
N LEU D 218 -22.30 17.40 43.38
CA LEU D 218 -23.15 16.29 42.98
C LEU D 218 -24.54 16.56 43.58
N LEU D 219 -24.55 16.92 44.86
CA LEU D 219 -25.73 17.37 45.61
C LEU D 219 -26.46 18.48 44.91
N GLN D 220 -25.69 19.47 44.44
CA GLN D 220 -26.24 20.60 43.67
C GLN D 220 -26.92 20.14 42.41
N GLY D 221 -26.16 19.44 41.58
CA GLY D 221 -26.68 18.88 40.33
C GLY D 221 -28.04 18.26 40.52
N LEU D 222 -28.29 17.79 41.73
CA LEU D 222 -29.52 17.12 42.08
C LEU D 222 -30.67 18.08 42.42
N GLU D 223 -30.45 18.99 43.39
CA GLU D 223 -31.44 20.01 43.68
C GLU D 223 -31.82 20.71 42.37
N ASP D 224 -30.82 21.15 41.61
CA ASP D 224 -31.02 21.82 40.33
C ASP D 224 -31.92 21.08 39.37
N PHE D 225 -31.65 19.80 39.14
CA PHE D 225 -32.54 18.96 38.33
C PHE D 225 -33.96 19.02 38.88
N ILE D 226 -34.08 18.85 40.21
CA ILE D 226 -35.37 18.85 40.88
C ILE D 226 -36.01 20.23 40.73
N ALA D 227 -35.26 21.27 41.07
CA ALA D 227 -35.68 22.66 40.87
C ALA D 227 -36.30 22.85 39.49
N LYS D 228 -35.52 22.57 38.44
CA LYS D 228 -36.00 22.63 37.06
C LYS D 228 -37.24 21.76 36.80
N LYS D 229 -37.27 20.54 37.35
CA LYS D 229 -38.43 19.67 37.20
C LYS D 229 -39.68 20.20 37.92
N VAL D 230 -39.47 20.93 39.01
CA VAL D 230 -40.58 21.55 39.74
C VAL D 230 -41.18 22.67 38.90
N GLU D 231 -40.28 23.49 38.32
CA GLU D 231 -40.66 24.67 37.54
C GLU D 231 -41.53 24.30 36.32
N HIS D 232 -41.13 23.25 35.60
CA HIS D 232 -41.97 22.65 34.56
C HIS D 232 -43.37 22.33 35.08
N ASN D 233 -43.45 21.67 36.23
CA ASN D 233 -44.74 21.23 36.76
C ASN D 233 -45.69 22.38 37.11
N GLN D 234 -45.15 23.50 37.56
CA GLN D 234 -45.99 24.61 37.90
C GLN D 234 -46.61 25.04 36.61
N ARG D 235 -45.74 25.31 35.68
CA ARG D 235 -46.16 25.84 34.38
C ARG D 235 -47.28 25.02 33.74
N THR D 236 -47.44 23.75 34.10
CA THR D 236 -48.41 22.89 33.40
C THR D 236 -49.35 22.26 34.35
N LEU D 237 -49.54 22.88 35.52
CA LEU D 237 -50.22 22.23 36.62
C LEU D 237 -51.73 22.18 36.45
N ASP D 238 -52.33 21.02 36.69
CA ASP D 238 -53.79 20.94 36.64
C ASP D 238 -54.39 20.90 38.04
N PRO D 239 -54.81 22.06 38.57
CA PRO D 239 -55.31 22.15 39.95
C PRO D 239 -56.45 21.17 40.24
N ASN D 240 -57.15 20.74 39.20
CA ASN D 240 -58.21 19.72 39.32
C ASN D 240 -57.65 18.32 39.58
N SER D 241 -56.81 17.87 38.66
CA SER D 241 -56.22 16.54 38.71
C SER D 241 -54.68 16.67 38.71
N PRO D 242 -54.03 16.14 39.77
CA PRO D 242 -52.58 16.05 39.86
C PRO D 242 -52.03 14.91 39.01
N ARG D 243 -50.75 15.00 38.66
CA ARG D 243 -50.06 13.97 37.88
C ARG D 243 -49.07 13.22 38.77
N ASP D 244 -48.61 13.90 39.82
CA ASP D 244 -47.53 13.41 40.69
C ASP D 244 -47.50 14.11 42.05
N PHE D 245 -46.50 13.74 42.85
CA PHE D 245 -46.25 14.31 44.18
C PHE D 245 -46.05 15.83 44.14
N ILE D 246 -45.25 16.30 43.19
CA ILE D 246 -44.94 17.73 43.10
C ILE D 246 -46.18 18.51 42.75
N ASP D 247 -47.08 17.88 41.99
CA ASP D 247 -48.40 18.44 41.74
C ASP D 247 -49.20 18.52 43.05
N SER D 248 -49.49 17.37 43.65
CA SER D 248 -50.18 17.31 44.95
C SER D 248 -49.68 18.32 45.99
N PHE D 249 -48.37 18.50 46.04
CA PHE D 249 -47.73 19.42 47.00
C PHE D 249 -48.07 20.85 46.64
N LEU D 250 -47.82 21.22 45.39
CA LEU D 250 -48.21 22.52 44.88
C LEU D 250 -49.68 22.85 45.21
N ILE D 251 -50.58 21.95 44.82
CA ILE D 251 -52.00 22.09 45.13
C ILE D 251 -52.19 22.66 46.54
N ARG D 252 -51.47 22.09 47.52
CA ARG D 252 -51.53 22.57 48.90
C ARG D 252 -50.84 23.94 49.07
N MET D 253 -49.77 24.18 48.31
CA MET D 253 -49.05 25.45 48.32
C MET D 253 -49.97 26.63 48.02
N GLN D 254 -51.11 26.35 47.39
CA GLN D 254 -52.10 27.36 47.03
C GLN D 254 -53.07 27.57 48.16
N GLU D 255 -53.63 26.47 48.66
CA GLU D 255 -54.57 26.49 49.75
C GLU D 255 -54.02 27.20 50.99
N GLU D 256 -52.71 27.01 51.22
CA GLU D 256 -52.01 27.61 52.33
C GLU D 256 -51.47 28.99 51.97
N GLU D 257 -51.78 29.47 50.77
CA GLU D 257 -51.13 30.70 50.28
C GLU D 257 -51.47 31.91 51.15
N LYS D 258 -52.67 31.87 51.75
CA LYS D 258 -53.15 32.90 52.68
C LYS D 258 -52.55 32.77 54.09
N ASN D 259 -52.33 31.52 54.53
CA ASN D 259 -51.67 31.16 55.81
C ASN D 259 -50.19 31.58 55.82
N PRO D 260 -49.78 32.49 56.75
CA PRO D 260 -48.35 32.86 56.76
C PRO D 260 -47.51 31.92 57.64
N ASN D 261 -48.19 31.18 58.52
CA ASN D 261 -47.60 30.20 59.43
C ASN D 261 -47.53 28.81 58.81
N THR D 262 -47.45 28.73 57.48
CA THR D 262 -47.48 27.44 56.79
C THR D 262 -46.11 26.93 56.41
N GLU D 263 -46.00 25.60 56.32
CA GLU D 263 -44.74 24.92 55.99
C GLU D 263 -44.63 24.53 54.52
N PHE D 264 -45.76 24.43 53.85
CA PHE D 264 -45.79 24.14 52.41
C PHE D 264 -45.37 25.34 51.55
N TYR D 265 -44.08 25.59 51.42
CA TYR D 265 -43.59 26.54 50.44
C TYR D 265 -42.67 25.89 49.42
N LEU D 266 -41.92 26.70 48.69
CA LEU D 266 -41.11 26.16 47.59
C LEU D 266 -39.93 25.31 48.05
N LYS D 267 -39.05 25.85 48.90
CA LYS D 267 -37.99 25.05 49.41
C LYS D 267 -38.60 23.74 49.86
N ASN D 268 -39.38 23.79 50.92
CA ASN D 268 -39.89 22.52 51.45
C ASN D 268 -40.41 21.58 50.37
N LEU D 269 -40.78 22.12 49.22
CA LEU D 269 -41.18 21.24 48.14
C LEU D 269 -39.99 20.60 47.45
N VAL D 270 -38.94 21.37 47.22
CA VAL D 270 -37.79 20.92 46.46
C VAL D 270 -37.12 19.79 47.25
N MET D 271 -36.75 20.09 48.48
CA MET D 271 -36.12 19.14 49.37
C MET D 271 -36.97 17.89 49.61
N THR D 272 -38.21 18.04 50.07
CA THR D 272 -39.08 16.88 50.22
C THR D 272 -39.01 15.96 49.00
N THR D 273 -38.76 16.54 47.83
CA THR D 273 -38.74 15.75 46.62
C THR D 273 -37.37 15.13 46.49
N LEU D 274 -36.34 15.96 46.59
CA LEU D 274 -34.99 15.43 46.61
C LEU D 274 -34.91 14.27 47.62
N ASN D 275 -35.21 14.56 48.88
CA ASN D 275 -35.31 13.58 49.95
C ASN D 275 -35.97 12.30 49.50
N LEU D 276 -37.10 12.43 48.82
CA LEU D 276 -37.81 11.24 48.37
C LEU D 276 -37.11 10.55 47.21
N PHE D 277 -36.40 11.31 46.37
CA PHE D 277 -35.73 10.71 45.21
C PHE D 277 -34.50 9.91 45.68
N ILE D 278 -33.58 10.59 46.37
CA ILE D 278 -32.38 9.96 46.94
C ILE D 278 -32.74 8.81 47.90
N GLY D 279 -33.55 9.13 48.90
CA GLY D 279 -34.06 8.14 49.83
C GLY D 279 -34.58 6.87 49.17
N GLY D 280 -35.26 7.02 48.05
CA GLY D 280 -35.99 5.90 47.46
C GLY D 280 -35.22 5.13 46.41
N THR D 281 -34.02 5.58 46.16
CA THR D 281 -33.23 5.03 45.10
C THR D 281 -31.98 4.33 45.58
N GLU D 282 -31.11 5.04 46.25
CA GLU D 282 -29.75 4.56 46.54
C GLU D 282 -29.71 3.56 47.70
N THR D 283 -30.67 3.65 48.59
CA THR D 283 -30.79 2.70 49.67
C THR D 283 -31.22 1.35 49.12
N VAL D 284 -32.36 1.29 48.43
CA VAL D 284 -32.83 0.01 47.88
C VAL D 284 -31.93 -0.49 46.77
N SER D 285 -31.33 0.43 46.03
CA SER D 285 -30.41 0.03 44.98
C SER D 285 -29.24 -0.72 45.58
N THR D 286 -28.57 -0.09 46.54
CA THR D 286 -27.44 -0.72 47.24
C THR D 286 -27.88 -2.06 47.80
N THR D 287 -29.07 -2.12 48.39
CA THR D 287 -29.52 -3.35 48.99
C THR D 287 -29.53 -4.50 48.02
N LEU D 288 -29.99 -4.25 46.80
CA LEU D 288 -30.07 -5.31 45.81
C LEU D 288 -28.67 -5.72 45.40
N ARG D 289 -27.86 -4.68 45.20
CA ARG D 289 -26.54 -4.83 44.66
C ARG D 289 -25.68 -5.71 45.53
N TYR D 290 -25.88 -5.62 46.84
CA TYR D 290 -25.20 -6.47 47.78
C TYR D 290 -25.86 -7.84 47.65
N GLY D 291 -27.18 -7.82 47.51
CA GLY D 291 -28.00 -9.02 47.44
C GLY D 291 -27.36 -10.04 46.54
N PHE D 292 -27.09 -9.66 45.31
CA PHE D 292 -26.64 -10.67 44.39
C PHE D 292 -25.25 -11.12 44.76
N LEU D 293 -24.45 -10.21 45.27
CA LEU D 293 -23.10 -10.55 45.64
C LEU D 293 -23.10 -11.69 46.61
N LEU D 294 -23.93 -11.61 47.64
CA LEU D 294 -23.94 -12.66 48.67
C LEU D 294 -24.50 -13.95 48.10
N LEU D 295 -25.68 -13.83 47.51
CA LEU D 295 -26.33 -14.94 46.85
C LEU D 295 -25.37 -15.68 45.94
N MET D 296 -24.38 -14.97 45.44
CA MET D 296 -23.41 -15.62 44.59
C MET D 296 -22.37 -16.33 45.41
N LYS D 297 -22.01 -15.75 46.55
CA LYS D 297 -21.03 -16.36 47.46
C LYS D 297 -21.65 -17.55 48.22
N HIS D 298 -22.97 -17.72 48.13
CA HIS D 298 -23.64 -18.83 48.80
C HIS D 298 -24.59 -19.63 47.86
N PRO D 299 -24.02 -20.33 46.86
CA PRO D 299 -24.77 -21.12 45.90
C PRO D 299 -25.72 -22.06 46.61
N GLU D 300 -25.20 -22.71 47.66
CA GLU D 300 -26.02 -23.39 48.70
C GLU D 300 -27.38 -22.70 48.88
N VAL D 301 -27.33 -21.40 49.18
CA VAL D 301 -28.56 -20.65 49.44
C VAL D 301 -29.23 -20.25 48.13
N GLU D 302 -28.41 -19.93 47.12
CA GLU D 302 -28.92 -19.50 45.83
C GLU D 302 -29.89 -20.53 45.28
N ALA D 303 -29.40 -21.78 45.21
CA ALA D 303 -30.19 -22.93 44.73
C ALA D 303 -31.47 -23.10 45.55
N LYS D 304 -31.31 -23.33 46.86
CA LYS D 304 -32.46 -23.42 47.76
C LYS D 304 -33.47 -22.32 47.41
N VAL D 305 -32.97 -21.13 47.13
CA VAL D 305 -33.81 -20.00 46.73
C VAL D 305 -34.63 -20.31 45.49
N HIS D 306 -34.00 -20.90 44.48
CA HIS D 306 -34.71 -21.27 43.24
C HIS D 306 -35.84 -22.24 43.52
N GLU D 307 -35.54 -23.29 44.29
CA GLU D 307 -36.55 -24.26 44.71
C GLU D 307 -37.81 -23.59 45.26
N GLU D 308 -37.67 -22.67 46.20
CA GLU D 308 -38.86 -22.02 46.77
C GLU D 308 -39.65 -21.22 45.72
N ILE D 309 -38.99 -20.77 44.65
CA ILE D 309 -39.68 -20.00 43.59
C ILE D 309 -40.32 -20.94 42.57
N ASP D 310 -39.50 -21.85 42.03
CA ASP D 310 -39.98 -22.89 41.13
C ASP D 310 -41.14 -23.68 41.74
N ARG D 311 -41.09 -23.89 43.06
CA ARG D 311 -42.12 -24.62 43.76
C ARG D 311 -43.37 -23.79 43.94
N VAL D 312 -43.24 -22.51 44.20
CA VAL D 312 -44.42 -21.72 44.58
C VAL D 312 -44.96 -20.85 43.44
N ILE D 313 -44.13 -20.50 42.47
CA ILE D 313 -44.61 -19.68 41.35
C ILE D 313 -44.25 -20.32 40.01
N GLY D 314 -43.10 -20.97 39.97
CA GLY D 314 -42.67 -21.73 38.79
C GLY D 314 -42.31 -20.90 37.58
N LYS D 315 -41.91 -21.61 36.52
CA LYS D 315 -41.51 -21.01 35.24
C LYS D 315 -42.56 -20.05 34.64
N ASN D 316 -43.84 -20.39 34.77
CA ASN D 316 -44.95 -19.74 34.04
C ASN D 316 -45.33 -18.27 34.36
N ARG D 317 -45.68 -17.96 35.61
CA ARG D 317 -46.32 -16.67 35.95
C ARG D 317 -45.51 -15.69 36.80
N GLN D 318 -45.67 -14.38 36.54
CA GLN D 318 -45.00 -13.31 37.28
C GLN D 318 -45.45 -13.29 38.76
N PRO D 319 -44.51 -13.10 39.71
CA PRO D 319 -44.78 -13.10 41.16
C PRO D 319 -45.47 -11.85 41.65
N LYS D 320 -46.32 -12.04 42.64
CA LYS D 320 -47.07 -10.98 43.25
C LYS D 320 -46.68 -10.88 44.69
N PHE D 321 -46.91 -9.71 45.28
CA PHE D 321 -46.60 -9.50 46.69
C PHE D 321 -47.27 -10.55 47.56
N GLU D 322 -48.57 -10.75 47.32
CA GLU D 322 -49.32 -11.75 48.07
C GLU D 322 -48.48 -13.02 48.26
N ASP D 323 -47.71 -13.36 47.25
CA ASP D 323 -46.82 -14.53 47.31
C ASP D 323 -45.65 -14.26 48.23
N ARG D 324 -45.93 -13.73 49.41
CA ARG D 324 -44.89 -13.39 50.38
C ARG D 324 -45.21 -14.01 51.75
N ALA D 325 -46.43 -14.48 51.91
CA ALA D 325 -46.85 -15.09 53.16
C ALA D 325 -46.68 -16.60 53.13
N LYS D 326 -46.31 -17.13 51.96
CA LYS D 326 -46.11 -18.56 51.79
C LYS D 326 -44.65 -18.87 51.49
N MET D 327 -43.90 -17.87 51.06
CA MET D 327 -42.49 -18.10 50.74
C MET D 327 -41.56 -17.55 51.82
N PRO D 328 -41.61 -18.08 53.03
CA PRO D 328 -40.66 -17.62 54.04
C PRO D 328 -39.19 -17.68 53.60
N TYR D 329 -38.75 -18.77 52.96
CA TYR D 329 -37.31 -18.88 52.65
C TYR D 329 -36.71 -17.64 51.97
N MET D 330 -37.46 -17.08 51.02
CA MET D 330 -37.02 -15.90 50.31
C MET D 330 -37.08 -14.72 51.28
N GLU D 331 -38.12 -14.65 52.10
CA GLU D 331 -38.19 -13.62 53.14
C GLU D 331 -37.05 -13.68 54.15
N ALA D 332 -36.58 -14.89 54.47
CA ALA D 332 -35.40 -15.04 55.28
C ALA D 332 -34.20 -14.45 54.59
N VAL D 333 -34.01 -14.78 53.32
CA VAL D 333 -32.84 -14.29 52.60
C VAL D 333 -32.86 -12.77 52.48
N ILE D 334 -34.02 -12.21 52.17
CA ILE D 334 -34.12 -10.79 52.00
C ILE D 334 -33.78 -10.06 53.31
N HIS D 335 -34.46 -10.43 54.39
CA HIS D 335 -34.14 -9.92 55.71
C HIS D 335 -32.64 -10.06 55.97
N GLU D 336 -32.13 -11.28 55.84
CA GLU D 336 -30.74 -11.61 56.18
C GLU D 336 -29.77 -10.79 55.39
N ILE D 337 -30.17 -10.44 54.16
CA ILE D 337 -29.37 -9.55 53.31
C ILE D 337 -29.44 -8.17 53.93
N GLN D 338 -30.64 -7.72 54.26
CA GLN D 338 -30.78 -6.42 54.88
C GLN D 338 -30.00 -6.34 56.19
N ARG D 339 -29.96 -7.45 56.94
CA ARG D 339 -29.23 -7.48 58.18
C ARG D 339 -27.72 -7.54 57.90
N PHE D 340 -27.31 -8.39 56.97
CA PHE D 340 -25.87 -8.48 56.64
C PHE D 340 -25.32 -7.21 56.02
N GLY D 341 -26.08 -6.69 55.07
CA GLY D 341 -25.76 -5.49 54.33
C GLY D 341 -25.52 -4.30 55.23
N ASP D 342 -26.46 -4.05 56.14
CA ASP D 342 -26.34 -2.97 57.10
C ASP D 342 -26.16 -1.61 56.43
N VAL D 343 -27.02 -1.37 55.47
CA VAL D 343 -26.89 -0.23 54.60
C VAL D 343 -26.67 1.11 55.34
N ILE D 344 -27.54 1.47 56.28
CA ILE D 344 -27.29 2.67 57.07
C ILE D 344 -26.74 2.25 58.44
N PRO D 345 -25.44 2.01 58.54
CA PRO D 345 -24.97 1.37 59.77
C PRO D 345 -25.24 2.06 61.13
N MET D 346 -25.43 3.38 61.12
CA MET D 346 -25.61 4.17 62.35
C MET D 346 -26.92 4.99 62.36
N SER D 347 -27.82 4.66 61.43
CA SER D 347 -29.07 5.37 61.20
C SER D 347 -28.82 6.81 60.80
N LEU D 348 -29.87 7.61 60.81
CA LEU D 348 -29.72 9.03 60.60
C LEU D 348 -29.89 9.59 61.99
N ALA D 349 -29.05 10.59 62.29
CA ALA D 349 -28.95 11.13 63.64
C ALA D 349 -30.30 11.56 64.21
N ARG D 350 -30.47 11.40 65.52
CA ARG D 350 -31.66 11.90 66.19
C ARG D 350 -31.30 12.95 67.21
N ARG D 351 -32.34 13.47 67.86
CA ARG D 351 -32.22 14.58 68.80
C ARG D 351 -33.24 14.48 69.93
N VAL D 352 -32.82 14.96 71.09
CA VAL D 352 -33.70 15.11 72.22
C VAL D 352 -34.50 16.41 72.15
N LYS D 353 -35.84 16.25 72.08
CA LYS D 353 -36.79 17.36 71.95
C LYS D 353 -36.78 18.26 73.20
N LYS D 354 -36.97 17.66 74.38
CA LYS D 354 -36.78 18.30 75.69
C LYS D 354 -35.44 17.88 76.34
N ASP D 355 -35.21 18.28 77.60
CA ASP D 355 -34.16 17.69 78.41
C ASP D 355 -34.67 16.28 78.66
N THR D 356 -33.80 15.28 78.57
CA THR D 356 -34.25 13.90 78.79
C THR D 356 -33.37 13.11 79.75
N LYS D 357 -34.04 12.32 80.59
CA LYS D 357 -33.38 11.42 81.55
C LYS D 357 -33.56 9.95 81.15
N PHE D 358 -32.44 9.31 80.81
CA PHE D 358 -32.45 7.97 80.22
C PHE D 358 -31.62 6.97 81.00
N ARG D 359 -32.28 5.91 81.47
CA ARG D 359 -31.70 4.95 82.41
C ARG D 359 -31.20 5.71 83.63
N ASP D 360 -29.89 5.85 83.74
CA ASP D 360 -29.31 6.57 84.87
C ASP D 360 -28.65 7.85 84.40
N PHE D 361 -29.16 8.42 83.30
CA PHE D 361 -28.48 9.52 82.63
C PHE D 361 -29.35 10.72 82.39
N PHE D 362 -28.74 11.90 82.32
CA PHE D 362 -29.48 13.13 82.08
C PHE D 362 -28.94 13.89 80.88
N LEU D 363 -29.55 13.65 79.72
CA LEU D 363 -29.13 14.30 78.49
C LEU D 363 -29.85 15.63 78.30
N PRO D 364 -29.15 16.65 77.80
CA PRO D 364 -29.74 17.99 77.63
C PRO D 364 -30.63 18.14 76.38
N LYS D 365 -31.32 19.27 76.24
CA LYS D 365 -32.17 19.50 75.07
C LYS D 365 -31.25 19.56 73.86
N GLY D 366 -31.67 18.98 72.75
CA GLY D 366 -30.91 19.07 71.49
C GLY D 366 -29.57 18.34 71.40
N THR D 367 -29.31 17.38 72.29
CA THR D 367 -28.12 16.53 72.15
C THR D 367 -28.43 15.50 71.08
N GLU D 368 -27.43 15.25 70.24
CA GLU D 368 -27.53 14.29 69.13
C GLU D 368 -27.45 12.80 69.55
N VAL D 369 -28.36 11.99 69.00
CA VAL D 369 -28.28 10.54 69.21
C VAL D 369 -27.94 9.77 67.93
N TYR D 370 -26.80 9.08 67.95
CA TYR D 370 -26.42 8.16 66.90
C TYR D 370 -26.95 6.79 67.30
N PRO D 371 -28.04 6.35 66.69
CA PRO D 371 -28.53 5.04 67.08
C PRO D 371 -27.92 3.92 66.22
N MET D 372 -26.87 3.29 66.74
CA MET D 372 -26.11 2.28 66.04
C MET D 372 -27.12 1.21 65.68
N LEU D 373 -27.41 1.06 64.38
CA LEU D 373 -28.44 0.13 63.99
C LEU D 373 -27.63 -1.10 63.68
N GLY D 374 -26.47 -0.89 63.09
CA GLY D 374 -25.58 -1.97 62.80
C GLY D 374 -25.44 -2.91 63.98
N SER D 375 -25.23 -2.31 65.16
CA SER D 375 -24.92 -3.06 66.38
C SER D 375 -26.12 -3.85 66.88
N VAL D 376 -27.30 -3.53 66.35
CA VAL D 376 -28.52 -4.26 66.70
C VAL D 376 -28.71 -5.43 65.75
N LEU D 377 -28.46 -5.21 64.45
CA LEU D 377 -28.57 -6.24 63.43
C LEU D 377 -27.48 -7.27 63.67
N ARG D 378 -26.46 -6.85 64.41
CA ARG D 378 -25.31 -7.68 64.68
C ARG D 378 -25.26 -8.04 66.14
N ASP D 379 -26.35 -7.85 66.85
CA ASP D 379 -26.41 -8.21 68.24
C ASP D 379 -26.52 -9.71 68.40
N PRO D 380 -25.50 -10.33 68.97
CA PRO D 380 -25.42 -11.79 69.08
C PRO D 380 -26.49 -12.38 69.98
N SER D 381 -27.04 -11.57 70.89
CA SER D 381 -28.15 -12.03 71.70
C SER D 381 -29.33 -12.44 70.83
N PHE D 382 -29.39 -11.90 69.60
CA PHE D 382 -30.55 -12.10 68.68
C PHE D 382 -30.22 -12.78 67.34
N PHE D 383 -28.94 -12.81 67.01
CA PHE D 383 -28.44 -13.53 65.86
C PHE D 383 -27.17 -14.19 66.25
N SER D 384 -27.12 -15.51 66.19
CA SER D 384 -25.93 -16.23 66.58
C SER D 384 -24.93 -16.07 65.47
N ASN D 385 -23.72 -15.64 65.75
CA ASN D 385 -22.81 -15.37 64.65
C ASN D 385 -23.26 -14.26 63.69
N PRO D 386 -23.48 -13.10 64.26
CA PRO D 386 -23.88 -11.94 63.52
C PRO D 386 -22.98 -11.69 62.35
N GLN D 387 -21.69 -11.97 62.50
CA GLN D 387 -20.65 -11.86 61.44
C GLN D 387 -20.83 -12.71 60.20
N ASP D 388 -21.80 -13.60 60.23
CA ASP D 388 -22.01 -14.54 59.16
C ASP D 388 -23.24 -14.25 58.35
N PHE D 389 -23.08 -14.21 57.04
CA PHE D 389 -24.26 -14.23 56.22
C PHE D 389 -24.80 -15.66 56.22
N ASN D 390 -26.00 -15.83 56.76
CA ASN D 390 -26.70 -17.12 56.74
C ASN D 390 -28.14 -17.00 57.20
N PRO D 391 -29.08 -17.25 56.26
CA PRO D 391 -30.48 -16.98 56.51
C PRO D 391 -31.12 -17.89 57.58
N GLN D 392 -30.38 -18.82 58.17
CA GLN D 392 -30.93 -19.53 59.32
C GLN D 392 -31.22 -18.54 60.45
N HIS D 393 -30.66 -17.34 60.33
CA HIS D 393 -30.96 -16.25 61.25
C HIS D 393 -32.44 -15.87 61.29
N PHE D 394 -33.16 -16.13 60.21
CA PHE D 394 -34.59 -15.80 60.16
C PHE D 394 -35.54 -16.99 60.00
N LEU D 395 -35.02 -18.18 60.29
CA LEU D 395 -35.71 -19.45 60.09
C LEU D 395 -35.69 -20.29 61.36
N ASN D 396 -36.84 -20.76 61.77
CA ASN D 396 -36.95 -21.61 62.93
C ASN D 396 -36.76 -23.04 62.56
N GLU D 397 -36.94 -23.93 63.51
CA GLU D 397 -36.52 -25.30 63.30
C GLU D 397 -37.23 -25.86 62.09
N LYS D 398 -38.52 -25.55 61.99
CA LYS D 398 -39.35 -26.10 60.93
C LYS D 398 -39.51 -25.18 59.72
N GLY D 399 -38.40 -24.84 59.07
CA GLY D 399 -38.44 -24.11 57.82
C GLY D 399 -39.47 -22.99 57.71
N GLN D 400 -39.72 -22.26 58.80
CA GLN D 400 -40.57 -21.13 58.75
C GLN D 400 -39.91 -19.83 59.04
N PHE D 401 -40.52 -18.81 58.49
CA PHE D 401 -40.07 -17.45 58.78
C PHE D 401 -40.11 -17.14 60.27
N LYS D 402 -38.98 -16.71 60.80
CA LYS D 402 -38.88 -16.40 62.22
C LYS D 402 -38.59 -14.90 62.32
N LYS D 403 -39.49 -14.14 62.94
CA LYS D 403 -39.29 -12.69 63.13
C LYS D 403 -38.10 -12.42 64.06
N SER D 404 -37.68 -11.15 64.12
CA SER D 404 -36.68 -10.68 65.08
C SER D 404 -36.91 -9.23 65.40
N ASP D 405 -36.98 -8.93 66.69
CA ASP D 405 -37.24 -7.56 67.12
C ASP D 405 -35.95 -6.78 66.97
N ALA D 406 -34.90 -7.49 66.54
CA ALA D 406 -33.59 -6.90 66.27
C ALA D 406 -33.41 -6.60 64.77
N PHE D 407 -34.35 -7.06 63.96
CA PHE D 407 -34.35 -6.70 62.56
C PHE D 407 -34.83 -5.26 62.39
N VAL D 408 -33.87 -4.33 62.35
CA VAL D 408 -34.12 -2.89 62.38
C VAL D 408 -33.46 -2.02 61.28
N PRO D 409 -33.43 -2.47 60.00
CA PRO D 409 -32.65 -1.70 59.03
C PRO D 409 -33.32 -0.39 58.59
N PHE D 410 -34.64 -0.33 58.82
CA PHE D 410 -35.43 0.88 58.60
C PHE D 410 -35.61 1.62 59.91
N SER D 411 -34.83 1.27 60.91
CA SER D 411 -34.81 1.96 62.18
C SER D 411 -36.17 1.88 62.80
N ILE D 412 -36.34 2.41 64.00
CA ILE D 412 -37.67 2.38 64.59
C ILE D 412 -38.11 3.74 65.14
N GLY D 413 -39.26 3.76 65.82
CA GLY D 413 -39.77 4.99 66.40
C GLY D 413 -40.61 5.90 65.51
N LYS D 414 -40.68 7.17 65.92
CA LYS D 414 -41.58 8.13 65.31
C LYS D 414 -40.94 8.84 64.10
N ARG D 415 -39.66 8.59 63.85
CA ARG D 415 -39.00 9.18 62.69
C ARG D 415 -38.35 8.13 61.85
N ASN D 416 -38.90 6.92 61.86
CA ASN D 416 -38.30 5.86 61.10
C ASN D 416 -38.72 5.98 59.64
N CYS D 417 -38.04 5.20 58.80
CA CYS D 417 -38.23 5.26 57.35
C CYS D 417 -39.66 4.99 56.93
N PHE D 418 -40.38 6.05 56.57
CA PHE D 418 -41.72 5.92 56.04
C PHE D 418 -41.76 5.42 54.59
N GLY D 419 -40.61 5.01 54.06
CA GLY D 419 -40.54 4.32 52.78
C GLY D 419 -40.50 2.80 52.93
N GLU D 420 -40.34 2.35 54.18
CA GLU D 420 -40.21 0.93 54.48
C GLU D 420 -41.23 0.08 53.72
N GLY D 421 -42.47 0.58 53.66
CA GLY D 421 -43.59 -0.13 53.02
C GLY D 421 -43.45 -0.21 51.51
N LEU D 422 -42.82 0.81 50.94
CA LEU D 422 -42.52 0.79 49.53
C LEU D 422 -41.37 -0.19 49.36
N ALA D 423 -40.30 0.12 50.09
CA ALA D 423 -39.06 -0.62 50.06
C ALA D 423 -39.23 -2.14 50.09
N ARG D 424 -39.98 -2.65 51.07
CA ARG D 424 -40.23 -4.11 51.22
C ARG D 424 -40.75 -4.72 49.94
N MET D 425 -41.79 -4.08 49.42
CA MET D 425 -42.45 -4.48 48.20
C MET D 425 -41.45 -4.59 47.08
N GLU D 426 -40.71 -3.50 46.87
CA GLU D 426 -39.68 -3.42 45.85
C GLU D 426 -38.65 -4.53 45.96
N LEU D 427 -38.19 -4.77 47.18
CA LEU D 427 -37.15 -5.75 47.42
C LEU D 427 -37.60 -7.15 47.10
N PHE D 428 -38.82 -7.49 47.52
CA PHE D 428 -39.32 -8.84 47.28
C PHE D 428 -39.45 -9.05 45.78
N LEU D 429 -40.04 -8.06 45.13
CA LEU D 429 -40.40 -8.19 43.75
C LEU D 429 -39.18 -8.29 42.85
N PHE D 430 -38.32 -7.29 42.88
CA PHE D 430 -37.09 -7.33 42.11
C PHE D 430 -36.25 -8.59 42.32
N PHE D 431 -35.96 -8.94 43.58
CA PHE D 431 -35.23 -10.20 43.85
C PHE D 431 -35.90 -11.40 43.25
N THR D 432 -37.15 -11.65 43.68
CA THR D 432 -37.92 -12.82 43.27
C THR D 432 -37.98 -12.94 41.74
N THR D 433 -38.44 -11.88 41.08
CA THR D 433 -38.46 -11.88 39.62
C THR D 433 -37.09 -12.18 39.05
N VAL D 434 -36.10 -11.36 39.36
CA VAL D 434 -34.76 -11.60 38.81
C VAL D 434 -34.37 -13.08 38.92
N MET D 435 -34.58 -13.66 40.09
CA MET D 435 -34.07 -14.99 40.41
C MET D 435 -34.87 -16.09 39.73
N GLN D 436 -36.16 -15.82 39.55
CA GLN D 436 -37.09 -16.66 38.78
C GLN D 436 -36.62 -16.83 37.35
N ASN D 437 -35.86 -15.84 36.87
CA ASN D 437 -35.46 -15.79 35.48
C ASN D 437 -34.00 -16.12 35.23
N PHE D 438 -33.16 -15.98 36.25
CA PHE D 438 -31.74 -16.13 36.01
C PHE D 438 -31.03 -16.98 37.06
N ARG D 439 -29.89 -17.51 36.65
CA ARG D 439 -28.94 -18.18 37.53
C ARG D 439 -27.67 -17.32 37.52
N LEU D 440 -27.18 -16.94 38.70
CA LEU D 440 -26.12 -15.93 38.78
C LEU D 440 -24.74 -16.53 38.83
N LYS D 441 -23.94 -16.30 37.80
CA LYS D 441 -22.53 -16.70 37.82
C LYS D 441 -21.63 -15.49 37.94
N SER D 442 -20.59 -15.60 38.74
CA SER D 442 -19.67 -14.49 38.86
C SER D 442 -18.46 -14.58 37.98
N SER D 443 -17.78 -13.47 37.87
CA SER D 443 -16.57 -13.38 37.11
C SER D 443 -15.48 -14.08 37.84
N GLN D 444 -15.73 -14.46 39.08
CA GLN D 444 -14.75 -15.22 39.85
C GLN D 444 -15.35 -16.36 40.58
N SER D 445 -14.52 -17.19 41.20
CA SER D 445 -15.06 -18.35 41.90
C SER D 445 -15.55 -17.96 43.30
N PRO D 446 -16.64 -18.59 43.76
CA PRO D 446 -17.15 -18.24 45.08
C PRO D 446 -16.08 -18.18 46.18
N LYS D 447 -15.29 -19.24 46.34
CA LYS D 447 -14.21 -19.20 47.33
C LYS D 447 -13.53 -17.83 47.36
N ASP D 448 -13.49 -17.18 46.20
CA ASP D 448 -12.72 -15.97 46.06
C ASP D 448 -13.47 -14.64 46.11
N ILE D 449 -14.80 -14.69 46.18
CA ILE D 449 -15.61 -13.48 46.28
C ILE D 449 -15.42 -12.81 47.64
N ASP D 450 -15.13 -11.52 47.66
CA ASP D 450 -14.95 -10.83 48.94
C ASP D 450 -16.12 -9.93 49.35
N VAL D 451 -16.98 -10.41 50.25
CA VAL D 451 -18.21 -9.68 50.58
C VAL D 451 -18.07 -8.55 51.60
N SER D 452 -16.94 -8.51 52.32
CA SER D 452 -16.69 -7.36 53.19
C SER D 452 -16.65 -6.07 52.34
N PRO D 453 -17.33 -5.03 52.81
CA PRO D 453 -17.69 -3.88 52.00
C PRO D 453 -16.49 -2.99 51.62
N LYS D 454 -16.62 -2.18 50.57
CA LYS D 454 -15.53 -1.25 50.27
C LYS D 454 -15.44 -0.12 51.26
N HIS D 455 -16.57 0.44 51.64
CA HIS D 455 -16.60 1.61 52.51
C HIS D 455 -17.74 1.51 53.48
N VAL D 456 -17.48 1.91 54.72
CA VAL D 456 -18.56 2.08 55.66
C VAL D 456 -18.34 3.41 56.32
N GLY D 457 -19.45 4.15 56.46
CA GLY D 457 -19.49 5.40 57.20
C GLY D 457 -20.97 5.56 57.46
N PHE D 458 -21.57 6.51 56.77
CA PHE D 458 -22.99 6.75 56.86
C PHE D 458 -23.68 5.55 56.26
N ALA D 459 -23.21 5.12 55.10
CA ALA D 459 -23.78 4.01 54.38
C ALA D 459 -22.76 2.87 54.37
N THR D 460 -23.23 1.66 54.06
CA THR D 460 -22.33 0.52 53.82
C THR D 460 -22.22 0.33 52.30
N ILE D 461 -21.08 0.71 51.72
CA ILE D 461 -20.89 0.55 50.28
C ILE D 461 -20.21 -0.77 50.08
N PRO D 462 -20.87 -1.71 49.40
CA PRO D 462 -20.28 -2.98 49.00
C PRO D 462 -19.36 -2.81 47.81
N ARG D 463 -18.44 -3.77 47.63
CA ARG D 463 -17.46 -3.74 46.56
C ARG D 463 -18.02 -3.82 45.14
N ASN D 464 -17.19 -3.38 44.19
CA ASN D 464 -17.53 -3.48 42.80
C ASN D 464 -17.28 -4.89 42.37
N TYR D 465 -18.01 -5.29 41.34
CA TYR D 465 -17.85 -6.62 40.78
C TYR D 465 -18.60 -6.67 39.48
N THR D 466 -18.23 -7.64 38.66
CA THR D 466 -19.02 -7.95 37.50
C THR D 466 -19.61 -9.31 37.74
N MET D 467 -20.66 -9.62 37.01
CA MET D 467 -21.36 -10.89 37.14
C MET D 467 -22.06 -11.20 35.83
N SER D 468 -22.56 -12.42 35.71
CA SER D 468 -23.29 -12.80 34.52
C SER D 468 -24.65 -13.35 34.92
N PHE D 469 -25.66 -13.08 34.10
CA PHE D 469 -27.01 -13.57 34.34
C PHE D 469 -27.37 -14.66 33.32
N LEU D 470 -27.33 -15.93 33.70
CA LEU D 470 -27.66 -16.99 32.75
C LEU D 470 -29.03 -17.58 33.00
N PRO D 471 -29.83 -17.79 31.95
CA PRO D 471 -31.10 -18.55 32.09
C PRO D 471 -30.95 -20.00 32.61
N ARG D 472 -32.08 -20.68 32.73
CA ARG D 472 -32.21 -21.77 33.67
C ARG D 472 -32.51 -23.13 33.04
N GLY E 9 14.90 11.26 -1.18
CA GLY E 9 15.08 10.50 0.09
C GLY E 9 15.36 11.33 1.34
N LYS E 10 14.97 10.79 2.50
CA LYS E 10 15.38 11.32 3.79
C LYS E 10 16.42 10.37 4.44
N LEU E 11 16.86 10.77 5.63
CA LEU E 11 17.85 10.03 6.39
C LEU E 11 17.32 8.66 6.89
N PRO E 12 18.24 7.71 7.18
CA PRO E 12 17.92 6.55 7.99
C PRO E 12 17.13 6.92 9.24
N PRO E 13 16.15 6.05 9.61
CA PRO E 13 15.42 6.29 10.83
C PRO E 13 16.36 6.10 11.99
N GLY E 14 15.91 6.37 13.19
CA GLY E 14 16.75 6.21 14.35
C GLY E 14 15.97 6.87 15.45
N PRO E 15 16.41 6.69 16.70
CA PRO E 15 15.72 7.47 17.72
C PRO E 15 16.04 8.97 17.55
N THR E 16 15.21 9.83 18.13
CA THR E 16 15.35 11.27 17.97
C THR E 16 16.30 11.84 19.03
N PRO E 17 17.28 12.66 18.58
CA PRO E 17 18.34 13.17 19.45
C PRO E 17 17.95 14.43 20.21
N LEU E 18 18.35 14.49 21.47
CA LEU E 18 18.35 15.77 22.20
C LEU E 18 19.56 16.61 21.72
N PRO E 19 19.53 17.94 21.97
CA PRO E 19 20.45 18.80 21.20
C PRO E 19 21.91 18.87 21.72
N PHE E 20 22.88 18.75 20.83
CA PHE E 20 24.29 18.78 21.21
C PHE E 20 24.75 17.58 22.05
N ILE E 21 23.81 16.76 22.49
CA ILE E 21 24.14 15.57 23.27
C ILE E 21 23.56 14.37 22.53
N GLY E 22 22.91 14.61 21.39
CA GLY E 22 22.43 13.53 20.54
C GLY E 22 21.68 12.40 21.24
N ASN E 23 21.96 11.17 20.83
CA ASN E 23 21.22 10.02 21.34
C ASN E 23 21.74 9.43 22.66
N TYR E 24 22.46 10.24 23.45
CA TYR E 24 23.12 9.75 24.67
C TYR E 24 22.25 8.86 25.57
N LEU E 25 21.03 9.31 25.84
CA LEU E 25 20.12 8.56 26.69
C LEU E 25 19.75 7.22 26.06
N GLN E 26 20.01 7.03 24.80
CA GLN E 26 19.68 5.76 24.20
C GLN E 26 20.88 4.89 23.99
N LEU E 27 21.99 5.32 24.54
CA LEU E 27 23.28 4.61 24.36
C LEU E 27 24.02 4.35 25.68
N ASN E 28 24.51 3.12 25.83
CA ASN E 28 25.43 2.78 26.90
C ASN E 28 26.85 2.79 26.38
N THR E 29 27.68 3.63 27.01
CA THR E 29 29.07 3.83 26.59
C THR E 29 29.99 2.65 26.92
N GLU E 30 29.62 1.86 27.92
CA GLU E 30 30.39 0.68 28.27
C GLU E 30 30.24 -0.39 27.22
N GLN E 31 29.05 -0.44 26.64
CA GLN E 31 28.65 -1.50 25.72
C GLN E 31 28.10 -0.85 24.45
N MET E 32 28.95 -0.16 23.72
CA MET E 32 28.51 0.45 22.50
C MET E 32 27.92 -0.58 21.55
N TYR E 33 28.73 -1.54 21.09
CA TYR E 33 28.22 -2.57 20.18
C TYR E 33 26.88 -3.11 20.65
N ASN E 34 26.71 -3.38 21.94
CA ASN E 34 25.40 -3.83 22.39
C ASN E 34 24.31 -2.78 22.16
N SER E 35 24.55 -1.55 22.62
CA SER E 35 23.57 -0.45 22.52
C SER E 35 23.14 -0.20 21.09
N LEU E 36 24.09 -0.23 20.18
CA LEU E 36 23.75 -0.18 18.78
C LEU E 36 22.94 -1.40 18.36
N MET E 37 23.41 -2.62 18.65
CA MET E 37 22.62 -3.78 18.27
C MET E 37 21.23 -3.75 18.86
N LYS E 38 21.11 -3.15 20.04
CA LYS E 38 19.80 -3.11 20.69
C LYS E 38 18.90 -2.19 19.90
N ILE E 39 19.48 -1.12 19.37
CA ILE E 39 18.71 -0.13 18.64
C ILE E 39 18.40 -0.71 17.28
N SER E 40 19.29 -1.53 16.74
CA SER E 40 19.02 -2.18 15.46
C SER E 40 17.78 -3.08 15.49
N GLU E 41 17.44 -3.62 16.67
CA GLU E 41 16.21 -4.40 16.84
C GLU E 41 15.03 -3.47 16.73
N ARG E 42 15.28 -2.19 17.01
CA ARG E 42 14.23 -1.19 16.94
C ARG E 42 14.13 -0.49 15.60
N TYR E 43 15.23 -0.26 14.90
CA TYR E 43 15.10 0.53 13.68
C TYR E 43 15.50 -0.16 12.41
N GLY E 44 15.85 -1.44 12.52
CA GLY E 44 16.25 -2.21 11.35
C GLY E 44 17.75 -2.21 11.29
N PRO E 45 18.30 -2.90 10.28
CA PRO E 45 19.74 -2.97 10.21
C PRO E 45 20.41 -1.69 9.66
N VAL E 46 19.67 -0.59 9.52
CA VAL E 46 20.24 0.64 8.94
C VAL E 46 19.66 1.94 9.54
N PHE E 47 20.32 2.49 10.53
CA PHE E 47 19.75 3.64 11.20
C PHE E 47 20.70 4.80 11.43
N THR E 48 20.20 5.84 12.10
CA THR E 48 20.98 7.05 12.35
C THR E 48 21.16 7.24 13.84
N ILE E 49 22.40 7.52 14.20
CA ILE E 49 22.66 7.86 15.56
C ILE E 49 23.40 9.24 15.67
N HIS E 50 23.27 9.89 16.82
CA HIS E 50 23.97 11.14 17.02
C HIS E 50 24.91 11.03 18.19
N LEU E 51 26.19 10.97 17.88
CA LEU E 51 27.22 10.89 18.89
C LEU E 51 27.49 12.28 19.39
N GLY E 52 26.76 12.67 20.40
CA GLY E 52 26.85 14.03 20.83
C GLY E 52 26.42 14.76 19.60
N PRO E 53 27.29 15.51 18.98
CA PRO E 53 26.85 16.21 17.78
C PRO E 53 27.21 15.53 16.48
N ARG E 54 27.67 14.29 16.52
CA ARG E 54 28.01 13.61 15.29
C ARG E 54 26.82 12.87 14.77
N ARG E 55 26.55 12.99 13.48
CA ARG E 55 25.46 12.27 12.87
C ARG E 55 26.06 11.06 12.22
N VAL E 56 25.79 9.91 12.81
CA VAL E 56 26.35 8.66 12.30
C VAL E 56 25.29 7.69 11.78
N VAL E 57 25.52 7.15 10.59
CA VAL E 57 24.70 6.09 10.05
C VAL E 57 25.39 4.79 10.34
N VAL E 58 24.62 3.88 10.90
CA VAL E 58 25.13 2.64 11.44
C VAL E 58 24.65 1.52 10.56
N LEU E 59 25.58 0.73 10.04
CA LEU E 59 25.25 -0.41 9.18
C LEU E 59 25.51 -1.70 9.88
N CYS E 60 24.49 -2.56 9.97
CA CYS E 60 24.57 -3.83 10.71
C CYS E 60 24.24 -5.00 9.82
N GLY E 61 24.91 -6.13 10.05
CA GLY E 61 24.51 -7.35 9.37
C GLY E 61 25.22 -7.47 8.07
N HIS E 62 25.40 -8.69 7.62
CA HIS E 62 26.25 -9.00 6.47
C HIS E 62 25.93 -8.25 5.19
N ASP E 63 24.65 -7.97 4.96
CA ASP E 63 24.23 -7.39 3.68
C ASP E 63 24.38 -5.90 3.75
N ALA E 64 23.76 -5.27 4.76
CA ALA E 64 23.87 -3.83 4.94
C ALA E 64 25.31 -3.35 4.87
N VAL E 65 26.22 -4.18 5.38
CA VAL E 65 27.62 -3.82 5.39
C VAL E 65 28.29 -4.12 4.06
N ARG E 66 27.96 -5.24 3.41
CA ARG E 66 28.55 -5.51 2.10
C ARG E 66 28.04 -4.54 1.06
N GLU E 67 26.73 -4.36 1.03
CA GLU E 67 26.11 -3.45 0.06
C GLU E 67 26.68 -2.04 0.08
N ALA E 68 27.02 -1.53 1.26
CA ALA E 68 27.59 -0.19 1.37
C ALA E 68 29.07 -0.13 0.98
N LEU E 69 29.90 -0.86 1.72
CA LEU E 69 31.35 -0.84 1.54
C LEU E 69 31.87 -1.48 0.25
N VAL E 70 31.09 -2.40 -0.32
CA VAL E 70 31.59 -3.16 -1.48
C VAL E 70 30.88 -2.88 -2.81
N ASP E 71 29.55 -2.80 -2.80
CA ASP E 71 28.76 -2.50 -4.00
C ASP E 71 28.71 -1.00 -4.27
N GLN E 72 28.80 -0.18 -3.23
CA GLN E 72 28.91 1.27 -3.39
C GLN E 72 30.21 1.80 -2.80
N ALA E 73 31.26 1.05 -3.12
CA ALA E 73 32.59 1.21 -2.57
C ALA E 73 33.12 2.65 -2.61
N GLU E 74 33.05 3.27 -3.78
CA GLU E 74 33.52 4.65 -3.91
C GLU E 74 32.77 5.59 -2.97
N GLU E 75 31.45 5.48 -2.93
CA GLU E 75 30.65 6.46 -2.20
C GLU E 75 30.95 6.39 -0.71
N PHE E 76 31.46 5.24 -0.28
CA PHE E 76 31.70 4.98 1.14
C PHE E 76 33.17 5.00 1.52
N SER E 77 34.01 5.40 0.57
CA SER E 77 35.48 5.35 0.68
C SER E 77 36.09 6.49 1.51
N GLY E 78 35.25 7.42 1.97
CA GLY E 78 35.71 8.45 2.90
C GLY E 78 36.06 7.88 4.27
N ARG E 79 37.07 8.46 4.91
CA ARG E 79 37.39 8.13 6.28
C ARG E 79 36.63 9.05 7.20
N GLY E 80 35.88 8.46 8.13
CA GLY E 80 35.21 9.21 9.17
C GLY E 80 36.18 9.52 10.28
N GLU E 81 35.74 9.36 11.52
CA GLU E 81 36.60 9.67 12.65
C GLU E 81 36.64 8.62 13.76
N GLN E 82 37.77 8.63 14.49
CA GLN E 82 37.91 7.99 15.77
C GLN E 82 38.56 9.06 16.62
N ALA E 83 37.73 9.86 17.32
CA ALA E 83 38.16 11.07 18.03
C ALA E 83 39.52 11.01 18.73
N THR E 84 39.73 10.02 19.60
CA THR E 84 40.96 9.88 20.37
C THR E 84 42.19 9.94 19.47
N PHE E 85 42.30 8.99 18.55
CA PHE E 85 43.42 8.92 17.62
C PHE E 85 43.59 10.24 16.86
N ASP E 86 42.47 10.75 16.36
CA ASP E 86 42.45 11.97 15.55
C ASP E 86 42.99 13.20 16.30
N TRP E 87 43.00 13.10 17.61
CA TRP E 87 43.47 14.17 18.45
C TRP E 87 44.95 14.27 18.33
N VAL E 88 45.54 13.37 17.58
CA VAL E 88 46.96 13.37 17.39
C VAL E 88 47.34 13.58 15.95
N PHE E 89 46.66 12.87 15.07
CA PHE E 89 47.01 12.91 13.67
C PHE E 89 46.42 14.09 12.98
N LYS E 90 45.62 14.88 13.69
CA LYS E 90 44.91 15.97 13.04
C LYS E 90 44.26 15.34 11.80
N GLY E 91 44.68 15.79 10.61
CA GLY E 91 44.25 15.13 9.41
C GLY E 91 45.19 14.15 8.82
N TYR E 92 46.33 13.93 9.44
CA TYR E 92 47.47 13.48 8.65
C TYR E 92 47.73 11.97 8.82
N GLY E 93 48.70 11.42 8.09
CA GLY E 93 48.98 10.00 8.13
C GLY E 93 48.04 9.25 7.20
N VAL E 94 48.34 7.98 6.95
CA VAL E 94 47.63 7.18 5.95
C VAL E 94 46.20 6.84 6.39
N VAL E 95 46.03 6.62 7.69
CA VAL E 95 44.76 6.19 8.25
C VAL E 95 43.71 7.30 8.28
N PHE E 96 43.90 8.29 9.15
CA PHE E 96 42.87 9.31 9.32
C PHE E 96 42.80 10.39 8.25
N SER E 97 43.38 10.10 7.09
CA SER E 97 43.40 11.04 5.97
C SER E 97 42.31 10.77 4.93
N ASN E 98 42.00 11.83 4.18
CA ASN E 98 41.00 11.79 3.10
C ASN E 98 41.42 12.39 1.76
N GLY E 99 40.81 11.84 0.72
CA GLY E 99 40.88 12.38 -0.62
C GLY E 99 42.24 12.17 -1.22
N GLU E 100 42.83 13.28 -1.68
CA GLU E 100 44.13 13.26 -2.36
C GLU E 100 45.24 12.74 -1.42
N ARG E 101 45.18 13.15 -0.15
CA ARG E 101 46.09 12.68 0.88
C ARG E 101 46.01 11.15 1.07
N ALA E 102 44.79 10.68 1.34
CA ALA E 102 44.53 9.27 1.55
C ALA E 102 44.86 8.46 0.30
N LYS E 103 44.62 9.04 -0.86
CA LYS E 103 44.90 8.38 -2.13
C LYS E 103 46.41 8.15 -2.31
N GLN E 104 47.19 9.18 -2.01
CA GLN E 104 48.65 9.17 -2.18
C GLN E 104 49.38 8.25 -1.20
N LEU E 105 49.14 8.49 0.09
CA LEU E 105 49.76 7.75 1.17
C LEU E 105 49.41 6.26 1.15
N ARG E 106 48.14 5.93 0.87
CA ARG E 106 47.75 4.52 0.78
C ARG E 106 48.55 3.85 -0.32
N ARG E 107 48.57 4.52 -1.49
CA ARG E 107 49.30 4.08 -2.68
C ARG E 107 50.77 3.89 -2.34
N PHE E 108 51.35 4.93 -1.72
CA PHE E 108 52.74 4.86 -1.28
C PHE E 108 52.99 3.70 -0.31
N SER E 109 52.21 3.67 0.76
CA SER E 109 52.39 2.71 1.82
C SER E 109 52.30 1.27 1.35
N ILE E 110 51.27 0.95 0.58
CA ILE E 110 51.04 -0.44 0.17
C ILE E 110 52.24 -1.01 -0.59
N ALA E 111 52.75 -0.23 -1.54
CA ALA E 111 53.84 -0.69 -2.40
C ALA E 111 55.17 -0.62 -1.66
N THR E 112 55.29 0.36 -0.77
CA THR E 112 56.49 0.52 0.04
C THR E 112 56.59 -0.65 1.02
N LEU E 113 55.57 -0.85 1.85
CA LEU E 113 55.46 -2.05 2.67
C LEU E 113 55.71 -3.32 1.83
N ARG E 114 55.26 -3.28 0.57
CA ARG E 114 55.49 -4.35 -0.41
C ARG E 114 56.98 -4.48 -0.78
N ASP E 115 57.69 -3.35 -0.84
CA ASP E 115 59.14 -3.31 -1.17
C ASP E 115 60.03 -4.01 -0.14
N PHE E 116 59.94 -3.58 1.13
CA PHE E 116 60.77 -4.12 2.22
C PHE E 116 60.37 -5.55 2.58
N GLY E 117 59.63 -6.20 1.68
CA GLY E 117 59.47 -7.65 1.68
C GLY E 117 58.14 -8.22 2.17
N VAL E 118 57.06 -7.45 2.03
CA VAL E 118 55.74 -7.93 2.45
C VAL E 118 55.12 -8.86 1.38
N GLY E 119 54.53 -9.96 1.84
CA GLY E 119 53.88 -10.92 0.95
C GLY E 119 54.81 -11.95 0.33
N LYS E 120 56.11 -11.80 0.57
CA LYS E 120 57.13 -12.63 -0.05
C LYS E 120 57.98 -13.35 0.99
N ARG E 121 58.91 -14.21 0.51
CA ARG E 121 59.88 -14.88 1.37
C ARG E 121 60.72 -13.89 2.19
N GLY E 122 60.74 -12.63 1.76
CA GLY E 122 61.46 -11.53 2.43
C GLY E 122 61.10 -11.29 3.89
N ILE E 123 59.83 -11.04 4.17
CA ILE E 123 59.37 -10.84 5.54
C ILE E 123 59.12 -12.15 6.25
N GLU E 124 58.73 -13.17 5.49
CA GLU E 124 58.39 -14.47 6.08
C GLU E 124 59.50 -15.01 6.97
N GLU E 125 60.74 -14.91 6.47
CA GLU E 125 61.92 -15.34 7.23
C GLU E 125 61.99 -14.56 8.53
N ARG E 126 61.85 -13.23 8.46
CA ARG E 126 61.86 -12.34 9.63
C ARG E 126 60.75 -12.67 10.63
N ILE E 127 59.72 -13.39 10.20
CA ILE E 127 58.67 -13.85 11.11
C ILE E 127 59.03 -15.18 11.76
N GLN E 128 59.61 -16.10 10.99
CA GLN E 128 60.07 -17.37 11.55
C GLN E 128 61.22 -17.17 12.49
N GLU E 129 62.01 -16.17 12.21
CA GLU E 129 62.99 -15.71 13.13
C GLU E 129 62.34 -15.29 14.40
N GLU E 130 61.65 -14.17 14.32
CA GLU E 130 61.06 -13.59 15.50
C GLU E 130 60.27 -14.62 16.31
N ALA E 131 59.58 -15.55 15.65
CA ALA E 131 58.86 -16.58 16.37
C ALA E 131 59.82 -17.46 17.13
N GLY E 132 60.95 -17.78 16.51
CA GLY E 132 62.03 -18.46 17.21
C GLY E 132 62.36 -17.70 18.48
N PHE E 133 62.69 -16.42 18.33
CA PHE E 133 63.02 -15.52 19.46
C PHE E 133 62.00 -15.54 20.59
N LEU E 134 60.73 -15.67 20.23
CA LEU E 134 59.66 -15.84 21.20
C LEU E 134 59.78 -17.18 21.91
N ILE E 135 59.71 -18.28 21.16
CA ILE E 135 59.78 -19.63 21.75
C ILE E 135 60.88 -19.67 22.77
N ASP E 136 62.02 -19.09 22.41
CA ASP E 136 63.14 -19.07 23.33
C ASP E 136 62.67 -18.46 24.64
N ALA E 137 62.31 -17.18 24.61
CA ALA E 137 61.80 -16.47 25.79
C ALA E 137 60.74 -17.26 26.57
N LEU E 138 60.00 -18.09 25.86
CA LEU E 138 58.91 -18.84 26.44
C LEU E 138 59.38 -20.14 27.08
N ARG E 139 60.42 -20.74 26.52
CA ARG E 139 61.12 -21.84 27.20
C ARG E 139 61.76 -21.29 28.46
N GLY E 140 62.47 -20.16 28.31
CA GLY E 140 63.21 -19.50 29.37
C GLY E 140 62.41 -18.94 30.53
N THR E 141 61.09 -19.11 30.48
CA THR E 141 60.24 -18.98 31.67
C THR E 141 60.08 -20.35 32.32
N GLY E 142 60.58 -21.39 31.65
CA GLY E 142 60.52 -22.77 32.14
C GLY E 142 59.22 -23.12 32.84
N GLY E 143 58.12 -23.01 32.10
CA GLY E 143 56.77 -23.31 32.62
C GLY E 143 56.31 -22.56 33.86
N ALA E 144 56.95 -21.43 34.15
CA ALA E 144 56.44 -20.54 35.17
C ALA E 144 55.10 -20.00 34.69
N ASN E 145 54.30 -19.55 35.63
CA ASN E 145 53.06 -18.88 35.29
C ASN E 145 53.34 -17.43 34.90
N ILE E 146 52.86 -17.06 33.72
CA ILE E 146 53.13 -15.72 33.13
C ILE E 146 51.91 -15.05 32.44
N ASP E 147 51.96 -13.73 32.33
CA ASP E 147 50.99 -12.96 31.54
C ASP E 147 51.61 -12.69 30.18
N PRO E 148 51.13 -13.37 29.13
CA PRO E 148 51.83 -13.36 27.84
C PRO E 148 51.65 -12.05 27.07
N THR E 149 50.90 -11.14 27.68
CA THR E 149 50.64 -9.85 27.11
C THR E 149 51.86 -9.26 26.38
N PHE E 150 52.94 -9.03 27.10
CA PHE E 150 54.04 -8.32 26.49
C PHE E 150 54.87 -9.20 25.62
N PHE E 151 55.18 -10.41 26.10
CA PHE E 151 55.92 -11.38 25.29
C PHE E 151 55.33 -11.35 23.90
N LEU E 152 54.01 -11.48 23.86
CA LEU E 152 53.31 -11.46 22.60
C LEU E 152 53.51 -10.15 21.86
N SER E 153 53.02 -9.05 22.42
CA SER E 153 53.13 -7.76 21.73
C SER E 153 54.57 -7.37 21.37
N ARG E 154 55.54 -7.82 22.18
CA ARG E 154 56.99 -7.60 21.91
C ARG E 154 57.44 -8.18 20.57
N THR E 155 57.04 -9.43 20.32
CA THR E 155 57.33 -10.17 19.11
C THR E 155 56.56 -9.68 17.91
N VAL E 156 55.28 -9.39 18.11
CA VAL E 156 54.47 -8.83 17.06
C VAL E 156 55.09 -7.53 16.60
N SER E 157 55.24 -6.58 17.51
CA SER E 157 55.70 -5.25 17.15
C SER E 157 57.04 -5.33 16.43
N ASN E 158 57.87 -6.28 16.83
CA ASN E 158 59.17 -6.41 16.20
C ASN E 158 59.10 -6.46 14.71
N VAL E 159 58.14 -7.24 14.19
CA VAL E 159 57.96 -7.42 12.75
C VAL E 159 57.66 -6.12 12.01
N ILE E 160 56.67 -5.35 12.44
CA ILE E 160 56.45 -4.07 11.80
C ILE E 160 57.66 -3.15 11.98
N SER E 161 58.35 -3.28 13.11
CA SER E 161 59.47 -2.41 13.40
C SER E 161 60.61 -2.71 12.45
N SER E 162 60.85 -4.01 12.20
CA SER E 162 61.76 -4.49 11.14
C SER E 162 61.63 -3.65 9.89
N ILE E 163 60.37 -3.37 9.55
CA ILE E 163 60.00 -2.79 8.28
C ILE E 163 60.10 -1.27 8.29
N VAL E 164 59.55 -0.61 9.30
CA VAL E 164 59.56 0.86 9.27
C VAL E 164 60.77 1.47 9.96
N PHE E 165 61.53 0.64 10.67
CA PHE E 165 62.75 1.09 11.37
C PHE E 165 64.03 0.40 10.89
N GLY E 166 63.89 -0.66 10.12
CA GLY E 166 65.06 -1.34 9.58
C GLY E 166 65.67 -2.39 10.50
N ASP E 167 65.37 -2.31 11.79
CA ASP E 167 65.90 -3.26 12.78
C ASP E 167 64.95 -3.56 13.97
N ARG E 168 64.86 -4.84 14.35
CA ARG E 168 64.07 -5.28 15.51
C ARG E 168 64.59 -4.65 16.82
N PHE E 169 63.67 -4.37 17.75
CA PHE E 169 64.07 -4.00 19.11
C PHE E 169 64.49 -5.25 19.89
N ASP E 170 65.46 -5.11 20.79
CA ASP E 170 65.91 -6.25 21.56
C ASP E 170 64.96 -6.45 22.74
N TYR E 171 64.55 -7.68 22.97
CA TYR E 171 63.53 -8.01 23.99
C TYR E 171 63.72 -7.35 25.37
N LYS E 172 64.95 -6.95 25.70
CA LYS E 172 65.19 -6.36 27.00
C LYS E 172 65.12 -4.82 26.95
N ASP E 173 65.14 -4.28 25.73
CA ASP E 173 65.13 -2.84 25.52
C ASP E 173 63.99 -2.16 26.31
N LYS E 174 64.38 -1.51 27.41
CA LYS E 174 63.44 -0.80 28.31
C LYS E 174 62.53 0.23 27.62
N GLU E 175 63.10 0.95 26.67
CA GLU E 175 62.38 1.90 25.82
C GLU E 175 61.25 1.21 25.06
N PHE E 176 61.61 0.21 24.24
CA PHE E 176 60.65 -0.60 23.47
C PHE E 176 59.45 -1.09 24.30
N LEU E 177 59.75 -1.69 25.44
CA LEU E 177 58.75 -2.06 26.44
C LEU E 177 57.83 -0.89 26.79
N SER E 178 58.42 0.28 26.99
CA SER E 178 57.67 1.48 27.36
C SER E 178 56.68 1.98 26.30
N LEU E 179 56.94 1.67 25.02
CA LEU E 179 56.06 2.03 23.89
C LEU E 179 54.91 1.05 23.75
N LEU E 180 55.19 -0.25 23.75
CA LEU E 180 54.14 -1.25 23.85
C LEU E 180 53.14 -0.82 24.91
N ARG E 181 53.63 -0.48 26.08
CA ARG E 181 52.76 -0.11 27.16
C ARG E 181 51.83 1.04 26.87
N MET E 182 52.24 1.97 26.05
CA MET E 182 51.33 3.06 25.67
C MET E 182 50.21 2.57 24.73
N MET E 183 50.56 1.75 23.74
CA MET E 183 49.62 1.27 22.74
C MET E 183 48.54 0.39 23.35
N LEU E 184 48.92 -0.33 24.38
CA LEU E 184 47.99 -1.13 25.11
C LEU E 184 47.07 -0.23 25.89
N GLY E 185 47.62 0.85 26.41
CA GLY E 185 46.81 1.83 27.12
C GLY E 185 45.89 2.67 26.24
N ILE E 186 46.31 2.90 24.99
CA ILE E 186 45.52 3.70 24.06
C ILE E 186 44.35 2.92 23.58
N PHE E 187 44.61 1.67 23.20
CA PHE E 187 43.56 0.75 22.86
C PHE E 187 42.66 0.56 24.06
N GLN E 188 43.24 0.19 25.19
CA GLN E 188 42.43 0.00 26.36
C GLN E 188 41.61 1.25 26.63
N PHE E 189 42.20 2.44 26.52
CA PHE E 189 41.41 3.64 26.85
C PHE E 189 40.21 3.80 25.96
N THR E 190 40.41 3.58 24.66
CA THR E 190 39.38 3.84 23.65
C THR E 190 38.23 2.82 23.66
N SER E 191 38.31 1.85 24.58
CA SER E 191 37.35 0.74 24.63
C SER E 191 36.62 0.68 25.99
N THR E 192 36.93 1.67 26.83
CA THR E 192 36.24 1.89 28.10
C THR E 192 35.04 2.81 27.94
N SER E 193 34.24 2.85 28.99
CA SER E 193 33.07 3.68 29.02
C SER E 193 33.46 5.10 28.63
N THR E 194 34.44 5.66 29.35
CA THR E 194 34.97 6.98 29.04
C THR E 194 35.42 7.05 27.59
N GLY E 195 36.32 6.15 27.19
CA GLY E 195 36.76 6.04 25.80
C GLY E 195 35.70 6.37 24.76
N GLN E 196 34.49 5.89 24.99
CA GLN E 196 33.38 6.08 24.07
C GLN E 196 32.66 7.40 24.28
N LEU E 197 32.43 7.74 25.55
CA LEU E 197 31.91 9.05 25.93
C LEU E 197 32.66 10.13 25.18
N TYR E 198 34.00 10.00 25.14
CA TYR E 198 34.84 10.96 24.44
C TYR E 198 34.50 11.09 22.95
N GLU E 199 34.25 9.97 22.28
CA GLU E 199 33.83 10.00 20.88
C GLU E 199 32.66 10.95 20.65
N MET E 200 31.79 11.05 21.64
CA MET E 200 30.64 11.92 21.53
C MET E 200 31.04 13.36 21.86
N PHE E 201 31.49 13.57 23.08
CA PHE E 201 31.78 14.91 23.57
C PHE E 201 33.28 15.16 23.70
N SER E 202 33.95 15.33 22.57
CA SER E 202 35.39 15.56 22.56
C SER E 202 35.69 17.06 22.60
N SER E 203 34.89 17.88 21.83
CA SER E 203 35.06 19.32 21.76
C SER E 203 34.98 19.96 23.16
N VAL E 204 34.63 19.12 24.13
CA VAL E 204 34.53 19.56 25.50
C VAL E 204 35.57 18.84 26.35
N MET E 205 35.62 17.52 26.21
CA MET E 205 36.42 16.67 27.10
C MET E 205 37.92 16.95 27.03
N LYS E 206 38.41 17.34 25.84
CA LYS E 206 39.79 17.82 25.66
C LYS E 206 40.23 18.73 26.81
N HIS E 207 39.48 19.81 27.01
CA HIS E 207 39.82 20.83 28.00
C HIS E 207 39.59 20.40 29.48
N LEU E 208 38.90 19.29 29.70
CA LEU E 208 38.50 18.85 31.05
C LEU E 208 39.43 17.75 31.58
N PRO E 209 39.62 17.68 32.93
CA PRO E 209 40.51 16.66 33.53
C PRO E 209 39.88 15.27 33.79
N GLY E 210 40.68 14.24 33.55
CA GLY E 210 40.28 12.84 33.76
C GLY E 210 41.14 11.83 33.00
N PRO E 211 40.54 10.71 32.55
CA PRO E 211 41.29 9.60 31.95
C PRO E 211 41.73 9.89 30.53
N GLN E 212 40.99 10.75 29.83
CA GLN E 212 41.33 11.15 28.47
C GLN E 212 42.66 11.91 28.41
N GLN E 213 43.03 12.56 29.52
CA GLN E 213 44.27 13.30 29.58
C GLN E 213 45.43 12.34 29.47
N GLN E 214 45.46 11.37 30.37
CA GLN E 214 46.38 10.23 30.29
C GLN E 214 46.42 9.65 28.85
N ALA E 215 45.24 9.35 28.30
CA ALA E 215 45.12 8.83 26.95
C ALA E 215 45.88 9.64 25.94
N PHE E 216 45.80 10.98 26.06
CA PHE E 216 46.47 11.91 25.14
C PHE E 216 48.00 11.86 25.20
N GLN E 217 48.55 11.97 26.41
CA GLN E 217 50.01 12.01 26.59
C GLN E 217 50.65 10.63 26.33
N LEU E 218 49.83 9.59 26.27
CA LEU E 218 50.28 8.30 25.76
C LEU E 218 50.66 8.39 24.28
N LEU E 219 49.74 8.97 23.49
CA LEU E 219 49.96 9.27 22.08
C LEU E 219 51.15 10.20 21.86
N GLN E 220 51.20 11.29 22.62
CA GLN E 220 52.32 12.23 22.56
C GLN E 220 53.59 11.43 22.70
N GLY E 221 53.65 10.70 23.80
CA GLY E 221 54.67 9.68 24.04
C GLY E 221 55.11 8.97 22.78
N LEU E 222 54.16 8.58 21.95
CA LEU E 222 54.44 7.80 20.74
C LEU E 222 54.82 8.62 19.50
N GLU E 223 54.23 9.80 19.37
CA GLU E 223 54.63 10.71 18.30
C GLU E 223 56.10 11.12 18.47
N ASP E 224 56.49 11.44 19.71
CA ASP E 224 57.87 11.75 20.06
C ASP E 224 58.84 10.68 19.58
N PHE E 225 58.71 9.46 20.10
CA PHE E 225 59.60 8.40 19.67
C PHE E 225 59.74 8.33 18.15
N ILE E 226 58.63 8.50 17.44
CA ILE E 226 58.65 8.46 15.98
C ILE E 226 59.38 9.69 15.43
N ALA E 227 59.07 10.88 15.96
CA ALA E 227 59.78 12.11 15.60
C ALA E 227 61.27 11.96 15.83
N LYS E 228 61.64 11.49 17.01
CA LYS E 228 63.03 11.20 17.35
C LYS E 228 63.67 10.16 16.43
N LYS E 229 62.92 9.11 16.07
CA LYS E 229 63.36 8.12 15.08
C LYS E 229 63.47 8.71 13.67
N VAL E 230 62.54 9.60 13.33
CA VAL E 230 62.52 10.24 12.01
C VAL E 230 63.83 11.02 11.79
N GLU E 231 64.14 11.93 12.71
CA GLU E 231 65.36 12.76 12.64
C GLU E 231 66.62 11.94 12.37
N HIS E 232 66.94 11.02 13.28
CA HIS E 232 68.08 10.12 13.15
C HIS E 232 68.20 9.55 11.74
N ASN E 233 67.07 9.29 11.08
CA ASN E 233 67.10 8.75 9.72
C ASN E 233 67.48 9.75 8.63
N GLN E 234 67.09 11.02 8.79
CA GLN E 234 67.54 12.07 7.86
C GLN E 234 69.06 12.15 7.91
N ARG E 235 69.57 12.38 9.13
CA ARG E 235 71.00 12.44 9.44
C ARG E 235 71.85 11.29 8.89
N THR E 236 71.23 10.16 8.57
CA THR E 236 71.98 8.99 8.11
C THR E 236 71.60 8.57 6.69
N LEU E 237 70.38 8.93 6.30
CA LEU E 237 69.85 8.66 4.98
C LEU E 237 70.89 8.82 3.87
N ASP E 238 71.03 7.77 3.09
CA ASP E 238 71.90 7.73 1.93
C ASP E 238 70.99 7.47 0.79
N PRO E 239 70.57 8.48 0.08
CA PRO E 239 69.56 8.26 -0.95
C PRO E 239 69.78 6.99 -1.76
N ASN E 240 71.02 6.74 -2.19
CA ASN E 240 71.35 5.55 -2.99
C ASN E 240 70.64 4.26 -2.56
N SER E 241 70.63 4.00 -1.26
CA SER E 241 69.95 2.84 -0.72
C SER E 241 69.12 3.21 0.50
N PRO E 242 67.86 2.75 0.56
CA PRO E 242 66.98 2.94 1.72
C PRO E 242 67.02 1.74 2.69
N ARG E 243 66.88 2.02 3.99
CA ARG E 243 67.05 0.99 5.02
C ARG E 243 65.71 0.49 5.53
N ASP E 244 64.70 1.35 5.41
CA ASP E 244 63.39 1.12 6.02
C ASP E 244 62.36 2.04 5.40
N PHE E 245 61.15 1.97 5.92
CA PHE E 245 60.02 2.77 5.43
C PHE E 245 60.28 4.26 5.55
N ILE E 246 60.87 4.70 6.66
CA ILE E 246 61.12 6.12 6.86
C ILE E 246 62.04 6.63 5.74
N ASP E 247 63.09 5.87 5.44
CA ASP E 247 63.99 6.20 4.35
C ASP E 247 63.23 6.38 3.03
N SER E 248 62.61 5.31 2.55
CA SER E 248 61.86 5.35 1.29
C SER E 248 60.95 6.57 1.19
N PHE E 249 60.24 6.84 2.28
CA PHE E 249 59.32 7.98 2.35
C PHE E 249 60.10 9.29 2.33
N LEU E 250 61.24 9.32 3.03
CA LEU E 250 62.12 10.48 3.01
C LEU E 250 62.64 10.73 1.59
N ILE E 251 63.17 9.69 0.95
CA ILE E 251 63.60 9.75 -0.46
C ILE E 251 62.56 10.46 -1.34
N ARG E 252 61.31 10.01 -1.25
CA ARG E 252 60.21 10.63 -1.98
C ARG E 252 59.93 12.06 -1.52
N MET E 253 60.22 12.36 -0.26
CA MET E 253 60.06 13.71 0.27
C MET E 253 61.00 14.69 -0.42
N GLN E 254 62.17 14.17 -0.81
CA GLN E 254 63.19 14.94 -1.51
C GLN E 254 62.74 15.21 -2.94
N GLU E 255 62.26 14.16 -3.58
CA GLU E 255 61.86 14.18 -4.99
C GLU E 255 60.67 15.12 -5.24
N GLU E 256 59.75 15.17 -4.28
CA GLU E 256 58.55 15.99 -4.40
C GLU E 256 58.73 17.36 -3.75
N GLU E 257 59.99 17.75 -3.49
CA GLU E 257 60.26 19.04 -2.85
C GLU E 257 59.93 20.18 -3.81
N LYS E 258 59.98 19.88 -5.11
CA LYS E 258 59.64 20.83 -6.20
C LYS E 258 58.13 20.93 -6.52
N ASN E 259 57.43 19.80 -6.51
CA ASN E 259 55.96 19.73 -6.66
C ASN E 259 55.28 20.30 -5.40
N PRO E 260 54.85 21.59 -5.44
CA PRO E 260 54.36 22.23 -4.22
C PRO E 260 52.90 21.83 -3.89
N ASN E 261 52.42 20.79 -4.55
CA ASN E 261 51.07 20.26 -4.38
C ASN E 261 51.12 18.83 -3.87
N THR E 262 52.16 18.51 -3.11
CA THR E 262 52.45 17.13 -2.76
C THR E 262 52.10 16.74 -1.32
N GLU E 263 51.83 15.45 -1.17
CA GLU E 263 51.38 14.83 0.07
C GLU E 263 52.51 14.05 0.74
N PHE E 264 53.72 14.59 0.68
CA PHE E 264 54.88 13.91 1.22
C PHE E 264 55.75 14.86 2.02
N TYR E 265 55.23 15.39 3.12
CA TYR E 265 56.02 16.23 4.03
C TYR E 265 56.22 15.56 5.38
N LEU E 266 57.03 16.19 6.22
CA LEU E 266 57.43 15.63 7.50
C LEU E 266 56.27 15.04 8.35
N LYS E 267 55.22 15.87 8.60
CA LYS E 267 54.04 15.43 9.35
C LYS E 267 53.53 14.09 8.82
N ASN E 268 53.09 14.06 7.56
CA ASN E 268 52.66 12.82 6.89
C ASN E 268 53.66 11.68 6.97
N LEU E 269 54.95 12.00 6.94
CA LEU E 269 55.95 10.96 7.18
C LEU E 269 55.80 10.39 8.57
N VAL E 270 55.67 11.27 9.55
CA VAL E 270 55.56 10.88 10.95
C VAL E 270 54.30 10.01 11.16
N MET E 271 53.14 10.61 10.90
CA MET E 271 51.87 9.97 11.17
C MET E 271 51.71 8.63 10.47
N THR E 272 52.03 8.55 9.19
CA THR E 272 51.93 7.27 8.47
C THR E 272 52.70 6.22 9.21
N THR E 273 53.87 6.60 9.72
CA THR E 273 54.73 5.61 10.35
C THR E 273 54.06 5.16 11.65
N LEU E 274 53.81 6.12 12.54
CA LEU E 274 53.01 5.87 13.73
C LEU E 274 51.79 4.96 13.42
N ASN E 275 50.93 5.37 12.48
CA ASN E 275 49.81 4.56 12.04
C ASN E 275 50.22 3.13 11.82
N LEU E 276 51.14 2.92 10.90
CA LEU E 276 51.66 1.61 10.64
C LEU E 276 52.15 0.94 11.93
N PHE E 277 52.86 1.68 12.77
CA PHE E 277 53.43 1.09 13.99
C PHE E 277 52.34 0.54 14.92
N ILE E 278 51.48 1.43 15.41
CA ILE E 278 50.41 1.04 16.33
C ILE E 278 49.58 -0.04 15.70
N GLY E 279 49.03 0.26 14.53
CA GLY E 279 48.20 -0.68 13.79
C GLY E 279 48.80 -2.02 13.40
N GLY E 280 50.10 -2.13 13.36
CA GLY E 280 50.70 -3.39 12.96
C GLY E 280 51.22 -4.13 14.16
N THR E 281 50.72 -3.75 15.32
CA THR E 281 51.25 -4.18 16.58
C THR E 281 50.16 -4.67 17.49
N GLU E 282 49.18 -3.82 17.75
CA GLU E 282 48.24 -4.01 18.83
C GLU E 282 46.99 -4.72 18.40
N THR E 283 46.64 -4.58 17.14
CA THR E 283 45.63 -5.41 16.55
C THR E 283 46.07 -6.86 16.61
N VAL E 284 47.28 -7.16 16.12
CA VAL E 284 47.70 -8.54 16.08
C VAL E 284 48.04 -9.09 17.48
N SER E 285 48.77 -8.31 18.29
CA SER E 285 49.01 -8.68 19.68
C SER E 285 47.73 -9.13 20.40
N THR E 286 46.67 -8.32 20.27
CA THR E 286 45.39 -8.63 20.90
C THR E 286 44.79 -9.89 20.36
N THR E 287 44.96 -10.14 19.06
CA THR E 287 44.40 -11.33 18.47
C THR E 287 45.05 -12.60 19.04
N LEU E 288 46.36 -12.55 19.17
CA LEU E 288 47.11 -13.68 19.60
C LEU E 288 46.75 -13.96 21.04
N ARG E 289 46.89 -12.93 21.86
CA ARG E 289 46.55 -12.97 23.27
C ARG E 289 45.18 -13.57 23.54
N TYR E 290 44.17 -13.13 22.79
CA TYR E 290 42.82 -13.68 22.94
C TYR E 290 42.82 -15.15 22.49
N GLY E 291 43.46 -15.39 21.35
CA GLY E 291 43.49 -16.68 20.72
C GLY E 291 43.98 -17.71 21.69
N PHE E 292 44.95 -17.34 22.51
CA PHE E 292 45.46 -18.33 23.43
C PHE E 292 44.47 -18.67 24.52
N LEU E 293 43.99 -17.64 25.21
CA LEU E 293 42.88 -17.81 26.14
C LEU E 293 41.85 -18.77 25.59
N LEU E 294 41.43 -18.59 24.35
CA LEU E 294 40.35 -19.41 23.83
C LEU E 294 40.78 -20.87 23.68
N LEU E 295 41.93 -21.10 23.05
CA LEU E 295 42.48 -22.43 22.97
C LEU E 295 42.56 -23.10 24.35
N MET E 296 42.75 -22.30 25.39
CA MET E 296 42.84 -22.90 26.71
C MET E 296 41.47 -23.22 27.25
N LYS E 297 40.47 -22.50 26.76
CA LYS E 297 39.08 -22.71 27.18
C LYS E 297 38.48 -23.92 26.47
N HIS E 298 39.13 -24.39 25.41
CA HIS E 298 38.66 -25.53 24.65
C HIS E 298 39.77 -26.53 24.31
N PRO E 299 40.21 -27.34 25.30
CA PRO E 299 41.37 -28.21 25.10
C PRO E 299 41.10 -29.31 24.06
N GLU E 300 39.85 -29.75 23.99
CA GLU E 300 39.39 -30.61 22.90
C GLU E 300 39.74 -30.00 21.54
N VAL E 301 39.80 -28.68 21.50
CA VAL E 301 40.24 -27.99 20.32
C VAL E 301 41.77 -27.85 20.31
N GLU E 302 42.36 -27.50 21.45
CA GLU E 302 43.81 -27.39 21.56
C GLU E 302 44.48 -28.62 20.97
N ALA E 303 44.10 -29.80 21.48
CA ALA E 303 44.61 -31.08 20.99
C ALA E 303 44.45 -31.21 19.48
N LYS E 304 43.21 -31.24 18.98
CA LYS E 304 42.98 -31.34 17.54
C LYS E 304 43.92 -30.43 16.75
N VAL E 305 44.15 -29.23 17.28
CA VAL E 305 45.16 -28.33 16.73
C VAL E 305 46.52 -29.05 16.65
N HIS E 306 46.96 -29.61 17.78
CA HIS E 306 48.24 -30.34 17.85
C HIS E 306 48.33 -31.43 16.78
N GLU E 307 47.35 -32.33 16.77
CA GLU E 307 47.25 -33.36 15.74
C GLU E 307 47.68 -32.83 14.37
N GLU E 308 46.97 -31.83 13.85
CA GLU E 308 47.27 -31.33 12.49
C GLU E 308 48.71 -30.84 12.33
N ILE E 309 49.32 -30.35 13.40
CA ILE E 309 50.72 -29.91 13.35
C ILE E 309 51.68 -31.11 13.28
N ASP E 310 51.49 -32.08 14.17
CA ASP E 310 52.24 -33.33 14.11
C ASP E 310 52.03 -34.11 12.81
N ARG E 311 50.82 -34.08 12.27
CA ARG E 311 50.54 -34.77 11.01
C ARG E 311 51.16 -34.10 9.77
N VAL E 312 51.35 -32.78 9.80
CA VAL E 312 51.73 -32.06 8.59
C VAL E 312 53.10 -31.37 8.70
N ILE E 313 53.60 -31.17 9.91
CA ILE E 313 54.91 -30.52 10.07
C ILE E 313 55.84 -31.37 10.93
N GLY E 314 55.26 -31.93 12.00
CA GLY E 314 56.00 -32.79 12.94
C GLY E 314 56.84 -32.03 13.95
N LYS E 315 57.57 -32.75 14.79
CA LYS E 315 58.42 -32.15 15.80
C LYS E 315 59.80 -31.73 15.26
N ASN E 316 60.01 -31.92 13.96
CA ASN E 316 61.28 -31.56 13.31
C ASN E 316 61.48 -30.09 12.88
N ARG E 317 60.87 -29.71 11.75
CA ARG E 317 61.08 -28.39 11.12
C ARG E 317 60.14 -27.27 11.59
N GLN E 318 60.60 -26.03 11.46
CA GLN E 318 59.74 -24.89 11.71
C GLN E 318 58.79 -24.70 10.49
N PRO E 319 57.60 -24.11 10.71
CA PRO E 319 56.55 -24.16 9.70
C PRO E 319 56.64 -23.03 8.68
N LYS E 320 56.25 -23.33 7.44
CA LYS E 320 56.28 -22.36 6.35
C LYS E 320 54.86 -21.94 6.01
N PHE E 321 54.69 -20.74 5.45
CA PHE E 321 53.36 -20.19 5.14
C PHE E 321 52.64 -20.99 4.06
N GLU E 322 53.43 -21.68 3.23
CA GLU E 322 52.91 -22.71 2.32
C GLU E 322 51.95 -23.63 3.07
N ASP E 323 52.40 -24.09 4.25
CA ASP E 323 51.68 -25.07 5.06
C ASP E 323 50.25 -24.69 5.40
N ARG E 324 49.91 -23.41 5.21
CA ARG E 324 48.55 -22.96 5.45
C ARG E 324 47.62 -23.88 4.67
N ALA E 325 48.00 -24.17 3.43
CA ALA E 325 47.17 -24.94 2.50
C ALA E 325 46.93 -26.39 2.92
N LYS E 326 47.92 -27.04 3.50
CA LYS E 326 47.76 -28.42 3.95
C LYS E 326 47.11 -28.48 5.35
N MET E 327 46.63 -27.34 5.85
CA MET E 327 46.22 -27.20 7.27
C MET E 327 44.87 -26.51 7.55
N PRO E 328 43.77 -27.01 6.96
CA PRO E 328 42.48 -26.37 7.21
C PRO E 328 42.16 -26.20 8.70
N TYR E 329 42.24 -27.26 9.52
CA TYR E 329 41.80 -27.11 10.91
C TYR E 329 42.43 -25.91 11.65
N MET E 330 43.69 -25.63 11.36
CA MET E 330 44.36 -24.53 12.01
C MET E 330 43.93 -23.21 11.36
N GLU E 331 43.77 -23.25 10.03
CA GLU E 331 43.21 -22.14 9.27
C GLU E 331 41.82 -21.81 9.79
N ALA E 332 41.04 -22.86 9.99
CA ALA E 332 39.73 -22.75 10.58
C ALA E 332 39.81 -22.07 11.92
N VAL E 333 40.82 -22.42 12.72
CA VAL E 333 40.91 -21.97 14.09
C VAL E 333 41.32 -20.51 14.13
N ILE E 334 42.25 -20.12 13.30
CA ILE E 334 42.67 -18.73 13.33
C ILE E 334 41.50 -17.81 12.92
N HIS E 335 40.72 -18.21 11.93
CA HIS E 335 39.52 -17.46 11.63
C HIS E 335 38.59 -17.39 12.85
N GLU E 336 38.24 -18.54 13.42
CA GLU E 336 37.25 -18.58 14.48
C GLU E 336 37.64 -17.74 15.67
N ILE E 337 38.94 -17.54 15.81
CA ILE E 337 39.49 -16.65 16.81
C ILE E 337 39.30 -15.20 16.33
N GLN E 338 39.63 -14.97 15.07
CA GLN E 338 39.50 -13.64 14.53
C GLN E 338 38.05 -13.26 14.62
N ARG E 339 37.16 -14.23 14.33
CA ARG E 339 35.72 -13.95 14.28
C ARG E 339 35.14 -13.85 15.69
N PHE E 340 35.49 -14.77 16.57
CA PHE E 340 35.04 -14.63 17.94
C PHE E 340 35.59 -13.35 18.58
N GLY E 341 36.88 -13.13 18.41
CA GLY E 341 37.63 -12.09 19.09
C GLY E 341 37.12 -10.74 18.67
N ASP E 342 37.00 -10.52 17.39
CA ASP E 342 36.26 -9.36 16.93
C ASP E 342 36.93 -8.08 17.47
N VAL E 343 38.23 -7.98 17.21
CA VAL E 343 39.04 -6.92 17.79
C VAL E 343 38.52 -5.48 17.54
N ILE E 344 38.26 -5.13 16.29
CA ILE E 344 37.61 -3.85 15.96
C ILE E 344 36.14 -4.06 15.63
N PRO E 345 35.30 -4.09 16.68
CA PRO E 345 33.94 -4.56 16.51
C PRO E 345 33.12 -3.64 15.61
N MET E 346 33.48 -2.35 15.57
CA MET E 346 32.70 -1.37 14.80
C MET E 346 33.52 -0.79 13.66
N SER E 347 34.62 -1.46 13.33
CA SER E 347 35.58 -0.97 12.36
C SER E 347 36.03 0.46 12.72
N LEU E 348 36.67 1.12 11.77
CA LEU E 348 37.06 2.51 11.89
C LEU E 348 36.14 3.33 10.97
N ALA E 349 35.68 4.48 11.47
CA ALA E 349 34.56 5.16 10.82
C ALA E 349 34.86 5.52 9.38
N ARG E 350 33.86 5.32 8.53
CA ARG E 350 33.92 5.69 7.12
C ARG E 350 33.02 6.88 6.90
N ARG E 351 33.02 7.38 5.66
CA ARG E 351 32.38 8.64 5.33
C ARG E 351 31.90 8.62 3.89
N VAL E 352 30.88 9.43 3.63
CA VAL E 352 30.39 9.66 2.28
C VAL E 352 31.09 10.82 1.57
N LYS E 353 31.81 10.43 0.50
CA LYS E 353 32.49 11.33 -0.43
C LYS E 353 31.51 12.31 -1.10
N LYS E 354 30.35 11.79 -1.53
CA LYS E 354 29.28 12.55 -2.18
C LYS E 354 27.93 12.39 -1.45
N ASP E 355 26.92 13.16 -1.90
CA ASP E 355 25.50 12.88 -1.61
C ASP E 355 25.23 11.50 -2.19
N THR E 356 24.81 10.57 -1.35
CA THR E 356 24.54 9.19 -1.80
C THR E 356 23.20 8.67 -1.32
N LYS E 357 22.47 8.06 -2.26
CA LYS E 357 21.21 7.38 -1.96
C LYS E 357 21.47 5.89 -1.81
N PHE E 358 21.36 5.40 -0.58
CA PHE E 358 21.60 3.99 -0.27
C PHE E 358 20.27 3.34 0.11
N ARG E 359 19.90 2.29 -0.63
CA ARG E 359 18.54 1.73 -0.60
C ARG E 359 17.51 2.86 -0.75
N ASP E 360 16.59 2.95 0.18
CA ASP E 360 15.61 4.02 0.15
C ASP E 360 16.06 5.24 0.98
N PHE E 361 17.37 5.50 1.04
CA PHE E 361 17.87 6.58 1.92
C PHE E 361 18.71 7.65 1.24
N PHE E 362 18.58 8.89 1.70
CA PHE E 362 19.48 9.95 1.22
C PHE E 362 20.56 10.19 2.23
N LEU E 363 21.80 9.91 1.84
CA LEU E 363 22.92 10.14 2.73
C LEU E 363 23.76 11.31 2.20
N PRO E 364 23.71 12.45 2.89
CA PRO E 364 24.32 13.69 2.38
C PRO E 364 25.85 13.61 2.33
N LYS E 365 26.47 14.50 1.56
CA LYS E 365 27.93 14.52 1.50
C LYS E 365 28.41 14.71 2.95
N GLY E 366 29.43 13.93 3.34
CA GLY E 366 30.11 14.13 4.63
C GLY E 366 29.65 13.45 5.92
N THR E 367 28.58 12.65 5.89
CA THR E 367 28.14 11.92 7.11
C THR E 367 28.94 10.63 7.36
N GLU E 368 29.12 10.31 8.63
CA GLU E 368 29.91 9.15 9.01
C GLU E 368 29.18 7.81 8.87
N VAL E 369 29.91 6.79 8.47
CA VAL E 369 29.35 5.43 8.46
C VAL E 369 30.13 4.57 9.47
N TYR E 370 29.48 4.23 10.57
CA TYR E 370 29.97 3.19 11.46
C TYR E 370 29.49 1.84 10.88
N PRO E 371 30.40 1.06 10.33
CA PRO E 371 30.07 -0.25 9.81
C PRO E 371 30.33 -1.32 10.84
N MET E 372 29.29 -1.70 11.55
CA MET E 372 29.37 -2.66 12.63
C MET E 372 29.89 -3.93 12.08
N LEU E 373 31.15 -4.20 12.28
CA LEU E 373 31.77 -5.39 11.76
C LEU E 373 31.42 -6.58 12.57
N GLY E 374 31.25 -6.33 13.84
CA GLY E 374 31.00 -7.39 14.80
C GLY E 374 29.73 -8.11 14.43
N SER E 375 28.76 -7.32 14.00
CA SER E 375 27.44 -7.83 13.68
C SER E 375 27.47 -8.72 12.43
N VAL E 376 28.49 -8.56 11.58
CA VAL E 376 28.68 -9.40 10.42
C VAL E 376 29.29 -10.72 10.86
N LEU E 377 30.40 -10.61 11.58
CA LEU E 377 31.06 -11.74 12.17
C LEU E 377 30.11 -12.50 13.08
N ARG E 378 29.09 -11.84 13.58
CA ARG E 378 28.15 -12.50 14.46
C ARG E 378 26.78 -12.70 13.81
N ASP E 379 26.73 -12.60 12.50
CA ASP E 379 25.48 -12.70 11.80
C ASP E 379 25.08 -14.20 11.62
N PRO E 380 23.98 -14.63 12.29
CA PRO E 380 23.64 -16.04 12.37
C PRO E 380 23.24 -16.64 11.02
N SER E 381 22.95 -15.82 10.03
CA SER E 381 22.74 -16.33 8.69
C SER E 381 24.03 -16.93 8.10
N PHE E 382 25.17 -16.62 8.71
CA PHE E 382 26.46 -17.06 8.18
C PHE E 382 27.27 -17.83 9.19
N PHE E 383 26.88 -17.71 10.47
CA PHE E 383 27.57 -18.37 11.55
C PHE E 383 26.53 -18.85 12.52
N SER E 384 26.36 -20.14 12.63
CA SER E 384 25.24 -20.64 13.38
C SER E 384 25.60 -20.60 14.82
N ASN E 385 24.83 -20.01 15.67
CA ASN E 385 25.33 -19.91 17.01
C ASN E 385 26.59 -19.07 17.06
N PRO E 386 26.48 -17.81 16.72
CA PRO E 386 27.64 -16.97 16.55
C PRO E 386 28.21 -16.56 17.88
N GLN E 387 27.44 -16.78 18.91
CA GLN E 387 27.84 -16.50 20.24
C GLN E 387 28.85 -17.52 20.77
N ASP E 388 29.02 -18.61 20.04
CA ASP E 388 29.83 -19.73 20.47
C ASP E 388 31.18 -19.75 19.78
N PHE E 389 32.23 -19.91 20.57
CA PHE E 389 33.54 -20.06 19.98
C PHE E 389 33.66 -21.52 19.59
N ASN E 390 33.59 -21.78 18.28
CA ASN E 390 33.65 -23.16 17.78
C ASN E 390 34.07 -23.23 16.32
N PRO E 391 35.25 -23.83 16.09
CA PRO E 391 35.95 -23.83 14.80
C PRO E 391 35.19 -24.48 13.66
N GLN E 392 34.17 -25.28 13.97
CA GLN E 392 33.36 -25.87 12.92
C GLN E 392 32.84 -24.76 12.02
N HIS E 393 32.66 -23.57 12.58
CA HIS E 393 32.21 -22.41 11.81
C HIS E 393 32.92 -22.28 10.47
N PHE E 394 34.20 -22.64 10.42
CA PHE E 394 34.97 -22.47 9.18
C PHE E 394 35.38 -23.80 8.55
N LEU E 395 34.54 -24.82 8.77
CA LEU E 395 34.82 -26.20 8.40
C LEU E 395 33.57 -26.93 7.90
N ASN E 396 33.53 -27.26 6.60
CA ASN E 396 32.46 -28.16 6.11
C ASN E 396 32.45 -29.56 6.80
N GLU E 397 31.47 -30.38 6.39
CA GLU E 397 31.31 -31.75 6.93
C GLU E 397 32.63 -32.56 6.86
N LYS E 398 33.24 -32.58 5.70
CA LYS E 398 34.40 -33.42 5.48
C LYS E 398 35.70 -32.79 5.93
N GLY E 399 35.65 -32.07 7.04
CA GLY E 399 36.84 -31.47 7.66
C GLY E 399 37.69 -30.53 6.81
N GLN E 400 37.08 -29.80 5.89
CA GLN E 400 37.78 -28.83 5.06
C GLN E 400 37.46 -27.41 5.46
N PHE E 401 38.35 -26.49 5.12
CA PHE E 401 38.15 -25.09 5.42
C PHE E 401 37.02 -24.53 4.56
N LYS E 402 35.95 -24.10 5.23
CA LYS E 402 34.86 -23.39 4.59
C LYS E 402 35.13 -21.90 4.59
N LYS E 403 35.19 -21.29 3.41
CA LYS E 403 35.22 -19.84 3.31
C LYS E 403 33.94 -19.26 3.91
N SER E 404 33.89 -17.92 3.99
CA SER E 404 32.67 -17.21 4.37
C SER E 404 32.77 -15.76 3.93
N ASP E 405 31.71 -15.27 3.33
CA ASP E 405 31.71 -13.91 2.87
C ASP E 405 31.51 -12.99 4.07
N ALA E 406 31.13 -13.58 5.20
CA ALA E 406 30.86 -12.85 6.44
C ALA E 406 32.07 -12.79 7.37
N PHE E 407 33.18 -13.34 6.92
CA PHE E 407 34.43 -13.20 7.64
C PHE E 407 35.06 -11.87 7.22
N VAL E 408 34.76 -10.83 7.99
CA VAL E 408 35.15 -9.45 7.66
C VAL E 408 36.08 -8.71 8.67
N PRO E 409 37.00 -9.42 9.37
CA PRO E 409 37.68 -8.73 10.48
C PRO E 409 38.60 -7.58 10.06
N PHE E 410 39.11 -7.63 8.82
CA PHE E 410 39.91 -6.53 8.28
C PHE E 410 39.05 -5.64 7.45
N SER E 411 37.74 -5.84 7.57
CA SER E 411 36.75 -5.00 6.90
C SER E 411 36.89 -5.26 5.41
N ILE E 412 36.30 -4.39 4.60
CA ILE E 412 36.24 -4.54 3.16
C ILE E 412 36.14 -3.17 2.48
N GLY E 413 36.20 -3.15 1.16
CA GLY E 413 36.04 -1.90 0.42
C GLY E 413 37.33 -1.21 0.01
N LYS E 414 37.22 0.04 -0.41
CA LYS E 414 38.33 0.76 -1.00
C LYS E 414 39.32 1.27 0.04
N ARG E 415 38.90 1.32 1.31
CA ARG E 415 39.79 1.69 2.44
C ARG E 415 39.88 0.63 3.54
N ASN E 416 39.97 -0.64 3.16
CA ASN E 416 40.09 -1.67 4.16
C ASN E 416 41.53 -1.80 4.62
N CYS E 417 41.78 -2.67 5.59
CA CYS E 417 43.12 -2.92 6.11
C CYS E 417 44.05 -3.48 5.05
N PHE E 418 45.03 -2.65 4.67
CA PHE E 418 46.09 -3.06 3.77
C PHE E 418 47.25 -3.78 4.44
N GLY E 419 47.12 -4.02 5.74
CA GLY E 419 48.02 -4.93 6.44
C GLY E 419 47.48 -6.35 6.52
N GLU E 420 46.24 -6.56 6.08
CA GLU E 420 45.62 -7.88 6.13
C GLU E 420 46.54 -9.01 5.67
N GLY E 421 47.37 -8.76 4.66
CA GLY E 421 48.29 -9.78 4.13
C GLY E 421 49.47 -10.07 5.05
N LEU E 422 49.96 -9.01 5.69
CA LEU E 422 51.00 -9.13 6.68
C LEU E 422 50.40 -9.76 7.93
N ALA E 423 49.26 -9.22 8.36
CA ALA E 423 48.59 -9.75 9.50
C ALA E 423 48.38 -11.28 9.42
N ARG E 424 47.94 -11.78 8.27
CA ARG E 424 47.61 -13.21 8.10
C ARG E 424 48.85 -14.09 8.34
N MET E 425 49.97 -13.65 7.77
CA MET E 425 51.25 -14.34 7.85
C MET E 425 51.71 -14.47 9.30
N GLU E 426 51.78 -13.33 9.99
CA GLU E 426 52.12 -13.28 11.41
C GLU E 426 51.25 -14.21 12.26
N LEU E 427 49.95 -14.24 11.98
CA LEU E 427 49.05 -15.03 12.76
C LEU E 427 49.16 -16.51 12.45
N PHE E 428 49.30 -16.86 11.17
CA PHE E 428 49.41 -18.29 10.88
C PHE E 428 50.67 -18.79 11.56
N LEU E 429 51.74 -18.07 11.29
CA LEU E 429 53.04 -18.45 11.79
C LEU E 429 53.18 -18.43 13.31
N PHE E 430 52.89 -17.31 13.95
CA PHE E 430 53.01 -17.23 15.41
C PHE E 430 52.19 -18.30 16.18
N PHE E 431 50.93 -18.47 15.81
CA PHE E 431 50.08 -19.47 16.44
C PHE E 431 50.67 -20.85 16.26
N THR E 432 50.84 -21.25 15.00
CA THR E 432 51.34 -22.59 14.62
C THR E 432 52.60 -23.00 15.38
N THR E 433 53.58 -22.08 15.37
CA THR E 433 54.86 -22.31 16.00
C THR E 433 54.68 -22.52 17.48
N VAL E 434 54.07 -21.55 18.14
CA VAL E 434 53.94 -21.61 19.58
C VAL E 434 53.33 -22.97 19.93
N MET E 435 52.27 -23.31 19.21
CA MET E 435 51.55 -24.56 19.39
C MET E 435 52.39 -25.81 19.12
N GLN E 436 53.18 -25.77 18.05
CA GLN E 436 54.13 -26.85 17.71
C GLN E 436 55.14 -27.12 18.80
N ASN E 437 55.19 -26.24 19.80
CA ASN E 437 56.29 -26.22 20.74
C ASN E 437 55.91 -26.41 22.21
N PHE E 438 54.70 -26.01 22.56
CA PHE E 438 54.21 -26.17 23.94
C PHE E 438 52.80 -26.74 23.96
N ARG E 439 52.27 -26.88 25.16
CA ARG E 439 50.85 -27.14 25.36
C ARG E 439 50.43 -26.26 26.53
N LEU E 440 49.31 -25.56 26.38
CA LEU E 440 49.05 -24.40 27.22
C LEU E 440 48.21 -24.81 28.43
N LYS E 441 48.72 -24.59 29.62
CA LYS E 441 47.92 -24.84 30.81
C LYS E 441 47.51 -23.54 31.44
N SER E 442 46.24 -23.45 31.81
CA SER E 442 45.71 -22.26 32.48
C SER E 442 46.20 -22.17 33.91
N SER E 443 46.15 -20.96 34.43
CA SER E 443 46.42 -20.70 35.81
C SER E 443 45.17 -21.02 36.56
N GLN E 444 44.17 -21.49 35.84
CA GLN E 444 42.94 -22.00 36.43
C GLN E 444 42.34 -23.04 35.54
N SER E 445 41.12 -23.47 35.85
CA SER E 445 40.46 -24.51 35.08
C SER E 445 39.71 -23.96 33.88
N PRO E 446 39.90 -24.59 32.73
CA PRO E 446 39.21 -24.17 31.51
C PRO E 446 37.72 -23.92 31.77
N LYS E 447 37.16 -24.70 32.68
CA LYS E 447 35.75 -24.54 33.05
C LYS E 447 35.53 -23.22 33.78
N ASP E 448 36.55 -22.80 34.53
CA ASP E 448 36.49 -21.55 35.25
C ASP E 448 37.01 -20.36 34.49
N ILE E 449 37.48 -20.59 33.28
CA ILE E 449 38.04 -19.54 32.42
C ILE E 449 36.95 -18.63 31.82
N ASP E 450 37.03 -17.32 32.08
CA ASP E 450 36.08 -16.39 31.46
C ASP E 450 36.62 -15.80 30.15
N VAL E 451 36.01 -16.17 29.03
CA VAL E 451 36.53 -15.77 27.71
C VAL E 451 35.84 -14.55 27.13
N SER E 452 34.84 -14.02 27.84
CA SER E 452 34.18 -12.80 27.43
C SER E 452 35.07 -11.61 27.76
N PRO E 453 35.00 -10.56 26.94
CA PRO E 453 35.96 -9.46 27.00
C PRO E 453 35.84 -8.64 28.26
N LYS E 454 36.90 -7.93 28.62
CA LYS E 454 36.85 -6.95 29.72
C LYS E 454 36.33 -5.64 29.18
N HIS E 455 36.72 -5.31 27.96
CA HIS E 455 36.23 -4.08 27.36
C HIS E 455 35.91 -4.28 25.92
N VAL E 456 34.84 -3.63 25.48
CA VAL E 456 34.57 -3.54 24.08
C VAL E 456 34.19 -2.11 23.89
N GLY E 457 34.73 -1.52 22.82
CA GLY E 457 34.44 -0.14 22.41
C GLY E 457 34.92 -0.02 20.98
N PHE E 458 35.92 0.82 20.78
CA PHE E 458 36.64 0.84 19.53
C PHE E 458 37.23 -0.56 19.22
N ALA E 459 37.76 -1.20 20.25
CA ALA E 459 38.32 -2.53 20.17
C ALA E 459 37.69 -3.45 21.22
N THR E 460 37.89 -4.74 21.02
CA THR E 460 37.51 -5.77 21.98
C THR E 460 38.78 -6.03 22.82
N ILE E 461 38.68 -6.03 24.14
CA ILE E 461 39.86 -6.30 24.94
C ILE E 461 39.57 -7.53 25.78
N PRO E 462 40.28 -8.63 25.50
CA PRO E 462 40.24 -9.83 26.33
C PRO E 462 40.72 -9.54 27.76
N ARG E 463 40.35 -10.42 28.69
CA ARG E 463 40.77 -10.24 30.10
C ARG E 463 42.22 -10.60 30.35
N ASN E 464 42.67 -10.31 31.56
CA ASN E 464 44.03 -10.63 31.92
C ASN E 464 44.00 -11.99 32.52
N TYR E 465 44.89 -12.83 32.01
CA TYR E 465 45.07 -14.13 32.60
C TYR E 465 46.55 -14.36 32.73
N THR E 466 46.89 -15.43 33.43
CA THR E 466 48.24 -15.95 33.43
C THR E 466 48.17 -17.39 32.99
N MET E 467 49.27 -17.86 32.45
CA MET E 467 49.29 -19.15 31.81
C MET E 467 50.72 -19.70 31.77
N SER E 468 50.83 -20.99 31.62
CA SER E 468 52.13 -21.57 31.55
C SER E 468 52.23 -22.31 30.26
N PHE E 469 53.36 -22.23 29.59
CA PHE E 469 53.62 -23.03 28.43
C PHE E 469 54.48 -24.19 28.82
N LEU E 470 54.05 -25.41 28.60
CA LEU E 470 54.88 -26.56 28.90
C LEU E 470 55.24 -27.25 27.63
N PRO E 471 56.37 -27.92 27.60
CA PRO E 471 56.66 -28.76 26.42
C PRO E 471 55.77 -30.00 26.27
N ARG E 472 56.03 -30.78 25.23
CA ARG E 472 55.03 -31.67 24.64
C ARG E 472 55.25 -33.19 24.87
N HIS E 473 54.44 -33.78 25.75
CA HIS E 473 54.55 -35.19 26.17
C HIS E 473 54.02 -36.20 25.15
N GLY F 9 71.22 -15.16 -50.32
CA GLY F 9 70.34 -15.54 -51.47
C GLY F 9 69.17 -14.58 -51.78
N LYS F 10 68.06 -15.19 -52.16
CA LYS F 10 66.83 -14.48 -52.41
C LYS F 10 65.62 -15.26 -51.90
N LEU F 11 64.46 -14.85 -52.36
CA LEU F 11 63.21 -15.26 -51.79
C LEU F 11 62.61 -16.47 -52.46
N PRO F 12 61.78 -17.10 -51.71
CA PRO F 12 60.98 -18.13 -52.34
C PRO F 12 60.39 -17.60 -53.62
N PRO F 13 60.45 -18.39 -54.70
CA PRO F 13 59.81 -17.99 -55.93
C PRO F 13 58.32 -17.99 -55.67
N GLY F 14 57.52 -17.68 -56.69
CA GLY F 14 56.08 -17.64 -56.56
C GLY F 14 55.62 -16.82 -57.73
N PRO F 15 54.30 -16.70 -57.93
CA PRO F 15 53.82 -15.93 -59.09
C PRO F 15 54.14 -14.44 -58.93
N THR F 16 54.14 -13.73 -60.06
CA THR F 16 54.50 -12.30 -60.08
C THR F 16 53.32 -11.38 -59.79
N PRO F 17 53.48 -10.57 -58.74
CA PRO F 17 52.43 -9.72 -58.18
C PRO F 17 52.24 -8.42 -58.94
N LEU F 18 51.02 -8.13 -59.37
CA LEU F 18 50.70 -6.76 -59.78
C LEU F 18 50.75 -5.83 -58.54
N PRO F 19 51.02 -4.53 -58.76
CA PRO F 19 51.09 -3.63 -57.60
C PRO F 19 49.72 -3.33 -56.95
N PHE F 20 49.77 -3.24 -55.62
CA PHE F 20 48.60 -3.13 -54.69
C PHE F 20 47.78 -4.41 -54.48
N ILE F 21 47.23 -4.95 -55.57
CA ILE F 21 46.42 -6.17 -55.54
C ILE F 21 47.24 -7.46 -55.35
N GLY F 22 48.56 -7.36 -55.43
CA GLY F 22 49.43 -8.52 -55.24
C GLY F 22 49.10 -9.69 -56.17
N ASN F 23 48.84 -10.86 -55.58
CA ASN F 23 48.54 -12.07 -56.38
C ASN F 23 47.06 -12.40 -56.53
N TYR F 24 46.22 -11.40 -56.28
CA TYR F 24 44.78 -11.58 -56.36
C TYR F 24 44.35 -12.51 -57.49
N LEU F 25 44.90 -12.31 -58.69
CA LEU F 25 44.45 -13.04 -59.89
C LEU F 25 44.79 -14.52 -59.91
N GLN F 26 45.85 -14.89 -59.18
CA GLN F 26 46.28 -16.27 -59.04
C GLN F 26 45.70 -16.91 -57.76
N LEU F 27 44.73 -16.23 -57.17
CA LEU F 27 44.10 -16.70 -55.95
C LEU F 27 42.58 -16.74 -56.07
N ASN F 28 41.95 -17.61 -55.29
CA ASN F 28 40.50 -17.66 -55.15
C ASN F 28 40.14 -17.53 -53.68
N THR F 29 39.58 -16.39 -53.30
CA THR F 29 39.36 -16.08 -51.88
C THR F 29 38.44 -17.09 -51.17
N GLU F 30 37.56 -17.73 -51.91
CA GLU F 30 36.70 -18.72 -51.33
C GLU F 30 37.48 -19.98 -50.98
N GLN F 31 38.54 -20.25 -51.72
CA GLN F 31 39.31 -21.48 -51.55
C GLN F 31 40.81 -21.15 -51.45
N MET F 32 41.15 -20.34 -50.45
CA MET F 32 42.54 -19.99 -50.23
C MET F 32 43.36 -21.28 -50.18
N TYR F 33 43.02 -22.18 -49.27
CA TYR F 33 43.77 -23.42 -49.16
C TYR F 33 43.99 -24.02 -50.54
N ASN F 34 42.92 -24.29 -51.29
CA ASN F 34 43.10 -24.91 -52.60
C ASN F 34 44.00 -24.09 -53.50
N SER F 35 43.74 -22.79 -53.54
CA SER F 35 44.50 -21.88 -54.39
C SER F 35 45.99 -21.95 -54.13
N LEU F 36 46.37 -21.99 -52.86
CA LEU F 36 47.78 -22.11 -52.57
C LEU F 36 48.27 -23.53 -52.87
N MET F 37 47.48 -24.55 -52.58
CA MET F 37 47.89 -25.89 -53.03
C MET F 37 48.07 -25.95 -54.54
N LYS F 38 47.18 -25.29 -55.26
CA LYS F 38 47.27 -25.26 -56.71
C LYS F 38 48.59 -24.65 -57.11
N ILE F 39 48.94 -23.55 -56.45
CA ILE F 39 50.16 -22.81 -56.77
C ILE F 39 51.43 -23.62 -56.40
N SER F 40 51.42 -24.27 -55.26
CA SER F 40 52.58 -25.10 -54.87
C SER F 40 52.95 -26.16 -55.95
N GLU F 41 51.98 -26.48 -56.78
CA GLU F 41 52.16 -27.40 -57.84
C GLU F 41 52.98 -26.80 -58.91
N ARG F 42 53.15 -25.49 -58.89
CA ARG F 42 53.95 -24.85 -59.89
C ARG F 42 55.24 -24.37 -59.34
N TYR F 43 55.29 -24.13 -58.04
CA TYR F 43 56.42 -23.45 -57.44
C TYR F 43 57.11 -24.21 -56.35
N GLY F 44 56.60 -25.37 -55.99
CA GLY F 44 57.26 -26.14 -54.97
C GLY F 44 56.60 -25.94 -53.64
N PRO F 45 57.11 -26.59 -52.62
CA PRO F 45 56.47 -26.47 -51.32
C PRO F 45 56.83 -25.20 -50.53
N VAL F 46 57.57 -24.28 -51.13
CA VAL F 46 58.00 -23.09 -50.40
C VAL F 46 57.99 -21.89 -51.33
N PHE F 47 56.90 -21.16 -51.34
CA PHE F 47 56.83 -20.05 -52.25
C PHE F 47 56.43 -18.76 -51.58
N THR F 48 56.44 -17.71 -52.38
CA THR F 48 56.12 -16.35 -51.93
C THR F 48 54.84 -15.96 -52.58
N ILE F 49 53.98 -15.32 -51.82
CA ILE F 49 52.73 -14.84 -52.35
C ILE F 49 52.47 -13.38 -51.87
N HIS F 50 51.58 -12.66 -52.57
CA HIS F 50 51.26 -11.29 -52.18
C HIS F 50 49.78 -11.09 -51.95
N LEU F 51 49.42 -10.94 -50.67
CA LEU F 51 48.03 -10.74 -50.25
C LEU F 51 47.82 -9.24 -50.12
N GLY F 52 47.35 -8.65 -51.22
CA GLY F 52 47.52 -7.22 -51.42
C GLY F 52 49.00 -6.85 -51.23
N PRO F 53 49.28 -5.98 -50.24
CA PRO F 53 50.66 -5.59 -49.95
C PRO F 53 51.40 -6.52 -49.00
N ARG F 54 50.73 -7.54 -48.44
CA ARG F 54 51.43 -8.46 -47.53
C ARG F 54 52.20 -9.50 -48.36
N ARG F 55 53.50 -9.45 -48.29
CA ARG F 55 54.32 -10.45 -48.96
C ARG F 55 54.37 -11.65 -48.00
N VAL F 56 53.87 -12.80 -48.43
CA VAL F 56 53.85 -13.97 -47.55
C VAL F 56 54.61 -15.20 -48.08
N VAL F 57 55.27 -15.90 -47.17
CA VAL F 57 55.95 -17.13 -47.50
C VAL F 57 55.07 -18.27 -47.05
N VAL F 58 54.49 -18.95 -48.03
CA VAL F 58 53.72 -20.15 -47.78
C VAL F 58 54.62 -21.36 -47.63
N LEU F 59 54.47 -22.07 -46.53
CA LEU F 59 55.11 -23.35 -46.33
C LEU F 59 54.09 -24.44 -46.45
N CYS F 60 54.39 -25.47 -47.25
CA CYS F 60 53.48 -26.60 -47.44
C CYS F 60 54.12 -27.94 -47.18
N GLY F 61 53.40 -28.84 -46.53
CA GLY F 61 53.81 -30.23 -46.49
C GLY F 61 54.66 -30.44 -45.28
N HIS F 62 54.67 -31.67 -44.79
CA HIS F 62 55.24 -31.99 -43.49
C HIS F 62 56.66 -31.49 -43.32
N ASP F 63 57.48 -31.65 -44.36
CA ASP F 63 58.89 -31.37 -44.22
C ASP F 63 59.12 -29.88 -44.15
N ALA F 64 58.61 -29.13 -45.14
CA ALA F 64 58.79 -27.67 -45.18
C ALA F 64 58.31 -26.98 -43.90
N VAL F 65 57.15 -27.41 -43.38
CA VAL F 65 56.56 -26.76 -42.21
C VAL F 65 57.44 -27.01 -41.00
N ARG F 66 57.77 -28.27 -40.77
CA ARG F 66 58.63 -28.66 -39.64
C ARG F 66 60.00 -27.99 -39.65
N GLU F 67 60.69 -28.09 -40.77
CA GLU F 67 62.00 -27.51 -40.85
C GLU F 67 61.96 -26.05 -40.42
N ALA F 68 60.92 -25.33 -40.83
CA ALA F 68 60.78 -23.93 -40.44
C ALA F 68 60.39 -23.76 -38.98
N LEU F 69 59.17 -24.16 -38.64
CA LEU F 69 58.64 -23.98 -37.28
C LEU F 69 59.32 -24.76 -36.15
N VAL F 70 60.17 -25.71 -36.49
CA VAL F 70 60.74 -26.55 -35.47
C VAL F 70 62.26 -26.52 -35.47
N ASP F 71 62.86 -26.77 -36.61
CA ASP F 71 64.32 -26.74 -36.69
C ASP F 71 64.84 -25.31 -36.59
N GLN F 72 64.11 -24.36 -37.16
CA GLN F 72 64.46 -22.95 -37.02
C GLN F 72 63.38 -22.23 -36.22
N ALA F 73 62.96 -22.93 -35.16
CA ALA F 73 61.91 -22.45 -34.27
C ALA F 73 62.08 -20.98 -33.84
N GLU F 74 63.29 -20.61 -33.39
CA GLU F 74 63.51 -19.24 -32.94
C GLU F 74 63.28 -18.20 -34.05
N GLU F 75 63.82 -18.46 -35.25
CA GLU F 75 63.66 -17.51 -36.35
C GLU F 75 62.17 -17.35 -36.75
N PHE F 76 61.40 -18.42 -36.54
CA PHE F 76 60.01 -18.51 -37.01
C PHE F 76 58.95 -18.27 -35.93
N SER F 77 59.43 -17.93 -34.73
CA SER F 77 58.62 -17.61 -33.55
C SER F 77 57.87 -16.26 -33.61
N GLY F 78 58.14 -15.42 -34.60
CA GLY F 78 57.34 -14.21 -34.80
C GLY F 78 55.86 -14.55 -34.93
N ARG F 79 54.99 -13.57 -34.69
CA ARG F 79 53.58 -13.74 -34.98
C ARG F 79 53.22 -12.81 -36.12
N GLY F 80 52.80 -13.39 -37.23
CA GLY F 80 52.28 -12.61 -38.34
C GLY F 80 50.92 -12.05 -37.98
N GLU F 81 50.05 -12.00 -38.98
CA GLU F 81 48.79 -11.34 -38.80
C GLU F 81 47.55 -12.14 -39.28
N GLN F 82 46.41 -11.75 -38.72
CA GLN F 82 45.12 -12.18 -39.16
C GLN F 82 44.27 -10.91 -39.09
N ALA F 83 44.12 -10.23 -40.24
CA ALA F 83 43.51 -8.91 -40.30
C ALA F 83 42.19 -8.75 -39.54
N THR F 84 41.24 -9.65 -39.71
CA THR F 84 39.96 -9.54 -39.01
C THR F 84 40.14 -9.43 -37.51
N PHE F 85 40.72 -10.43 -36.86
CA PHE F 85 40.93 -10.41 -35.41
C PHE F 85 41.73 -9.20 -34.94
N ASP F 86 42.90 -9.03 -35.55
CA ASP F 86 43.82 -7.95 -35.22
C ASP F 86 43.19 -6.56 -35.33
N TRP F 87 42.01 -6.47 -35.97
CA TRP F 87 41.25 -5.22 -36.04
C TRP F 87 40.83 -4.80 -34.64
N VAL F 88 40.68 -5.77 -33.75
CA VAL F 88 40.22 -5.49 -32.42
C VAL F 88 41.31 -5.62 -31.37
N PHE F 89 42.36 -6.39 -31.67
CA PHE F 89 43.42 -6.62 -30.70
C PHE F 89 44.57 -5.63 -30.90
N LYS F 90 44.63 -5.07 -32.11
CA LYS F 90 45.72 -4.16 -32.51
C LYS F 90 47.08 -4.48 -31.88
N GLY F 91 47.44 -5.76 -31.86
CA GLY F 91 48.73 -6.18 -31.34
C GLY F 91 48.75 -6.48 -29.85
N TYR F 92 47.67 -6.17 -29.15
CA TYR F 92 47.64 -6.40 -27.69
C TYR F 92 47.08 -7.77 -27.35
N GLY F 93 47.42 -8.28 -26.17
CA GLY F 93 46.99 -9.61 -25.81
C GLY F 93 47.97 -10.65 -26.29
N VAL F 94 47.88 -11.83 -25.71
CA VAL F 94 48.87 -12.90 -25.89
C VAL F 94 49.03 -13.34 -27.34
N VAL F 95 47.92 -13.48 -28.04
CA VAL F 95 47.95 -14.07 -29.36
C VAL F 95 48.61 -13.15 -30.35
N PHE F 96 47.99 -12.01 -30.62
CA PHE F 96 48.44 -11.17 -31.73
C PHE F 96 49.60 -10.23 -31.36
N SER F 97 50.25 -10.55 -30.24
CA SER F 97 51.39 -9.81 -29.74
C SER F 97 52.74 -10.36 -30.18
N ASN F 98 53.73 -9.46 -30.16
CA ASN F 98 55.11 -9.81 -30.47
C ASN F 98 56.14 -9.40 -29.42
N GLY F 99 57.29 -10.05 -29.51
CA GLY F 99 58.47 -9.72 -28.74
C GLY F 99 58.35 -9.94 -27.25
N GLU F 100 58.70 -8.88 -26.50
CA GLU F 100 58.65 -8.92 -25.03
C GLU F 100 57.22 -9.17 -24.53
N ARG F 101 56.26 -8.40 -25.07
CA ARG F 101 54.83 -8.59 -24.81
C ARG F 101 54.41 -10.06 -24.94
N ALA F 102 54.80 -10.68 -26.04
CA ALA F 102 54.38 -12.03 -26.38
C ALA F 102 54.99 -13.07 -25.47
N LYS F 103 56.28 -12.91 -25.15
CA LYS F 103 56.95 -13.85 -24.25
C LYS F 103 56.42 -13.72 -22.83
N GLN F 104 56.02 -12.51 -22.47
CA GLN F 104 55.53 -12.20 -21.12
C GLN F 104 54.18 -12.82 -20.81
N LEU F 105 53.22 -12.53 -21.69
CA LEU F 105 51.85 -12.99 -21.52
C LEU F 105 51.79 -14.52 -21.68
N ARG F 106 52.46 -15.05 -22.70
CA ARG F 106 52.46 -16.48 -22.93
C ARG F 106 52.93 -17.22 -21.68
N ARG F 107 53.95 -16.65 -21.03
CA ARG F 107 54.48 -17.22 -19.79
C ARG F 107 53.39 -17.20 -18.76
N PHE F 108 52.95 -15.98 -18.41
CA PHE F 108 51.87 -15.78 -17.44
C PHE F 108 50.68 -16.72 -17.66
N SER F 109 50.18 -16.72 -18.90
CA SER F 109 49.00 -17.47 -19.27
C SER F 109 49.19 -18.94 -19.04
N ILE F 110 50.26 -19.52 -19.59
CA ILE F 110 50.48 -20.97 -19.43
C ILE F 110 50.47 -21.33 -17.95
N ALA F 111 51.25 -20.56 -17.18
CA ALA F 111 51.39 -20.79 -15.75
C ALA F 111 50.05 -20.60 -15.07
N THR F 112 49.43 -19.45 -15.30
CA THR F 112 48.16 -19.15 -14.64
C THR F 112 47.14 -20.25 -14.93
N LEU F 113 46.95 -20.59 -16.22
CA LEU F 113 45.99 -21.64 -16.60
C LEU F 113 46.24 -22.93 -15.79
N ARG F 114 47.51 -23.21 -15.55
CA ARG F 114 47.97 -24.41 -14.81
C ARG F 114 47.58 -24.31 -13.31
N ASP F 115 47.70 -23.09 -12.76
CA ASP F 115 47.33 -22.78 -11.36
C ASP F 115 45.84 -23.02 -11.10
N PHE F 116 45.00 -22.71 -12.10
CA PHE F 116 43.55 -22.96 -12.00
C PHE F 116 43.12 -24.34 -12.50
N GLY F 117 44.09 -25.25 -12.62
CA GLY F 117 43.80 -26.67 -12.76
C GLY F 117 43.97 -27.32 -14.13
N VAL F 118 44.52 -26.57 -15.08
CA VAL F 118 44.76 -27.08 -16.44
C VAL F 118 45.84 -28.18 -16.42
N GLY F 119 45.56 -29.29 -17.10
CA GLY F 119 46.47 -30.45 -17.17
C GLY F 119 46.41 -31.38 -15.96
N LYS F 120 45.56 -31.03 -14.99
CA LYS F 120 45.46 -31.70 -13.69
C LYS F 120 44.04 -32.23 -13.48
N ARG F 121 43.82 -32.79 -12.30
CA ARG F 121 42.51 -33.28 -11.86
C ARG F 121 41.48 -32.12 -11.71
N GLY F 122 41.98 -30.97 -11.26
CA GLY F 122 41.16 -29.78 -11.04
C GLY F 122 40.22 -29.46 -12.18
N ILE F 123 40.76 -29.38 -13.40
CA ILE F 123 39.92 -29.09 -14.54
C ILE F 123 39.29 -30.34 -15.10
N GLU F 124 39.92 -31.51 -14.92
CA GLU F 124 39.32 -32.75 -15.41
C GLU F 124 37.90 -32.87 -14.86
N GLU F 125 37.70 -32.53 -13.58
CA GLU F 125 36.37 -32.63 -12.96
C GLU F 125 35.39 -31.63 -13.55
N ARG F 126 35.81 -30.36 -13.56
CA ARG F 126 35.04 -29.30 -14.21
C ARG F 126 34.57 -29.77 -15.58
N ILE F 127 35.40 -30.55 -16.28
CA ILE F 127 35.05 -31.11 -17.60
C ILE F 127 34.02 -32.24 -17.46
N GLN F 128 34.28 -33.17 -16.56
CA GLN F 128 33.35 -34.28 -16.31
C GLN F 128 31.95 -33.79 -15.93
N GLU F 129 31.93 -32.65 -15.25
CA GLU F 129 30.71 -32.06 -14.73
C GLU F 129 29.93 -31.47 -15.87
N GLU F 130 30.62 -30.63 -16.63
CA GLU F 130 30.01 -29.94 -17.76
C GLU F 130 29.53 -30.93 -18.78
N ALA F 131 30.26 -32.02 -18.96
CA ALA F 131 29.80 -33.12 -19.81
C ALA F 131 28.53 -33.75 -19.25
N GLY F 132 28.46 -33.82 -17.93
CA GLY F 132 27.26 -34.30 -17.26
C GLY F 132 26.11 -33.44 -17.72
N PHE F 133 26.30 -32.12 -17.57
CA PHE F 133 25.29 -31.11 -17.88
C PHE F 133 24.78 -31.20 -19.30
N LEU F 134 25.68 -31.60 -20.20
CA LEU F 134 25.34 -31.76 -21.61
C LEU F 134 24.38 -32.93 -21.81
N ILE F 135 24.76 -34.13 -21.36
CA ILE F 135 23.93 -35.33 -21.50
C ILE F 135 22.50 -35.03 -21.06
N ASP F 136 22.40 -34.37 -19.90
CA ASP F 136 21.10 -33.87 -19.36
C ASP F 136 20.38 -33.07 -20.40
N ALA F 137 21.00 -32.00 -20.87
CA ALA F 137 20.37 -31.14 -21.87
C ALA F 137 20.01 -31.89 -23.19
N LEU F 138 20.67 -33.04 -23.42
CA LEU F 138 20.46 -33.81 -24.64
C LEU F 138 19.42 -34.89 -24.45
N ARG F 139 19.35 -35.43 -23.26
CA ARG F 139 18.24 -36.28 -22.93
C ARG F 139 17.00 -35.42 -22.95
N GLY F 140 17.18 -34.18 -22.51
CA GLY F 140 16.11 -33.21 -22.43
C GLY F 140 15.37 -32.96 -23.74
N THR F 141 16.04 -33.22 -24.86
CA THR F 141 15.44 -33.10 -26.19
C THR F 141 14.63 -34.37 -26.50
N GLY F 142 14.84 -35.39 -25.67
CA GLY F 142 14.22 -36.70 -25.82
C GLY F 142 14.10 -37.11 -27.27
N GLY F 143 15.25 -37.35 -27.90
CA GLY F 143 15.30 -37.86 -29.29
C GLY F 143 14.79 -37.00 -30.42
N ALA F 144 14.38 -35.78 -30.11
CA ALA F 144 14.03 -34.78 -31.11
C ALA F 144 15.21 -34.45 -32.00
N ASN F 145 14.89 -33.88 -33.15
CA ASN F 145 15.85 -33.56 -34.15
C ASN F 145 16.32 -32.13 -33.97
N ILE F 146 17.62 -31.97 -33.78
CA ILE F 146 18.22 -30.67 -33.37
C ILE F 146 19.59 -30.34 -34.02
N ASP F 147 19.86 -29.04 -34.20
CA ASP F 147 21.19 -28.55 -34.54
C ASP F 147 22.06 -28.43 -33.28
N PRO F 148 23.09 -29.30 -33.16
CA PRO F 148 23.86 -29.38 -31.91
C PRO F 148 24.81 -28.20 -31.70
N THR F 149 24.93 -27.36 -32.73
CA THR F 149 25.85 -26.23 -32.68
C THR F 149 25.98 -25.58 -31.28
N PHE F 150 24.87 -25.04 -30.77
CA PHE F 150 24.90 -24.32 -29.52
C PHE F 150 24.97 -25.19 -28.29
N PHE F 151 24.27 -26.31 -28.27
CA PHE F 151 24.41 -27.25 -27.16
C PHE F 151 25.88 -27.42 -26.92
N LEU F 152 26.60 -27.83 -27.95
CA LEU F 152 28.03 -28.04 -27.88
C LEU F 152 28.75 -26.75 -27.47
N SER F 153 28.67 -25.73 -28.31
CA SER F 153 29.31 -24.46 -27.99
C SER F 153 29.12 -24.04 -26.54
N ARG F 154 27.90 -24.22 -26.02
CA ARG F 154 27.56 -23.89 -24.63
C ARG F 154 28.40 -24.70 -23.64
N THR F 155 28.34 -26.03 -23.79
CA THR F 155 29.12 -26.96 -22.99
C THR F 155 30.60 -26.66 -23.01
N VAL F 156 31.15 -26.42 -24.20
CA VAL F 156 32.58 -26.17 -24.33
C VAL F 156 32.96 -24.88 -23.64
N SER F 157 32.40 -23.77 -24.11
CA SER F 157 32.73 -22.44 -23.60
C SER F 157 32.66 -22.39 -22.08
N ASN F 158 31.81 -23.22 -21.50
CA ASN F 158 31.74 -23.24 -20.05
C ASN F 158 33.05 -23.59 -19.39
N VAL F 159 33.75 -24.60 -19.94
CA VAL F 159 35.06 -25.01 -19.39
C VAL F 159 36.10 -23.89 -19.35
N ILE F 160 36.36 -23.27 -20.48
CA ILE F 160 37.20 -22.09 -20.45
C ILE F 160 36.60 -20.97 -19.58
N SER F 161 35.29 -20.80 -19.59
CA SER F 161 34.70 -19.67 -18.87
C SER F 161 34.71 -19.84 -17.35
N SER F 162 34.62 -21.12 -16.94
CA SER F 162 34.92 -21.62 -15.60
C SER F 162 36.23 -21.06 -15.07
N ILE F 163 37.25 -21.02 -15.95
CA ILE F 163 38.62 -20.64 -15.61
C ILE F 163 38.80 -19.11 -15.60
N VAL F 164 38.49 -18.46 -16.71
CA VAL F 164 38.81 -17.04 -16.87
C VAL F 164 37.80 -16.11 -16.15
N PHE F 165 36.60 -16.64 -15.86
CA PHE F 165 35.59 -15.89 -15.10
C PHE F 165 35.32 -16.52 -13.75
N GLY F 166 35.86 -17.71 -13.53
CA GLY F 166 35.75 -18.39 -12.24
C GLY F 166 34.34 -18.89 -11.94
N ASP F 167 33.49 -18.95 -12.96
CA ASP F 167 32.12 -19.45 -12.83
C ASP F 167 31.46 -19.74 -14.19
N ARG F 168 30.94 -20.96 -14.35
CA ARG F 168 30.18 -21.33 -15.57
C ARG F 168 28.98 -20.41 -15.84
N PHE F 169 28.52 -20.39 -17.08
CA PHE F 169 27.24 -19.77 -17.45
C PHE F 169 26.13 -20.83 -17.40
N ASP F 170 24.98 -20.46 -16.89
CA ASP F 170 23.82 -21.35 -16.92
C ASP F 170 23.36 -21.44 -18.38
N TYR F 171 23.00 -22.64 -18.84
CA TYR F 171 22.66 -22.81 -20.25
C TYR F 171 21.52 -21.89 -20.72
N LYS F 172 20.68 -21.46 -19.81
CA LYS F 172 19.55 -20.58 -20.17
C LYS F 172 19.95 -19.10 -20.40
N ASP F 173 21.14 -18.73 -19.93
CA ASP F 173 21.65 -17.37 -20.10
C ASP F 173 21.42 -16.87 -21.53
N LYS F 174 20.68 -15.77 -21.64
CA LYS F 174 20.39 -15.14 -22.94
C LYS F 174 21.61 -14.39 -23.50
N GLU F 175 22.48 -13.99 -22.59
CA GLU F 175 23.72 -13.35 -22.93
C GLU F 175 24.72 -14.39 -23.40
N PHE F 176 24.95 -15.42 -22.58
CA PHE F 176 25.82 -16.53 -22.97
C PHE F 176 25.60 -16.97 -24.43
N LEU F 177 24.33 -17.08 -24.82
CA LEU F 177 23.95 -17.39 -26.19
C LEU F 177 24.46 -16.29 -27.11
N SER F 178 24.11 -15.06 -26.77
CA SER F 178 24.54 -13.91 -27.56
C SER F 178 26.03 -13.96 -27.96
N LEU F 179 26.89 -14.31 -27.00
CA LEU F 179 28.34 -14.34 -27.20
C LEU F 179 28.72 -15.51 -28.09
N LEU F 180 28.24 -16.69 -27.72
CA LEU F 180 28.41 -17.90 -28.54
C LEU F 180 28.10 -17.59 -30.01
N ARG F 181 27.00 -16.86 -30.24
CA ARG F 181 26.63 -16.40 -31.57
C ARG F 181 27.74 -15.59 -32.21
N MET F 182 28.34 -14.69 -31.44
CA MET F 182 29.34 -13.80 -32.00
C MET F 182 30.58 -14.58 -32.47
N MET F 183 31.13 -15.42 -31.60
CA MET F 183 32.31 -16.21 -31.98
C MET F 183 32.05 -17.05 -33.25
N LEU F 184 30.89 -17.68 -33.29
CA LEU F 184 30.49 -18.42 -34.46
C LEU F 184 30.59 -17.52 -35.68
N GLY F 185 29.87 -16.40 -35.63
CA GLY F 185 29.85 -15.42 -36.72
C GLY F 185 31.20 -14.85 -37.16
N ILE F 186 32.13 -14.72 -36.22
CA ILE F 186 33.47 -14.21 -36.52
C ILE F 186 34.28 -15.26 -37.25
N PHE F 187 34.33 -16.45 -36.67
CA PHE F 187 34.98 -17.60 -37.32
C PHE F 187 34.33 -17.86 -38.67
N GLN F 188 33.01 -17.81 -38.72
CA GLN F 188 32.34 -18.00 -39.97
C GLN F 188 32.73 -16.92 -40.90
N PHE F 189 32.73 -15.68 -40.45
CA PHE F 189 33.08 -14.61 -41.38
C PHE F 189 34.46 -14.76 -42.00
N THR F 190 35.45 -15.12 -41.18
CA THR F 190 36.85 -15.18 -41.60
C THR F 190 37.18 -16.39 -42.47
N SER F 191 36.14 -17.15 -42.81
CA SER F 191 36.22 -18.41 -43.58
C SER F 191 35.42 -18.27 -44.88
N THR F 192 34.76 -17.12 -44.98
CA THR F 192 34.09 -16.70 -46.19
C THR F 192 35.07 -16.11 -47.17
N SER F 193 34.60 -15.99 -48.40
CA SER F 193 35.31 -15.37 -49.48
C SER F 193 35.72 -13.94 -49.08
N THR F 194 34.72 -13.13 -48.71
CA THR F 194 34.93 -11.76 -48.25
C THR F 194 35.90 -11.72 -47.11
N GLY F 195 35.77 -12.67 -46.19
CA GLY F 195 36.66 -12.78 -45.03
C GLY F 195 38.12 -12.83 -45.44
N GLN F 196 38.39 -13.55 -46.52
CA GLN F 196 39.76 -13.69 -46.99
C GLN F 196 40.18 -12.51 -47.84
N LEU F 197 39.20 -11.94 -48.55
CA LEU F 197 39.38 -10.73 -49.35
C LEU F 197 39.84 -9.60 -48.44
N TYR F 198 39.32 -9.61 -47.20
CA TYR F 198 39.72 -8.64 -46.20
C TYR F 198 41.16 -8.81 -45.75
N GLU F 199 41.68 -10.04 -45.81
CA GLU F 199 43.08 -10.29 -45.42
C GLU F 199 44.03 -9.55 -46.35
N MET F 200 43.64 -9.50 -47.62
CA MET F 200 44.44 -8.86 -48.64
C MET F 200 44.30 -7.34 -48.50
N PHE F 201 43.04 -6.90 -48.43
CA PHE F 201 42.65 -5.49 -48.62
C PHE F 201 42.00 -4.82 -47.40
N SER F 202 42.65 -4.92 -46.24
CA SER F 202 42.04 -4.44 -44.99
C SER F 202 42.03 -2.92 -44.95
N SER F 203 43.21 -2.33 -45.12
CA SER F 203 43.36 -0.88 -45.07
C SER F 203 42.30 -0.13 -45.87
N VAL F 204 41.67 -0.82 -46.82
CA VAL F 204 40.67 -0.18 -47.66
C VAL F 204 39.28 -0.60 -47.19
N MET F 205 39.10 -1.90 -46.99
CA MET F 205 37.80 -2.48 -46.69
C MET F 205 37.30 -2.07 -45.30
N LYS F 206 38.22 -1.68 -44.43
CA LYS F 206 37.85 -1.22 -43.09
C LYS F 206 36.94 0.01 -43.16
N HIS F 207 37.19 0.88 -44.12
CA HIS F 207 36.41 2.09 -44.30
C HIS F 207 35.29 1.90 -45.31
N LEU F 208 34.97 0.65 -45.66
CA LEU F 208 33.88 0.40 -46.62
C LEU F 208 32.71 -0.34 -45.97
N PRO F 209 31.49 -0.19 -46.52
CA PRO F 209 30.37 -0.99 -45.98
C PRO F 209 30.44 -2.42 -46.49
N GLY F 210 29.96 -3.37 -45.70
CA GLY F 210 29.93 -4.78 -46.12
C GLY F 210 30.06 -5.75 -44.95
N PRO F 211 30.15 -7.08 -45.26
CA PRO F 211 30.12 -8.11 -44.22
C PRO F 211 31.12 -7.90 -43.10
N GLN F 212 32.24 -7.26 -43.40
CA GLN F 212 33.27 -7.02 -42.38
C GLN F 212 32.80 -6.10 -41.25
N GLN F 213 31.89 -5.18 -41.57
CA GLN F 213 31.32 -4.28 -40.58
C GLN F 213 30.56 -5.07 -39.53
N GLN F 214 29.67 -5.91 -39.98
CA GLN F 214 29.01 -6.78 -39.06
C GLN F 214 30.02 -7.62 -38.28
N ALA F 215 31.10 -8.02 -38.91
CA ALA F 215 32.15 -8.80 -38.27
C ALA F 215 32.85 -8.00 -37.19
N PHE F 216 33.19 -6.74 -37.49
CA PHE F 216 33.76 -5.84 -36.48
C PHE F 216 32.89 -5.72 -35.22
N GLN F 217 31.59 -5.47 -35.41
CA GLN F 217 30.66 -5.29 -34.27
C GLN F 217 30.59 -6.52 -33.40
N LEU F 218 30.77 -7.69 -34.00
CA LEU F 218 30.79 -8.95 -33.23
C LEU F 218 31.95 -8.98 -32.22
N LEU F 219 33.13 -8.61 -32.70
CA LEU F 219 34.35 -8.51 -31.90
C LEU F 219 34.27 -7.39 -30.87
N GLN F 220 33.71 -6.25 -31.26
CA GLN F 220 33.52 -5.14 -30.31
C GLN F 220 32.61 -5.66 -29.20
N GLY F 221 31.50 -6.29 -29.60
CA GLY F 221 30.58 -6.93 -28.67
C GLY F 221 31.25 -7.84 -27.66
N LEU F 222 32.27 -8.58 -28.10
CA LEU F 222 32.96 -9.48 -27.22
C LEU F 222 33.88 -8.73 -26.28
N GLU F 223 34.66 -7.77 -26.81
CA GLU F 223 35.54 -6.90 -26.00
C GLU F 223 34.73 -6.20 -24.91
N ASP F 224 33.64 -5.53 -25.31
CA ASP F 224 32.68 -4.95 -24.36
C ASP F 224 32.33 -5.89 -23.23
N PHE F 225 31.85 -7.10 -23.57
CA PHE F 225 31.50 -8.07 -22.53
C PHE F 225 32.67 -8.30 -21.61
N ILE F 226 33.84 -8.54 -22.20
CA ILE F 226 35.03 -8.82 -21.43
C ILE F 226 35.32 -7.60 -20.56
N ALA F 227 35.40 -6.43 -21.18
CA ALA F 227 35.68 -5.19 -20.43
C ALA F 227 34.77 -5.05 -19.23
N LYS F 228 33.46 -5.06 -19.48
CA LYS F 228 32.47 -5.04 -18.40
C LYS F 228 32.74 -6.16 -17.35
N LYS F 229 33.02 -7.38 -17.82
CA LYS F 229 33.36 -8.49 -16.92
C LYS F 229 34.59 -8.19 -16.05
N VAL F 230 35.58 -7.50 -16.62
CA VAL F 230 36.82 -7.23 -15.90
C VAL F 230 36.60 -6.24 -14.78
N GLU F 231 35.93 -5.13 -15.13
CA GLU F 231 35.69 -4.06 -14.17
C GLU F 231 35.01 -4.55 -12.89
N HIS F 232 34.09 -5.51 -13.03
CA HIS F 232 33.43 -6.14 -11.89
C HIS F 232 34.42 -6.90 -11.04
N ASN F 233 35.43 -7.47 -11.67
CA ASN F 233 36.46 -8.16 -10.89
C ASN F 233 37.35 -7.22 -10.10
N GLN F 234 37.69 -6.06 -10.69
CA GLN F 234 38.44 -5.02 -9.99
C GLN F 234 37.65 -4.65 -8.72
N ARG F 235 36.49 -4.05 -8.92
CA ARG F 235 35.68 -3.55 -7.82
C ARG F 235 35.33 -4.59 -6.75
N THR F 236 35.71 -5.85 -6.95
CA THR F 236 35.36 -6.87 -5.96
C THR F 236 36.58 -7.73 -5.67
N LEU F 237 37.75 -7.21 -6.03
CA LEU F 237 38.98 -7.97 -5.96
C LEU F 237 39.49 -8.20 -4.53
N ASP F 238 39.70 -9.46 -4.18
CA ASP F 238 40.42 -9.85 -2.96
C ASP F 238 41.86 -10.18 -3.34
N PRO F 239 42.76 -9.23 -3.22
CA PRO F 239 44.14 -9.40 -3.67
C PRO F 239 44.86 -10.53 -2.99
N ASN F 240 44.21 -11.19 -2.07
CA ASN F 240 44.78 -12.31 -1.36
C ASN F 240 44.24 -13.65 -1.86
N SER F 241 43.04 -13.62 -2.42
CA SER F 241 42.46 -14.82 -3.02
C SER F 241 41.83 -14.55 -4.41
N PRO F 242 42.48 -15.06 -5.49
CA PRO F 242 41.98 -14.91 -6.86
C PRO F 242 40.94 -15.98 -7.20
N ARG F 243 39.80 -15.56 -7.73
CA ARG F 243 38.73 -16.51 -8.04
C ARG F 243 38.95 -17.10 -9.44
N ASP F 244 39.60 -16.30 -10.30
CA ASP F 244 39.69 -16.61 -11.72
C ASP F 244 40.96 -16.03 -12.33
N PHE F 245 41.22 -16.45 -13.57
CA PHE F 245 42.32 -15.95 -14.36
C PHE F 245 42.46 -14.42 -14.30
N ILE F 246 41.34 -13.70 -14.41
CA ILE F 246 41.36 -12.23 -14.47
C ILE F 246 41.99 -11.62 -13.20
N ASP F 247 41.68 -12.23 -12.06
CA ASP F 247 42.23 -11.80 -10.79
C ASP F 247 43.76 -11.92 -10.78
N SER F 248 44.27 -13.13 -11.06
CA SER F 248 45.71 -13.34 -11.12
C SER F 248 46.37 -12.20 -11.91
N PHE F 249 45.81 -11.91 -13.08
CA PHE F 249 46.41 -10.93 -13.99
C PHE F 249 46.35 -9.54 -13.37
N LEU F 250 45.26 -9.28 -12.65
CA LEU F 250 45.05 -8.04 -11.92
C LEU F 250 46.05 -7.97 -10.74
N ILE F 251 46.01 -8.99 -9.90
CA ILE F 251 46.94 -9.11 -8.80
C ILE F 251 48.34 -8.74 -9.31
N ARG F 252 48.72 -9.33 -10.43
CA ARG F 252 50.00 -9.03 -11.05
C ARG F 252 50.11 -7.59 -11.55
N MET F 253 49.03 -7.06 -12.14
CA MET F 253 48.99 -5.68 -12.63
C MET F 253 49.34 -4.71 -11.51
N GLN F 254 48.87 -5.00 -10.29
CA GLN F 254 49.12 -4.16 -9.11
C GLN F 254 50.61 -4.16 -8.76
N GLU F 255 51.18 -5.37 -8.78
CA GLU F 255 52.60 -5.62 -8.45
C GLU F 255 53.59 -4.90 -9.36
N GLU F 256 53.24 -4.75 -10.64
CA GLU F 256 54.13 -4.22 -11.65
C GLU F 256 53.90 -2.73 -11.87
N GLU F 257 53.12 -2.10 -10.98
CA GLU F 257 52.62 -0.76 -11.27
C GLU F 257 53.69 0.33 -11.27
N LYS F 258 54.79 0.08 -10.55
CA LYS F 258 55.97 0.98 -10.53
C LYS F 258 56.93 0.74 -11.72
N ASN F 259 57.08 -0.53 -12.13
CA ASN F 259 57.83 -0.95 -13.32
C ASN F 259 57.25 -0.42 -14.66
N PRO F 260 57.91 0.58 -15.28
CA PRO F 260 57.35 1.17 -16.51
C PRO F 260 57.54 0.29 -17.78
N ASN F 261 58.35 -0.76 -17.68
CA ASN F 261 58.57 -1.70 -18.78
C ASN F 261 57.66 -2.93 -18.72
N THR F 262 56.57 -2.80 -17.97
CA THR F 262 55.71 -3.95 -17.67
C THR F 262 54.70 -4.24 -18.77
N GLU F 263 54.40 -5.54 -18.92
CA GLU F 263 53.49 -6.02 -19.95
C GLU F 263 52.07 -6.32 -19.44
N PHE F 264 51.87 -6.20 -18.14
CA PHE F 264 50.56 -6.42 -17.52
C PHE F 264 49.85 -5.10 -17.25
N TYR F 265 49.21 -4.55 -18.27
CA TYR F 265 48.32 -3.41 -18.13
C TYR F 265 46.91 -3.83 -18.45
N LEU F 266 45.99 -2.86 -18.49
CA LEU F 266 44.59 -3.17 -18.76
C LEU F 266 44.39 -3.83 -20.13
N LYS F 267 44.72 -3.11 -21.18
CA LYS F 267 44.54 -3.57 -22.56
C LYS F 267 45.01 -5.01 -22.71
N ASN F 268 46.25 -5.31 -22.30
CA ASN F 268 46.75 -6.70 -22.30
C ASN F 268 45.92 -7.69 -21.48
N LEU F 269 45.26 -7.19 -20.44
CA LEU F 269 44.39 -8.04 -19.62
C LEU F 269 43.08 -8.37 -20.34
N VAL F 270 42.56 -7.37 -21.04
CA VAL F 270 41.29 -7.52 -21.74
C VAL F 270 41.49 -8.55 -22.88
N MET F 271 42.41 -8.19 -23.77
CA MET F 271 42.74 -8.94 -24.97
C MET F 271 43.18 -10.37 -24.72
N THR F 272 44.03 -10.60 -23.73
CA THR F 272 44.43 -11.96 -23.36
C THR F 272 43.22 -12.80 -22.94
N THR F 273 42.30 -12.17 -22.24
CA THR F 273 41.15 -12.88 -21.74
C THR F 273 40.30 -13.20 -22.94
N LEU F 274 40.08 -12.19 -23.78
CA LEU F 274 39.31 -12.37 -25.00
C LEU F 274 39.86 -13.57 -25.79
N ASN F 275 41.16 -13.52 -26.07
CA ASN F 275 41.93 -14.56 -26.72
C ASN F 275 41.65 -15.92 -26.13
N LEU F 276 41.77 -15.99 -24.81
CA LEU F 276 41.51 -17.24 -24.14
C LEU F 276 40.06 -17.66 -24.34
N PHE F 277 39.15 -16.69 -24.37
CA PHE F 277 37.73 -17.01 -24.48
C PHE F 277 37.42 -17.56 -25.86
N ILE F 278 37.66 -16.75 -26.89
CA ILE F 278 37.41 -17.18 -28.26
C ILE F 278 38.21 -18.43 -28.58
N GLY F 279 39.53 -18.35 -28.44
CA GLY F 279 40.41 -19.45 -28.76
C GLY F 279 40.06 -20.73 -28.02
N GLY F 280 39.45 -20.60 -26.85
CA GLY F 280 39.17 -21.78 -26.05
C GLY F 280 37.86 -22.44 -26.37
N THR F 281 37.02 -21.74 -27.12
CA THR F 281 35.62 -22.11 -27.32
C THR F 281 35.30 -22.61 -28.72
N GLU F 282 35.49 -21.73 -29.69
CA GLU F 282 35.06 -21.98 -31.07
C GLU F 282 35.82 -23.13 -31.70
N THR F 283 37.12 -23.19 -31.45
CA THR F 283 37.95 -24.22 -32.04
C THR F 283 37.52 -25.63 -31.60
N VAL F 284 37.28 -25.82 -30.32
CA VAL F 284 36.85 -27.11 -29.83
C VAL F 284 35.39 -27.40 -30.17
N SER F 285 34.50 -26.44 -29.92
CA SER F 285 33.11 -26.49 -30.38
C SER F 285 33.03 -27.05 -31.82
N THR F 286 33.76 -26.40 -32.72
CA THR F 286 33.75 -26.76 -34.13
C THR F 286 34.23 -28.19 -34.33
N THR F 287 35.31 -28.56 -33.65
CA THR F 287 35.85 -29.91 -33.79
C THR F 287 34.80 -30.96 -33.50
N LEU F 288 34.16 -30.86 -32.35
CA LEU F 288 33.12 -31.80 -31.91
C LEU F 288 32.00 -31.84 -32.93
N ARG F 289 31.57 -30.64 -33.32
CA ARG F 289 30.48 -30.49 -34.23
C ARG F 289 30.77 -31.20 -35.55
N TYR F 290 32.02 -31.20 -35.97
CA TYR F 290 32.37 -31.92 -37.19
C TYR F 290 32.41 -33.42 -36.87
N GLY F 291 33.03 -33.74 -35.75
CA GLY F 291 33.20 -35.11 -35.33
C GLY F 291 31.89 -35.88 -35.36
N PHE F 292 30.84 -35.28 -34.83
CA PHE F 292 29.59 -36.02 -34.82
C PHE F 292 29.13 -36.22 -36.23
N LEU F 293 29.25 -35.19 -37.06
CA LEU F 293 28.79 -35.33 -38.43
C LEU F 293 29.52 -36.47 -39.15
N LEU F 294 30.78 -36.69 -38.81
CA LEU F 294 31.52 -37.74 -39.50
C LEU F 294 31.07 -39.09 -38.99
N LEU F 295 31.23 -39.29 -37.69
CA LEU F 295 30.75 -40.50 -37.03
C LEU F 295 29.40 -40.92 -37.57
N MET F 296 28.54 -39.95 -37.89
CA MET F 296 27.23 -40.29 -38.39
C MET F 296 27.37 -40.86 -39.78
N LYS F 297 28.36 -40.34 -40.51
CA LYS F 297 28.56 -40.70 -41.91
C LYS F 297 29.20 -42.08 -42.02
N HIS F 298 29.85 -42.53 -40.95
CA HIS F 298 30.44 -43.85 -40.92
C HIS F 298 29.95 -44.70 -39.75
N PRO F 299 28.71 -45.21 -39.84
CA PRO F 299 28.20 -46.08 -38.77
C PRO F 299 29.20 -47.19 -38.43
N GLU F 300 29.82 -47.80 -39.44
CA GLU F 300 30.94 -48.70 -39.19
C GLU F 300 31.88 -48.15 -38.10
N VAL F 301 32.26 -46.89 -38.20
CA VAL F 301 33.17 -46.28 -37.23
C VAL F 301 32.44 -45.99 -35.91
N GLU F 302 31.17 -45.59 -36.02
CA GLU F 302 30.33 -45.37 -34.86
C GLU F 302 30.35 -46.59 -33.95
N ALA F 303 29.90 -47.73 -34.49
CA ALA F 303 29.84 -49.01 -33.75
C ALA F 303 31.13 -49.31 -33.02
N LYS F 304 32.20 -49.45 -33.78
CA LYS F 304 33.50 -49.77 -33.23
C LYS F 304 33.77 -48.90 -32.02
N VAL F 305 33.41 -47.61 -32.12
CA VAL F 305 33.61 -46.64 -31.04
C VAL F 305 32.81 -47.06 -29.81
N HIS F 306 31.55 -47.46 -30.03
CA HIS F 306 30.71 -47.97 -28.94
C HIS F 306 31.39 -49.19 -28.31
N GLU F 307 31.63 -50.20 -29.13
CA GLU F 307 32.29 -51.41 -28.66
C GLU F 307 33.44 -51.05 -27.71
N GLU F 308 34.41 -50.26 -28.19
CA GLU F 308 35.55 -49.96 -27.33
C GLU F 308 35.16 -49.20 -26.05
N ILE F 309 34.04 -48.48 -26.07
CA ILE F 309 33.60 -47.76 -24.87
C ILE F 309 32.99 -48.75 -23.85
N ASP F 310 31.97 -49.50 -24.29
CA ASP F 310 31.35 -50.55 -23.48
C ASP F 310 32.39 -51.46 -22.87
N ARG F 311 33.30 -51.93 -23.71
CA ARG F 311 34.28 -52.89 -23.28
C ARG F 311 35.28 -52.31 -22.26
N VAL F 312 35.46 -50.99 -22.23
CA VAL F 312 36.52 -50.41 -21.38
C VAL F 312 36.03 -49.51 -20.24
N ILE F 313 34.86 -48.89 -20.41
CA ILE F 313 34.30 -48.10 -19.31
C ILE F 313 32.94 -48.64 -18.91
N GLY F 314 32.21 -49.15 -19.89
CA GLY F 314 30.85 -49.62 -19.68
C GLY F 314 29.86 -48.47 -19.57
N LYS F 315 28.60 -48.85 -19.51
CA LYS F 315 27.50 -47.95 -19.38
C LYS F 315 27.26 -47.72 -17.90
N ASN F 316 28.28 -47.98 -17.10
CA ASN F 316 28.20 -47.81 -15.67
C ASN F 316 28.79 -46.53 -15.06
N ARG F 317 30.09 -46.45 -14.98
CA ARG F 317 30.77 -45.23 -14.50
C ARG F 317 31.07 -44.23 -15.60
N GLN F 318 31.26 -42.96 -15.23
CA GLN F 318 31.59 -41.92 -16.19
C GLN F 318 33.10 -41.93 -16.51
N PRO F 319 33.46 -41.55 -17.77
CA PRO F 319 34.84 -41.64 -18.27
C PRO F 319 35.84 -40.74 -17.56
N LYS F 320 37.05 -41.26 -17.36
CA LYS F 320 38.19 -40.51 -16.83
C LYS F 320 39.30 -40.43 -17.88
N PHE F 321 40.13 -39.38 -17.80
CA PHE F 321 41.10 -39.09 -18.85
C PHE F 321 42.08 -40.23 -19.10
N GLU F 322 42.53 -40.89 -18.03
CA GLU F 322 43.44 -42.01 -18.17
C GLU F 322 42.85 -43.12 -19.03
N ASP F 323 41.54 -43.31 -18.90
CA ASP F 323 40.84 -44.34 -19.67
C ASP F 323 41.34 -44.37 -21.12
N ARG F 324 41.41 -43.21 -21.74
CA ARG F 324 41.87 -43.10 -23.12
C ARG F 324 43.02 -44.07 -23.39
N ALA F 325 44.08 -43.97 -22.59
CA ALA F 325 45.22 -44.83 -22.74
C ALA F 325 44.86 -46.26 -23.01
N LYS F 326 43.71 -46.69 -22.56
CA LYS F 326 43.36 -48.07 -22.76
C LYS F 326 42.39 -48.15 -23.87
N MET F 327 42.18 -47.04 -24.54
CA MET F 327 41.24 -46.95 -25.65
C MET F 327 41.89 -46.34 -26.90
N PRO F 328 42.75 -47.10 -27.60
CA PRO F 328 43.36 -46.54 -28.81
C PRO F 328 42.30 -46.17 -29.88
N TYR F 329 41.38 -47.07 -30.18
CA TYR F 329 40.42 -46.80 -31.26
C TYR F 329 39.72 -45.42 -31.17
N MET F 330 39.47 -44.94 -29.95
CA MET F 330 38.82 -43.65 -29.83
C MET F 330 39.84 -42.54 -30.01
N GLU F 331 41.06 -42.77 -29.52
CA GLU F 331 42.17 -41.85 -29.74
C GLU F 331 42.38 -41.70 -31.23
N ALA F 332 42.34 -42.84 -31.93
CA ALA F 332 42.44 -42.87 -33.37
C ALA F 332 41.33 -42.12 -34.08
N VAL F 333 40.16 -42.07 -33.47
CA VAL F 333 39.04 -41.42 -34.12
C VAL F 333 39.12 -39.94 -33.84
N ILE F 334 39.42 -39.58 -32.59
CA ILE F 334 39.58 -38.17 -32.26
C ILE F 334 40.68 -37.53 -33.09
N HIS F 335 41.77 -38.26 -33.31
CA HIS F 335 42.83 -37.75 -34.16
C HIS F 335 42.34 -37.53 -35.60
N GLU F 336 41.67 -38.53 -36.15
CA GLU F 336 41.26 -38.54 -37.53
C GLU F 336 40.27 -37.42 -37.82
N ILE F 337 39.42 -37.14 -36.84
CA ILE F 337 38.51 -36.01 -36.89
C ILE F 337 39.31 -34.70 -36.90
N GLN F 338 40.25 -34.59 -35.97
CA GLN F 338 41.05 -33.39 -35.89
C GLN F 338 41.79 -33.24 -37.20
N ARG F 339 42.21 -34.37 -37.79
CA ARG F 339 42.94 -34.39 -39.05
C ARG F 339 42.06 -34.07 -40.26
N PHE F 340 40.98 -34.84 -40.43
CA PHE F 340 40.01 -34.59 -41.49
C PHE F 340 39.43 -33.18 -41.39
N GLY F 341 38.96 -32.83 -40.20
CA GLY F 341 38.33 -31.56 -39.89
C GLY F 341 39.26 -30.42 -40.25
N ASP F 342 40.48 -30.45 -39.78
CA ASP F 342 41.42 -29.43 -40.22
C ASP F 342 40.91 -28.01 -39.88
N VAL F 343 40.62 -27.79 -38.60
CA VAL F 343 39.89 -26.60 -38.18
C VAL F 343 40.59 -25.27 -38.56
N ILE F 344 41.91 -25.18 -38.38
CA ILE F 344 42.69 -24.02 -38.79
C ILE F 344 43.68 -24.43 -39.88
N PRO F 345 43.18 -24.52 -41.10
CA PRO F 345 43.94 -25.12 -42.21
C PRO F 345 45.29 -24.47 -42.49
N MET F 346 45.38 -23.17 -42.27
CA MET F 346 46.58 -22.38 -42.59
C MET F 346 47.28 -21.90 -41.35
N SER F 347 46.89 -22.46 -40.21
CA SER F 347 47.39 -21.99 -38.91
C SER F 347 47.10 -20.50 -38.73
N LEU F 348 47.67 -19.92 -37.68
CA LEU F 348 47.74 -18.50 -37.53
C LEU F 348 49.10 -18.04 -38.04
N ALA F 349 49.07 -16.95 -38.82
CA ALA F 349 50.26 -16.41 -39.49
C ALA F 349 51.41 -16.22 -38.52
N ARG F 350 52.60 -16.64 -38.93
CA ARG F 350 53.81 -16.42 -38.16
C ARG F 350 54.64 -15.37 -38.86
N ARG F 351 55.78 -15.03 -38.26
CA ARG F 351 56.64 -13.98 -38.74
C ARG F 351 58.10 -14.35 -38.45
N VAL F 352 59.02 -13.87 -39.28
CA VAL F 352 60.47 -14.05 -39.04
C VAL F 352 61.10 -12.94 -38.17
N LYS F 353 61.65 -13.35 -37.02
CA LYS F 353 62.20 -12.43 -36.00
C LYS F 353 63.45 -11.64 -36.46
N LYS F 354 64.21 -12.24 -37.37
CA LYS F 354 65.40 -11.63 -38.01
C LYS F 354 65.49 -12.07 -39.48
N ASP F 355 66.51 -11.58 -40.18
CA ASP F 355 66.87 -12.09 -41.50
C ASP F 355 67.17 -13.57 -41.35
N THR F 356 66.55 -14.40 -42.20
CA THR F 356 66.76 -15.85 -42.10
C THR F 356 67.03 -16.55 -43.43
N LYS F 357 68.04 -17.41 -43.40
CA LYS F 357 68.37 -18.32 -44.49
C LYS F 357 67.70 -19.68 -44.24
N PHE F 358 66.72 -19.98 -45.07
CA PHE F 358 65.92 -21.19 -44.93
C PHE F 358 66.02 -22.06 -46.18
N ARG F 359 66.58 -23.25 -46.01
CA ARG F 359 67.01 -24.12 -47.15
C ARG F 359 68.04 -23.35 -47.98
N ASP F 360 67.65 -22.82 -49.13
CA ASP F 360 68.50 -21.82 -49.77
C ASP F 360 67.70 -20.61 -50.18
N PHE F 361 66.88 -20.14 -49.25
CA PHE F 361 66.12 -18.92 -49.48
C PHE F 361 66.51 -17.89 -48.46
N PHE F 362 66.31 -16.62 -48.83
CA PHE F 362 66.51 -15.54 -47.89
C PHE F 362 65.16 -14.93 -47.56
N LEU F 363 64.88 -14.85 -46.26
CA LEU F 363 63.67 -14.25 -45.77
C LEU F 363 64.04 -13.09 -44.82
N PRO F 364 63.70 -11.84 -45.22
CA PRO F 364 63.92 -10.60 -44.49
C PRO F 364 63.41 -10.65 -43.06
N LYS F 365 63.88 -9.73 -42.21
CA LYS F 365 63.26 -9.53 -40.89
C LYS F 365 61.82 -9.10 -41.15
N GLY F 366 60.91 -9.74 -40.41
CA GLY F 366 59.48 -9.39 -40.40
C GLY F 366 58.57 -9.84 -41.55
N THR F 367 58.98 -10.84 -42.32
CA THR F 367 58.10 -11.40 -43.38
C THR F 367 57.18 -12.49 -42.81
N GLU F 368 55.94 -12.46 -43.28
CA GLU F 368 54.89 -13.39 -42.82
C GLU F 368 55.07 -14.79 -43.40
N VAL F 369 54.85 -15.79 -42.54
CA VAL F 369 54.91 -17.18 -42.94
C VAL F 369 53.54 -17.83 -42.72
N TYR F 370 52.85 -18.22 -43.79
CA TYR F 370 51.67 -19.05 -43.66
C TYR F 370 52.14 -20.48 -43.64
N PRO F 371 52.07 -21.14 -42.48
CA PRO F 371 52.39 -22.58 -42.42
C PRO F 371 51.12 -23.42 -42.67
N MET F 372 50.92 -23.83 -43.92
CA MET F 372 49.73 -24.60 -44.28
C MET F 372 49.81 -25.86 -43.43
N LEU F 373 49.04 -25.89 -42.34
CA LEU F 373 48.97 -27.06 -41.52
C LEU F 373 48.14 -28.12 -42.24
N GLY F 374 47.16 -27.67 -43.00
CA GLY F 374 46.26 -28.58 -43.63
C GLY F 374 47.01 -29.49 -44.59
N SER F 375 47.99 -28.91 -45.28
CA SER F 375 48.74 -29.65 -46.25
C SER F 375 49.59 -30.69 -45.57
N VAL F 376 49.90 -30.49 -44.29
CA VAL F 376 50.63 -31.47 -43.50
C VAL F 376 49.68 -32.58 -43.14
N LEU F 377 48.52 -32.18 -42.60
CA LEU F 377 47.50 -33.09 -42.13
C LEU F 377 47.06 -34.01 -43.25
N ARG F 378 47.21 -33.50 -44.46
CA ARG F 378 46.86 -34.21 -45.67
C ARG F 378 48.09 -34.62 -46.52
N ASP F 379 49.26 -34.65 -45.92
CA ASP F 379 50.44 -35.13 -46.62
C ASP F 379 50.33 -36.66 -46.90
N PRO F 380 50.28 -37.05 -48.18
CA PRO F 380 50.09 -38.48 -48.46
C PRO F 380 51.28 -39.35 -48.08
N SER F 381 52.43 -38.73 -47.82
CA SER F 381 53.58 -39.46 -47.31
C SER F 381 53.30 -39.96 -45.90
N PHE F 382 52.36 -39.33 -45.19
CA PHE F 382 52.09 -39.70 -43.81
C PHE F 382 50.65 -40.17 -43.64
N PHE F 383 49.82 -40.00 -44.66
CA PHE F 383 48.47 -40.52 -44.60
C PHE F 383 48.06 -41.05 -45.95
N SER F 384 47.74 -42.33 -46.01
CA SER F 384 47.64 -42.95 -47.31
C SER F 384 46.46 -42.56 -48.15
N ASN F 385 45.32 -42.23 -47.58
CA ASN F 385 44.37 -41.56 -48.44
C ASN F 385 43.86 -40.34 -47.74
N PRO F 386 44.65 -39.24 -47.79
CA PRO F 386 44.48 -38.03 -47.02
C PRO F 386 43.09 -37.46 -47.15
N GLN F 387 42.48 -37.59 -48.35
CA GLN F 387 41.10 -37.16 -48.60
C GLN F 387 39.99 -37.97 -47.93
N ASP F 388 40.31 -39.15 -47.42
CA ASP F 388 39.27 -39.97 -46.83
C ASP F 388 39.28 -39.82 -45.33
N PHE F 389 38.09 -39.81 -44.77
CA PHE F 389 37.96 -39.98 -43.36
C PHE F 389 38.08 -41.43 -43.04
N ASN F 390 39.12 -41.80 -42.34
CA ASN F 390 39.29 -43.17 -41.90
C ASN F 390 40.37 -43.40 -40.86
N PRO F 391 39.93 -43.68 -39.66
CA PRO F 391 40.72 -43.78 -38.43
C PRO F 391 41.88 -44.77 -38.50
N GLN F 392 41.89 -45.62 -39.53
CA GLN F 392 43.04 -46.49 -39.81
C GLN F 392 44.31 -45.67 -40.04
N HIS F 393 44.15 -44.38 -40.29
CA HIS F 393 45.29 -43.45 -40.38
C HIS F 393 46.06 -43.35 -39.08
N PHE F 394 45.42 -43.71 -37.96
CA PHE F 394 46.09 -43.62 -36.64
C PHE F 394 46.17 -44.95 -35.88
N LEU F 395 46.19 -46.05 -36.65
CA LEU F 395 46.00 -47.41 -36.14
C LEU F 395 46.86 -48.40 -36.93
N ASN F 396 47.83 -49.03 -36.27
CA ASN F 396 48.62 -50.06 -36.92
C ASN F 396 47.86 -51.37 -37.22
N GLU F 397 48.60 -52.37 -37.71
CA GLU F 397 48.02 -53.66 -38.11
C GLU F 397 47.40 -54.41 -36.93
N LYS F 398 47.99 -54.22 -35.75
CA LYS F 398 47.54 -54.90 -34.53
C LYS F 398 46.58 -54.02 -33.68
N GLY F 399 45.71 -53.26 -34.35
CA GLY F 399 44.74 -52.37 -33.68
C GLY F 399 45.23 -51.26 -32.74
N GLN F 400 46.55 -50.99 -32.70
CA GLN F 400 47.10 -50.04 -31.72
C GLN F 400 47.18 -48.61 -32.23
N PHE F 401 47.24 -47.67 -31.30
CA PHE F 401 47.41 -46.28 -31.67
C PHE F 401 48.79 -46.04 -32.21
N LYS F 402 48.82 -45.49 -33.41
CA LYS F 402 50.04 -45.13 -34.09
C LYS F 402 50.16 -43.60 -34.16
N LYS F 403 51.18 -43.06 -33.49
CA LYS F 403 51.52 -41.63 -33.56
C LYS F 403 51.82 -41.26 -35.01
N SER F 404 51.88 -39.95 -35.25
CA SER F 404 52.28 -39.40 -36.55
C SER F 404 52.84 -38.00 -36.37
N ASP F 405 54.02 -37.79 -36.93
CA ASP F 405 54.72 -36.53 -36.82
C ASP F 405 54.02 -35.48 -37.65
N ALA F 406 53.01 -35.90 -38.42
CA ALA F 406 52.25 -35.01 -39.31
C ALA F 406 50.92 -34.54 -38.71
N PHE F 407 50.52 -35.16 -37.61
CA PHE F 407 49.36 -34.75 -36.85
C PHE F 407 49.70 -33.43 -36.14
N VAL F 408 49.44 -32.32 -36.82
CA VAL F 408 49.85 -31.01 -36.34
C VAL F 408 48.70 -30.00 -36.23
N PRO F 409 47.54 -30.40 -35.66
CA PRO F 409 46.41 -29.50 -35.72
C PRO F 409 46.55 -28.30 -34.80
N PHE F 410 47.44 -28.41 -33.83
CA PHE F 410 47.73 -27.34 -32.86
C PHE F 410 49.02 -26.63 -33.22
N SER F 411 49.48 -26.86 -34.46
CA SER F 411 50.67 -26.23 -34.96
C SER F 411 51.86 -26.82 -34.17
N ILE F 412 53.04 -26.26 -34.36
CA ILE F 412 54.22 -26.74 -33.68
C ILE F 412 55.21 -25.59 -33.46
N GLY F 413 56.16 -25.77 -32.55
CA GLY F 413 57.15 -24.72 -32.32
C GLY F 413 56.86 -23.73 -31.19
N LYS F 414 57.45 -22.55 -31.30
CA LYS F 414 57.55 -21.66 -30.16
C LYS F 414 56.26 -20.90 -29.88
N ARG F 415 55.40 -20.76 -30.88
CA ARG F 415 54.09 -20.14 -30.64
C ARG F 415 52.94 -21.10 -30.94
N ASN F 416 53.13 -22.39 -30.71
CA ASN F 416 52.06 -23.33 -30.98
C ASN F 416 50.97 -23.20 -29.91
N CYS F 417 49.84 -23.87 -30.13
CA CYS F 417 48.70 -23.77 -29.24
C CYS F 417 48.99 -24.27 -27.86
N PHE F 418 49.19 -23.35 -26.93
CA PHE F 418 49.34 -23.70 -25.53
C PHE F 418 48.02 -24.01 -24.83
N GLY F 419 46.97 -24.27 -25.61
CA GLY F 419 45.74 -24.83 -25.07
C GLY F 419 45.63 -26.31 -25.36
N GLU F 420 46.47 -26.81 -26.26
CA GLU F 420 46.46 -28.23 -26.66
C GLU F 420 46.18 -29.18 -25.49
N GLY F 421 46.80 -28.90 -24.33
CA GLY F 421 46.57 -29.68 -23.11
C GLY F 421 45.07 -29.73 -22.80
N LEU F 422 44.54 -28.55 -22.43
CA LEU F 422 43.13 -28.37 -22.14
C LEU F 422 42.26 -28.94 -23.25
N ALA F 423 42.59 -28.57 -24.49
CA ALA F 423 41.85 -29.04 -25.65
C ALA F 423 41.76 -30.58 -25.73
N ARG F 424 42.89 -31.29 -25.67
CA ARG F 424 42.91 -32.78 -25.79
C ARG F 424 41.90 -33.39 -24.79
N MET F 425 41.95 -32.87 -23.56
CA MET F 425 41.07 -33.28 -22.50
C MET F 425 39.61 -33.07 -22.86
N GLU F 426 39.25 -31.81 -23.09
CA GLU F 426 37.88 -31.49 -23.45
C GLU F 426 37.43 -32.47 -24.51
N LEU F 427 38.26 -32.67 -25.53
CA LEU F 427 37.92 -33.49 -26.68
C LEU F 427 37.72 -34.96 -26.33
N PHE F 428 38.63 -35.53 -25.56
CA PHE F 428 38.47 -36.94 -25.21
C PHE F 428 37.20 -37.19 -24.40
N LEU F 429 36.98 -36.36 -23.39
CA LEU F 429 35.85 -36.53 -22.49
C LEU F 429 34.51 -36.33 -23.17
N PHE F 430 34.29 -35.16 -23.76
CA PHE F 430 33.04 -34.92 -24.44
C PHE F 430 32.70 -36.01 -25.45
N PHE F 431 33.63 -36.34 -26.33
CA PHE F 431 33.36 -37.35 -27.33
C PHE F 431 33.00 -38.68 -26.72
N THR F 432 33.83 -39.13 -25.77
CA THR F 432 33.61 -40.40 -25.13
C THR F 432 32.25 -40.44 -24.43
N THR F 433 32.02 -39.46 -23.54
CA THR F 433 30.80 -39.37 -22.77
C THR F 433 29.56 -39.40 -23.65
N VAL F 434 29.41 -38.41 -24.51
CA VAL F 434 28.26 -38.40 -25.41
C VAL F 434 27.98 -39.77 -26.05
N MET F 435 29.05 -40.47 -26.41
CA MET F 435 28.96 -41.75 -27.14
C MET F 435 28.49 -42.93 -26.27
N GLN F 436 28.92 -42.90 -25.01
CA GLN F 436 28.48 -43.88 -24.03
C GLN F 436 27.03 -43.62 -23.64
N ASN F 437 26.55 -42.39 -23.87
CA ASN F 437 25.17 -42.10 -23.54
C ASN F 437 24.15 -42.05 -24.68
N PHE F 438 24.60 -42.02 -25.92
CA PHE F 438 23.65 -41.98 -27.03
C PHE F 438 24.15 -42.74 -28.24
N ARG F 439 23.21 -43.12 -29.09
CA ARG F 439 23.52 -43.53 -30.45
C ARG F 439 23.11 -42.32 -31.28
N LEU F 440 23.66 -42.19 -32.49
CA LEU F 440 23.39 -41.00 -33.31
C LEU F 440 22.64 -41.34 -34.58
N LYS F 441 21.44 -40.78 -34.73
CA LYS F 441 20.67 -40.93 -35.96
C LYS F 441 20.54 -39.57 -36.64
N SER F 442 20.90 -39.53 -37.92
CA SER F 442 20.89 -38.28 -38.69
C SER F 442 19.54 -38.01 -39.31
N SER F 443 19.26 -36.72 -39.53
CA SER F 443 18.04 -36.30 -40.20
C SER F 443 17.98 -36.79 -41.65
N GLN F 444 19.08 -37.31 -42.16
CA GLN F 444 19.11 -37.92 -43.47
C GLN F 444 19.87 -39.22 -43.46
N SER F 445 19.89 -40.06 -44.55
CA SER F 445 20.58 -41.36 -44.50
C SER F 445 22.05 -41.19 -44.83
N PRO F 446 22.92 -41.91 -44.11
CA PRO F 446 24.36 -41.89 -44.37
C PRO F 446 24.77 -41.58 -45.83
N LYS F 447 24.31 -42.36 -46.78
CA LYS F 447 24.67 -42.08 -48.16
C LYS F 447 24.48 -40.62 -48.53
N ASP F 448 23.66 -39.93 -47.78
CA ASP F 448 23.26 -38.59 -48.16
C ASP F 448 23.93 -37.47 -47.43
N ILE F 449 24.57 -37.76 -46.30
CA ILE F 449 25.34 -36.78 -45.56
C ILE F 449 26.52 -36.20 -46.37
N ASP F 450 26.59 -34.88 -46.48
CA ASP F 450 27.74 -34.24 -47.15
C ASP F 450 28.75 -33.58 -46.20
N VAL F 451 29.88 -34.24 -46.01
CA VAL F 451 30.83 -33.88 -44.94
C VAL F 451 31.82 -32.82 -45.37
N SER F 452 31.74 -32.46 -46.63
CA SER F 452 32.54 -31.39 -47.20
C SER F 452 32.15 -30.04 -46.56
N PRO F 453 33.13 -29.22 -46.16
CA PRO F 453 32.91 -27.99 -45.38
C PRO F 453 32.03 -26.94 -46.08
N LYS F 454 31.27 -26.15 -45.32
CA LYS F 454 30.52 -25.02 -45.93
C LYS F 454 31.48 -23.94 -46.34
N HIS F 455 32.47 -23.69 -45.47
CA HIS F 455 33.47 -22.67 -45.72
C HIS F 455 34.83 -23.15 -45.32
N VAL F 456 35.82 -22.65 -46.05
CA VAL F 456 37.19 -22.81 -45.63
C VAL F 456 37.84 -21.47 -45.96
N GLY F 457 38.43 -20.87 -44.93
CA GLY F 457 39.26 -19.68 -45.11
C GLY F 457 40.26 -19.80 -44.01
N PHE F 458 40.03 -19.09 -42.92
CA PHE F 458 40.94 -19.05 -41.79
C PHE F 458 40.72 -20.30 -40.95
N ALA F 459 39.48 -20.72 -40.96
CA ALA F 459 39.05 -21.93 -40.30
C ALA F 459 38.29 -22.80 -41.29
N THR F 460 37.98 -24.03 -40.88
CA THR F 460 37.21 -24.96 -41.70
C THR F 460 35.86 -25.00 -41.02
N ILE F 461 34.79 -24.75 -41.75
CA ILE F 461 33.50 -24.70 -41.14
C ILE F 461 32.68 -25.82 -41.71
N PRO F 462 32.30 -26.78 -40.86
CA PRO F 462 31.42 -27.85 -41.34
C PRO F 462 30.03 -27.31 -41.61
N ARG F 463 29.35 -27.94 -42.56
CA ARG F 463 28.01 -27.54 -42.98
C ARG F 463 27.02 -27.65 -41.83
N ASN F 464 25.86 -27.06 -42.04
CA ASN F 464 24.81 -27.14 -41.04
C ASN F 464 24.02 -28.40 -41.15
N TYR F 465 23.71 -28.95 -39.98
CA TYR F 465 22.93 -30.17 -39.97
C TYR F 465 22.06 -30.30 -38.72
N THR F 466 21.10 -31.21 -38.80
CA THR F 466 20.35 -31.60 -37.63
C THR F 466 20.48 -33.09 -37.37
N MET F 467 20.21 -33.49 -36.14
CA MET F 467 20.54 -34.84 -35.71
C MET F 467 19.81 -35.18 -34.43
N SER F 468 19.53 -36.46 -34.24
CA SER F 468 18.91 -36.89 -33.00
C SER F 468 19.91 -37.72 -32.25
N PHE F 469 19.95 -37.52 -30.94
CA PHE F 469 20.62 -38.40 -30.01
C PHE F 469 19.56 -39.35 -29.44
N LEU F 470 19.68 -40.65 -29.70
CA LEU F 470 18.74 -41.61 -29.16
C LEU F 470 19.48 -42.47 -28.16
N PRO F 471 18.77 -42.98 -27.12
CA PRO F 471 19.40 -43.99 -26.24
C PRO F 471 19.76 -45.28 -27.00
N ARG F 472 20.45 -46.18 -26.35
CA ARG F 472 21.12 -47.24 -27.06
C ARG F 472 20.62 -48.65 -26.83
N HIS F 473 19.42 -48.95 -27.29
CA HIS F 473 18.94 -50.31 -27.26
C HIS F 473 20.13 -51.22 -27.18
#